data_4YFB
#
_entry.id   4YFB
#
_cell.length_a   102.472
_cell.length_b   139.026
_cell.length_c   122.001
_cell.angle_alpha   90.00
_cell.angle_beta   111.06
_cell.angle_gamma   90.00
#
_symmetry.space_group_name_H-M   'P 1 21 1'
#
loop_
_entity.id
_entity.type
_entity.pdbx_description
1 polymer 'Protein related to penicillin acylase'
2 polymer 'Protein related to penicillin acylase'
3 polymer 'Protein related to penicillin acylase'
4 non-polymer '2-PHENYLACETIC ACID'
5 non-polymer GLYCEROL
6 water water
#
loop_
_entity_poly.entity_id
_entity_poly.type
_entity_poly.pdbx_seq_one_letter_code
_entity_poly.pdbx_strand_id
1 'polypeptide(L)'
;SGGGDGSTYSAEIRRTTMGVPHIKAGNWGSAGYGFGYVQAQDNLCTMADSFLTYRGERSRHLGGSAQLVYNSTLGRPRNI
DSDFFHRHVISDEAVDRTMAAQPAKLLQMVEGFAAGYNRYVREAKAGGSAHAACRSEAWVQPITARDVWRRIYAANLAGG
YSNFAEAIANAQPPQAKA
;
A,D,G,J
2 'polypeptide(L)' GAQEPAAFEPGRTRAPSLQVGGELGVG B,E,H,K
3 'polypeptide(L)'
;SNMYGFGTAATGEGSGVLFGNPHWYWKGPDRFYQAQLTIDGEANVSGVSFLGLPVIQIGFNDSVAWSHTVSTARRFGFFQ
LSLVQGEPTSYLRDGVPVKMKPATITVPSRNADGSVSDVTRTLYHSEFGPLVNLAGLNPALAWSQGTAFAIRDINGENFR
TLRTWMRWNQAKSLDEFIAIQKEEASIPWVNTVAVGRGSAKAWYADIGAVPNVSPAQTAACTTPFGMAVGQALPNVPFFD
GSRSECDWLTDADSVQKGAVGVSRMPSLQRDDYVGNMNDSYWLANVHAPLTGYPAIFGPAGTSAQTLRTRMGHTMALERL
AGTDGYAGNKATSAVVREMVLGSRVFSAERFKDEVLDLICTPAQWTVNGAAVDAAQACAVLAAWDNRGRKDSRGSHLWDE
FWSRVPTASLFTVPFSAADPLNTPRGINAAAADALRQAMATAIARVGQSGYALDAPRGEVLYATRGGTRLPLYGGCGAMG
YFTITCSENDITQGGYSMDGQPNASNSYMQVVSFPASGVQAHTFLTFSLSDDPASPHHGDYTKAYSAGQWLRVPFTEAEI
TGNADYRTATVKELEHHHHHH
;
C,F,I,L
#
# COMPACT_ATOMS: atom_id res chain seq x y z
N SER A 7 8.30 -16.96 70.96
CA SER A 7 7.91 -16.10 69.77
C SER A 7 7.63 -17.03 68.58
N THR A 8 6.35 -17.22 68.23
CA THR A 8 6.02 -18.29 67.30
C THR A 8 5.11 -17.77 66.14
N TYR A 9 5.30 -18.24 64.91
CA TYR A 9 4.27 -18.00 63.89
C TYR A 9 3.08 -18.88 64.19
N SER A 10 1.87 -18.35 64.01
CA SER A 10 0.65 -19.18 64.22
C SER A 10 -0.40 -18.63 63.30
N ALA A 11 -0.94 -19.48 62.43
CA ALA A 11 -1.97 -19.04 61.50
C ALA A 11 -3.07 -20.06 61.48
N GLU A 12 -4.29 -19.55 61.51
CA GLU A 12 -5.43 -20.42 61.36
C GLU A 12 -5.83 -20.46 59.87
N ILE A 13 -5.85 -21.67 59.32
CA ILE A 13 -6.16 -21.80 57.87
C ILE A 13 -7.60 -22.36 57.75
N ARG A 14 -8.54 -21.54 57.21
CA ARG A 14 -9.90 -22.03 56.99
C ARG A 14 -10.09 -22.22 55.49
N ARG A 15 -10.55 -23.38 55.05
CA ARG A 15 -10.77 -23.50 53.60
C ARG A 15 -12.24 -23.65 53.38
N THR A 16 -12.71 -23.06 52.28
CA THR A 16 -14.14 -23.18 51.91
C THR A 16 -14.23 -23.80 50.49
N THR A 17 -15.41 -23.70 49.92
CA THR A 17 -15.69 -24.28 48.58
C THR A 17 -14.61 -23.88 47.58
N MET A 18 -14.23 -24.85 46.75
CA MET A 18 -13.10 -24.74 45.79
C MET A 18 -11.75 -24.64 46.46
N GLY A 19 -11.69 -24.91 47.78
CA GLY A 19 -10.44 -24.89 48.51
C GLY A 19 -9.93 -23.46 48.87
N VAL A 20 -10.70 -22.42 48.60
CA VAL A 20 -10.19 -21.03 48.85
C VAL A 20 -9.79 -20.95 50.31
N PRO A 21 -8.57 -20.54 50.62
CA PRO A 21 -8.08 -20.47 52.01
C PRO A 21 -8.33 -19.09 52.57
N HIS A 22 -8.72 -19.04 53.84
CA HIS A 22 -8.92 -17.76 54.49
C HIS A 22 -8.00 -17.82 55.69
N ILE A 23 -6.87 -17.15 55.58
CA ILE A 23 -5.79 -17.20 56.60
C ILE A 23 -6.15 -16.19 57.68
N LYS A 24 -6.15 -16.62 58.95
CA LYS A 24 -6.41 -15.67 60.03
C LYS A 24 -5.18 -15.68 61.00
N ALA A 25 -4.64 -14.49 61.36
CA ALA A 25 -3.44 -14.43 62.15
C ALA A 25 -3.42 -13.14 62.93
N GLY A 26 -2.59 -13.10 63.97
CA GLY A 26 -2.58 -11.97 64.88
C GLY A 26 -1.62 -10.88 64.48
N ASN A 27 -0.76 -11.16 63.50
CA ASN A 27 0.23 -10.22 63.02
C ASN A 27 0.65 -10.53 61.61
N TRP A 28 1.36 -9.58 61.00
CA TRP A 28 1.78 -9.76 59.59
C TRP A 28 2.67 -10.96 59.37
N GLY A 29 3.60 -11.24 60.31
CA GLY A 29 4.57 -12.38 60.03
C GLY A 29 3.78 -13.67 59.99
N SER A 30 2.83 -13.77 60.90
CA SER A 30 1.99 -14.98 60.89
C SER A 30 1.03 -15.10 59.74
N ALA A 31 0.49 -13.97 59.29
CA ALA A 31 -0.26 -14.01 58.08
C ALA A 31 0.61 -14.49 56.90
N GLY A 32 1.84 -14.00 56.78
CA GLY A 32 2.74 -14.51 55.71
C GLY A 32 2.96 -16.01 55.85
N TYR A 33 3.15 -16.47 57.09
CA TYR A 33 3.36 -17.89 57.37
C TYR A 33 2.20 -18.73 56.85
N GLY A 34 0.94 -18.36 57.17
CA GLY A 34 -0.17 -19.17 56.63
C GLY A 34 -0.31 -19.09 55.11
N PHE A 35 -0.03 -17.92 54.52
CA PHE A 35 -0.24 -17.75 53.11
C PHE A 35 0.83 -18.47 52.31
N GLY A 36 2.09 -18.44 52.81
CA GLY A 36 3.17 -19.19 52.07
C GLY A 36 2.87 -20.66 52.15
N TYR A 37 2.42 -21.14 53.34
CA TYR A 37 2.07 -22.55 53.51
C TYR A 37 0.94 -22.96 52.54
N VAL A 38 -0.14 -22.21 52.47
CA VAL A 38 -1.26 -22.66 51.56
C VAL A 38 -0.91 -22.59 50.06
N GLN A 39 -0.09 -21.62 49.64
CA GLN A 39 0.26 -21.51 48.26
C GLN A 39 1.13 -22.76 47.90
N ALA A 40 2.06 -23.11 48.79
CA ALA A 40 2.95 -24.27 48.53
C ALA A 40 2.11 -25.55 48.59
N GLN A 41 1.16 -25.60 49.54
CA GLN A 41 0.35 -26.81 49.66
C GLN A 41 -0.40 -27.11 48.38
N ASP A 42 -0.84 -26.07 47.70
CA ASP A 42 -1.62 -26.22 46.47
C ASP A 42 -0.78 -26.19 45.18
N ASN A 43 0.39 -25.57 45.25
CA ASN A 43 1.15 -25.35 43.99
C ASN A 43 2.64 -25.56 44.10
N LEU A 44 3.04 -26.51 44.94
CA LEU A 44 4.46 -26.67 45.18
C LEU A 44 5.34 -26.82 43.89
N CYS A 45 4.89 -27.63 42.93
CA CYS A 45 5.75 -27.92 41.76
C CYS A 45 6.00 -26.66 40.94
N THR A 46 4.96 -25.86 40.69
CA THR A 46 5.16 -24.58 39.97
C THR A 46 6.06 -23.68 40.82
N MET A 47 5.81 -23.59 42.13
CA MET A 47 6.56 -22.58 42.90
C MET A 47 8.02 -22.99 43.03
N ALA A 48 8.26 -24.27 43.26
CA ALA A 48 9.65 -24.72 43.50
C ALA A 48 10.44 -24.51 42.22
N ASP A 49 9.80 -24.81 41.09
CA ASP A 49 10.46 -24.54 39.83
C ASP A 49 10.76 -23.05 39.71
N SER A 50 9.82 -22.20 40.17
CA SER A 50 10.02 -20.76 40.01
C SER A 50 11.15 -20.23 40.84
N PHE A 51 11.34 -20.77 42.03
CA PHE A 51 12.44 -20.19 42.78
C PHE A 51 13.82 -20.53 42.18
N LEU A 52 13.93 -21.60 41.39
CA LEU A 52 15.15 -21.78 40.59
C LEU A 52 15.30 -20.59 39.63
N THR A 53 14.20 -20.19 38.97
CA THR A 53 14.23 -19.07 38.02
C THR A 53 14.84 -17.81 38.68
N TYR A 54 14.25 -17.39 39.79
CA TYR A 54 14.58 -16.08 40.33
C TYR A 54 16.00 -16.08 40.97
N ARG A 55 16.47 -17.23 41.40
CA ARG A 55 17.81 -17.37 42.02
C ARG A 55 18.91 -17.56 40.95
N GLY A 56 18.48 -17.79 39.71
CA GLY A 56 19.34 -18.14 38.61
C GLY A 56 19.97 -19.51 38.74
N GLU A 57 19.22 -20.51 39.23
CA GLU A 57 19.76 -21.84 39.45
C GLU A 57 19.01 -22.85 38.61
N ARG A 58 18.34 -22.43 37.51
CA ARG A 58 17.67 -23.47 36.68
C ARG A 58 18.66 -24.46 36.07
N SER A 59 19.72 -23.92 35.50
CA SER A 59 20.65 -24.72 34.69
C SER A 59 21.32 -25.84 35.52
N ARG A 60 21.59 -25.53 36.78
CA ARG A 60 22.25 -26.50 37.69
C ARG A 60 21.43 -27.79 37.73
N HIS A 61 20.10 -27.63 37.80
CA HIS A 61 19.20 -28.76 37.92
C HIS A 61 18.69 -29.31 36.61
N LEU A 62 18.39 -28.43 35.66
CA LEU A 62 17.56 -28.80 34.51
C LEU A 62 18.32 -28.70 33.21
N GLY A 63 19.57 -28.23 33.26
CA GLY A 63 20.33 -28.09 32.03
C GLY A 63 20.26 -26.69 31.46
N GLY A 64 21.37 -26.21 30.93
CA GLY A 64 21.37 -24.85 30.43
C GLY A 64 20.65 -24.57 29.11
N SER A 65 20.56 -25.55 28.23
CA SER A 65 19.94 -25.30 26.93
C SER A 65 18.44 -25.58 26.91
N ALA A 66 17.87 -26.21 27.93
CA ALA A 66 16.41 -26.29 28.07
C ALA A 66 15.76 -24.93 28.31
N GLN A 67 14.56 -24.72 27.77
CA GLN A 67 13.77 -23.48 28.02
C GLN A 67 13.12 -23.58 29.36
N LEU A 68 12.80 -22.41 29.91
CA LEU A 68 11.89 -22.40 31.06
C LEU A 68 10.69 -23.33 30.80
N VAL A 69 10.26 -24.02 31.85
CA VAL A 69 9.14 -24.95 31.79
C VAL A 69 7.85 -24.17 31.53
N TYR A 70 7.65 -23.10 32.31
CA TYR A 70 6.38 -22.39 32.26
C TYR A 70 6.52 -21.03 31.56
N ASN A 71 5.52 -20.64 30.75
CA ASN A 71 5.46 -19.24 30.31
C ASN A 71 5.12 -18.35 31.51
N SER A 72 5.45 -17.06 31.37
CA SER A 72 5.20 -16.08 32.39
C SER A 72 5.61 -14.72 31.74
N THR A 73 5.65 -13.65 32.57
CA THR A 73 6.13 -12.33 32.09
C THR A 73 7.59 -12.39 31.57
N LEU A 74 8.30 -13.47 31.90
CA LEU A 74 9.71 -13.63 31.45
C LEU A 74 9.75 -14.26 30.06
N GLY A 75 8.63 -14.82 29.61
CA GLY A 75 8.63 -15.60 28.38
C GLY A 75 9.42 -16.88 28.64
N ARG A 76 9.93 -17.52 27.58
CA ARG A 76 10.61 -18.82 27.80
C ARG A 76 11.96 -18.86 27.14
N PRO A 77 12.91 -18.08 27.69
CA PRO A 77 14.26 -18.12 27.18
C PRO A 77 14.91 -19.44 27.64
N ARG A 78 16.13 -19.67 27.16
CA ARG A 78 16.91 -20.79 27.65
C ARG A 78 17.32 -20.57 29.10
N ASN A 79 17.36 -21.67 29.86
CA ASN A 79 17.75 -21.62 31.29
C ASN A 79 19.04 -20.85 31.50
N ILE A 80 20.05 -21.08 30.66
CA ILE A 80 21.34 -20.47 30.90
C ILE A 80 21.26 -18.94 30.85
N ASP A 81 20.49 -18.46 29.89
CA ASP A 81 20.32 -16.98 29.73
C ASP A 81 19.44 -16.42 30.84
N SER A 82 18.36 -17.13 31.17
CA SER A 82 17.52 -16.73 32.29
C SER A 82 18.40 -16.64 33.55
N ASP A 83 19.26 -17.63 33.75
CA ASP A 83 20.05 -17.62 35.00
C ASP A 83 21.01 -16.43 35.02
N PHE A 84 21.70 -16.18 33.90
CA PHE A 84 22.51 -14.96 33.84
C PHE A 84 21.68 -13.68 34.06
N PHE A 85 20.51 -13.62 33.43
CA PHE A 85 19.66 -12.40 33.58
C PHE A 85 19.32 -12.16 35.05
N HIS A 86 18.89 -13.21 35.75
CA HIS A 86 18.44 -13.03 37.17
C HIS A 86 19.60 -12.75 38.10
N ARG A 87 20.75 -13.40 37.86
CA ARG A 87 21.84 -13.14 38.74
C ARG A 87 22.42 -11.73 38.50
N HIS A 88 22.33 -11.22 37.27
CA HIS A 88 22.91 -9.91 36.93
C HIS A 88 21.95 -8.78 37.34
N VAL A 89 20.68 -8.98 37.06
CA VAL A 89 19.69 -7.91 37.31
C VAL A 89 19.14 -7.99 38.73
N ILE A 90 18.79 -9.18 39.17
CA ILE A 90 18.35 -9.35 40.56
C ILE A 90 19.57 -9.84 41.41
N SER A 91 20.57 -8.97 41.46
CA SER A 91 21.80 -9.18 42.21
C SER A 91 21.51 -9.16 43.71
N ASP A 92 22.47 -9.60 44.55
CA ASP A 92 22.31 -9.34 45.99
C ASP A 92 22.22 -7.87 46.34
N GLU A 93 22.92 -7.01 45.59
CA GLU A 93 22.75 -5.58 45.77
C GLU A 93 21.31 -5.08 45.52
N ALA A 94 20.68 -5.55 44.45
CA ALA A 94 19.28 -5.18 44.16
C ALA A 94 18.32 -5.66 45.23
N VAL A 95 18.60 -6.85 45.77
CA VAL A 95 17.79 -7.39 46.83
C VAL A 95 18.02 -6.54 48.10
N ASP A 96 19.27 -6.23 48.44
CA ASP A 96 19.51 -5.34 49.62
C ASP A 96 18.75 -4.01 49.53
N ARG A 97 18.79 -3.38 48.37
CA ARG A 97 18.15 -2.08 48.20
C ARG A 97 16.67 -2.21 48.26
N THR A 98 16.14 -3.27 47.67
CA THR A 98 14.70 -3.52 47.75
C THR A 98 14.27 -3.67 49.23
N MET A 99 14.99 -4.51 49.96
CA MET A 99 14.56 -4.81 51.34
C MET A 99 14.76 -3.60 52.26
N ALA A 100 15.78 -2.79 51.97
CA ALA A 100 16.12 -1.65 52.85
C ALA A 100 14.98 -0.59 52.79
N ALA A 101 14.21 -0.59 51.69
CA ALA A 101 13.12 0.34 51.47
C ALA A 101 11.80 -0.13 52.09
N GLN A 102 11.74 -1.31 52.70
CA GLN A 102 10.43 -1.87 53.06
C GLN A 102 9.97 -1.56 54.50
N PRO A 103 8.64 -1.49 54.73
CA PRO A 103 8.18 -1.35 56.13
C PRO A 103 8.43 -2.66 56.93
N ALA A 104 8.73 -2.52 58.24
CA ALA A 104 9.01 -3.71 59.07
C ALA A 104 7.91 -4.79 58.91
N LYS A 105 6.62 -4.37 58.90
CA LYS A 105 5.51 -5.36 58.81
C LYS A 105 5.66 -6.21 57.54
N LEU A 106 6.06 -5.61 56.43
CA LEU A 106 6.25 -6.41 55.20
C LEU A 106 7.47 -7.30 55.22
N LEU A 107 8.57 -6.79 55.75
CA LEU A 107 9.76 -7.64 56.03
C LEU A 107 9.36 -8.85 56.89
N GLN A 108 8.54 -8.63 57.92
CA GLN A 108 8.12 -9.73 58.80
C GLN A 108 7.21 -10.68 58.02
N MET A 109 6.31 -10.13 57.20
CA MET A 109 5.39 -10.95 56.42
C MET A 109 6.18 -11.89 55.49
N VAL A 110 7.22 -11.36 54.86
CA VAL A 110 7.96 -12.14 53.87
C VAL A 110 8.80 -13.22 54.57
N GLU A 111 9.40 -12.89 55.70
CA GLU A 111 10.08 -13.87 56.52
CA GLU A 111 10.06 -13.89 56.51
C GLU A 111 9.09 -15.02 56.87
N GLY A 112 7.89 -14.67 57.31
CA GLY A 112 6.88 -15.66 57.63
C GLY A 112 6.50 -16.50 56.39
N PHE A 113 6.36 -15.86 55.21
CA PHE A 113 5.99 -16.54 53.98
C PHE A 113 7.02 -17.58 53.60
N ALA A 114 8.32 -17.21 53.69
CA ALA A 114 9.37 -18.21 53.42
C ALA A 114 9.28 -19.40 54.44
N ALA A 115 9.05 -19.06 55.72
CA ALA A 115 8.97 -20.09 56.78
C ALA A 115 7.76 -21.03 56.52
N GLY A 116 6.63 -20.47 56.02
CA GLY A 116 5.43 -21.25 55.74
C GLY A 116 5.61 -22.15 54.56
N TYR A 117 6.15 -21.58 53.48
CA TYR A 117 6.56 -22.39 52.34
C TYR A 117 7.49 -23.53 52.77
N ASN A 118 8.52 -23.25 53.57
CA ASN A 118 9.48 -24.25 54.04
C ASN A 118 8.80 -25.36 54.88
N ARG A 119 7.77 -24.99 55.65
CA ARG A 119 7.06 -25.96 56.47
C ARG A 119 6.40 -26.95 55.55
N TYR A 120 5.81 -26.43 54.47
CA TYR A 120 5.12 -27.31 53.53
C TYR A 120 6.12 -28.22 52.84
N VAL A 121 7.28 -27.66 52.41
CA VAL A 121 8.33 -28.53 51.79
C VAL A 121 8.70 -29.71 52.72
N ARG A 122 8.88 -29.44 54.00
CA ARG A 122 9.14 -30.52 54.96
C ARG A 122 8.05 -31.61 54.92
N GLU A 123 6.79 -31.19 54.85
CA GLU A 123 5.68 -32.15 54.84
C GLU A 123 5.68 -32.92 53.58
N ALA A 124 5.92 -32.25 52.44
CA ALA A 124 5.90 -32.97 51.17
C ALA A 124 7.07 -33.93 51.06
N LYS A 125 8.22 -33.57 51.59
CA LYS A 125 9.36 -34.55 51.60
C LYS A 125 9.07 -35.74 52.48
N ALA A 126 8.35 -35.52 53.58
CA ALA A 126 8.07 -36.62 54.54
C ALA A 126 7.16 -37.73 53.96
N GLY A 127 6.25 -37.43 53.02
CA GLY A 127 5.39 -38.51 52.46
C GLY A 127 4.19 -37.88 51.80
N GLY A 128 3.09 -38.64 51.62
CA GLY A 128 1.81 -38.04 51.12
C GLY A 128 1.51 -38.33 49.64
N SER A 129 0.24 -38.24 49.22
CA SER A 129 -0.08 -38.47 47.81
C SER A 129 0.00 -37.12 46.97
N ALA A 130 0.46 -36.03 47.61
CA ALA A 130 0.43 -34.71 46.98
C ALA A 130 1.73 -34.39 46.25
N HIS A 131 1.62 -33.70 45.12
CA HIS A 131 2.76 -33.21 44.35
C HIS A 131 3.67 -34.36 43.96
N ALA A 132 3.08 -35.49 43.62
CA ALA A 132 3.81 -36.67 43.15
C ALA A 132 4.72 -36.29 41.97
N ALA A 133 4.35 -35.26 41.20
CA ALA A 133 5.15 -34.89 40.03
C ALA A 133 6.53 -34.40 40.36
N CYS A 134 6.73 -33.82 41.55
CA CYS A 134 8.02 -33.23 41.88
C CYS A 134 8.51 -33.40 43.29
N ARG A 135 7.72 -34.02 44.18
CA ARG A 135 8.09 -33.98 45.61
C ARG A 135 9.43 -34.58 45.96
N SER A 136 10.01 -35.47 45.13
CA SER A 136 11.28 -36.08 45.52
C SER A 136 12.42 -35.40 44.76
N GLU A 137 12.14 -34.31 44.02
CA GLU A 137 13.20 -33.67 43.24
C GLU A 137 14.15 -32.80 44.09
N ALA A 138 15.40 -32.69 43.71
CA ALA A 138 16.36 -31.86 44.51
C ALA A 138 15.97 -30.40 44.61
N TRP A 139 15.27 -29.90 43.59
CA TRP A 139 14.89 -28.48 43.51
C TRP A 139 13.63 -28.17 44.27
N VAL A 140 13.05 -29.22 44.89
CA VAL A 140 12.01 -28.96 45.96
C VAL A 140 12.83 -28.83 47.25
N GLN A 141 12.97 -27.59 47.76
CA GLN A 141 13.97 -27.30 48.81
C GLN A 141 13.60 -26.02 49.55
N PRO A 142 14.17 -25.81 50.75
CA PRO A 142 13.72 -24.59 51.46
C PRO A 142 14.27 -23.37 50.76
N ILE A 143 13.55 -22.27 50.93
CA ILE A 143 13.95 -20.99 50.42
C ILE A 143 14.14 -19.94 51.59
N THR A 144 14.69 -18.78 51.23
CA THR A 144 14.95 -17.73 52.23
C THR A 144 13.98 -16.56 51.98
N ALA A 145 13.85 -15.71 52.96
CA ALA A 145 13.10 -14.45 52.72
C ALA A 145 13.72 -13.64 51.57
N ARG A 146 15.04 -13.65 51.46
CA ARG A 146 15.67 -13.01 50.26
C ARG A 146 15.17 -13.55 48.92
N ASP A 147 14.99 -14.88 48.86
CA ASP A 147 14.46 -15.51 47.65
C ASP A 147 13.05 -15.02 47.32
N VAL A 148 12.22 -14.80 48.33
CA VAL A 148 10.89 -14.23 48.09
C VAL A 148 11.00 -12.77 47.62
N TRP A 149 11.91 -11.98 48.20
CA TRP A 149 12.18 -10.63 47.63
C TRP A 149 12.70 -10.67 46.22
N ARG A 150 13.47 -11.72 45.86
CA ARG A 150 13.87 -11.91 44.45
C ARG A 150 12.63 -12.03 43.56
N ARG A 151 11.68 -12.86 43.96
CA ARG A 151 10.46 -13.07 43.21
C ARG A 151 9.60 -11.81 43.18
N ILE A 152 9.54 -11.08 44.29
CA ILE A 152 8.77 -9.83 44.32
C ILE A 152 9.39 -8.80 43.35
N TYR A 153 10.71 -8.63 43.44
CA TYR A 153 11.37 -7.67 42.54
C TYR A 153 11.19 -8.09 41.09
N ALA A 154 11.30 -9.40 40.82
CA ALA A 154 11.08 -9.89 39.44
C ALA A 154 9.76 -9.46 38.84
N ALA A 155 8.70 -9.48 39.63
CA ALA A 155 7.36 -9.10 39.14
C ALA A 155 7.29 -7.62 38.70
N ASN A 156 8.13 -6.79 39.29
CA ASN A 156 8.20 -5.37 38.96
C ASN A 156 8.66 -5.13 37.52
N LEU A 157 9.45 -6.05 36.96
CA LEU A 157 10.24 -5.77 35.78
C LEU A 157 9.51 -6.21 34.53
N ALA A 158 8.26 -6.60 34.62
CA ALA A 158 7.52 -7.22 33.48
C ALA A 158 7.44 -6.23 32.30
N GLY A 159 7.33 -4.94 32.60
CA GLY A 159 7.19 -3.95 31.56
C GLY A 159 8.49 -3.57 30.92
N GLY A 160 9.62 -4.04 31.45
CA GLY A 160 10.86 -3.44 30.99
C GLY A 160 11.89 -4.56 30.84
N TYR A 161 12.66 -4.77 31.90
CA TYR A 161 13.79 -5.72 31.84
C TYR A 161 13.39 -7.17 31.45
N SER A 162 12.25 -7.64 31.99
CA SER A 162 11.85 -9.02 31.74
C SER A 162 11.75 -9.32 30.28
N ASN A 163 11.30 -8.36 29.48
CA ASN A 163 11.17 -8.53 28.05
C ASN A 163 12.49 -8.67 27.30
N PHE A 164 13.59 -8.34 27.97
CA PHE A 164 14.93 -8.33 27.31
C PHE A 164 15.88 -9.22 28.09
N ALA A 165 15.31 -10.28 28.70
CA ALA A 165 16.14 -11.16 29.57
C ALA A 165 17.34 -11.72 28.80
N GLU A 166 17.07 -12.34 27.63
CA GLU A 166 18.16 -12.95 26.85
C GLU A 166 19.10 -11.89 26.35
N ALA A 167 18.52 -10.75 25.93
CA ALA A 167 19.32 -9.69 25.36
C ALA A 167 20.27 -9.08 26.43
N ILE A 168 19.81 -8.98 27.67
CA ILE A 168 20.67 -8.53 28.75
C ILE A 168 21.75 -9.59 29.09
N ALA A 169 21.37 -10.86 29.10
CA ALA A 169 22.31 -11.96 29.40
C ALA A 169 23.40 -12.08 28.38
N ASN A 170 23.12 -11.67 27.13
CA ASN A 170 24.10 -11.75 26.04
C ASN A 170 24.85 -10.46 25.57
N ALA A 171 24.81 -9.40 26.40
CA ALA A 171 25.53 -8.13 26.11
C ALA A 171 27.02 -8.28 26.49
N GLN A 172 27.85 -8.16 25.48
CA GLN A 172 29.29 -8.40 25.63
C GLN A 172 30.00 -7.40 24.74
N PRO A 173 31.14 -6.80 25.22
CA PRO A 173 31.93 -5.92 24.37
C PRO A 173 32.62 -6.71 23.23
N PRO A 174 33.03 -6.05 22.14
CA PRO A 174 33.77 -6.75 21.06
C PRO A 174 35.21 -6.91 21.47
N PHE B 8 22.59 1.13 8.15
CA PHE B 8 21.29 0.65 8.70
C PHE B 8 20.25 0.19 7.62
N GLU B 9 19.74 -1.05 7.75
CA GLU B 9 18.73 -1.60 6.82
C GLU B 9 17.40 -1.80 7.59
N PRO B 10 16.36 -0.97 7.32
CA PRO B 10 15.11 -1.07 8.13
C PRO B 10 14.50 -2.47 8.13
N GLY B 11 14.69 -3.19 7.02
CA GLY B 11 14.15 -4.53 6.81
C GLY B 11 14.89 -5.60 7.59
N ARG B 12 16.02 -5.24 8.20
CA ARG B 12 16.76 -6.17 9.05
C ARG B 12 16.18 -6.15 10.48
N THR B 13 15.34 -5.16 10.77
CA THR B 13 14.72 -5.00 12.12
C THR B 13 13.70 -6.08 12.47
N ARG B 14 13.83 -6.63 13.67
CA ARG B 14 12.84 -7.57 14.20
C ARG B 14 12.32 -6.99 15.53
N ALA B 15 11.11 -6.45 15.54
CA ALA B 15 10.50 -5.89 16.75
C ALA B 15 10.31 -6.98 17.83
N PRO B 16 10.57 -6.65 19.11
CA PRO B 16 10.37 -7.59 20.22
C PRO B 16 8.92 -7.56 20.70
N SER B 17 8.54 -8.45 21.60
CA SER B 17 7.16 -8.45 22.15
C SER B 17 6.93 -7.60 23.42
N LEU B 18 6.43 -6.38 23.20
CA LEU B 18 6.31 -5.33 24.23
C LEU B 18 5.03 -5.33 25.12
N GLN B 19 4.02 -6.11 24.77
CA GLN B 19 2.85 -6.15 25.59
C GLN B 19 3.07 -7.17 26.76
N VAL B 20 3.18 -6.69 27.99
CA VAL B 20 3.26 -7.68 29.06
C VAL B 20 1.98 -8.60 29.12
N GLY B 21 2.16 -9.90 29.36
CA GLY B 21 1.08 -10.89 29.39
C GLY B 21 0.65 -11.37 28.01
N GLY B 22 0.94 -10.57 26.97
CA GLY B 22 0.54 -10.80 25.59
C GLY B 22 1.39 -11.82 24.88
N SER C 1 -6.81 -8.11 29.26
CA SER C 1 -7.55 -7.95 30.54
C SER C 1 -8.65 -6.93 30.32
N ASN C 2 -9.74 -7.12 31.03
CA ASN C 2 -10.84 -6.11 31.01
C ASN C 2 -11.10 -5.71 32.41
N MET C 3 -11.67 -4.49 32.60
CA MET C 3 -12.29 -4.20 33.93
C MET C 3 -13.33 -3.11 33.72
N TYR C 4 -14.36 -3.11 34.58
CA TYR C 4 -15.33 -2.01 34.66
C TYR C 4 -15.46 -1.57 36.09
N GLY C 5 -15.75 -0.28 36.30
CA GLY C 5 -16.19 0.17 37.62
C GLY C 5 -17.51 0.87 37.27
N PHE C 6 -18.66 0.38 37.80
CA PHE C 6 -19.90 1.09 37.60
C PHE C 6 -20.24 1.91 38.86
N GLY C 7 -20.57 3.18 38.69
CA GLY C 7 -20.94 4.03 39.83
C GLY C 7 -22.38 3.81 40.24
N THR C 8 -22.81 4.51 41.29
CA THR C 8 -24.19 4.25 41.81
C THR C 8 -25.32 4.65 40.85
N ALA C 9 -25.08 5.65 39.99
CA ALA C 9 -26.09 6.03 38.99
C ALA C 9 -26.31 4.85 38.04
N ALA C 10 -25.22 4.13 37.73
CA ALA C 10 -25.29 2.98 36.80
C ALA C 10 -25.89 1.74 37.46
N THR C 11 -25.63 1.52 38.75
CA THR C 11 -26.13 0.28 39.35
C THR C 11 -27.58 0.43 39.87
N GLY C 12 -27.97 1.66 40.22
CA GLY C 12 -29.31 1.94 40.85
C GLY C 12 -29.36 1.36 42.23
N GLU C 13 -28.23 0.96 42.77
CA GLU C 13 -28.18 0.51 44.15
C GLU C 13 -27.36 1.53 44.97
N GLY C 14 -27.24 1.28 46.24
CA GLY C 14 -26.51 2.20 47.08
C GLY C 14 -25.01 2.07 46.93
N SER C 15 -24.53 1.15 46.07
CA SER C 15 -23.09 0.87 45.89
C SER C 15 -22.81 0.67 44.41
N GLY C 16 -21.61 1.03 44.01
CA GLY C 16 -21.14 0.66 42.66
C GLY C 16 -20.89 -0.86 42.56
N VAL C 17 -20.40 -1.25 41.39
CA VAL C 17 -20.06 -2.63 41.06
C VAL C 17 -18.71 -2.62 40.39
N LEU C 18 -17.83 -3.49 40.84
CA LEU C 18 -16.49 -3.57 40.28
C LEU C 18 -16.44 -4.93 39.60
N PHE C 19 -15.98 -4.92 38.34
CA PHE C 19 -15.72 -6.17 37.59
C PHE C 19 -14.24 -6.25 37.27
N GLY C 20 -13.58 -7.28 37.84
CA GLY C 20 -12.15 -7.48 37.53
C GLY C 20 -12.00 -8.70 36.66
N ASN C 21 -11.23 -8.58 35.58
CA ASN C 21 -11.13 -9.71 34.61
C ASN C 21 -9.74 -9.69 33.98
N PRO C 22 -8.67 -9.91 34.78
CA PRO C 22 -7.32 -9.97 34.15
C PRO C 22 -7.25 -11.20 33.19
N HIS C 23 -6.69 -11.02 31.99
CA HIS C 23 -6.46 -12.15 31.09
C HIS C 23 -5.03 -12.53 31.28
N TRP C 24 -4.74 -13.74 31.69
CA TRP C 24 -3.43 -13.96 32.26
C TRP C 24 -3.14 -15.44 32.12
N TYR C 25 -2.01 -15.83 32.72
CA TYR C 25 -1.49 -17.16 32.50
C TYR C 25 -2.31 -18.25 33.25
N TRP C 26 -2.48 -19.42 32.61
CA TRP C 26 -3.20 -20.50 33.29
C TRP C 26 -2.25 -21.46 33.98
N LYS C 27 -0.95 -21.34 33.65
CA LYS C 27 0.06 -22.12 34.36
C LYS C 27 1.26 -21.21 34.65
N GLY C 28 2.14 -21.67 35.57
CA GLY C 28 3.41 -21.00 35.83
C GLY C 28 3.29 -20.07 37.04
N PRO C 29 4.42 -19.48 37.42
CA PRO C 29 4.44 -18.82 38.73
C PRO C 29 3.79 -17.46 38.72
N ASP C 30 3.46 -16.91 37.55
CA ASP C 30 2.77 -15.65 37.57
C ASP C 30 1.24 -15.87 37.59
N ARG C 31 0.79 -17.12 37.59
CA ARG C 31 -0.64 -17.37 37.64
C ARG C 31 -1.19 -16.93 39.01
N PHE C 32 -2.50 -16.66 39.02
CA PHE C 32 -3.16 -16.20 40.25
C PHE C 32 -3.53 -17.32 41.20
N TYR C 33 -3.61 -16.92 42.48
CA TYR C 33 -3.91 -17.77 43.58
C TYR C 33 -4.89 -16.98 44.47
N GLN C 34 -6.06 -17.53 44.71
CA GLN C 34 -7.12 -16.76 45.44
C GLN C 34 -7.11 -17.12 46.92
N ALA C 35 -7.20 -16.09 47.76
CA ALA C 35 -7.12 -16.30 49.21
C ALA C 35 -7.71 -15.06 49.90
N GLN C 36 -7.95 -15.20 51.21
CA GLN C 36 -8.34 -14.05 52.06
C GLN C 36 -7.30 -14.01 53.15
N LEU C 37 -6.89 -12.78 53.55
CA LEU C 37 -6.01 -12.63 54.70
C LEU C 37 -6.73 -11.79 55.77
N THR C 38 -6.81 -12.27 57.00
CA THR C 38 -7.47 -11.55 58.06
C THR C 38 -6.44 -11.41 59.12
N ILE C 39 -6.00 -10.16 59.35
CA ILE C 39 -4.85 -9.91 60.27
C ILE C 39 -5.43 -8.99 61.32
N ASP C 40 -5.50 -9.50 62.55
CA ASP C 40 -6.21 -8.85 63.67
C ASP C 40 -5.90 -7.31 63.79
N GLY C 41 -6.93 -6.49 63.66
CA GLY C 41 -6.81 -5.01 63.82
C GLY C 41 -6.03 -4.36 62.66
N GLU C 42 -5.76 -5.10 61.57
CA GLU C 42 -4.89 -4.54 60.53
C GLU C 42 -5.49 -4.62 59.15
N ALA C 43 -6.03 -5.79 58.78
CA ALA C 43 -6.51 -5.95 57.42
C ALA C 43 -7.45 -7.13 57.32
N ASN C 44 -8.36 -7.04 56.38
CA ASN C 44 -9.19 -8.13 56.09
C ASN C 44 -9.49 -8.00 54.61
N VAL C 45 -8.78 -8.78 53.79
CA VAL C 45 -8.75 -8.55 52.35
C VAL C 45 -8.82 -9.91 51.63
N SER C 46 -9.46 -9.90 50.48
CA SER C 46 -9.61 -11.15 49.69
C SER C 46 -9.37 -10.90 48.20
N GLY C 47 -8.84 -11.90 47.45
CA GLY C 47 -8.65 -11.62 46.03
C GLY C 47 -7.50 -12.60 45.61
N VAL C 48 -6.64 -12.15 44.72
CA VAL C 48 -5.57 -13.01 44.21
C VAL C 48 -4.20 -12.34 44.35
N SER C 49 -3.16 -13.18 44.41
CA SER C 49 -1.79 -12.75 44.29
C SER C 49 -1.21 -13.67 43.18
N PHE C 50 -0.13 -13.22 42.54
CA PHE C 50 0.69 -14.22 41.81
C PHE C 50 1.23 -15.23 42.80
N LEU C 51 1.42 -16.49 42.37
CA LEU C 51 2.16 -17.46 43.25
C LEU C 51 3.49 -16.81 43.68
N GLY C 52 3.80 -16.89 44.97
CA GLY C 52 5.04 -16.36 45.54
C GLY C 52 4.92 -14.92 46.02
N LEU C 53 3.80 -14.24 45.76
CA LEU C 53 3.57 -12.86 46.34
C LEU C 53 2.69 -12.96 47.59
N PRO C 54 2.99 -12.16 48.63
CA PRO C 54 2.39 -12.29 49.95
C PRO C 54 1.21 -11.31 50.22
N VAL C 55 0.96 -10.33 49.31
CA VAL C 55 -0.19 -9.42 49.55
C VAL C 55 -1.12 -9.55 48.36
N ILE C 56 -2.36 -9.15 48.55
CA ILE C 56 -3.35 -9.30 47.49
C ILE C 56 -3.24 -8.23 46.37
N GLN C 57 -3.09 -8.63 45.11
CA GLN C 57 -2.86 -7.67 44.02
C GLN C 57 -4.15 -7.21 43.32
N ILE C 58 -5.12 -8.09 43.28
CA ILE C 58 -6.45 -7.72 42.67
C ILE C 58 -7.47 -8.31 43.67
N GLY C 59 -8.41 -7.51 44.15
CA GLY C 59 -9.23 -8.09 45.23
C GLY C 59 -10.15 -7.02 45.80
N PHE C 60 -10.47 -7.16 47.05
CA PHE C 60 -11.45 -6.23 47.75
C PHE C 60 -11.26 -6.40 49.23
N ASN C 61 -11.82 -5.43 49.96
CA ASN C 61 -11.96 -5.58 51.41
C ASN C 61 -13.35 -5.07 51.75
N ASP C 62 -13.58 -4.74 53.02
CA ASP C 62 -14.94 -4.28 53.38
C ASP C 62 -15.31 -2.90 52.79
N SER C 63 -14.33 -2.22 52.16
CA SER C 63 -14.54 -0.81 51.82
C SER C 63 -14.24 -0.47 50.38
N VAL C 64 -13.35 -1.23 49.70
CA VAL C 64 -12.94 -0.89 48.33
CA VAL C 64 -12.98 -0.91 48.33
C VAL C 64 -12.67 -2.21 47.59
N ALA C 65 -12.93 -2.20 46.28
CA ALA C 65 -12.63 -3.38 45.44
C ALA C 65 -11.89 -2.80 44.22
N TRP C 66 -10.96 -3.53 43.59
CA TRP C 66 -10.23 -2.84 42.50
C TRP C 66 -9.68 -3.97 41.59
N SER C 67 -9.22 -3.58 40.40
CA SER C 67 -8.59 -4.52 39.47
C SER C 67 -7.60 -3.76 38.62
N HIS C 68 -6.87 -4.52 37.79
CA HIS C 68 -5.81 -3.95 36.95
C HIS C 68 -5.92 -4.49 35.57
N THR C 69 -5.45 -3.71 34.61
CA THR C 69 -5.19 -4.24 33.26
C THR C 69 -3.84 -3.74 32.80
N VAL C 70 -3.15 -4.48 31.96
CA VAL C 70 -1.83 -3.92 31.48
C VAL C 70 -2.07 -2.60 30.73
N SER C 71 -1.24 -1.61 31.07
CA SER C 71 -1.35 -0.30 30.46
C SER C 71 -0.48 -0.17 29.18
N THR C 72 -0.94 0.70 28.26
CA THR C 72 -0.13 0.96 27.03
C THR C 72 1.11 1.81 27.36
N ALA C 73 1.18 2.40 28.57
CA ALA C 73 2.28 3.34 28.87
C ALA C 73 3.62 2.57 28.84
N ARG C 74 4.61 3.02 28.06
CA ARG C 74 5.92 2.38 28.12
C ARG C 74 6.61 2.58 29.50
N ARG C 75 7.38 1.60 29.95
CA ARG C 75 7.96 1.73 31.24
C ARG C 75 9.47 1.66 31.18
N PHE C 76 10.03 1.66 29.95
CA PHE C 76 11.48 1.48 29.79
C PHE C 76 11.92 2.37 28.62
N GLY C 77 13.24 2.53 28.48
CA GLY C 77 13.79 3.26 27.35
C GLY C 77 15.19 2.69 27.10
N PHE C 78 15.80 3.05 25.99
CA PHE C 78 17.19 2.69 25.76
C PHE C 78 18.05 3.90 25.75
N PHE C 79 19.30 3.70 26.17
CA PHE C 79 20.33 4.76 26.09
C PHE C 79 21.45 4.30 25.21
N GLN C 80 21.69 5.04 24.13
CA GLN C 80 22.80 4.75 23.23
C GLN C 80 24.03 5.34 23.81
N LEU C 81 25.07 4.49 24.02
CA LEU C 81 26.33 4.91 24.67
C LEU C 81 27.40 5.26 23.62
N SER C 82 28.11 6.38 23.79
CA SER C 82 29.27 6.69 22.91
C SER C 82 30.53 6.22 23.62
N LEU C 83 31.27 5.27 23.05
CA LEU C 83 32.29 4.58 23.81
C LEU C 83 33.60 5.35 23.82
N VAL C 84 34.40 5.22 24.90
CA VAL C 84 35.73 5.83 24.94
C VAL C 84 36.59 4.99 24.00
N GLN C 85 37.15 5.53 22.91
CA GLN C 85 37.67 4.50 21.99
C GLN C 85 38.90 3.73 22.56
N GLY C 86 39.05 2.56 21.97
CA GLY C 86 39.91 1.46 22.46
C GLY C 86 39.55 0.84 23.79
N GLU C 87 38.44 1.27 24.36
CA GLU C 87 38.10 0.81 25.66
C GLU C 87 36.59 0.62 25.61
N PRO C 88 36.14 -0.44 24.93
CA PRO C 88 34.71 -0.47 24.68
C PRO C 88 33.84 -0.77 25.93
N THR C 89 34.44 -0.89 27.12
CA THR C 89 33.65 -1.07 28.34
C THR C 89 33.60 0.23 29.15
N SER C 90 33.91 1.36 28.47
CA SER C 90 33.71 2.70 29.05
C SER C 90 32.94 3.58 28.08
N TYR C 91 32.20 4.55 28.61
CA TYR C 91 31.39 5.43 27.74
C TYR C 91 31.50 6.89 28.17
N LEU C 92 31.17 7.80 27.27
CA LEU C 92 31.39 9.24 27.54
C LEU C 92 30.09 9.83 28.06
N ARG C 93 30.19 10.81 28.96
CA ARG C 93 29.06 11.59 29.49
C ARG C 93 29.49 13.03 29.50
N ASP C 94 28.92 13.85 28.59
CA ASP C 94 29.29 15.27 28.43
C ASP C 94 30.81 15.31 28.29
N GLY C 95 31.36 14.38 27.51
CA GLY C 95 32.80 14.42 27.20
C GLY C 95 33.71 13.78 28.23
N VAL C 96 33.19 13.43 29.40
CA VAL C 96 34.00 12.71 30.42
C VAL C 96 33.83 11.19 30.43
N PRO C 97 34.94 10.41 30.38
CA PRO C 97 34.84 8.93 30.43
C PRO C 97 34.26 8.37 31.72
N VAL C 98 33.39 7.36 31.60
CA VAL C 98 32.74 6.65 32.73
C VAL C 98 32.93 5.14 32.48
N LYS C 99 33.42 4.41 33.49
CA LYS C 99 33.60 2.95 33.36
C LYS C 99 32.24 2.30 33.57
N MET C 100 31.90 1.34 32.73
CA MET C 100 30.78 0.44 33.03
C MET C 100 31.18 -0.39 34.25
N LYS C 101 30.22 -0.82 35.06
CA LYS C 101 30.53 -1.64 36.22
C LYS C 101 30.39 -3.13 35.83
N PRO C 102 31.49 -3.92 35.91
CA PRO C 102 31.46 -5.32 35.45
C PRO C 102 30.95 -6.26 36.51
N ALA C 103 30.36 -7.40 36.15
CA ALA C 103 30.06 -8.44 37.13
C ALA C 103 30.51 -9.74 36.45
N THR C 104 31.46 -10.46 37.03
CA THR C 104 31.83 -11.77 36.46
C THR C 104 30.95 -12.77 37.16
N ILE C 105 30.09 -13.49 36.42
CA ILE C 105 29.07 -14.36 37.04
C ILE C 105 29.37 -15.77 36.56
N THR C 106 29.36 -16.71 37.49
CA THR C 106 29.49 -18.11 37.11
C THR C 106 28.17 -18.87 37.38
N VAL C 107 27.66 -19.56 36.36
CA VAL C 107 26.40 -20.31 36.50
C VAL C 107 26.70 -21.80 36.33
N PRO C 108 26.31 -22.63 37.32
CA PRO C 108 26.57 -24.05 37.09
C PRO C 108 25.44 -24.62 36.21
N SER C 109 25.80 -25.53 35.29
CA SER C 109 24.90 -26.05 34.29
C SER C 109 25.07 -27.56 34.15
N ARG C 110 23.99 -28.27 34.38
CA ARG C 110 23.98 -29.74 34.24
C ARG C 110 24.09 -30.17 32.78
N ASN C 111 24.98 -31.13 32.53
CA ASN C 111 25.13 -31.71 31.19
C ASN C 111 24.32 -33.00 30.95
N ALA C 112 24.10 -33.30 29.67
CA ALA C 112 23.54 -34.60 29.26
C ALA C 112 24.08 -35.79 30.06
N ASP C 113 25.36 -35.84 30.39
CA ASP C 113 25.89 -37.04 31.07
C ASP C 113 25.85 -37.01 32.61
N GLY C 114 25.31 -35.93 33.16
CA GLY C 114 25.06 -35.85 34.62
C GLY C 114 26.04 -34.96 35.36
N SER C 115 27.20 -34.72 34.74
CA SER C 115 28.17 -33.84 35.33
C SER C 115 27.64 -32.39 35.24
N VAL C 116 28.28 -31.52 36.01
CA VAL C 116 27.94 -30.12 36.06
C VAL C 116 29.14 -29.28 35.60
N SER C 117 28.93 -28.41 34.60
CA SER C 117 29.97 -27.50 34.08
C SER C 117 29.67 -26.11 34.60
N ASP C 118 30.70 -25.37 35.03
CA ASP C 118 30.48 -23.93 35.30
C ASP C 118 30.51 -23.13 33.98
N VAL C 119 29.59 -22.17 33.81
CA VAL C 119 29.55 -21.31 32.63
C VAL C 119 29.83 -19.90 33.17
N THR C 120 30.79 -19.19 32.60
CA THR C 120 31.14 -17.88 33.14
C THR C 120 31.05 -16.78 32.06
N ARG C 121 30.45 -15.64 32.45
CA ARG C 121 30.33 -14.44 31.59
C ARG C 121 30.60 -13.20 32.45
N THR C 122 31.28 -12.19 31.88
CA THR C 122 31.31 -10.89 32.52
C THR C 122 30.26 -10.01 31.85
N LEU C 123 29.31 -9.51 32.64
CA LEU C 123 28.22 -8.64 32.19
C LEU C 123 28.37 -7.28 32.84
N TYR C 124 27.69 -6.28 32.30
CA TYR C 124 27.96 -4.88 32.66
C TYR C 124 26.69 -4.09 33.02
N HIS C 125 26.87 -3.07 33.86
CA HIS C 125 25.84 -2.03 34.08
C HIS C 125 26.40 -0.68 33.69
N SER C 126 25.52 0.21 33.22
CA SER C 126 25.79 1.63 33.06
C SER C 126 25.00 2.38 34.16
N GLU C 127 25.15 3.71 34.27
CA GLU C 127 24.36 4.45 35.25
C GLU C 127 22.88 4.36 34.90
N PHE C 128 22.55 3.97 33.67
CA PHE C 128 21.13 3.90 33.25
C PHE C 128 20.48 2.58 33.59
N GLY C 129 21.29 1.54 33.70
CA GLY C 129 20.77 0.18 33.80
C GLY C 129 21.70 -0.76 33.06
N PRO C 130 21.29 -2.02 32.96
CA PRO C 130 22.19 -3.04 32.36
C PRO C 130 22.45 -2.80 30.89
N LEU C 131 23.60 -3.28 30.39
CA LEU C 131 23.87 -3.25 28.98
C LEU C 131 22.93 -4.23 28.32
N VAL C 132 22.57 -3.97 27.08
CA VAL C 132 21.63 -4.91 26.46
C VAL C 132 22.09 -5.12 25.01
N ASN C 133 22.09 -6.39 24.58
CA ASN C 133 22.40 -6.77 23.20
C ASN C 133 21.24 -6.46 22.27
N LEU C 134 21.40 -5.41 21.44
CA LEU C 134 20.31 -5.08 20.53
C LEU C 134 20.54 -5.55 19.08
N ALA C 135 21.57 -6.38 18.87
CA ALA C 135 21.82 -6.91 17.53
C ALA C 135 20.64 -7.73 17.00
N GLY C 136 19.90 -8.36 17.91
CA GLY C 136 18.69 -9.13 17.58
C GLY C 136 17.58 -8.23 17.07
N LEU C 137 17.52 -7.00 17.61
CA LEU C 137 16.55 -5.98 17.14
C LEU C 137 16.94 -5.46 15.74
N ASN C 138 18.22 -5.21 15.55
CA ASN C 138 18.74 -4.90 14.23
C ASN C 138 20.21 -5.11 14.29
N PRO C 139 20.78 -5.80 13.30
CA PRO C 139 22.21 -6.07 13.35
C PRO C 139 23.10 -4.85 13.42
N ALA C 140 22.61 -3.67 13.01
CA ALA C 140 23.47 -2.44 13.05
C ALA C 140 23.69 -1.99 14.50
N LEU C 141 22.94 -2.60 15.40
CA LEU C 141 22.86 -2.15 16.79
C LEU C 141 23.74 -3.02 17.68
N ALA C 142 24.83 -3.54 17.14
CA ALA C 142 25.78 -4.37 17.87
C ALA C 142 26.54 -3.46 18.83
N TRP C 143 27.06 -4.01 19.92
CA TRP C 143 28.04 -3.33 20.74
C TRP C 143 29.33 -3.35 19.94
N SER C 144 29.71 -2.19 19.41
CA SER C 144 30.93 -2.06 18.60
C SER C 144 32.08 -1.43 19.38
N GLN C 145 33.14 -1.00 18.69
CA GLN C 145 34.15 -0.16 19.32
C GLN C 145 33.63 1.24 19.63
N GLY C 146 32.58 1.66 18.93
CA GLY C 146 32.07 3.04 19.04
C GLY C 146 30.76 3.19 19.84
N THR C 147 29.93 2.15 19.86
CA THR C 147 28.58 2.33 20.36
C THR C 147 28.14 1.09 21.15
N ALA C 148 27.54 1.33 22.31
CA ALA C 148 26.74 0.27 22.96
C ALA C 148 25.40 0.81 23.36
N PHE C 149 24.58 -0.07 23.93
CA PHE C 149 23.20 0.26 24.33
C PHE C 149 22.91 -0.25 25.73
N ALA C 150 22.24 0.59 26.53
CA ALA C 150 21.76 0.23 27.87
C ALA C 150 20.26 0.37 27.87
N ILE C 151 19.60 -0.46 28.68
CA ILE C 151 18.12 -0.34 28.91
C ILE C 151 17.87 0.16 30.31
N ARG C 152 16.92 1.08 30.46
CA ARG C 152 16.54 1.56 31.78
C ARG C 152 15.08 1.20 31.93
N ASP C 153 14.73 0.52 33.02
CA ASP C 153 13.28 0.23 33.29
C ASP C 153 12.96 1.12 34.52
N ILE C 154 11.94 2.00 34.46
CA ILE C 154 11.66 2.88 35.60
CA ILE C 154 11.66 2.88 35.57
C ILE C 154 11.45 2.03 36.86
N ASN C 155 10.94 0.79 36.71
CA ASN C 155 10.67 -0.04 37.91
C ASN C 155 11.88 -0.71 38.58
N GLY C 156 13.03 -0.66 37.91
CA GLY C 156 14.24 -1.18 38.52
C GLY C 156 14.61 -0.45 39.80
N GLU C 157 14.19 0.83 39.92
CA GLU C 157 14.45 1.62 41.12
C GLU C 157 13.21 1.94 41.92
N ASN C 158 12.11 1.27 41.59
CA ASN C 158 10.82 1.48 42.28
C ASN C 158 10.65 0.38 43.37
N PHE C 159 10.89 0.74 44.65
CA PHE C 159 10.88 -0.25 45.75
C PHE C 159 9.55 -0.07 46.48
N ARG C 160 8.58 0.53 45.79
CA ARG C 160 7.33 0.93 46.47
C ARG C 160 6.13 0.09 46.14
N THR C 161 6.28 -0.88 45.23
CA THR C 161 5.11 -1.52 44.68
C THR C 161 4.39 -2.41 45.73
N LEU C 162 5.15 -3.28 46.39
CA LEU C 162 4.48 -4.23 47.32
C LEU C 162 3.80 -3.47 48.45
N ARG C 163 4.49 -2.45 48.99
CA ARG C 163 3.94 -1.61 50.01
C ARG C 163 2.65 -0.92 49.56
N THR C 164 2.54 -0.59 48.28
CA THR C 164 1.31 0.05 47.77
C THR C 164 0.11 -0.90 47.83
N TRP C 165 0.30 -2.13 47.34
CA TRP C 165 -0.77 -3.10 47.43
C TRP C 165 -1.05 -3.40 48.88
N MET C 166 -0.04 -3.46 49.74
CA MET C 166 -0.33 -3.67 51.20
C MET C 166 -1.24 -2.59 51.74
N ARG C 167 -0.93 -1.32 51.43
CA ARG C 167 -1.77 -0.21 51.92
C ARG C 167 -3.20 -0.30 51.34
N TRP C 168 -3.31 -0.60 50.05
CA TRP C 168 -4.63 -0.84 49.50
C TRP C 168 -5.37 -1.96 50.19
N ASN C 169 -4.69 -3.08 50.49
CA ASN C 169 -5.35 -4.15 51.22
C ASN C 169 -6.00 -3.66 52.50
N GLN C 170 -5.37 -2.63 53.13
CA GLN C 170 -5.80 -2.05 54.40
C GLN C 170 -6.79 -0.90 54.30
N ALA C 171 -6.99 -0.39 53.10
CA ALA C 171 -7.67 0.92 52.95
C ALA C 171 -9.14 0.85 53.35
N LYS C 172 -9.61 1.95 53.91
CA LYS C 172 -10.96 1.97 54.48
C LYS C 172 -11.93 2.82 53.65
N SER C 173 -11.50 3.28 52.46
CA SER C 173 -12.41 4.00 51.53
C SER C 173 -11.75 4.14 50.19
N LEU C 174 -12.58 4.46 49.20
CA LEU C 174 -11.99 4.79 47.88
C LEU C 174 -11.14 6.06 47.97
N ASP C 175 -11.55 7.07 48.77
CA ASP C 175 -10.72 8.27 48.93
C ASP C 175 -9.32 7.88 49.39
N GLU C 176 -9.25 6.98 50.38
CA GLU C 176 -7.95 6.59 50.87
C GLU C 176 -7.19 5.81 49.76
N PHE C 177 -7.90 4.90 49.09
CA PHE C 177 -7.31 4.15 47.91
C PHE C 177 -6.64 5.08 46.92
N ILE C 178 -7.36 6.15 46.59
CA ILE C 178 -6.89 7.18 45.61
C ILE C 178 -5.68 7.90 46.17
N ALA C 179 -5.78 8.35 47.42
CA ALA C 179 -4.63 9.06 48.08
C ALA C 179 -3.39 8.18 48.08
N ILE C 180 -3.56 6.89 48.39
CA ILE C 180 -2.39 5.96 48.41
C ILE C 180 -1.78 5.88 47.00
N GLN C 181 -2.64 5.79 46.00
CA GLN C 181 -2.13 5.56 44.65
C GLN C 181 -1.27 6.79 44.25
N LYS C 182 -1.81 7.95 44.57
CA LYS C 182 -1.09 9.23 44.31
C LYS C 182 0.23 9.41 45.12
N GLU C 183 0.20 9.03 46.40
CA GLU C 183 1.35 9.21 47.26
C GLU C 183 2.46 8.31 46.79
N GLU C 184 2.11 7.07 46.41
CA GLU C 184 3.15 6.06 46.09
C GLU C 184 3.62 6.22 44.64
N ALA C 185 2.70 6.50 43.70
CA ALA C 185 3.03 6.62 42.22
C ALA C 185 3.99 5.49 41.82
N SER C 186 3.54 4.28 42.13
CA SER C 186 4.40 3.13 42.13
C SER C 186 3.88 2.03 41.20
N ILE C 187 2.61 2.12 40.80
CA ILE C 187 2.00 0.98 40.04
C ILE C 187 2.82 0.74 38.75
N PRO C 188 3.30 -0.49 38.55
CA PRO C 188 4.48 -0.53 37.67
C PRO C 188 4.20 -0.64 36.18
N TRP C 189 3.10 -1.27 35.82
CA TRP C 189 2.83 -1.54 34.39
C TRP C 189 1.35 -1.81 34.13
N VAL C 190 0.47 -1.32 35.04
CA VAL C 190 -0.97 -1.60 34.82
C VAL C 190 -1.79 -0.31 35.11
N ASN C 191 -2.95 -0.26 34.47
CA ASN C 191 -4.06 0.63 34.89
C ASN C 191 -4.72 0.11 36.15
N THR C 192 -5.53 0.98 36.81
CA THR C 192 -6.29 0.52 37.95
C THR C 192 -7.71 1.08 37.83
N VAL C 193 -8.70 0.25 38.20
CA VAL C 193 -10.06 0.73 38.39
C VAL C 193 -10.50 0.26 39.78
N ALA C 194 -11.22 1.14 40.49
CA ALA C 194 -11.72 0.81 41.87
C ALA C 194 -13.10 1.39 42.10
N VAL C 195 -13.84 0.71 42.98
CA VAL C 195 -15.16 1.14 43.45
C VAL C 195 -15.05 1.08 44.96
N GLY C 196 -15.67 2.05 45.62
CA GLY C 196 -15.68 2.02 47.12
C GLY C 196 -17.08 2.03 47.70
N ARG C 197 -17.20 1.44 48.88
CA ARG C 197 -18.43 1.48 49.66
C ARG C 197 -18.77 2.96 49.91
N GLY C 198 -20.05 3.32 49.68
CA GLY C 198 -20.49 4.72 49.96
C GLY C 198 -19.95 5.78 48.97
N SER C 199 -19.27 5.36 47.89
CA SER C 199 -18.87 6.36 46.90
C SER C 199 -19.80 6.27 45.72
N ALA C 200 -20.16 7.41 45.16
CA ALA C 200 -21.05 7.49 44.01
C ALA C 200 -20.21 7.15 42.75
N LYS C 201 -18.97 7.64 42.68
CA LYS C 201 -18.15 7.58 41.43
C LYS C 201 -17.19 6.43 41.48
N ALA C 202 -16.99 5.82 40.33
CA ALA C 202 -15.96 4.77 40.15
C ALA C 202 -14.67 5.51 39.74
N TRP C 203 -13.51 4.87 40.03
CA TRP C 203 -12.20 5.47 39.75
C TRP C 203 -11.48 4.72 38.66
N TYR C 204 -10.92 5.46 37.70
CA TYR C 204 -9.88 4.93 36.78
C TYR C 204 -8.57 5.72 36.94
N ALA C 205 -7.41 5.05 36.86
CA ALA C 205 -6.16 5.79 36.77
C ALA C 205 -5.08 4.93 36.05
N ASP C 206 -4.19 5.60 35.31
CA ASP C 206 -2.90 5.03 34.96
C ASP C 206 -1.89 5.92 35.71
N ILE C 207 -1.96 5.87 37.01
CA ILE C 207 -1.06 6.61 37.92
C ILE C 207 -0.14 5.59 38.53
N GLY C 208 1.12 5.70 38.19
CA GLY C 208 2.10 4.65 38.59
C GLY C 208 3.48 5.19 38.16
N ALA C 209 4.44 4.29 37.99
CA ALA C 209 5.80 4.66 37.66
C ALA C 209 5.99 4.68 36.14
N VAL C 210 6.36 5.85 35.60
CA VAL C 210 6.42 6.02 34.12
C VAL C 210 7.61 6.91 33.79
N PRO C 211 8.42 6.54 32.74
CA PRO C 211 9.54 7.42 32.37
C PRO C 211 9.04 8.81 31.98
N ASN C 212 9.82 9.84 32.35
CA ASN C 212 9.47 11.23 32.06
C ASN C 212 10.42 11.81 31.00
N VAL C 213 9.92 12.01 29.77
CA VAL C 213 10.70 12.69 28.73
C VAL C 213 9.76 13.74 28.15
N SER C 214 10.31 14.84 27.66
CA SER C 214 9.50 15.90 27.05
C SER C 214 9.49 15.74 25.53
N PRO C 215 8.45 16.28 24.87
CA PRO C 215 8.53 16.36 23.42
C PRO C 215 9.84 17.00 22.89
N ALA C 216 10.35 18.07 23.53
CA ALA C 216 11.59 18.68 23.04
C ALA C 216 12.78 17.70 23.17
N GLN C 217 12.83 16.92 24.25
CA GLN C 217 13.85 15.89 24.39
C GLN C 217 13.73 14.84 23.30
N THR C 218 12.51 14.35 23.07
CA THR C 218 12.36 13.27 22.08
C THR C 218 12.94 13.79 20.75
N ALA C 219 12.69 15.06 20.44
CA ALA C 219 13.21 15.61 19.16
C ALA C 219 14.73 15.77 19.16
N ALA C 220 15.28 16.32 20.27
CA ALA C 220 16.72 16.56 20.40
C ALA C 220 17.59 15.36 20.72
N CYS C 221 17.04 14.38 21.41
CA CYS C 221 17.83 13.31 22.03
C CYS C 221 17.74 11.98 21.34
N THR C 222 16.73 11.80 20.49
CA THR C 222 16.61 10.53 19.76
C THR C 222 17.74 10.44 18.75
N THR C 223 18.52 9.38 18.81
CA THR C 223 19.72 9.29 17.94
C THR C 223 19.25 8.81 16.56
N PRO C 224 20.10 8.91 15.52
CA PRO C 224 19.67 8.33 14.26
C PRO C 224 19.29 6.84 14.34
N PHE C 225 20.03 6.03 15.11
CA PHE C 225 19.53 4.63 15.36
C PHE C 225 18.15 4.59 15.96
N GLY C 226 17.95 5.47 16.95
CA GLY C 226 16.67 5.62 17.63
C GLY C 226 15.49 5.90 16.72
N MET C 227 15.73 6.76 15.73
CA MET C 227 14.68 7.13 14.77
C MET C 227 14.43 5.93 13.85
N ALA C 228 15.50 5.29 13.37
CA ALA C 228 15.37 4.15 12.45
C ALA C 228 14.69 2.96 13.07
N VAL C 229 14.85 2.72 14.37
CA VAL C 229 14.00 1.67 15.02
C VAL C 229 12.82 2.14 15.81
N GLY C 230 12.55 3.45 15.80
CA GLY C 230 11.49 3.98 16.68
C GLY C 230 10.14 3.39 16.35
N GLN C 231 9.89 3.14 15.07
CA GLN C 231 8.59 2.56 14.73
C GLN C 231 8.44 1.10 15.21
N ALA C 232 9.54 0.37 15.41
CA ALA C 232 9.47 -0.98 16.01
C ALA C 232 9.21 -0.94 17.54
N LEU C 233 9.33 0.25 18.16
CA LEU C 233 9.33 0.41 19.61
C LEU C 233 8.49 1.67 19.90
N PRO C 234 7.20 1.68 19.58
CA PRO C 234 6.57 3.01 19.51
C PRO C 234 6.47 3.64 20.91
N ASN C 235 6.81 4.92 21.00
CA ASN C 235 6.83 5.67 22.25
C ASN C 235 7.92 5.34 23.27
N VAL C 236 8.78 4.39 22.96
CA VAL C 236 9.93 4.04 23.83
C VAL C 236 11.03 5.10 23.53
N PRO C 237 11.45 5.86 24.57
CA PRO C 237 12.51 6.87 24.32
C PRO C 237 13.84 6.17 24.01
N PHE C 238 14.49 6.50 22.89
CA PHE C 238 15.72 5.81 22.49
C PHE C 238 16.71 6.95 22.40
N PHE C 239 17.39 7.25 23.51
CA PHE C 239 18.08 8.55 23.64
C PHE C 239 19.60 8.48 23.62
N ASP C 240 20.21 9.61 23.29
CA ASP C 240 21.67 9.75 23.37
C ASP C 240 22.17 9.83 24.85
N GLY C 241 22.72 8.72 25.35
CA GLY C 241 23.16 8.58 26.74
C GLY C 241 24.49 9.26 27.03
N SER C 242 25.09 9.81 26.00
CA SER C 242 26.33 10.66 26.17
C SER C 242 26.03 12.11 26.61
N ARG C 243 24.75 12.48 26.60
CA ARG C 243 24.37 13.85 26.92
C ARG C 243 23.52 13.80 28.18
N SER C 244 23.97 14.49 29.22
CA SER C 244 23.16 14.58 30.44
C SER C 244 21.79 15.30 30.29
N GLU C 245 21.65 16.23 29.34
CA GLU C 245 20.34 16.86 29.08
C GLU C 245 19.33 15.85 28.48
N CYS C 246 19.80 14.64 28.09
CA CYS C 246 18.88 13.61 27.61
C CYS C 246 18.49 12.61 28.72
N ASP C 247 18.98 12.81 29.94
CA ASP C 247 18.46 12.01 31.09
C ASP C 247 16.96 12.23 31.28
N TRP C 248 16.24 11.20 31.73
CA TRP C 248 14.83 11.37 32.05
C TRP C 248 14.65 12.47 33.08
N LEU C 249 13.59 13.23 32.91
CA LEU C 249 13.30 14.39 33.72
C LEU C 249 12.60 14.08 35.04
N THR C 250 12.61 15.07 35.95
CA THR C 250 11.88 14.94 37.21
C THR C 250 11.02 16.21 37.39
N ASP C 251 9.73 16.03 37.65
CA ASP C 251 8.77 17.10 37.93
C ASP C 251 8.79 17.44 39.41
N ALA C 252 8.28 18.64 39.76
CA ALA C 252 8.22 19.04 41.15
C ALA C 252 7.35 18.07 41.99
N ASP C 253 6.41 17.41 41.33
CA ASP C 253 5.49 16.44 41.97
C ASP C 253 5.79 14.99 41.54
N SER C 254 7.04 14.75 41.06
CA SER C 254 7.50 13.36 40.89
C SER C 254 7.87 12.72 42.20
N VAL C 255 7.44 11.47 42.41
CA VAL C 255 7.75 10.73 43.64
C VAL C 255 9.09 10.04 43.48
N GLN C 256 9.48 9.79 42.23
CA GLN C 256 10.73 9.09 41.94
C GLN C 256 11.47 9.86 40.86
N LYS C 257 12.82 9.90 40.94
CA LYS C 257 13.61 10.61 39.92
C LYS C 257 13.46 10.01 38.52
N GLY C 258 13.32 10.85 37.50
CA GLY C 258 13.19 10.31 36.16
C GLY C 258 11.74 9.91 35.81
N ALA C 259 10.81 10.04 36.77
CA ALA C 259 9.41 9.59 36.52
C ALA C 259 8.42 10.72 36.36
N VAL C 260 7.31 10.42 35.70
CA VAL C 260 6.31 11.47 35.46
C VAL C 260 5.68 11.92 36.77
N GLY C 261 5.55 13.23 36.97
CA GLY C 261 4.85 13.70 38.19
C GLY C 261 3.38 13.31 38.25
N VAL C 262 2.87 13.19 39.47
CA VAL C 262 1.51 12.74 39.70
C VAL C 262 0.38 13.48 38.94
N SER C 263 0.44 14.82 38.90
CA SER C 263 -0.56 15.63 38.18
C SER C 263 -0.55 15.49 36.66
N ARG C 264 0.46 14.83 36.09
CA ARG C 264 0.57 14.67 34.63
C ARG C 264 0.28 13.21 34.25
N MET C 265 -0.39 12.46 35.15
CA MET C 265 -0.75 11.09 34.78
C MET C 265 -2.28 10.96 34.82
N PRO C 266 -2.83 10.19 33.87
CA PRO C 266 -4.30 10.24 33.67
C PRO C 266 -5.14 9.52 34.70
N SER C 267 -6.27 10.16 35.08
CA SER C 267 -7.26 9.50 35.95
C SER C 267 -8.63 10.11 35.67
N LEU C 268 -9.69 9.49 36.15
CA LEU C 268 -11.02 9.97 35.87
C LEU C 268 -11.92 9.36 36.91
N GLN C 269 -12.91 10.15 37.43
CA GLN C 269 -13.99 9.57 38.31
C GLN C 269 -15.30 9.75 37.55
N ARG C 270 -16.19 8.73 37.55
CA ARG C 270 -17.48 8.86 36.86
C ARG C 270 -18.59 8.24 37.69
N ASP C 271 -19.77 8.87 37.61
CA ASP C 271 -21.02 8.38 38.16
C ASP C 271 -21.57 7.15 37.41
N ASP C 272 -21.25 7.03 36.11
CA ASP C 272 -21.85 5.97 35.30
C ASP C 272 -20.88 4.76 35.19
N TYR C 273 -19.77 4.92 34.47
CA TYR C 273 -18.81 3.81 34.48
C TYR C 273 -17.41 4.31 34.07
N VAL C 274 -16.39 3.54 34.47
CA VAL C 274 -15.09 3.60 33.74
C VAL C 274 -14.73 2.18 33.31
N GLY C 275 -13.88 2.04 32.27
CA GLY C 275 -13.48 0.69 31.89
C GLY C 275 -12.19 0.72 31.12
N ASN C 276 -11.57 -0.41 31.06
CA ASN C 276 -10.36 -0.45 30.23
C ASN C 276 -10.25 -1.92 29.73
N MET C 277 -9.79 -2.08 28.48
CA MET C 277 -9.62 -3.44 27.82
C MET C 277 -8.26 -3.41 27.09
N ASN C 278 -7.29 -2.69 27.67
CA ASN C 278 -5.85 -2.65 27.25
C ASN C 278 -5.52 -1.58 26.20
N ASP C 279 -6.51 -0.80 25.73
CA ASP C 279 -6.09 0.40 24.96
C ASP C 279 -5.61 1.44 25.97
N SER C 280 -5.18 2.60 25.47
CA SER C 280 -4.72 3.63 26.37
C SER C 280 -5.84 4.21 27.28
N TYR C 281 -5.39 5.09 28.17
CA TYR C 281 -6.30 5.83 29.04
C TYR C 281 -7.41 6.59 28.34
N TRP C 282 -7.24 6.87 27.03
CA TRP C 282 -8.11 7.78 26.29
C TRP C 282 -9.59 7.58 26.63
N LEU C 283 -10.08 6.38 26.45
CA LEU C 283 -11.53 6.11 26.61
C LEU C 283 -11.82 5.40 27.92
N ALA C 284 -11.26 5.83 29.04
CA ALA C 284 -11.74 5.31 30.36
C ALA C 284 -13.27 5.43 30.39
N ASN C 285 -13.84 6.52 29.84
CA ASN C 285 -15.32 6.55 29.65
C ASN C 285 -15.50 7.22 28.30
N VAL C 286 -16.25 6.61 27.41
CA VAL C 286 -16.32 7.16 26.03
C VAL C 286 -17.06 8.49 25.96
N HIS C 287 -17.87 8.81 26.98
CA HIS C 287 -18.56 10.10 27.00
C HIS C 287 -17.67 11.23 27.46
N ALA C 288 -16.54 10.91 28.09
CA ALA C 288 -15.67 11.91 28.67
C ALA C 288 -14.20 11.51 28.38
N PRO C 289 -13.80 11.57 27.10
CA PRO C 289 -12.44 11.08 26.79
C PRO C 289 -11.39 11.98 27.50
N LEU C 290 -10.28 11.33 27.84
CA LEU C 290 -9.12 11.96 28.43
C LEU C 290 -8.10 12.24 27.33
N THR C 291 -7.52 13.43 27.37
CA THR C 291 -6.52 13.77 26.33
C THR C 291 -5.42 14.62 26.97
N GLY C 292 -4.34 14.79 26.23
CA GLY C 292 -3.39 15.82 26.64
C GLY C 292 -2.35 15.31 27.60
N TYR C 293 -2.36 14.02 27.94
CA TYR C 293 -1.35 13.47 28.84
C TYR C 293 -0.06 13.10 28.03
N PRO C 294 1.06 12.84 28.73
CA PRO C 294 2.30 12.57 28.03
C PRO C 294 2.21 11.49 26.97
N ALA C 295 2.89 11.73 25.85
CA ALA C 295 2.86 10.76 24.73
C ALA C 295 3.15 9.33 25.13
N ILE C 296 4.04 9.14 26.11
CA ILE C 296 4.46 7.77 26.49
C ILE C 296 3.30 6.90 27.00
N PHE C 297 2.18 7.53 27.39
CA PHE C 297 1.02 6.75 27.92
C PHE C 297 0.28 6.10 26.79
N GLY C 298 0.56 6.50 25.57
CA GLY C 298 -0.13 5.93 24.37
C GLY C 298 -1.02 6.96 23.72
N PRO C 299 -1.55 6.63 22.55
CA PRO C 299 -2.31 7.60 21.72
C PRO C 299 -3.68 7.97 22.36
N ALA C 300 -4.19 9.18 22.10
CA ALA C 300 -5.55 9.49 22.66
C ALA C 300 -6.41 10.12 21.50
N GLY C 301 -6.57 9.40 20.39
CA GLY C 301 -7.34 9.81 19.23
C GLY C 301 -6.68 9.63 17.86
N THR C 302 -5.38 9.33 17.79
CA THR C 302 -4.75 9.10 16.48
C THR C 302 -4.95 7.67 16.05
N SER C 303 -5.41 6.80 16.96
CA SER C 303 -5.42 5.35 16.65
C SER C 303 -6.77 4.70 16.95
N ALA C 304 -7.19 3.86 15.99
CA ALA C 304 -8.37 3.04 16.17
C ALA C 304 -8.19 2.17 17.42
N GLN C 305 -9.29 1.81 18.07
CA GLN C 305 -9.22 0.98 19.24
C GLN C 305 -9.30 -0.48 18.75
N THR C 306 -8.89 -1.41 19.63
CA THR C 306 -9.03 -2.84 19.29
C THR C 306 -10.51 -3.23 19.24
N LEU C 307 -10.78 -4.34 18.58
CA LEU C 307 -12.17 -4.88 18.56
C LEU C 307 -12.64 -5.22 19.97
N ARG C 308 -11.73 -5.67 20.86
CA ARG C 308 -12.17 -5.97 22.24
C ARG C 308 -12.54 -4.70 23.00
N THR C 309 -11.72 -3.64 22.83
CA THR C 309 -12.08 -2.34 23.46
C THR C 309 -13.45 -1.86 22.93
N ARG C 310 -13.66 -2.03 21.63
CA ARG C 310 -14.96 -1.59 21.03
C ARG C 310 -16.13 -2.41 21.61
N MET C 311 -15.90 -3.71 21.72
CA MET C 311 -16.87 -4.62 22.31
C MET C 311 -17.13 -4.22 23.81
N GLY C 312 -16.08 -4.00 24.60
CA GLY C 312 -16.25 -3.77 26.07
C GLY C 312 -17.04 -2.47 26.31
N HIS C 313 -16.68 -1.39 25.62
CA HIS C 313 -17.48 -0.12 25.83
C HIS C 313 -18.87 -0.24 25.27
N THR C 314 -19.03 -0.97 24.14
CA THR C 314 -20.39 -1.22 23.57
C THR C 314 -21.22 -1.93 24.60
N MET C 315 -20.63 -2.94 25.26
CA MET C 315 -21.45 -3.67 26.29
C MET C 315 -21.88 -2.76 27.45
N ALA C 316 -20.98 -1.87 27.90
CA ALA C 316 -21.36 -0.94 28.97
C ALA C 316 -22.46 -0.01 28.51
N LEU C 317 -22.30 0.63 27.33
CA LEU C 317 -23.33 1.58 26.84
C LEU C 317 -24.68 0.89 26.67
N GLU C 318 -24.68 -0.31 26.03
CA GLU C 318 -25.96 -0.99 25.78
C GLU C 318 -26.63 -1.46 27.06
N ARG C 319 -25.86 -1.75 28.11
CA ARG C 319 -26.47 -2.12 29.38
C ARG C 319 -27.18 -0.88 29.95
N LEU C 320 -26.50 0.26 29.94
CA LEU C 320 -27.07 1.44 30.58
C LEU C 320 -28.20 2.03 29.74
N ALA C 321 -28.18 1.71 28.43
CA ALA C 321 -29.28 2.07 27.49
C ALA C 321 -30.44 1.09 27.51
N GLY C 322 -30.23 -0.06 28.14
CA GLY C 322 -31.22 -1.14 28.25
C GLY C 322 -31.49 -1.72 26.88
N THR C 323 -30.46 -1.84 26.04
CA THR C 323 -30.67 -2.33 24.64
C THR C 323 -29.85 -3.61 24.39
N ASP C 324 -29.36 -4.25 25.44
CA ASP C 324 -28.53 -5.46 25.26
C ASP C 324 -29.35 -6.75 25.53
N GLY C 325 -30.65 -6.64 25.70
CA GLY C 325 -31.33 -7.96 25.93
C GLY C 325 -31.40 -8.50 27.35
N TYR C 326 -30.65 -7.89 28.29
CA TYR C 326 -30.90 -8.18 29.67
C TYR C 326 -32.01 -7.23 30.15
N ALA C 327 -32.66 -7.59 31.24
CA ALA C 327 -33.75 -6.79 31.81
C ALA C 327 -33.26 -5.42 32.33
N GLY C 328 -34.09 -4.41 32.21
CA GLY C 328 -33.78 -3.13 32.83
C GLY C 328 -32.61 -2.43 32.16
N ASN C 329 -32.09 -1.42 32.85
CA ASN C 329 -31.00 -0.62 32.28
C ASN C 329 -29.93 -0.30 33.32
N LYS C 330 -29.79 -1.15 34.34
CA LYS C 330 -28.77 -0.90 35.41
C LYS C 330 -27.75 -2.05 35.42
N ALA C 331 -26.51 -1.68 35.76
CA ALA C 331 -25.41 -2.62 35.79
C ALA C 331 -25.33 -3.19 37.22
N THR C 332 -26.37 -3.94 37.59
CA THR C 332 -26.45 -4.60 38.91
C THR C 332 -25.41 -5.74 38.91
N SER C 333 -25.00 -6.16 40.11
CA SER C 333 -24.08 -7.30 40.24
C SER C 333 -24.62 -8.53 39.48
N ALA C 334 -25.93 -8.83 39.58
CA ALA C 334 -26.48 -10.04 38.97
C ALA C 334 -26.39 -9.99 37.42
N VAL C 335 -26.71 -8.85 36.85
CA VAL C 335 -26.70 -8.70 35.41
C VAL C 335 -25.25 -8.64 34.92
N VAL C 336 -24.39 -7.97 35.68
CA VAL C 336 -22.93 -7.93 35.25
C VAL C 336 -22.37 -9.36 35.17
N ARG C 337 -22.75 -10.21 36.16
CA ARG C 337 -22.25 -11.58 36.20
C ARG C 337 -22.56 -12.30 34.87
N GLU C 338 -23.77 -12.08 34.33
CA GLU C 338 -24.20 -12.72 33.10
C GLU C 338 -23.50 -12.00 31.91
N MET C 339 -23.60 -10.68 31.87
CA MET C 339 -23.15 -9.94 30.68
C MET C 339 -21.70 -10.26 30.35
N VAL C 340 -20.80 -10.35 31.35
CA VAL C 340 -19.36 -10.55 31.07
C VAL C 340 -18.98 -11.91 30.54
N LEU C 341 -19.90 -12.87 30.58
CA LEU C 341 -19.61 -14.21 30.07
C LEU C 341 -20.37 -14.40 28.78
N GLY C 342 -21.06 -13.36 28.28
CA GLY C 342 -22.07 -13.57 27.19
C GLY C 342 -21.42 -13.90 25.82
N SER C 343 -20.09 -13.69 25.70
CA SER C 343 -19.26 -14.17 24.57
C SER C 343 -19.77 -13.62 23.22
N ARG C 344 -20.22 -12.37 23.22
CA ARG C 344 -20.54 -11.70 21.91
C ARG C 344 -19.23 -11.60 21.12
N VAL C 345 -19.34 -11.60 19.81
CA VAL C 345 -18.15 -11.52 18.94
C VAL C 345 -18.29 -10.22 18.12
N PHE C 346 -17.47 -9.18 18.41
CA PHE C 346 -17.74 -7.90 17.80
C PHE C 346 -17.61 -8.00 16.28
N SER C 347 -16.59 -8.74 15.81
CA SER C 347 -16.31 -8.73 14.35
C SER C 347 -17.53 -9.35 13.62
N ALA C 348 -18.11 -10.38 14.18
CA ALA C 348 -19.30 -11.03 13.54
C ALA C 348 -20.53 -10.14 13.67
N GLU C 349 -20.78 -9.57 14.85
CA GLU C 349 -21.93 -8.66 15.03
C GLU C 349 -21.93 -7.50 14.03
N ARG C 350 -20.73 -6.96 13.78
CA ARG C 350 -20.65 -5.77 12.98
C ARG C 350 -20.43 -6.10 11.50
N PHE C 351 -19.71 -7.18 11.18
CA PHE C 351 -19.23 -7.34 9.79
C PHE C 351 -19.67 -8.64 9.12
N LYS C 352 -20.27 -9.54 9.86
CA LYS C 352 -20.54 -10.87 9.22
C LYS C 352 -21.56 -10.75 8.07
N ASP C 353 -22.66 -10.06 8.31
CA ASP C 353 -23.71 -9.99 7.23
C ASP C 353 -23.13 -9.34 5.98
N GLU C 354 -22.34 -8.27 6.17
CA GLU C 354 -21.79 -7.59 5.01
C GLU C 354 -20.83 -8.50 4.27
N VAL C 355 -20.06 -9.31 4.99
CA VAL C 355 -19.12 -10.21 4.33
C VAL C 355 -19.92 -11.29 3.56
N LEU C 356 -20.93 -11.87 4.20
CA LEU C 356 -21.72 -12.91 3.53
C LEU C 356 -22.47 -12.38 2.33
N ASP C 357 -23.00 -11.15 2.43
CA ASP C 357 -23.74 -10.57 1.30
C ASP C 357 -22.82 -10.39 0.11
N LEU C 358 -21.58 -10.06 0.41
CA LEU C 358 -20.65 -9.71 -0.61
C LEU C 358 -20.12 -10.99 -1.26
N ILE C 359 -19.89 -12.07 -0.49
CA ILE C 359 -19.18 -13.22 -1.11
C ILE C 359 -20.02 -14.50 -1.31
N CYS C 360 -21.23 -14.61 -0.71
CA CYS C 360 -21.92 -15.92 -0.75
C CYS C 360 -22.86 -16.14 -1.92
N THR C 361 -22.95 -15.16 -2.80
CA THR C 361 -23.78 -15.30 -4.02
C THR C 361 -22.93 -15.02 -5.27
N PRO C 362 -22.54 -16.08 -6.02
CA PRO C 362 -22.79 -17.50 -5.82
C PRO C 362 -21.91 -18.07 -4.72
N ALA C 363 -22.28 -19.25 -4.24
CA ALA C 363 -21.57 -19.86 -3.16
C ALA C 363 -20.50 -20.90 -3.69
N GLN C 364 -20.47 -21.16 -5.01
CA GLN C 364 -19.38 -21.93 -5.70
C GLN C 364 -18.48 -20.89 -6.30
N TRP C 365 -17.19 -20.98 -5.93
CA TRP C 365 -16.23 -19.96 -6.26
C TRP C 365 -15.10 -20.51 -7.06
N THR C 366 -14.30 -19.61 -7.65
CA THR C 366 -12.97 -20.01 -8.16
C THR C 366 -12.01 -19.16 -7.31
N VAL C 367 -11.14 -19.83 -6.59
CA VAL C 367 -10.17 -19.17 -5.69
C VAL C 367 -8.77 -19.70 -6.01
N ASN C 368 -7.82 -18.80 -6.32
CA ASN C 368 -6.49 -19.22 -6.80
C ASN C 368 -6.61 -20.25 -7.89
N GLY C 369 -7.55 -20.05 -8.81
CA GLY C 369 -7.76 -21.01 -9.91
C GLY C 369 -8.35 -22.37 -9.57
N ALA C 370 -8.85 -22.54 -8.36
CA ALA C 370 -9.38 -23.82 -7.88
C ALA C 370 -10.86 -23.63 -7.58
N ALA C 371 -11.62 -24.69 -7.83
CA ALA C 371 -13.05 -24.75 -7.47
C ALA C 371 -13.20 -24.84 -5.99
N VAL C 372 -14.01 -23.95 -5.38
CA VAL C 372 -14.19 -23.98 -3.93
C VAL C 372 -15.67 -23.96 -3.64
N ASP C 373 -16.13 -24.91 -2.82
CA ASP C 373 -17.53 -24.97 -2.50
C ASP C 373 -17.74 -24.36 -1.14
N ALA C 374 -18.26 -23.14 -1.14
CA ALA C 374 -18.47 -22.36 0.10
C ALA C 374 -19.93 -22.43 0.58
N ALA C 375 -20.76 -23.25 -0.03
CA ALA C 375 -22.21 -23.20 0.32
C ALA C 375 -22.49 -23.52 1.78
N GLN C 376 -21.82 -24.55 2.31
CA GLN C 376 -22.02 -24.91 3.71
C GLN C 376 -21.42 -23.82 4.63
N ALA C 377 -20.23 -23.27 4.33
CA ALA C 377 -19.61 -22.27 5.18
C ALA C 377 -20.57 -21.08 5.22
N CYS C 378 -21.08 -20.69 4.04
CA CYS C 378 -21.98 -19.50 3.97
C CYS C 378 -23.25 -19.75 4.79
N ALA C 379 -23.87 -20.92 4.60
CA ALA C 379 -25.10 -21.24 5.35
C ALA C 379 -24.95 -21.38 6.86
N VAL C 380 -23.88 -22.07 7.28
CA VAL C 380 -23.53 -22.22 8.72
C VAL C 380 -23.29 -20.81 9.33
N LEU C 381 -22.50 -19.97 8.67
CA LEU C 381 -22.23 -18.63 9.24
C LEU C 381 -23.52 -17.78 9.29
N ALA C 382 -24.35 -17.84 8.21
CA ALA C 382 -25.63 -17.10 8.23
C ALA C 382 -26.50 -17.45 9.42
N ALA C 383 -26.54 -18.73 9.81
CA ALA C 383 -27.35 -19.24 10.90
C ALA C 383 -26.78 -19.04 12.29
N TRP C 384 -25.48 -18.83 12.36
CA TRP C 384 -24.77 -18.69 13.62
C TRP C 384 -25.23 -17.42 14.33
N ASP C 385 -25.33 -17.54 15.66
CA ASP C 385 -25.78 -16.45 16.58
C ASP C 385 -24.72 -15.36 16.88
N ASN C 386 -23.55 -15.40 16.25
CA ASN C 386 -22.52 -14.36 16.45
C ASN C 386 -21.96 -14.34 17.89
N ARG C 387 -22.04 -15.50 18.58
CA ARG C 387 -21.49 -15.61 19.95
C ARG C 387 -20.60 -16.82 20.00
N GLY C 388 -19.72 -16.86 21.01
CA GLY C 388 -18.94 -18.09 21.28
C GLY C 388 -19.52 -18.75 22.54
N ARG C 389 -20.82 -18.98 22.57
CA ARG C 389 -21.37 -19.80 23.69
C ARG C 389 -21.05 -21.30 23.45
N LYS C 390 -21.18 -22.12 24.50
CA LYS C 390 -20.90 -23.55 24.35
C LYS C 390 -21.69 -24.22 23.22
N ASP C 391 -22.89 -23.76 22.99
CA ASP C 391 -23.79 -24.41 22.00
C ASP C 391 -23.78 -23.63 20.68
N SER C 392 -22.99 -22.55 20.59
CA SER C 392 -22.98 -21.75 19.32
C SER C 392 -22.34 -22.60 18.22
N ARG C 393 -22.86 -22.51 16.98
CA ARG C 393 -22.48 -23.48 15.95
C ARG C 393 -21.83 -22.71 14.82
N GLY C 394 -20.59 -23.05 14.51
CA GLY C 394 -19.84 -22.43 13.39
C GLY C 394 -18.94 -21.29 13.85
N SER C 395 -18.93 -20.99 15.17
CA SER C 395 -18.08 -19.90 15.69
C SER C 395 -16.58 -20.12 15.43
N HIS C 396 -16.13 -21.39 15.37
CA HIS C 396 -14.72 -21.66 15.15
C HIS C 396 -14.39 -21.48 13.65
N LEU C 397 -15.38 -21.65 12.75
CA LEU C 397 -15.15 -21.27 11.32
C LEU C 397 -14.89 -19.74 11.24
N TRP C 398 -15.66 -18.94 11.93
CA TRP C 398 -15.46 -17.52 11.95
C TRP C 398 -14.06 -17.14 12.47
N ASP C 399 -13.65 -17.82 13.58
CA ASP C 399 -12.26 -17.58 14.12
C ASP C 399 -11.20 -17.83 13.06
N GLU C 400 -11.31 -18.94 12.34
CA GLU C 400 -10.28 -19.31 11.34
C GLU C 400 -10.33 -18.39 10.13
N PHE C 401 -11.53 -17.85 9.88
CA PHE C 401 -11.68 -16.91 8.78
C PHE C 401 -11.20 -15.48 9.12
N TRP C 402 -11.78 -14.90 10.17
CA TRP C 402 -11.56 -13.49 10.45
C TRP C 402 -10.10 -13.21 10.76
N SER C 403 -9.46 -14.17 11.43
CA SER C 403 -8.07 -14.02 11.81
C SER C 403 -7.18 -14.00 10.60
N ARG C 404 -7.69 -14.39 9.41
CA ARG C 404 -6.90 -14.42 8.22
C ARG C 404 -7.30 -13.32 7.24
N VAL C 405 -8.19 -12.39 7.61
CA VAL C 405 -8.62 -11.40 6.62
C VAL C 405 -7.57 -10.24 6.57
N PRO C 406 -7.00 -9.90 5.40
CA PRO C 406 -6.03 -8.76 5.40
C PRO C 406 -6.76 -7.47 5.73
N THR C 407 -6.14 -6.61 6.54
CA THR C 407 -6.87 -5.43 7.03
C THR C 407 -6.67 -4.14 6.18
N ALA C 408 -5.71 -4.11 5.27
CA ALA C 408 -5.48 -2.89 4.49
C ALA C 408 -6.72 -2.61 3.62
N SER C 409 -7.31 -1.41 3.69
CA SER C 409 -8.44 -1.11 2.76
C SER C 409 -9.65 -2.09 2.92
N LEU C 410 -9.78 -2.66 4.10
CA LEU C 410 -10.91 -3.54 4.35
C LEU C 410 -12.17 -2.68 4.60
N PHE C 411 -12.00 -1.51 5.21
CA PHE C 411 -13.17 -0.74 5.63
C PHE C 411 -13.35 0.53 4.80
N THR C 412 -14.59 0.93 4.54
CA THR C 412 -14.75 2.15 3.80
C THR C 412 -15.12 3.32 4.69
N VAL C 413 -15.50 3.06 5.95
CA VAL C 413 -15.68 4.15 6.90
C VAL C 413 -14.45 4.10 7.82
N PRO C 414 -13.49 5.02 7.64
CA PRO C 414 -12.23 5.00 8.40
C PRO C 414 -12.45 5.36 9.85
N PHE C 415 -11.51 4.94 10.68
CA PHE C 415 -11.49 5.47 12.04
C PHE C 415 -11.82 6.95 12.16
N SER C 416 -12.73 7.27 13.10
CA SER C 416 -13.03 8.65 13.48
C SER C 416 -12.96 8.75 15.01
N ALA C 417 -12.14 9.68 15.51
CA ALA C 417 -12.02 9.86 16.95
C ALA C 417 -13.35 10.27 17.56
N ALA C 418 -14.25 10.87 16.76
CA ALA C 418 -15.57 11.35 17.26
C ALA C 418 -16.51 10.15 17.50
N ASP C 419 -16.15 8.99 16.92
CA ASP C 419 -16.89 7.74 17.16
C ASP C 419 -15.99 6.49 17.13
N PRO C 420 -15.23 6.27 18.20
CA PRO C 420 -14.21 5.21 18.17
C PRO C 420 -14.80 3.84 18.44
N LEU C 421 -16.08 3.78 18.77
CA LEU C 421 -16.74 2.44 18.89
C LEU C 421 -17.29 1.94 17.58
N ASN C 422 -17.77 2.82 16.74
CA ASN C 422 -18.48 2.38 15.52
C ASN C 422 -17.61 2.58 14.29
N THR C 423 -16.34 2.99 14.48
CA THR C 423 -15.43 3.08 13.30
C THR C 423 -14.09 2.42 13.68
N PRO C 424 -13.35 1.96 12.68
CA PRO C 424 -13.77 1.83 11.27
C PRO C 424 -14.90 0.83 11.11
N ARG C 425 -15.64 0.93 10.01
CA ARG C 425 -16.62 -0.11 9.65
C ARG C 425 -16.87 -0.06 8.14
N GLY C 426 -17.84 -0.86 7.68
CA GLY C 426 -18.27 -0.82 6.28
C GLY C 426 -17.32 -1.65 5.41
N ILE C 427 -17.60 -2.92 5.30
CA ILE C 427 -16.75 -3.82 4.47
C ILE C 427 -16.69 -3.32 3.02
N ASN C 428 -15.47 -3.23 2.49
CA ASN C 428 -15.25 -2.71 1.16
C ASN C 428 -15.54 -3.78 0.14
N ALA C 429 -16.45 -3.48 -0.81
CA ALA C 429 -16.78 -4.41 -1.88
C ALA C 429 -15.51 -4.88 -2.62
N ALA C 430 -14.49 -3.99 -2.70
CA ALA C 430 -13.25 -4.33 -3.40
C ALA C 430 -12.44 -5.47 -2.71
N ALA C 431 -12.76 -5.81 -1.45
CA ALA C 431 -12.08 -6.86 -0.68
C ALA C 431 -12.61 -8.27 -1.02
N ALA C 432 -13.61 -8.40 -1.92
CA ALA C 432 -14.30 -9.69 -2.13
C ALA C 432 -13.35 -10.88 -2.39
N ASP C 433 -12.42 -10.69 -3.32
CA ASP C 433 -11.44 -11.73 -3.65
C ASP C 433 -10.63 -12.12 -2.43
N ALA C 434 -10.11 -11.14 -1.69
CA ALA C 434 -9.35 -11.44 -0.49
C ALA C 434 -10.18 -12.17 0.59
N LEU C 435 -11.45 -11.82 0.72
CA LEU C 435 -12.31 -12.41 1.75
C LEU C 435 -12.56 -13.87 1.30
N ARG C 436 -12.76 -14.10 0.00
CA ARG C 436 -12.97 -15.50 -0.43
C ARG C 436 -11.69 -16.31 -0.17
N GLN C 437 -10.52 -15.72 -0.44
CA GLN C 437 -9.23 -16.45 -0.12
C GLN C 437 -9.19 -16.82 1.36
N ALA C 438 -9.53 -15.87 2.23
CA ALA C 438 -9.45 -16.12 3.65
C ALA C 438 -10.47 -17.21 4.06
N MET C 439 -11.68 -17.17 3.47
CA MET C 439 -12.72 -18.15 3.81
C MET C 439 -12.33 -19.55 3.27
N ALA C 440 -11.80 -19.64 2.03
CA ALA C 440 -11.34 -20.92 1.50
C ALA C 440 -10.31 -21.56 2.45
N THR C 441 -9.38 -20.77 2.97
CA THR C 441 -8.35 -21.32 3.88
C THR C 441 -8.99 -21.76 5.16
N ALA C 442 -9.94 -20.95 5.67
CA ALA C 442 -10.64 -21.31 6.92
C ALA C 442 -11.35 -22.62 6.78
N ILE C 443 -12.02 -22.77 5.66
CA ILE C 443 -12.77 -23.97 5.43
C ILE C 443 -11.83 -25.15 5.43
N ALA C 444 -10.67 -24.99 4.81
CA ALA C 444 -9.73 -26.09 4.72
C ALA C 444 -9.14 -26.45 6.10
N ARG C 445 -8.90 -25.44 6.91
CA ARG C 445 -8.30 -25.68 8.24
C ARG C 445 -9.31 -26.39 9.11
N VAL C 446 -10.59 -25.96 9.08
CA VAL C 446 -11.62 -26.66 9.91
C VAL C 446 -11.74 -28.08 9.42
N GLY C 447 -11.74 -28.25 8.09
CA GLY C 447 -11.72 -29.61 7.52
C GLY C 447 -10.60 -30.47 8.08
N GLN C 448 -9.40 -29.94 8.13
CA GLN C 448 -8.24 -30.72 8.59
C GLN C 448 -8.34 -31.08 10.07
N SER C 449 -9.12 -30.34 10.86
CA SER C 449 -9.21 -30.54 12.31
C SER C 449 -10.12 -31.69 12.69
N GLY C 450 -10.89 -32.15 11.72
CA GLY C 450 -11.92 -33.15 12.00
C GLY C 450 -13.24 -32.66 12.61
N TYR C 451 -13.37 -31.37 12.91
CA TYR C 451 -14.64 -30.86 13.41
C TYR C 451 -15.51 -30.51 12.22
N ALA C 452 -16.81 -30.63 12.38
CA ALA C 452 -17.73 -30.12 11.34
C ALA C 452 -17.69 -28.61 11.31
N LEU C 453 -18.06 -28.03 10.16
CA LEU C 453 -18.12 -26.55 10.10
C LEU C 453 -19.13 -26.03 11.11
N ASP C 454 -20.21 -26.77 11.39
CA ASP C 454 -21.25 -26.32 12.34
C ASP C 454 -21.13 -26.97 13.73
N ALA C 455 -19.93 -27.41 14.08
CA ALA C 455 -19.74 -28.01 15.42
C ALA C 455 -20.09 -26.98 16.50
N PRO C 456 -20.71 -27.45 17.62
CA PRO C 456 -20.88 -26.49 18.75
C PRO C 456 -19.53 -26.15 19.40
N ARG C 457 -19.41 -24.93 19.88
CA ARG C 457 -18.10 -24.41 20.25
C ARG C 457 -17.52 -25.21 21.46
N GLY C 458 -18.37 -25.66 22.37
CA GLY C 458 -17.90 -26.35 23.59
C GLY C 458 -17.25 -27.69 23.25
N GLU C 459 -17.45 -28.24 22.04
CA GLU C 459 -16.71 -29.41 21.60
C GLU C 459 -15.35 -29.05 21.05
N VAL C 460 -15.20 -27.81 20.60
CA VAL C 460 -13.95 -27.32 19.97
C VAL C 460 -13.04 -26.70 21.02
N LEU C 461 -13.68 -26.00 21.99
CA LEU C 461 -12.98 -25.18 22.99
C LEU C 461 -13.33 -25.81 24.38
N TYR C 462 -12.33 -26.26 25.12
CA TYR C 462 -12.60 -27.14 26.29
C TYR C 462 -11.39 -27.11 27.22
N ALA C 463 -11.58 -27.58 28.45
CA ALA C 463 -10.49 -27.78 29.43
C ALA C 463 -10.73 -29.18 29.93
N THR C 464 -9.69 -30.01 29.89
CA THR C 464 -9.81 -31.38 30.38
C THR C 464 -9.51 -31.45 31.87
N ARG C 465 -10.41 -32.05 32.65
CA ARG C 465 -10.15 -32.31 34.09
C ARG C 465 -10.70 -33.69 34.37
N GLY C 466 -9.90 -34.51 35.01
CA GLY C 466 -10.36 -35.85 35.38
C GLY C 466 -10.62 -36.72 34.17
N GLY C 467 -9.97 -36.45 33.02
CA GLY C 467 -10.25 -37.25 31.85
C GLY C 467 -11.46 -36.77 31.04
N THR C 468 -12.19 -35.75 31.53
CA THR C 468 -13.43 -35.27 30.87
C THR C 468 -13.15 -33.89 30.25
N ARG C 469 -13.53 -33.70 29.00
CA ARG C 469 -13.44 -32.37 28.39
C ARG C 469 -14.57 -31.43 28.76
N LEU C 470 -14.35 -30.50 29.66
CA LEU C 470 -15.41 -29.58 30.08
C LEU C 470 -15.59 -28.53 28.98
N PRO C 471 -16.82 -28.34 28.45
CA PRO C 471 -17.05 -27.40 27.32
C PRO C 471 -16.83 -25.98 27.80
N LEU C 472 -16.18 -25.17 26.96
CA LEU C 472 -15.97 -23.77 27.33
C LEU C 472 -16.60 -22.82 26.28
N TYR C 473 -16.66 -21.54 26.64
CA TYR C 473 -17.24 -20.50 25.84
C TYR C 473 -16.21 -19.37 25.83
N GLY C 474 -16.42 -18.39 24.96
CA GLY C 474 -15.50 -17.22 24.84
C GLY C 474 -14.47 -17.44 23.77
N GLY C 475 -13.46 -16.56 23.70
CA GLY C 475 -12.64 -16.61 22.49
C GLY C 475 -11.46 -15.68 22.58
N CYS C 476 -10.91 -15.37 21.41
CA CYS C 476 -9.71 -14.53 21.31
C CYS C 476 -10.05 -13.05 21.05
N GLY C 477 -9.29 -12.15 21.67
CA GLY C 477 -9.51 -10.72 21.49
C GLY C 477 -9.48 -10.29 20.01
N ALA C 478 -8.67 -10.95 19.16
CA ALA C 478 -8.53 -10.53 17.77
C ALA C 478 -9.88 -10.56 17.04
N MET C 479 -10.83 -11.42 17.47
CA MET C 479 -12.11 -11.47 16.82
C MET C 479 -13.10 -10.48 17.45
N GLY C 480 -12.65 -9.80 18.47
CA GLY C 480 -13.61 -8.89 19.13
C GLY C 480 -14.42 -9.59 20.21
N TYR C 481 -13.90 -10.71 20.74
CA TYR C 481 -14.47 -11.22 22.02
C TYR C 481 -14.11 -10.23 23.16
N PHE C 482 -15.02 -10.19 24.16
CA PHE C 482 -14.74 -9.60 25.48
C PHE C 482 -14.48 -10.75 26.47
N THR C 483 -15.29 -11.84 26.36
CA THR C 483 -15.15 -13.03 27.20
C THR C 483 -14.00 -13.83 26.59
N ILE C 484 -12.86 -13.85 27.32
CA ILE C 484 -11.60 -14.39 26.70
C ILE C 484 -11.23 -15.80 27.15
N THR C 485 -11.17 -16.70 26.16
CA THR C 485 -10.73 -18.07 26.43
C THR C 485 -9.98 -18.40 25.16
N CYS C 486 -8.69 -18.22 25.17
CA CYS C 486 -7.94 -18.06 23.92
C CYS C 486 -6.81 -19.05 23.91
N SER C 487 -7.05 -20.19 23.26
CA SER C 487 -6.07 -21.28 23.20
C SER C 487 -4.89 -20.90 22.31
N GLU C 488 -3.71 -21.38 22.65
CA GLU C 488 -2.54 -21.28 21.77
C GLU C 488 -2.42 -22.45 20.80
N ASN C 489 -3.31 -23.41 20.95
CA ASN C 489 -3.31 -24.66 20.12
C ASN C 489 -3.96 -24.40 18.74
N ASP C 490 -3.33 -24.88 17.70
CA ASP C 490 -3.91 -24.74 16.35
C ASP C 490 -5.12 -25.68 16.30
N ILE C 491 -6.22 -25.29 15.62
CA ILE C 491 -7.46 -26.07 15.60
C ILE C 491 -7.18 -27.45 15.03
N THR C 492 -6.22 -27.52 14.10
CA THR C 492 -5.89 -28.79 13.48
C THR C 492 -5.18 -29.79 14.40
N GLN C 493 -4.79 -29.34 15.59
CA GLN C 493 -4.18 -30.24 16.59
C GLN C 493 -5.02 -30.56 17.77
N GLY C 494 -6.29 -30.91 17.55
CA GLY C 494 -7.19 -31.34 18.61
C GLY C 494 -8.10 -30.23 19.06
N GLY C 495 -8.17 -29.14 18.28
CA GLY C 495 -9.15 -28.06 18.58
C GLY C 495 -8.51 -27.06 19.50
N TYR C 496 -9.33 -26.21 20.10
CA TYR C 496 -8.91 -25.11 20.97
C TYR C 496 -8.80 -25.55 22.41
N SER C 497 -7.96 -26.57 22.61
CA SER C 497 -7.66 -27.14 23.95
C SER C 497 -7.10 -26.02 24.82
N MET C 498 -7.57 -25.95 26.06
CA MET C 498 -7.03 -24.99 27.04
C MET C 498 -6.04 -25.70 28.01
N ASP C 499 -5.57 -26.89 27.66
CA ASP C 499 -4.88 -27.72 28.64
C ASP C 499 -3.36 -27.48 28.65
N GLY C 500 -2.85 -26.76 27.67
CA GLY C 500 -1.42 -26.53 27.57
C GLY C 500 -1.05 -25.25 28.30
N GLN C 501 -0.50 -24.29 27.55
CA GLN C 501 -0.21 -22.92 28.12
C GLN C 501 -0.93 -21.94 27.22
N PRO C 502 -2.25 -21.78 27.45
CA PRO C 502 -3.01 -20.91 26.56
C PRO C 502 -2.55 -19.46 26.57
N ASN C 503 -3.00 -18.71 25.54
CA ASN C 503 -2.78 -17.25 25.51
C ASN C 503 -3.51 -16.60 26.70
N ALA C 504 -3.08 -15.37 27.07
CA ALA C 504 -3.78 -14.64 28.19
C ALA C 504 -5.31 -14.87 28.11
N SER C 505 -5.94 -15.41 29.16
CA SER C 505 -7.36 -15.67 29.12
C SER C 505 -8.00 -15.37 30.49
N ASN C 506 -9.34 -15.38 30.53
CA ASN C 506 -10.10 -15.27 31.81
C ASN C 506 -9.40 -16.21 32.86
N SER C 507 -9.15 -15.68 34.06
CA SER C 507 -8.23 -16.33 35.10
C SER C 507 -8.93 -16.08 36.44
N TYR C 508 -8.54 -15.04 37.18
CA TYR C 508 -9.36 -14.63 38.32
C TYR C 508 -10.38 -13.67 37.82
N MET C 509 -11.66 -13.88 38.15
CA MET C 509 -12.72 -12.93 37.80
C MET C 509 -13.46 -12.59 39.07
N GLN C 510 -13.80 -11.33 39.24
CA GLN C 510 -14.57 -10.95 40.43
C GLN C 510 -15.62 -9.90 40.03
N VAL C 511 -16.84 -10.05 40.58
CA VAL C 511 -17.85 -9.02 40.49
C VAL C 511 -18.12 -8.67 41.93
N VAL C 512 -17.86 -7.41 42.31
CA VAL C 512 -17.89 -7.05 43.75
C VAL C 512 -18.82 -5.86 43.93
N SER C 513 -19.64 -5.90 45.00
CA SER C 513 -20.49 -4.77 45.33
C SER C 513 -20.53 -4.60 46.85
N PHE C 514 -21.16 -3.50 47.32
CA PHE C 514 -21.18 -3.16 48.72
C PHE C 514 -22.62 -2.91 49.19
N PRO C 515 -23.44 -3.98 49.20
CA PRO C 515 -24.74 -3.74 49.86
C PRO C 515 -24.63 -3.41 51.35
N ALA C 516 -25.79 -3.00 51.93
CA ALA C 516 -25.79 -2.47 53.29
C ALA C 516 -25.25 -3.51 54.23
N SER C 517 -25.53 -4.78 53.97
CA SER C 517 -25.08 -5.85 54.88
C SER C 517 -23.59 -6.15 54.84
N GLY C 518 -22.86 -5.62 53.86
CA GLY C 518 -21.42 -5.99 53.75
C GLY C 518 -21.04 -6.33 52.31
N VAL C 519 -19.77 -6.14 52.01
CA VAL C 519 -19.21 -6.40 50.65
C VAL C 519 -19.64 -7.80 50.21
N GLN C 520 -19.99 -7.97 48.93
CA GLN C 520 -20.34 -9.31 48.40
C GLN C 520 -19.53 -9.51 47.16
N ALA C 521 -18.85 -10.66 47.02
CA ALA C 521 -18.02 -10.91 45.83
C ALA C 521 -18.37 -12.25 45.20
N HIS C 522 -18.49 -12.25 43.86
CA HIS C 522 -18.72 -13.48 43.11
C HIS C 522 -17.50 -13.69 42.27
N THR C 523 -16.95 -14.90 42.33
CA THR C 523 -15.60 -15.08 41.72
C THR C 523 -15.48 -16.31 40.86
N PHE C 524 -14.49 -16.27 39.99
CA PHE C 524 -13.95 -17.53 39.42
C PHE C 524 -12.43 -17.54 39.53
N LEU C 525 -11.86 -18.75 39.59
CA LEU C 525 -10.44 -18.94 39.27
C LEU C 525 -10.48 -20.07 38.21
N THR C 526 -10.41 -19.66 36.96
CA THR C 526 -10.89 -20.56 35.91
C THR C 526 -10.12 -21.90 35.86
N PHE C 527 -8.79 -21.86 36.03
CA PHE C 527 -7.96 -23.06 35.95
C PHE C 527 -7.91 -23.88 37.24
N SER C 528 -8.61 -23.39 38.30
CA SER C 528 -8.69 -23.96 39.64
C SER C 528 -7.45 -23.64 40.51
N LEU C 529 -7.57 -23.87 41.81
CA LEU C 529 -6.56 -23.34 42.72
C LEU C 529 -5.24 -24.05 42.65
N SER C 530 -5.25 -25.37 42.43
CA SER C 530 -4.00 -26.19 42.55
C SER C 530 -3.52 -26.74 41.19
N ASP C 531 -2.21 -26.79 41.04
CA ASP C 531 -1.60 -27.35 39.83
C ASP C 531 -1.39 -28.86 39.92
N ASP C 532 -1.77 -29.49 41.04
CA ASP C 532 -1.55 -30.90 41.27
C ASP C 532 -2.78 -31.68 40.75
N PRO C 533 -2.57 -32.52 39.72
CA PRO C 533 -3.76 -33.23 39.17
C PRO C 533 -4.48 -34.10 40.21
N ALA C 534 -3.80 -34.51 41.26
CA ALA C 534 -4.43 -35.34 42.32
C ALA C 534 -5.34 -34.54 43.26
N SER C 535 -5.16 -33.23 43.35
CA SER C 535 -5.91 -32.40 44.29
C SER C 535 -7.35 -32.28 43.88
N PRO C 536 -8.29 -32.26 44.84
CA PRO C 536 -9.70 -32.00 44.42
C PRO C 536 -9.81 -30.58 43.94
N HIS C 537 -8.80 -29.77 44.28
CA HIS C 537 -8.83 -28.36 43.77
C HIS C 537 -8.05 -28.14 42.49
N HIS C 538 -7.81 -29.21 41.69
CA HIS C 538 -7.22 -29.00 40.33
C HIS C 538 -8.30 -28.76 39.31
N GLY C 539 -9.55 -29.23 39.56
CA GLY C 539 -10.60 -29.09 38.46
C GLY C 539 -12.00 -28.64 38.91
N ASP C 540 -12.15 -28.50 40.22
CA ASP C 540 -13.49 -28.09 40.75
C ASP C 540 -13.97 -26.74 40.30
N TYR C 541 -13.05 -25.78 40.37
CA TYR C 541 -13.44 -24.43 39.97
C TYR C 541 -13.66 -24.40 38.45
N THR C 542 -12.92 -25.24 37.68
CA THR C 542 -12.97 -25.21 36.22
C THR C 542 -14.34 -25.77 35.79
N LYS C 543 -14.80 -26.79 36.55
CA LYS C 543 -16.11 -27.35 36.30
C LYS C 543 -17.13 -26.25 36.53
N ALA C 544 -16.97 -25.45 37.58
CA ALA C 544 -17.91 -24.30 37.80
C ALA C 544 -17.86 -23.27 36.71
N TYR C 545 -16.66 -22.94 36.21
CA TYR C 545 -16.52 -21.96 35.16
C TYR C 545 -17.22 -22.48 33.89
N SER C 546 -17.01 -23.76 33.58
CA SER C 546 -17.61 -24.32 32.36
C SER C 546 -19.12 -24.17 32.47
N ALA C 547 -19.67 -24.41 33.68
CA ALA C 547 -21.10 -24.30 33.94
C ALA C 547 -21.61 -22.86 34.05
N GLY C 548 -20.71 -21.88 34.07
CA GLY C 548 -21.21 -20.51 34.25
C GLY C 548 -21.67 -20.21 35.66
N GLN C 549 -21.21 -21.01 36.65
CA GLN C 549 -21.69 -20.90 38.05
C GLN C 549 -20.73 -20.13 38.90
N TRP C 550 -20.97 -18.82 39.03
CA TRP C 550 -20.12 -17.97 39.85
C TRP C 550 -20.08 -18.46 41.28
N LEU C 551 -18.89 -18.36 41.88
CA LEU C 551 -18.77 -18.76 43.29
C LEU C 551 -19.04 -17.51 44.18
N ARG C 552 -20.00 -17.62 45.11
CA ARG C 552 -20.10 -16.56 46.10
C ARG C 552 -19.05 -16.89 47.13
N VAL C 553 -18.02 -16.06 47.23
CA VAL C 553 -16.88 -16.39 48.10
C VAL C 553 -17.19 -15.84 49.50
N PRO C 554 -17.12 -16.72 50.52
CA PRO C 554 -17.38 -16.22 51.92
C PRO C 554 -16.31 -15.23 52.34
N PHE C 555 -16.75 -14.24 53.10
CA PHE C 555 -15.91 -13.14 53.52
C PHE C 555 -15.95 -12.88 55.02
N THR C 556 -17.15 -12.70 55.58
CA THR C 556 -17.25 -12.48 57.06
C THR C 556 -16.92 -13.79 57.77
N GLU C 557 -16.68 -13.70 59.05
CA GLU C 557 -16.33 -14.92 59.80
C GLU C 557 -17.52 -15.87 59.76
N ALA C 558 -18.74 -15.31 59.87
CA ALA C 558 -19.91 -16.18 59.87
C ALA C 558 -20.08 -16.88 58.52
N GLU C 559 -19.80 -16.15 57.41
CA GLU C 559 -19.86 -16.77 56.09
C GLU C 559 -18.86 -17.87 55.94
N ILE C 560 -17.66 -17.67 56.44
CA ILE C 560 -16.57 -18.66 56.29
C ILE C 560 -16.91 -19.95 57.08
N THR C 561 -17.26 -19.76 58.35
CA THR C 561 -17.58 -20.89 59.19
C THR C 561 -18.90 -21.61 58.77
N GLY C 562 -19.86 -20.88 58.19
CA GLY C 562 -21.12 -21.45 57.75
C GLY C 562 -21.03 -22.08 56.36
N ASN C 563 -19.90 -21.94 55.69
CA ASN C 563 -19.73 -22.52 54.35
C ASN C 563 -19.83 -24.05 54.38
N ALA C 564 -20.51 -24.63 53.37
CA ALA C 564 -20.82 -26.08 53.37
C ALA C 564 -19.55 -26.93 53.36
N ASP C 565 -18.41 -26.38 52.90
CA ASP C 565 -17.16 -27.13 52.82
C ASP C 565 -16.11 -26.70 53.84
N TYR C 566 -16.55 -26.00 54.88
CA TYR C 566 -15.62 -25.39 55.76
C TYR C 566 -14.75 -26.40 56.50
N ARG C 567 -13.45 -26.16 56.50
CA ARG C 567 -12.54 -26.93 57.35
C ARG C 567 -11.60 -25.94 57.95
N THR C 568 -11.08 -26.25 59.15
CA THR C 568 -10.09 -25.38 59.76
C THR C 568 -8.92 -26.18 60.34
N ALA C 569 -7.75 -25.58 60.33
CA ALA C 569 -6.61 -26.21 61.04
C ALA C 569 -5.63 -25.09 61.31
N THR C 570 -4.80 -25.28 62.31
CA THR C 570 -3.90 -24.18 62.69
C THR C 570 -2.46 -24.66 62.46
N VAL C 571 -1.59 -23.85 61.84
CA VAL C 571 -0.15 -24.20 61.69
C VAL C 571 0.70 -23.26 62.55
N LYS C 572 1.65 -23.81 63.32
CA LYS C 572 2.46 -22.99 64.19
C LYS C 572 3.90 -23.50 64.17
N GLU C 573 4.84 -22.60 64.37
CA GLU C 573 6.19 -23.01 64.65
C GLU C 573 6.97 -21.85 65.27
N LEU C 574 8.05 -22.17 65.99
CA LEU C 574 8.97 -21.10 66.51
C LEU C 574 9.53 -20.21 65.39
N GLU C 575 9.49 -18.87 65.54
CA GLU C 575 10.07 -17.98 64.49
C GLU C 575 11.57 -18.24 64.27
N SER D 7 5.74 -35.36 -29.72
CA SER D 7 5.86 -36.46 -28.72
C SER D 7 4.92 -36.26 -27.53
N THR D 8 4.65 -37.36 -26.85
CA THR D 8 3.64 -37.43 -25.84
C THR D 8 4.33 -38.14 -24.64
N TYR D 9 4.22 -37.60 -23.43
CA TYR D 9 4.40 -38.44 -22.25
C TYR D 9 3.29 -39.45 -22.16
N SER D 10 3.61 -40.72 -21.88
CA SER D 10 2.57 -41.72 -21.62
C SER D 10 3.12 -42.69 -20.57
N ALA D 11 2.44 -42.83 -19.42
CA ALA D 11 2.87 -43.78 -18.41
C ALA D 11 1.68 -44.62 -17.97
N GLU D 12 1.93 -45.91 -17.69
CA GLU D 12 0.93 -46.78 -17.12
CA GLU D 12 0.90 -46.74 -17.10
C GLU D 12 1.19 -46.78 -15.61
N ILE D 13 0.15 -46.49 -14.82
CA ILE D 13 0.25 -46.51 -13.39
C ILE D 13 -0.45 -47.76 -12.90
N ARG D 14 0.28 -48.70 -12.31
CA ARG D 14 -0.36 -49.86 -11.69
C ARG D 14 -0.23 -49.68 -10.18
N ARG D 15 -1.33 -49.81 -9.46
CA ARG D 15 -1.26 -49.75 -8.02
C ARG D 15 -1.61 -51.09 -7.45
N THR D 16 -0.89 -51.45 -6.38
CA THR D 16 -1.12 -52.74 -5.72
C THR D 16 -1.41 -52.48 -4.21
N THR D 17 -1.42 -53.54 -3.41
CA THR D 17 -1.74 -53.42 -1.96
C THR D 17 -0.93 -52.27 -1.32
N MET D 18 -1.59 -51.52 -0.43
CA MET D 18 -1.02 -50.32 0.23
C MET D 18 -0.89 -49.13 -0.70
N GLY D 19 -1.43 -49.27 -1.92
CA GLY D 19 -1.36 -48.19 -2.93
C GLY D 19 0.01 -48.11 -3.62
N VAL D 20 0.91 -49.07 -3.41
CA VAL D 20 2.28 -48.94 -4.00
C VAL D 20 2.15 -48.81 -5.54
N PRO D 21 2.66 -47.71 -6.13
CA PRO D 21 2.53 -47.55 -7.57
C PRO D 21 3.72 -48.16 -8.29
N HIS D 22 3.44 -48.79 -9.45
CA HIS D 22 4.50 -49.42 -10.33
C HIS D 22 4.28 -48.71 -11.64
N ILE D 23 5.14 -47.70 -11.90
CA ILE D 23 5.06 -46.89 -13.15
C ILE D 23 5.76 -47.68 -14.26
N LYS D 24 5.06 -47.86 -15.37
CA LYS D 24 5.64 -48.52 -16.58
C LYS D 24 5.62 -47.52 -17.75
N ALA D 25 6.78 -47.30 -18.40
CA ALA D 25 6.85 -46.28 -19.45
C ALA D 25 7.92 -46.69 -20.46
N GLY D 26 7.84 -46.13 -21.68
CA GLY D 26 8.72 -46.66 -22.74
C GLY D 26 10.03 -45.86 -22.76
N ASN D 27 10.14 -44.83 -21.90
CA ASN D 27 11.31 -43.96 -21.93
C ASN D 27 11.42 -43.19 -20.63
N TRP D 28 12.57 -42.55 -20.42
CA TRP D 28 12.80 -41.95 -19.10
C TRP D 28 11.90 -40.75 -18.81
N GLY D 29 11.66 -39.93 -19.84
CA GLY D 29 10.76 -38.75 -19.67
C GLY D 29 9.39 -39.24 -19.19
N SER D 30 8.87 -40.28 -19.88
CA SER D 30 7.54 -40.82 -19.52
C SER D 30 7.57 -41.50 -18.15
N ALA D 31 8.68 -42.15 -17.76
CA ALA D 31 8.69 -42.70 -16.39
C ALA D 31 8.61 -41.53 -15.36
N GLY D 32 9.33 -40.44 -15.60
CA GLY D 32 9.31 -39.28 -14.69
C GLY D 32 7.88 -38.70 -14.62
N TYR D 33 7.22 -38.60 -15.77
CA TYR D 33 5.82 -38.14 -15.79
C TYR D 33 4.94 -38.97 -14.86
N GLY D 34 4.99 -40.29 -14.99
CA GLY D 34 4.16 -41.15 -14.13
C GLY D 34 4.56 -41.03 -12.64
N PHE D 35 5.87 -40.93 -12.33
CA PHE D 35 6.33 -40.90 -10.91
C PHE D 35 5.94 -39.56 -10.25
N GLY D 36 6.08 -38.44 -11.00
CA GLY D 36 5.72 -37.10 -10.45
C GLY D 36 4.24 -37.05 -10.19
N TYR D 37 3.50 -37.60 -11.13
CA TYR D 37 2.05 -37.70 -10.93
C TYR D 37 1.65 -38.46 -9.68
N VAL D 38 2.19 -39.66 -9.48
CA VAL D 38 1.68 -40.47 -8.33
C VAL D 38 2.17 -39.88 -7.02
N GLN D 39 3.37 -39.28 -7.03
CA GLN D 39 3.85 -38.66 -5.76
C GLN D 39 2.90 -37.52 -5.37
N ALA D 40 2.58 -36.63 -6.35
CA ALA D 40 1.62 -35.51 -6.09
C ALA D 40 0.24 -36.07 -5.67
N GLN D 41 -0.20 -37.11 -6.39
CA GLN D 41 -1.55 -37.67 -6.15
C GLN D 41 -1.69 -38.11 -4.68
N ASP D 42 -0.60 -38.64 -4.15
CA ASP D 42 -0.63 -39.10 -2.74
C ASP D 42 -0.14 -38.06 -1.75
N ASN D 43 0.64 -37.06 -2.15
CA ASN D 43 1.31 -36.19 -1.13
C ASN D 43 1.32 -34.73 -1.51
N LEU D 44 0.29 -34.30 -2.24
CA LEU D 44 0.33 -32.94 -2.81
C LEU D 44 0.65 -31.86 -1.75
N CYS D 45 -0.02 -31.91 -0.60
CA CYS D 45 0.16 -30.83 0.39
C CYS D 45 1.61 -30.69 0.88
N THR D 46 2.24 -31.81 1.24
CA THR D 46 3.67 -31.79 1.67
C THR D 46 4.54 -31.29 0.49
N MET D 47 4.28 -31.83 -0.71
CA MET D 47 5.11 -31.43 -1.87
C MET D 47 4.96 -29.96 -2.27
N ALA D 48 3.72 -29.46 -2.32
CA ALA D 48 3.51 -28.08 -2.76
C ALA D 48 4.17 -27.13 -1.72
N ASP D 49 4.01 -27.47 -0.45
CA ASP D 49 4.74 -26.70 0.58
C ASP D 49 6.25 -26.75 0.36
N SER D 50 6.77 -27.92 0.00
CA SER D 50 8.22 -28.06 -0.16
C SER D 50 8.75 -27.24 -1.35
N PHE D 51 7.96 -27.14 -2.43
CA PHE D 51 8.45 -26.32 -3.53
C PHE D 51 8.62 -24.82 -3.20
N LEU D 52 7.79 -24.34 -2.29
CA LEU D 52 8.02 -23.00 -1.73
C LEU D 52 9.41 -22.92 -1.03
N THR D 53 9.75 -23.98 -0.29
CA THR D 53 11.04 -23.94 0.42
C THR D 53 12.19 -23.83 -0.60
N TYR D 54 12.23 -24.76 -1.58
CA TYR D 54 13.45 -24.81 -2.43
C TYR D 54 13.57 -23.60 -3.35
N ARG D 55 12.43 -22.99 -3.73
CA ARG D 55 12.36 -21.79 -4.56
C ARG D 55 12.61 -20.49 -3.72
N GLY D 56 12.58 -20.58 -2.38
CA GLY D 56 12.78 -19.35 -1.56
C GLY D 56 11.51 -18.52 -1.57
N GLU D 57 10.36 -19.21 -1.65
CA GLU D 57 9.08 -18.45 -1.75
C GLU D 57 8.13 -18.68 -0.58
N ARG D 58 8.64 -19.23 0.54
CA ARG D 58 7.75 -19.49 1.69
C ARG D 58 7.15 -18.21 2.26
N SER D 59 8.00 -17.17 2.39
CA SER D 59 7.53 -16.00 3.14
C SER D 59 6.40 -15.29 2.41
N ARG D 60 6.48 -15.28 1.08
CA ARG D 60 5.46 -14.59 0.30
C ARG D 60 4.05 -15.09 0.70
N HIS D 61 3.93 -16.40 0.85
CA HIS D 61 2.62 -17.02 1.11
C HIS D 61 2.34 -17.20 2.57
N LEU D 62 3.38 -17.50 3.35
CA LEU D 62 3.12 -17.97 4.74
C LEU D 62 3.62 -17.06 5.85
N GLY D 63 4.30 -15.97 5.49
CA GLY D 63 4.82 -15.02 6.48
C GLY D 63 6.29 -15.32 6.69
N GLY D 64 7.11 -14.28 6.68
CA GLY D 64 8.56 -14.47 6.86
C GLY D 64 8.84 -14.96 8.27
N SER D 65 7.99 -14.64 9.25
CA SER D 65 8.41 -14.91 10.63
C SER D 65 7.95 -16.30 11.07
N ALA D 66 7.07 -16.95 10.30
CA ALA D 66 6.62 -18.31 10.62
C ALA D 66 7.76 -19.31 10.34
N GLN D 67 7.78 -20.38 11.10
CA GLN D 67 8.78 -21.44 10.83
C GLN D 67 8.33 -22.34 9.72
N LEU D 68 9.28 -23.11 9.14
CA LEU D 68 8.90 -24.21 8.25
C LEU D 68 7.89 -25.08 8.92
N VAL D 69 6.88 -25.50 8.18
CA VAL D 69 5.84 -26.38 8.68
C VAL D 69 6.39 -27.77 9.08
N TYR D 70 7.21 -28.36 8.22
CA TYR D 70 7.70 -29.74 8.43
C TYR D 70 9.15 -29.79 8.81
N ASN D 71 9.47 -30.69 9.74
CA ASN D 71 10.87 -31.02 9.96
C ASN D 71 11.45 -31.75 8.70
N SER D 72 12.77 -31.65 8.52
CA SER D 72 13.42 -32.25 7.37
C SER D 72 14.93 -32.05 7.64
N THR D 73 15.77 -32.39 6.66
CA THR D 73 17.23 -32.11 6.75
C THR D 73 17.56 -30.65 6.95
N LEU D 74 16.61 -29.80 6.64
CA LEU D 74 16.80 -28.35 6.81
C LEU D 74 16.53 -27.91 8.25
N GLY D 75 15.90 -28.76 9.07
CA GLY D 75 15.41 -28.30 10.39
C GLY D 75 14.28 -27.31 10.16
N ARG D 76 13.96 -26.49 11.15
CA ARG D 76 12.79 -25.59 11.03
C ARG D 76 13.19 -24.14 11.31
N PRO D 77 14.01 -23.54 10.43
CA PRO D 77 14.30 -22.12 10.60
C PRO D 77 13.06 -21.25 10.24
N ARG D 78 13.19 -19.95 10.40
CA ARG D 78 12.14 -19.07 9.98
C ARG D 78 12.12 -19.01 8.44
N ASN D 79 10.91 -18.86 7.90
CA ASN D 79 10.71 -18.72 6.49
C ASN D 79 11.62 -17.72 5.85
N ILE D 80 11.80 -16.53 6.45
CA ILE D 80 12.57 -15.47 5.78
C ILE D 80 14.01 -15.98 5.59
N ASP D 81 14.53 -16.63 6.62
CA ASP D 81 15.94 -17.08 6.55
C ASP D 81 16.12 -18.24 5.56
N SER D 82 15.17 -19.14 5.61
CA SER D 82 15.15 -20.23 4.66
C SER D 82 15.10 -19.73 3.22
N ASP D 83 14.26 -18.74 2.96
CA ASP D 83 14.12 -18.16 1.61
C ASP D 83 15.45 -17.60 1.13
N PHE D 84 16.08 -16.78 1.97
CA PHE D 84 17.39 -16.29 1.62
C PHE D 84 18.44 -17.38 1.41
N PHE D 85 18.48 -18.37 2.31
CA PHE D 85 19.38 -19.47 2.11
C PHE D 85 19.21 -20.11 0.74
N HIS D 86 17.99 -20.52 0.41
CA HIS D 86 17.75 -21.24 -0.84
C HIS D 86 18.02 -20.34 -2.05
N ARG D 87 17.65 -19.06 -2.00
CA ARG D 87 17.97 -18.17 -3.16
C ARG D 87 19.47 -17.96 -3.37
N HIS D 88 20.20 -17.95 -2.25
CA HIS D 88 21.65 -17.60 -2.32
C HIS D 88 22.45 -18.86 -2.72
N VAL D 89 22.17 -19.96 -2.04
CA VAL D 89 22.94 -21.18 -2.26
C VAL D 89 22.41 -22.00 -3.44
N ILE D 90 21.08 -22.10 -3.58
CA ILE D 90 20.54 -22.78 -4.73
C ILE D 90 20.12 -21.69 -5.75
N SER D 91 21.12 -20.93 -6.17
CA SER D 91 20.95 -19.86 -7.15
C SER D 91 20.69 -20.43 -8.53
N ASP D 92 20.35 -19.54 -9.48
CA ASP D 92 20.21 -19.99 -10.86
C ASP D 92 21.50 -20.59 -11.44
N GLU D 93 22.68 -20.09 -11.03
CA GLU D 93 23.94 -20.63 -11.50
C GLU D 93 24.16 -22.06 -10.98
N ALA D 94 23.80 -22.27 -9.72
CA ALA D 94 24.03 -23.54 -9.09
C ALA D 94 23.10 -24.49 -9.85
N VAL D 95 21.90 -24.03 -10.16
CA VAL D 95 20.92 -24.91 -10.90
C VAL D 95 21.47 -25.16 -12.33
N ASP D 96 21.98 -24.10 -12.97
CA ASP D 96 22.59 -24.25 -14.29
C ASP D 96 23.76 -25.26 -14.27
N ARG D 97 24.64 -25.12 -13.28
CA ARG D 97 25.76 -26.00 -13.24
C ARG D 97 25.36 -27.44 -12.99
N THR D 98 24.39 -27.62 -12.10
CA THR D 98 23.85 -28.97 -11.77
C THR D 98 23.33 -29.64 -13.07
N MET D 99 22.50 -28.87 -13.81
CA MET D 99 21.84 -29.40 -15.01
C MET D 99 22.84 -29.71 -16.12
N ALA D 100 23.86 -28.85 -16.26
CA ALA D 100 24.83 -29.00 -17.36
C ALA D 100 25.63 -30.32 -17.19
N ALA D 101 25.72 -30.82 -15.97
CA ALA D 101 26.43 -32.06 -15.62
C ALA D 101 25.62 -33.39 -15.79
N GLN D 102 24.37 -33.30 -16.20
CA GLN D 102 23.50 -34.50 -16.22
C GLN D 102 23.41 -35.20 -17.59
N PRO D 103 23.23 -36.55 -17.62
CA PRO D 103 22.89 -37.30 -18.85
C PRO D 103 21.53 -36.81 -19.38
N ALA D 104 21.40 -36.76 -20.70
CA ALA D 104 20.12 -36.41 -21.31
C ALA D 104 18.92 -37.15 -20.72
N LYS D 105 19.07 -38.46 -20.43
CA LYS D 105 17.93 -39.24 -19.94
C LYS D 105 17.41 -38.71 -18.62
N LEU D 106 18.32 -38.25 -17.73
CA LEU D 106 17.89 -37.69 -16.45
C LEU D 106 17.27 -36.30 -16.61
N LEU D 107 17.79 -35.49 -17.54
CA LEU D 107 17.14 -34.21 -17.74
C LEU D 107 15.72 -34.47 -18.28
N GLN D 108 15.58 -35.48 -19.13
CA GLN D 108 14.27 -35.77 -19.70
C GLN D 108 13.36 -36.29 -18.60
N MET D 109 13.95 -37.10 -17.69
CA MET D 109 13.13 -37.65 -16.60
C MET D 109 12.55 -36.53 -15.71
N VAL D 110 13.36 -35.50 -15.45
CA VAL D 110 13.01 -34.45 -14.50
C VAL D 110 12.02 -33.51 -15.18
N GLU D 111 12.16 -33.32 -16.48
CA GLU D 111 11.10 -32.57 -17.18
CA GLU D 111 11.13 -32.61 -17.27
C GLU D 111 9.77 -33.30 -17.15
N GLY D 112 9.80 -34.61 -17.33
CA GLY D 112 8.53 -35.44 -17.26
C GLY D 112 7.94 -35.30 -15.84
N PHE D 113 8.80 -35.40 -14.84
CA PHE D 113 8.40 -35.34 -13.43
C PHE D 113 7.67 -34.04 -13.11
N ALA D 114 8.25 -32.89 -13.52
CA ALA D 114 7.53 -31.63 -13.37
C ALA D 114 6.14 -31.67 -14.06
N ALA D 115 6.13 -32.14 -15.32
CA ALA D 115 4.88 -32.16 -16.10
C ALA D 115 3.83 -33.07 -15.41
N GLY D 116 4.28 -34.16 -14.79
CA GLY D 116 3.33 -35.14 -14.16
C GLY D 116 2.78 -34.58 -12.84
N TYR D 117 3.65 -33.93 -12.09
CA TYR D 117 3.23 -33.14 -10.88
C TYR D 117 2.22 -32.05 -11.28
N ASN D 118 2.49 -31.33 -12.38
CA ASN D 118 1.60 -30.26 -12.79
C ASN D 118 0.25 -30.82 -13.22
N ARG D 119 0.26 -31.98 -13.88
CA ARG D 119 -1.03 -32.57 -14.31
C ARG D 119 -1.89 -32.80 -13.05
N TYR D 120 -1.26 -33.35 -11.99
CA TYR D 120 -2.01 -33.59 -10.76
C TYR D 120 -2.49 -32.28 -10.11
N VAL D 121 -1.66 -31.24 -10.14
CA VAL D 121 -2.08 -29.89 -9.65
C VAL D 121 -3.36 -29.44 -10.40
N ARG D 122 -3.39 -29.58 -11.74
CA ARG D 122 -4.60 -29.20 -12.49
C ARG D 122 -5.82 -29.96 -11.96
N GLU D 123 -5.64 -31.25 -11.73
CA GLU D 123 -6.73 -32.11 -11.27
C GLU D 123 -7.23 -31.68 -9.86
N ALA D 124 -6.30 -31.40 -8.97
CA ALA D 124 -6.68 -30.96 -7.61
C ALA D 124 -7.40 -29.61 -7.68
N LYS D 125 -6.95 -28.68 -8.54
CA LYS D 125 -7.60 -27.38 -8.59
C LYS D 125 -9.01 -27.55 -9.14
N ALA D 126 -9.21 -28.51 -10.06
CA ALA D 126 -10.55 -28.68 -10.63
C ALA D 126 -11.60 -29.21 -9.64
N GLY D 127 -11.22 -30.05 -8.69
CA GLY D 127 -12.26 -30.62 -7.78
C GLY D 127 -11.70 -31.81 -7.03
N GLY D 128 -12.61 -32.62 -6.46
CA GLY D 128 -12.26 -33.90 -5.78
C GLY D 128 -12.14 -33.84 -4.28
N SER D 129 -12.24 -35.01 -3.63
CA SER D 129 -12.20 -35.09 -2.17
C SER D 129 -10.77 -35.23 -1.67
N ALA D 130 -9.76 -35.25 -2.54
CA ALA D 130 -8.39 -35.38 -2.05
C ALA D 130 -7.73 -34.04 -1.76
N HIS D 131 -6.85 -34.04 -0.76
CA HIS D 131 -5.99 -32.92 -0.41
C HIS D 131 -6.81 -31.73 -0.05
N ALA D 132 -7.91 -31.97 0.65
CA ALA D 132 -8.81 -30.90 1.10
C ALA D 132 -8.01 -29.84 1.90
N ALA D 133 -6.99 -30.28 2.62
CA ALA D 133 -6.17 -29.36 3.46
C ALA D 133 -5.55 -28.21 2.65
N CYS D 134 -5.25 -28.43 1.36
CA CYS D 134 -4.46 -27.41 0.61
C CYS D 134 -4.87 -27.17 -0.82
N ARG D 135 -5.84 -27.95 -1.33
CA ARG D 135 -6.01 -27.96 -2.80
C ARG D 135 -6.41 -26.58 -3.36
N SER D 136 -7.05 -25.73 -2.55
CA SER D 136 -7.47 -24.44 -3.09
C SER D 136 -6.47 -23.31 -2.74
N GLU D 137 -5.35 -23.63 -2.08
CA GLU D 137 -4.41 -22.57 -1.64
C GLU D 137 -3.55 -22.08 -2.79
N ALA D 138 -3.08 -20.84 -2.70
CA ALA D 138 -2.30 -20.25 -3.83
C ALA D 138 -0.99 -20.99 -4.07
N TRP D 139 -0.42 -21.57 -3.00
CA TRP D 139 0.88 -22.21 -3.09
C TRP D 139 0.78 -23.59 -3.69
N VAL D 140 -0.43 -24.04 -4.06
CA VAL D 140 -0.55 -25.25 -4.87
C VAL D 140 -0.54 -24.74 -6.32
N GLN D 141 0.53 -25.09 -7.06
CA GLN D 141 0.72 -24.37 -8.35
C GLN D 141 1.74 -25.13 -9.16
N PRO D 142 1.72 -24.97 -10.50
CA PRO D 142 2.64 -25.77 -11.29
C PRO D 142 4.08 -25.35 -10.99
N ILE D 143 4.99 -26.27 -11.25
CA ILE D 143 6.43 -26.05 -11.01
C ILE D 143 7.20 -26.27 -12.33
N THR D 144 8.47 -25.99 -12.34
CA THR D 144 9.26 -26.25 -13.53
C THR D 144 10.29 -27.37 -13.30
N ALA D 145 10.90 -27.82 -14.41
CA ALA D 145 12.02 -28.81 -14.26
C ALA D 145 13.10 -28.21 -13.39
N ARG D 146 13.41 -26.93 -13.60
CA ARG D 146 14.44 -26.27 -12.74
C ARG D 146 14.11 -26.35 -11.27
N ASP D 147 12.82 -26.31 -10.94
CA ASP D 147 12.41 -26.37 -9.53
C ASP D 147 12.69 -27.75 -8.93
N VAL D 148 12.44 -28.78 -9.74
CA VAL D 148 12.78 -30.13 -9.33
C VAL D 148 14.29 -30.27 -9.16
N TRP D 149 15.08 -29.72 -10.09
CA TRP D 149 16.54 -29.64 -9.85
C TRP D 149 16.96 -28.91 -8.60
N ARG D 150 16.23 -27.84 -8.22
CA ARG D 150 16.52 -27.17 -6.91
C ARG D 150 16.31 -28.17 -5.74
N ARG D 151 15.22 -28.94 -5.79
CA ARG D 151 14.92 -29.91 -4.73
C ARG D 151 16.00 -31.02 -4.71
N ILE D 152 16.46 -31.43 -5.90
CA ILE D 152 17.45 -32.49 -6.02
C ILE D 152 18.79 -31.99 -5.42
N TYR D 153 19.21 -30.78 -5.82
CA TYR D 153 20.42 -30.24 -5.23
C TYR D 153 20.24 -30.04 -3.70
N ALA D 154 19.10 -29.56 -3.26
CA ALA D 154 18.90 -29.34 -1.82
C ALA D 154 19.22 -30.64 -1.03
N ALA D 155 18.85 -31.81 -1.59
CA ALA D 155 19.03 -33.08 -0.80
C ALA D 155 20.54 -33.36 -0.67
N ASN D 156 21.35 -32.85 -1.59
CA ASN D 156 22.82 -33.11 -1.52
C ASN D 156 23.43 -32.41 -0.32
N LEU D 157 22.75 -31.37 0.19
CA LEU D 157 23.37 -30.45 1.14
C LEU D 157 23.20 -30.79 2.62
N ALA D 158 22.59 -31.94 2.89
CA ALA D 158 22.16 -32.30 4.25
C ALA D 158 23.34 -32.38 5.22
N GLY D 159 24.53 -32.76 4.74
CA GLY D 159 25.66 -32.98 5.63
C GLY D 159 26.39 -31.68 5.87
N GLY D 160 26.00 -30.59 5.20
CA GLY D 160 26.83 -29.38 5.24
C GLY D 160 25.97 -28.11 5.25
N TYR D 161 25.72 -27.54 4.08
CA TYR D 161 25.04 -26.26 4.02
C TYR D 161 23.65 -26.27 4.70
N SER D 162 22.88 -27.37 4.61
CA SER D 162 21.54 -27.39 5.20
C SER D 162 21.58 -27.12 6.70
N ASN D 163 22.62 -27.57 7.39
CA ASN D 163 22.72 -27.42 8.83
C ASN D 163 23.06 -25.99 9.25
N PHE D 164 23.40 -25.13 8.29
CA PHE D 164 23.76 -23.74 8.62
C PHE D 164 22.94 -22.80 7.78
N ALA D 165 21.68 -23.17 7.49
CA ALA D 165 20.83 -22.30 6.64
C ALA D 165 20.62 -20.89 7.19
N GLU D 166 20.21 -20.78 8.46
CA GLU D 166 20.06 -19.45 9.06
C GLU D 166 21.39 -18.69 9.14
N ALA D 167 22.45 -19.41 9.52
CA ALA D 167 23.80 -18.75 9.60
C ALA D 167 24.27 -18.21 8.25
N ILE D 168 24.02 -18.94 7.16
CA ILE D 168 24.39 -18.49 5.82
C ILE D 168 23.51 -17.30 5.37
N ALA D 169 22.22 -17.32 5.74
CA ALA D 169 21.25 -16.28 5.36
C ALA D 169 21.56 -14.99 6.05
N ASN D 170 22.24 -15.07 7.20
CA ASN D 170 22.51 -13.88 8.01
C ASN D 170 23.98 -13.45 8.04
N ALA D 171 24.79 -13.95 7.11
CA ALA D 171 26.19 -13.49 7.04
C ALA D 171 26.22 -12.14 6.34
N GLN D 172 26.64 -11.11 7.06
CA GLN D 172 26.75 -9.76 6.48
C GLN D 172 28.02 -9.06 7.01
N PRO D 173 28.68 -8.26 6.14
CA PRO D 173 29.86 -7.54 6.65
C PRO D 173 29.43 -6.43 7.66
N PRO D 174 30.34 -6.05 8.57
CA PRO D 174 30.02 -5.24 9.76
C PRO D 174 29.16 -4.00 9.47
N PHE E 8 38.28 -14.75 23.42
CA PHE E 8 37.31 -15.87 23.14
C PHE E 8 36.89 -16.62 24.43
N GLU E 9 35.58 -16.75 24.68
CA GLU E 9 35.01 -17.42 25.88
C GLU E 9 34.25 -18.71 25.62
N PRO E 10 34.75 -19.87 26.10
CA PRO E 10 33.98 -21.09 25.89
C PRO E 10 32.54 -21.05 26.50
N GLY E 11 32.33 -20.29 27.58
CA GLY E 11 30.99 -20.03 28.18
C GLY E 11 29.98 -19.22 27.33
N ARG E 12 30.31 -19.09 26.05
CA ARG E 12 29.42 -18.47 25.08
C ARG E 12 29.30 -19.31 23.78
N THR E 13 30.01 -20.45 23.69
CA THR E 13 29.88 -21.39 22.54
C THR E 13 28.54 -22.13 22.60
N ARG E 14 27.82 -22.12 21.48
CA ARG E 14 26.57 -22.86 21.26
C ARG E 14 26.82 -23.89 20.16
N ALA E 15 26.94 -25.14 20.54
CA ALA E 15 27.20 -26.23 19.60
C ALA E 15 26.04 -26.32 18.63
N PRO E 16 26.33 -26.60 17.34
CA PRO E 16 25.20 -26.77 16.42
C PRO E 16 24.73 -28.24 16.39
N SER E 17 23.57 -28.49 15.79
CA SER E 17 23.22 -29.84 15.34
C SER E 17 24.05 -30.27 14.08
N LEU E 18 24.59 -31.48 14.12
CA LEU E 18 25.52 -31.95 13.07
C LEU E 18 25.18 -33.35 12.51
N GLN E 19 24.50 -34.20 13.28
CA GLN E 19 23.97 -35.45 12.76
C GLN E 19 22.80 -35.23 11.72
N VAL E 20 23.06 -35.45 10.42
CA VAL E 20 21.90 -35.37 9.54
C VAL E 20 20.75 -36.42 9.96
N GLY E 21 19.51 -35.90 10.08
CA GLY E 21 18.32 -36.71 10.44
C GLY E 21 17.98 -36.60 11.92
N SER F 1 19.56 -44.94 11.81
CA SER F 1 19.28 -45.96 10.73
C SER F 1 20.15 -47.21 10.93
N ASN F 2 19.62 -48.35 10.47
CA ASN F 2 20.39 -49.62 10.59
C ASN F 2 20.42 -50.22 9.22
N MET F 3 21.43 -51.03 9.00
CA MET F 3 21.34 -51.98 7.82
C MET F 3 22.22 -53.16 8.07
N TYR F 4 21.82 -54.30 7.46
CA TYR F 4 22.73 -55.46 7.40
C TYR F 4 22.82 -55.91 5.97
N GLY F 5 23.99 -56.46 5.59
CA GLY F 5 24.09 -57.26 4.38
C GLY F 5 24.58 -58.61 4.86
N PHE F 6 23.83 -59.69 4.58
CA PHE F 6 24.28 -61.01 4.94
C PHE F 6 24.77 -61.72 3.69
N GLY F 7 25.94 -62.28 3.73
CA GLY F 7 26.46 -62.99 2.54
C GLY F 7 26.10 -64.47 2.64
N THR F 8 26.64 -65.29 1.76
CA THR F 8 26.07 -66.63 1.66
C THR F 8 26.54 -67.56 2.79
N ALA F 9 27.67 -67.23 3.47
CA ALA F 9 27.98 -68.02 4.68
C ALA F 9 26.83 -67.83 5.72
N ALA F 10 26.24 -66.66 5.80
CA ALA F 10 25.16 -66.40 6.77
C ALA F 10 23.84 -66.90 6.28
N THR F 11 23.53 -66.82 4.98
CA THR F 11 22.21 -67.24 4.55
C THR F 11 22.14 -68.76 4.30
N GLY F 12 23.29 -69.39 4.05
CA GLY F 12 23.36 -70.81 3.59
C GLY F 12 22.64 -71.02 2.27
N GLU F 13 22.47 -69.97 1.45
CA GLU F 13 21.78 -70.07 0.14
C GLU F 13 22.71 -69.58 -0.93
N GLY F 14 22.23 -69.45 -2.19
CA GLY F 14 23.13 -69.03 -3.26
C GLY F 14 23.24 -67.51 -3.39
N SER F 15 22.43 -66.83 -2.59
CA SER F 15 22.55 -65.35 -2.55
C SER F 15 22.43 -64.83 -1.12
N GLY F 16 22.87 -63.58 -0.96
CA GLY F 16 22.74 -62.96 0.37
C GLY F 16 21.34 -62.37 0.65
N VAL F 17 21.24 -61.67 1.78
CA VAL F 17 19.96 -61.07 2.21
C VAL F 17 20.29 -59.65 2.64
N LEU F 18 19.47 -58.67 2.24
CA LEU F 18 19.78 -57.28 2.60
C LEU F 18 18.68 -56.82 3.50
N PHE F 19 19.04 -56.14 4.59
CA PHE F 19 17.98 -55.53 5.43
C PHE F 19 18.25 -54.05 5.39
N GLY F 20 17.29 -53.24 4.89
CA GLY F 20 17.47 -51.77 4.88
C GLY F 20 16.47 -51.19 5.89
N ASN F 21 16.99 -50.29 6.75
CA ASN F 21 16.12 -49.76 7.83
C ASN F 21 16.54 -48.31 8.15
N PRO F 22 16.32 -47.41 7.19
CA PRO F 22 16.65 -45.97 7.51
C PRO F 22 15.71 -45.46 8.59
N HIS F 23 16.27 -44.75 9.55
CA HIS F 23 15.39 -44.14 10.59
C HIS F 23 15.28 -42.70 10.17
N TRP F 24 14.06 -42.23 9.91
CA TRP F 24 13.96 -41.01 9.12
C TRP F 24 12.59 -40.39 9.42
N TYR F 25 12.28 -39.34 8.65
CA TYR F 25 11.14 -38.44 8.95
C TYR F 25 9.82 -39.17 8.66
N TRP F 26 8.81 -38.98 9.52
CA TRP F 26 7.50 -39.53 9.22
C TRP F 26 6.60 -38.53 8.46
N LYS F 27 6.99 -37.26 8.45
CA LYS F 27 6.26 -36.17 7.73
C LYS F 27 7.26 -35.32 7.01
N GLY F 28 6.77 -34.54 6.06
CA GLY F 28 7.68 -33.57 5.39
C GLY F 28 8.29 -34.11 4.10
N PRO F 29 8.94 -33.27 3.34
CA PRO F 29 9.34 -33.61 1.97
C PRO F 29 10.54 -34.47 1.87
N ASP F 30 11.27 -34.64 2.98
CA ASP F 30 12.31 -35.64 2.95
C ASP F 30 11.78 -37.06 3.27
N ARG F 31 10.49 -37.19 3.61
CA ARG F 31 10.05 -38.54 3.92
C ARG F 31 10.01 -39.42 2.66
N PHE F 32 10.07 -40.74 2.88
CA PHE F 32 10.15 -41.70 1.78
C PHE F 32 8.79 -41.98 1.11
N TYR F 33 8.84 -42.35 -0.17
CA TYR F 33 7.67 -42.70 -0.95
C TYR F 33 8.09 -43.98 -1.68
N GLN F 34 7.30 -45.02 -1.52
CA GLN F 34 7.66 -46.33 -2.10
C GLN F 34 7.05 -46.50 -3.50
N ALA F 35 7.82 -46.98 -4.49
CA ALA F 35 7.29 -47.08 -5.85
C ALA F 35 8.27 -48.01 -6.64
N GLN F 36 7.77 -48.45 -7.78
CA GLN F 36 8.62 -49.21 -8.73
C GLN F 36 8.59 -48.44 -10.05
N LEU F 37 9.76 -48.42 -10.74
CA LEU F 37 9.82 -47.80 -12.05
C LEU F 37 10.31 -48.89 -13.02
N THR F 38 9.58 -49.09 -14.11
CA THR F 38 9.88 -50.10 -15.13
C THR F 38 9.98 -49.28 -16.41
N ILE F 39 11.20 -49.14 -16.95
CA ILE F 39 11.42 -48.29 -18.16
C ILE F 39 11.93 -49.27 -19.19
N ASP F 40 11.16 -49.46 -20.23
CA ASP F 40 11.33 -50.56 -21.17
C ASP F 40 12.80 -50.67 -21.74
N GLY F 41 13.43 -51.81 -21.50
CA GLY F 41 14.80 -52.04 -21.93
C GLY F 41 15.89 -51.37 -21.11
N GLU F 42 15.54 -50.56 -20.10
CA GLU F 42 16.52 -49.73 -19.41
C GLU F 42 16.62 -49.98 -17.90
N ALA F 43 15.49 -50.15 -17.20
CA ALA F 43 15.51 -50.26 -15.76
C ALA F 43 14.23 -50.90 -15.23
N ASN F 44 14.39 -51.67 -14.18
CA ASN F 44 13.22 -52.15 -13.42
C ASN F 44 13.65 -52.17 -11.96
N VAL F 45 13.22 -51.14 -11.19
CA VAL F 45 13.77 -50.90 -9.86
C VAL F 45 12.60 -50.60 -8.91
N SER F 46 12.76 -50.98 -7.66
CA SER F 46 11.69 -50.80 -6.68
C SER F 46 12.33 -50.30 -5.34
N GLY F 47 11.62 -49.45 -4.59
CA GLY F 47 12.29 -48.92 -3.39
C GLY F 47 11.64 -47.61 -2.97
N VAL F 48 12.42 -46.68 -2.46
CA VAL F 48 11.87 -45.41 -2.01
C VAL F 48 12.76 -44.25 -2.54
N SER F 49 12.10 -43.10 -2.75
CA SER F 49 12.74 -41.81 -3.00
C SER F 49 12.22 -40.89 -1.92
N PHE F 50 12.96 -39.85 -1.60
CA PHE F 50 12.33 -38.72 -0.88
C PHE F 50 11.25 -38.16 -1.83
N LEU F 51 10.19 -37.58 -1.24
CA LEU F 51 9.18 -36.92 -2.08
C LEU F 51 9.94 -35.82 -2.89
N GLY F 52 9.62 -35.73 -4.17
CA GLY F 52 10.28 -34.82 -5.10
C GLY F 52 11.49 -35.30 -5.79
N LEU F 53 11.96 -36.50 -5.45
CA LEU F 53 13.10 -37.09 -6.21
C LEU F 53 12.59 -38.13 -7.19
N PRO F 54 13.26 -38.22 -8.35
CA PRO F 54 12.67 -39.06 -9.40
C PRO F 54 13.31 -40.44 -9.62
N VAL F 55 14.39 -40.73 -8.92
CA VAL F 55 14.97 -42.09 -8.95
C VAL F 55 15.02 -42.72 -7.56
N ILE F 56 15.21 -44.04 -7.51
CA ILE F 56 15.06 -44.74 -6.24
C ILE F 56 16.37 -44.60 -5.46
N GLN F 57 16.30 -44.23 -4.21
CA GLN F 57 17.54 -44.00 -3.40
C GLN F 57 17.93 -45.22 -2.53
N ILE F 58 16.93 -45.97 -2.07
CA ILE F 58 17.11 -47.20 -1.27
C ILE F 58 16.16 -48.18 -1.90
N GLY F 59 16.65 -49.35 -2.33
CA GLY F 59 15.68 -50.29 -2.89
C GLY F 59 16.47 -51.48 -3.49
N PHE F 60 15.97 -51.96 -4.63
CA PHE F 60 16.50 -53.23 -5.24
C PHE F 60 16.06 -53.29 -6.66
N ASN F 61 16.76 -54.14 -7.44
CA ASN F 61 16.29 -54.51 -8.75
C ASN F 61 16.49 -56.02 -8.93
N ASP F 62 16.48 -56.56 -10.15
CA ASP F 62 16.55 -58.02 -10.24
C ASP F 62 17.91 -58.61 -9.80
N SER F 63 18.88 -57.73 -9.57
CA SER F 63 20.26 -58.18 -9.41
C SER F 63 20.94 -57.69 -8.14
N VAL F 64 20.53 -56.54 -7.56
CA VAL F 64 21.23 -56.01 -6.39
C VAL F 64 20.21 -55.33 -5.49
N ALA F 65 20.49 -55.33 -4.19
CA ALA F 65 19.62 -54.61 -3.24
C ALA F 65 20.56 -53.77 -2.37
N TRP F 66 20.20 -52.57 -1.91
CA TRP F 66 21.12 -51.81 -1.10
C TRP F 66 20.37 -50.91 -0.17
N SER F 67 21.05 -50.34 0.81
CA SER F 67 20.44 -49.38 1.69
C SER F 67 21.55 -48.45 2.18
N HIS F 68 21.14 -47.44 2.94
CA HIS F 68 22.07 -46.41 3.43
C HIS F 68 21.82 -46.09 4.86
N THR F 69 22.86 -45.61 5.54
CA THR F 69 22.65 -45.05 6.86
C THR F 69 23.58 -43.78 6.91
N VAL F 70 23.16 -42.77 7.69
CA VAL F 70 24.04 -41.58 7.76
C VAL F 70 25.43 -41.91 8.30
N SER F 71 26.45 -41.35 7.62
CA SER F 71 27.82 -41.68 7.96
C SER F 71 28.42 -40.66 8.99
N THR F 72 29.35 -41.14 9.84
CA THR F 72 30.03 -40.23 10.76
C THR F 72 31.01 -39.30 10.03
N ALA F 73 31.28 -39.56 8.74
CA ALA F 73 32.31 -38.77 8.01
C ALA F 73 31.82 -37.36 7.79
N ARG F 74 32.59 -36.34 8.25
CA ARG F 74 32.16 -34.93 8.05
C ARG F 74 32.26 -34.56 6.57
N ARG F 75 31.28 -33.77 6.11
CA ARG F 75 31.17 -33.43 4.68
C ARG F 75 31.46 -31.96 4.40
N PHE F 76 31.85 -31.20 5.45
CA PHE F 76 32.04 -29.75 5.25
C PHE F 76 33.18 -29.31 6.11
N GLY F 77 33.58 -28.07 5.91
CA GLY F 77 34.61 -27.47 6.77
C GLY F 77 34.38 -25.99 6.76
N PHE F 78 35.12 -25.26 7.59
CA PHE F 78 35.11 -23.81 7.50
C PHE F 78 36.47 -23.27 7.08
N PHE F 79 36.43 -22.10 6.46
CA PHE F 79 37.65 -21.35 6.09
C PHE F 79 37.57 -19.99 6.74
N GLN F 80 38.59 -19.64 7.54
CA GLN F 80 38.61 -18.35 8.22
C GLN F 80 39.34 -17.42 7.28
N LEU F 81 38.74 -16.26 6.97
CA LEU F 81 39.31 -15.38 5.95
C LEU F 81 39.99 -14.17 6.56
N SER F 82 41.15 -13.77 6.00
CA SER F 82 41.87 -12.49 6.45
C SER F 82 41.61 -11.29 5.53
N LEU F 83 40.96 -10.28 6.08
CA LEU F 83 40.18 -9.32 5.25
C LEU F 83 41.06 -8.20 4.79
N VAL F 84 40.86 -7.74 3.55
CA VAL F 84 41.71 -6.72 2.90
C VAL F 84 41.44 -5.40 3.63
N GLN F 85 42.49 -4.61 3.85
CA GLN F 85 42.29 -3.42 4.61
C GLN F 85 41.11 -2.64 3.98
N GLY F 86 40.28 -2.11 4.80
CA GLY F 86 39.21 -1.13 4.35
C GLY F 86 38.17 -1.73 3.43
N GLU F 87 38.21 -3.05 3.26
CA GLU F 87 37.29 -3.67 2.33
C GLU F 87 36.86 -5.00 2.91
N PRO F 88 35.91 -4.98 3.87
CA PRO F 88 35.59 -6.20 4.61
C PRO F 88 34.88 -7.25 3.77
N THR F 89 34.67 -6.95 2.48
CA THR F 89 34.03 -7.93 1.56
C THR F 89 35.11 -8.38 0.54
N SER F 90 36.39 -8.13 0.88
CA SER F 90 37.52 -8.75 0.21
C SER F 90 38.39 -9.51 1.21
N TYR F 91 39.08 -10.55 0.73
CA TYR F 91 39.97 -11.36 1.61
C TYR F 91 41.31 -11.64 0.93
N LEU F 92 42.32 -11.99 1.74
CA LEU F 92 43.68 -12.16 1.21
C LEU F 92 43.95 -13.62 0.83
N ARG F 93 44.56 -13.86 -0.32
CA ARG F 93 44.99 -15.19 -0.65
C ARG F 93 46.50 -15.10 -0.82
N ASP F 94 47.27 -15.65 0.15
CA ASP F 94 48.76 -15.54 0.12
C ASP F 94 49.16 -14.10 -0.09
N GLY F 95 48.48 -13.20 0.62
CA GLY F 95 48.68 -11.76 0.52
C GLY F 95 48.14 -11.01 -0.70
N VAL F 96 47.44 -11.70 -1.60
CA VAL F 96 46.77 -11.01 -2.74
C VAL F 96 45.26 -10.84 -2.56
N PRO F 97 44.74 -9.62 -2.80
CA PRO F 97 43.28 -9.36 -2.59
C PRO F 97 42.37 -10.09 -3.58
N VAL F 98 41.30 -10.69 -3.05
CA VAL F 98 40.26 -11.32 -3.86
C VAL F 98 38.90 -10.78 -3.37
N LYS F 99 38.03 -10.38 -4.29
CA LYS F 99 36.74 -9.82 -3.89
C LYS F 99 35.80 -10.99 -3.68
N MET F 100 35.01 -10.93 -2.62
CA MET F 100 33.85 -11.86 -2.48
C MET F 100 32.83 -11.52 -3.55
N LYS F 101 32.00 -12.49 -3.96
CA LYS F 101 31.04 -12.24 -5.02
C LYS F 101 29.74 -11.89 -4.34
N PRO F 102 29.18 -10.69 -4.63
CA PRO F 102 27.91 -10.29 -3.97
C PRO F 102 26.69 -10.83 -4.73
N ALA F 103 25.60 -11.06 -4.01
CA ALA F 103 24.29 -11.26 -4.65
C ALA F 103 23.30 -10.42 -3.87
N THR F 104 22.62 -9.46 -4.48
CA THR F 104 21.61 -8.72 -3.72
C THR F 104 20.23 -9.35 -4.05
N ILE F 105 19.64 -9.91 -3.02
CA ILE F 105 18.52 -10.81 -3.15
C ILE F 105 17.36 -10.14 -2.49
N THR F 106 16.21 -10.14 -3.17
CA THR F 106 14.99 -9.59 -2.62
C THR F 106 13.92 -10.67 -2.50
N VAL F 107 13.41 -10.85 -1.29
CA VAL F 107 12.42 -11.92 -1.00
C VAL F 107 11.12 -11.18 -0.62
N PRO F 108 10.04 -11.44 -1.35
CA PRO F 108 8.74 -10.89 -0.92
C PRO F 108 8.22 -11.63 0.30
N SER F 109 7.70 -10.83 1.24
CA SER F 109 7.36 -11.36 2.56
C SER F 109 5.98 -10.92 3.04
N ARG F 110 5.11 -11.87 3.35
CA ARG F 110 3.79 -11.51 3.83
C ARG F 110 3.82 -11.06 5.31
N ASN F 111 3.18 -9.93 5.59
CA ASN F 111 3.09 -9.37 6.94
C ASN F 111 1.97 -9.88 7.82
N ALA F 112 2.12 -9.60 9.13
CA ALA F 112 1.08 -9.78 10.15
C ALA F 112 -0.31 -9.47 9.58
N ASP F 113 -0.44 -8.26 9.05
CA ASP F 113 -1.74 -7.75 8.55
C ASP F 113 -2.09 -8.23 7.13
N GLY F 114 -1.38 -9.22 6.62
CA GLY F 114 -1.65 -9.79 5.29
C GLY F 114 -1.19 -9.01 4.04
N SER F 115 -0.55 -7.86 4.22
CA SER F 115 0.08 -7.19 3.04
C SER F 115 1.42 -7.90 2.73
N VAL F 116 1.98 -7.66 1.54
CA VAL F 116 3.31 -8.20 1.11
C VAL F 116 4.35 -7.10 0.90
N SER F 117 5.53 -7.25 1.52
CA SER F 117 6.60 -6.27 1.29
C SER F 117 7.95 -6.92 1.01
N ASP F 118 8.82 -6.19 0.31
CA ASP F 118 10.13 -6.74 -0.06
C ASP F 118 11.07 -6.68 1.09
N VAL F 119 11.81 -7.76 1.33
CA VAL F 119 12.99 -7.82 2.18
C VAL F 119 14.24 -8.04 1.28
N THR F 120 15.23 -7.14 1.39
CA THR F 120 16.44 -7.22 0.56
C THR F 120 17.71 -7.43 1.43
N ARG F 121 18.54 -8.41 1.07
CA ARG F 121 19.86 -8.57 1.73
C ARG F 121 20.90 -8.73 0.61
N THR F 122 22.11 -8.21 0.83
CA THR F 122 23.20 -8.54 -0.09
C THR F 122 24.03 -9.62 0.60
N LEU F 123 24.13 -10.82 -0.01
CA LEU F 123 24.86 -11.94 0.60
C LEU F 123 26.07 -12.27 -0.24
N TYR F 124 26.98 -13.09 0.30
CA TYR F 124 28.31 -13.22 -0.36
C TYR F 124 28.77 -14.67 -0.54
N HIS F 125 29.51 -14.91 -1.64
CA HIS F 125 30.27 -16.15 -1.78
C HIS F 125 31.75 -15.85 -1.76
N SER F 126 32.56 -16.80 -1.25
CA SER F 126 34.06 -16.74 -1.41
C SER F 126 34.34 -17.90 -2.36
N GLU F 127 35.60 -18.11 -2.70
CA GLU F 127 35.95 -19.20 -3.62
C GLU F 127 35.72 -20.55 -2.92
N PHE F 128 35.57 -20.54 -1.60
CA PHE F 128 35.35 -21.81 -0.82
C PHE F 128 33.89 -22.19 -0.75
N GLY F 129 33.00 -21.19 -0.87
CA GLY F 129 31.61 -21.45 -0.57
C GLY F 129 31.03 -20.20 0.05
N PRO F 130 29.76 -20.28 0.46
CA PRO F 130 29.11 -19.05 0.93
C PRO F 130 29.69 -18.54 2.23
N LEU F 131 29.64 -17.22 2.48
CA LEU F 131 29.94 -16.69 3.82
C LEU F 131 28.93 -17.18 4.83
N VAL F 132 29.36 -17.35 6.08
CA VAL F 132 28.49 -17.93 7.09
C VAL F 132 28.69 -17.14 8.36
N ASN F 133 27.57 -16.87 9.01
CA ASN F 133 27.59 -16.07 10.24
C ASN F 133 27.84 -17.03 11.37
N LEU F 134 29.06 -16.99 11.92
CA LEU F 134 29.38 -17.89 13.00
C LEU F 134 29.25 -17.28 14.37
N ALA F 135 28.67 -16.06 14.50
CA ALA F 135 28.50 -15.42 15.83
C ALA F 135 27.61 -16.21 16.78
N GLY F 136 26.62 -16.91 16.22
CA GLY F 136 25.71 -17.76 16.99
C GLY F 136 26.43 -18.98 17.56
N LEU F 137 27.45 -19.46 16.84
CA LEU F 137 28.29 -20.54 17.34
C LEU F 137 29.11 -20.04 18.53
N ASN F 138 29.73 -18.87 18.40
CA ASN F 138 30.37 -18.16 19.50
C ASN F 138 30.53 -16.70 19.07
N PRO F 139 30.16 -15.73 19.95
CA PRO F 139 30.24 -14.29 19.64
C PRO F 139 31.58 -13.75 19.12
N ALA F 140 32.71 -14.37 19.48
CA ALA F 140 34.01 -13.89 19.03
C ALA F 140 34.16 -14.14 17.53
N LEU F 141 33.29 -15.01 16.98
CA LEU F 141 33.41 -15.42 15.59
C LEU F 141 32.65 -14.52 14.60
N ALA F 142 32.50 -13.24 14.93
CA ALA F 142 31.65 -12.35 14.11
C ALA F 142 32.44 -11.95 12.88
N TRP F 143 31.75 -11.54 11.83
CA TRP F 143 32.38 -10.94 10.66
C TRP F 143 32.79 -9.54 11.07
N SER F 144 34.11 -9.32 11.24
CA SER F 144 34.66 -8.04 11.73
C SER F 144 35.37 -7.30 10.59
N GLN F 145 36.12 -6.23 10.93
CA GLN F 145 36.97 -5.56 9.97
C GLN F 145 38.16 -6.43 9.50
N GLY F 146 38.54 -7.42 10.30
CA GLY F 146 39.76 -8.20 10.02
C GLY F 146 39.52 -9.63 9.59
N THR F 147 38.40 -10.21 10.03
CA THR F 147 38.13 -11.62 9.75
C THR F 147 36.66 -11.95 9.39
N ALA F 148 36.50 -12.88 8.46
CA ALA F 148 35.20 -13.46 8.12
C ALA F 148 35.35 -14.97 8.00
N PHE F 149 34.24 -15.71 7.90
CA PHE F 149 34.25 -17.18 7.81
C PHE F 149 33.38 -17.64 6.65
N ALA F 150 33.89 -18.59 5.84
CA ALA F 150 33.06 -19.22 4.80
C ALA F 150 32.91 -20.70 5.14
N ILE F 151 31.85 -21.32 4.62
CA ILE F 151 31.62 -22.75 4.83
C ILE F 151 31.76 -23.40 3.45
N ARG F 152 32.45 -24.55 3.40
CA ARG F 152 32.57 -25.36 2.19
C ARG F 152 31.92 -26.71 2.47
N ASP F 153 30.91 -27.08 1.67
CA ASP F 153 30.30 -28.45 1.75
C ASP F 153 30.83 -29.15 0.49
N ILE F 154 31.51 -30.31 0.58
CA ILE F 154 32.04 -30.81 -0.71
CA ILE F 154 32.07 -30.98 -0.59
C ILE F 154 30.89 -31.22 -1.58
N ASN F 155 29.66 -31.36 -1.07
CA ASN F 155 28.58 -31.68 -2.01
C ASN F 155 28.05 -30.50 -2.83
N GLY F 156 28.51 -29.29 -2.48
CA GLY F 156 28.13 -28.06 -3.21
C GLY F 156 28.56 -28.13 -4.65
N GLU F 157 29.65 -28.84 -4.90
CA GLU F 157 30.15 -28.99 -6.23
C GLU F 157 30.04 -30.41 -6.73
N ASN F 158 29.15 -31.22 -6.16
CA ASN F 158 29.13 -32.64 -6.52
C ASN F 158 27.80 -32.79 -7.29
N PHE F 159 27.90 -32.81 -8.61
CA PHE F 159 26.68 -32.87 -9.44
C PHE F 159 26.41 -34.29 -9.91
N ARG F 160 26.97 -35.29 -9.19
CA ARG F 160 26.98 -36.70 -9.66
C ARG F 160 26.03 -37.58 -8.85
N THR F 161 25.32 -37.02 -7.87
CA THR F 161 24.66 -37.90 -6.91
C THR F 161 23.42 -38.57 -7.57
N LEU F 162 22.56 -37.78 -8.19
CA LEU F 162 21.34 -38.35 -8.79
C LEU F 162 21.67 -39.38 -9.88
N ARG F 163 22.68 -39.09 -10.72
CA ARG F 163 23.07 -40.03 -11.75
C ARG F 163 23.67 -41.31 -11.17
N THR F 164 24.32 -41.25 -10.01
CA THR F 164 24.82 -42.49 -9.37
C THR F 164 23.68 -43.38 -8.93
N TRP F 165 22.65 -42.80 -8.27
CA TRP F 165 21.44 -43.64 -7.98
C TRP F 165 20.80 -44.14 -9.23
N MET F 166 20.73 -43.32 -10.29
CA MET F 166 20.12 -43.81 -11.51
C MET F 166 20.93 -45.03 -11.99
N ARG F 167 22.29 -44.95 -12.02
CA ARG F 167 23.08 -46.07 -12.48
C ARG F 167 22.91 -47.33 -11.60
N TRP F 168 22.82 -47.12 -10.30
CA TRP F 168 22.55 -48.22 -9.40
C TRP F 168 21.18 -48.83 -9.68
N ASN F 169 20.19 -47.97 -9.96
CA ASN F 169 18.80 -48.49 -10.32
C ASN F 169 18.85 -49.45 -11.48
N GLN F 170 19.82 -49.22 -12.39
CA GLN F 170 20.01 -50.04 -13.63
C GLN F 170 21.03 -51.18 -13.52
N ALA F 171 21.73 -51.27 -12.36
CA ALA F 171 22.89 -52.19 -12.25
C ALA F 171 22.49 -53.63 -12.35
N LYS F 172 23.34 -54.42 -13.00
CA LYS F 172 23.04 -55.81 -13.27
C LYS F 172 23.81 -56.80 -12.40
N SER F 173 24.57 -56.30 -11.44
CA SER F 173 25.31 -57.19 -10.53
C SER F 173 25.93 -56.34 -9.42
N LEU F 174 26.27 -57.02 -8.33
CA LEU F 174 26.97 -56.35 -7.22
C LEU F 174 28.31 -55.84 -7.67
N ASP F 175 29.02 -56.57 -8.50
CA ASP F 175 30.24 -56.04 -9.09
C ASP F 175 30.05 -54.67 -9.79
N GLU F 176 29.00 -54.56 -10.62
CA GLU F 176 28.76 -53.31 -11.27
C GLU F 176 28.36 -52.22 -10.29
N PHE F 177 27.49 -52.58 -9.34
CA PHE F 177 27.12 -51.65 -8.23
C PHE F 177 28.37 -51.02 -7.56
N ILE F 178 29.35 -51.88 -7.26
CA ILE F 178 30.61 -51.42 -6.59
C ILE F 178 31.42 -50.50 -7.52
N ALA F 179 31.54 -50.91 -8.79
CA ALA F 179 32.32 -50.14 -9.78
C ALA F 179 31.71 -48.75 -9.97
N ILE F 180 30.38 -48.71 -10.04
CA ILE F 180 29.65 -47.43 -10.13
C ILE F 180 29.99 -46.58 -8.89
N GLN F 181 29.90 -47.20 -7.69
CA GLN F 181 30.18 -46.43 -6.46
C GLN F 181 31.58 -45.79 -6.51
N LYS F 182 32.54 -46.57 -6.98
CA LYS F 182 33.96 -46.13 -7.03
C LYS F 182 34.21 -45.15 -8.16
N GLU F 183 33.57 -45.37 -9.30
CA GLU F 183 33.76 -44.47 -10.41
C GLU F 183 33.16 -43.08 -10.12
N GLU F 184 32.01 -43.05 -9.41
CA GLU F 184 31.34 -41.76 -9.17
C GLU F 184 31.84 -41.06 -7.91
N ALA F 185 32.15 -41.86 -6.89
CA ALA F 185 32.69 -41.32 -5.60
C ALA F 185 31.82 -40.10 -5.18
N SER F 186 30.50 -40.29 -5.22
CA SER F 186 29.59 -39.17 -5.15
C SER F 186 28.62 -39.25 -3.97
N ILE F 187 28.55 -40.40 -3.29
CA ILE F 187 27.51 -40.59 -2.25
C ILE F 187 27.70 -39.51 -1.16
N PRO F 188 26.66 -38.73 -0.85
CA PRO F 188 27.07 -37.42 -0.23
C PRO F 188 27.21 -37.39 1.30
N TRP F 189 26.46 -38.24 2.02
CA TRP F 189 26.56 -38.17 3.50
C TRP F 189 26.07 -39.49 4.12
N VAL F 190 26.17 -40.60 3.37
CA VAL F 190 25.73 -41.91 3.89
C VAL F 190 26.73 -43.02 3.57
N ASN F 191 26.70 -44.03 4.44
CA ASN F 191 27.31 -45.35 4.21
C ASN F 191 26.36 -46.07 3.23
N THR F 192 26.88 -47.16 2.64
CA THR F 192 26.10 -47.98 1.74
C THR F 192 26.41 -49.44 2.08
N VAL F 193 25.34 -50.25 2.14
CA VAL F 193 25.54 -51.72 2.14
C VAL F 193 24.70 -52.31 1.00
N ALA F 194 25.27 -53.32 0.32
CA ALA F 194 24.53 -53.92 -0.77
C ALA F 194 24.81 -55.44 -0.79
N VAL F 195 23.89 -56.14 -1.40
CA VAL F 195 23.96 -57.59 -1.63
CA VAL F 195 24.06 -57.59 -1.68
C VAL F 195 23.58 -57.80 -3.09
N GLY F 196 24.09 -58.84 -3.70
CA GLY F 196 23.84 -59.12 -5.15
C GLY F 196 23.40 -60.56 -5.36
N ARG F 197 22.52 -60.76 -6.36
CA ARG F 197 22.17 -62.09 -6.78
C ARG F 197 23.48 -62.80 -7.21
N GLY F 198 23.61 -64.05 -6.76
CA GLY F 198 24.74 -64.86 -7.13
C GLY F 198 26.10 -64.47 -6.48
N SER F 199 26.16 -63.50 -5.57
CA SER F 199 27.47 -63.15 -4.95
C SER F 199 27.53 -63.71 -3.56
N ALA F 200 28.65 -64.29 -3.21
CA ALA F 200 28.87 -64.80 -1.85
C ALA F 200 28.93 -63.65 -0.83
N LYS F 201 29.49 -62.49 -1.24
CA LYS F 201 29.97 -61.43 -0.30
C LYS F 201 28.97 -60.30 -0.21
N ALA F 202 28.67 -59.83 0.99
CA ALA F 202 27.93 -58.58 1.11
C ALA F 202 28.96 -57.41 1.13
N TRP F 203 28.52 -56.20 0.74
CA TRP F 203 29.40 -55.08 0.55
C TRP F 203 29.03 -53.99 1.53
N TYR F 204 30.04 -53.40 2.19
CA TYR F 204 29.85 -52.21 3.01
C TYR F 204 30.84 -51.15 2.47
N ALA F 205 30.42 -49.87 2.37
CA ALA F 205 31.36 -48.80 2.08
C ALA F 205 30.93 -47.45 2.63
N ASP F 206 31.93 -46.62 2.95
CA ASP F 206 31.70 -45.20 3.12
C ASP F 206 32.54 -44.56 2.01
N ILE F 207 32.16 -44.89 0.78
CA ILE F 207 32.88 -44.37 -0.42
C ILE F 207 31.91 -43.35 -1.02
N GLY F 208 32.30 -42.09 -1.00
CA GLY F 208 31.40 -41.06 -1.57
C GLY F 208 32.23 -39.76 -1.49
N ALA F 209 31.57 -38.61 -1.38
CA ALA F 209 32.30 -37.34 -1.45
C ALA F 209 32.64 -36.89 -0.03
N VAL F 210 33.93 -36.65 0.24
CA VAL F 210 34.44 -36.37 1.57
C VAL F 210 35.63 -35.39 1.43
N PRO F 211 35.62 -34.34 2.25
CA PRO F 211 36.73 -33.35 2.20
C PRO F 211 38.04 -34.05 2.47
N ASN F 212 39.09 -33.66 1.74
CA ASN F 212 40.42 -34.29 1.80
C ASN F 212 41.41 -33.30 2.46
N VAL F 213 41.71 -33.53 3.75
CA VAL F 213 42.80 -32.77 4.46
C VAL F 213 43.84 -33.73 5.07
N SER F 214 45.10 -33.30 5.18
CA SER F 214 46.13 -34.19 5.71
C SER F 214 46.27 -33.92 7.23
N PRO F 215 46.89 -34.86 7.97
CA PRO F 215 47.21 -34.55 9.35
C PRO F 215 48.12 -33.34 9.44
N ALA F 216 49.09 -33.23 8.54
CA ALA F 216 50.01 -32.08 8.58
C ALA F 216 49.20 -30.78 8.46
N GLN F 217 48.21 -30.76 7.56
CA GLN F 217 47.37 -29.56 7.40
C GLN F 217 46.54 -29.33 8.66
N THR F 218 45.94 -30.36 9.24
CA THR F 218 45.18 -30.16 10.46
C THR F 218 46.04 -29.52 11.55
N ALA F 219 47.28 -29.99 11.65
CA ALA F 219 48.18 -29.44 12.67
C ALA F 219 48.58 -27.99 12.40
N ALA F 220 48.75 -27.60 11.14
CA ALA F 220 49.33 -26.31 10.79
C ALA F 220 48.34 -25.26 10.33
N CYS F 221 47.19 -25.74 9.84
CA CYS F 221 46.17 -24.88 9.20
C CYS F 221 45.02 -24.49 10.11
N THR F 222 44.87 -25.19 11.23
CA THR F 222 43.79 -24.87 12.14
C THR F 222 44.08 -23.57 12.89
N THR F 223 43.20 -22.58 12.77
CA THR F 223 43.50 -21.26 13.37
C THR F 223 43.15 -21.38 14.84
N PRO F 224 43.55 -20.39 15.64
CA PRO F 224 43.21 -20.34 17.06
C PRO F 224 41.69 -20.39 17.35
N PHE F 225 40.86 -19.69 16.56
CA PHE F 225 39.41 -19.84 16.69
C PHE F 225 39.01 -21.27 16.36
N GLY F 226 39.62 -21.82 15.31
CA GLY F 226 39.38 -23.21 14.90
C GLY F 226 39.68 -24.21 16.03
N MET F 227 40.74 -23.93 16.79
CA MET F 227 41.08 -24.72 17.97
C MET F 227 40.06 -24.56 19.07
N ALA F 228 39.57 -23.34 19.24
CA ALA F 228 38.75 -22.97 20.39
C ALA F 228 37.34 -23.51 20.28
N VAL F 229 36.88 -23.67 19.04
CA VAL F 229 35.56 -24.17 18.70
C VAL F 229 35.61 -25.62 18.23
N GLY F 230 36.82 -26.15 18.09
CA GLY F 230 36.94 -27.50 17.55
C GLY F 230 36.17 -28.57 18.30
N GLN F 231 36.10 -28.46 19.63
CA GLN F 231 35.35 -29.50 20.34
C GLN F 231 33.86 -29.52 20.02
N ALA F 232 33.34 -28.43 19.47
CA ALA F 232 31.90 -28.37 19.12
C ALA F 232 31.68 -28.88 17.71
N LEU F 233 32.75 -29.18 16.98
CA LEU F 233 32.70 -29.46 15.54
C LEU F 233 33.72 -30.59 15.29
N PRO F 234 33.49 -31.74 15.91
CA PRO F 234 34.58 -32.73 15.92
C PRO F 234 34.91 -33.22 14.52
N ASN F 235 36.21 -33.18 14.21
CA ASN F 235 36.75 -33.64 12.95
C ASN F 235 36.37 -32.73 11.77
N VAL F 236 35.77 -31.56 12.04
CA VAL F 236 35.44 -30.65 10.94
C VAL F 236 36.70 -29.77 10.71
N PRO F 237 37.26 -29.75 9.47
CA PRO F 237 38.47 -28.90 9.33
C PRO F 237 38.08 -27.40 9.39
N PHE F 238 38.75 -26.65 10.26
CA PHE F 238 38.45 -25.25 10.46
C PHE F 238 39.76 -24.53 10.16
N PHE F 239 39.94 -24.12 8.92
CA PHE F 239 41.30 -23.80 8.44
C PHE F 239 41.50 -22.35 8.06
N ASP F 240 42.76 -21.93 7.97
CA ASP F 240 43.16 -20.61 7.55
C ASP F 240 42.99 -20.46 6.02
N GLY F 241 41.91 -19.79 5.59
CA GLY F 241 41.60 -19.62 4.15
C GLY F 241 42.47 -18.53 3.46
N SER F 242 43.40 -17.91 4.17
CA SER F 242 44.32 -16.95 3.53
C SER F 242 45.59 -17.66 2.97
N ARG F 243 45.72 -18.96 3.25
CA ARG F 243 46.88 -19.74 2.81
C ARG F 243 46.44 -20.80 1.81
N SER F 244 46.98 -20.72 0.59
CA SER F 244 46.59 -21.74 -0.42
C SER F 244 47.04 -23.15 0.04
N GLU F 245 48.11 -23.22 0.83
CA GLU F 245 48.56 -24.52 1.34
C GLU F 245 47.51 -25.18 2.23
N CYS F 246 46.48 -24.45 2.68
CA CYS F 246 45.41 -25.02 3.54
C CYS F 246 44.17 -25.46 2.72
N ASP F 247 44.17 -25.25 1.39
CA ASP F 247 43.07 -25.71 0.53
C ASP F 247 42.96 -27.20 0.61
N TRP F 248 41.74 -27.72 0.49
CA TRP F 248 41.61 -29.19 0.56
C TRP F 248 42.36 -29.78 -0.58
N LEU F 249 42.88 -30.97 -0.33
CA LEU F 249 43.82 -31.62 -1.26
C LEU F 249 43.13 -32.52 -2.31
N THR F 250 43.90 -32.85 -3.36
CA THR F 250 43.36 -33.76 -4.39
C THR F 250 44.35 -34.87 -4.58
N ASP F 251 43.89 -36.11 -4.40
CA ASP F 251 44.69 -37.31 -4.67
C ASP F 251 44.72 -37.64 -6.15
N ALA F 252 45.68 -38.48 -6.53
CA ALA F 252 45.71 -39.03 -7.91
C ALA F 252 44.45 -39.76 -8.36
N ASP F 253 43.79 -40.41 -7.40
CA ASP F 253 42.52 -41.14 -7.65
C ASP F 253 41.26 -40.45 -7.09
N SER F 254 41.34 -39.13 -6.92
CA SER F 254 40.17 -38.30 -6.54
C SER F 254 39.31 -38.01 -7.77
N VAL F 255 38.04 -38.22 -7.64
CA VAL F 255 37.13 -38.01 -8.74
C VAL F 255 36.78 -36.55 -8.79
N GLN F 256 36.85 -35.88 -7.64
CA GLN F 256 36.44 -34.51 -7.50
C GLN F 256 37.59 -33.76 -6.77
N LYS F 257 37.93 -32.55 -7.25
CA LYS F 257 38.91 -31.67 -6.55
C LYS F 257 38.57 -31.43 -5.08
N GLY F 258 39.56 -31.62 -4.19
CA GLY F 258 39.38 -31.36 -2.78
C GLY F 258 38.72 -32.51 -2.01
N ALA F 259 38.46 -33.63 -2.71
CA ALA F 259 37.84 -34.82 -2.11
C ALA F 259 38.82 -35.98 -1.92
N VAL F 260 38.50 -36.84 -0.95
CA VAL F 260 39.39 -37.98 -0.67
C VAL F 260 39.37 -38.93 -1.88
N GLY F 261 40.55 -39.42 -2.24
CA GLY F 261 40.65 -40.41 -3.32
C GLY F 261 39.99 -41.74 -3.00
N VAL F 262 39.54 -42.43 -4.06
CA VAL F 262 38.77 -43.70 -3.91
C VAL F 262 39.51 -44.74 -3.03
N SER F 263 40.83 -44.91 -3.20
CA SER F 263 41.49 -45.95 -2.43
C SER F 263 41.69 -45.60 -0.95
N ARG F 264 41.38 -44.38 -0.53
CA ARG F 264 41.53 -43.97 0.89
C ARG F 264 40.20 -43.86 1.60
N MET F 265 39.18 -44.48 1.05
CA MET F 265 37.84 -44.51 1.68
C MET F 265 37.43 -45.95 2.05
N PRO F 266 36.72 -46.11 3.19
CA PRO F 266 36.65 -47.48 3.75
C PRO F 266 35.63 -48.33 3.04
N SER F 267 36.00 -49.58 2.84
CA SER F 267 34.99 -50.55 2.39
C SER F 267 35.35 -51.93 2.90
N LEU F 268 34.43 -52.89 2.79
CA LEU F 268 34.70 -54.20 3.24
C LEU F 268 33.71 -55.16 2.60
N GLN F 269 34.22 -56.35 2.21
CA GLN F 269 33.28 -57.40 1.69
C GLN F 269 33.35 -58.60 2.65
N ARG F 270 32.21 -59.15 3.05
CA ARG F 270 32.23 -60.33 3.93
C ARG F 270 31.22 -61.37 3.48
N ASP F 271 31.55 -62.63 3.70
CA ASP F 271 30.61 -63.71 3.39
C ASP F 271 29.63 -63.99 4.52
N ASP F 272 29.93 -63.43 5.72
CA ASP F 272 28.99 -63.63 6.83
C ASP F 272 28.10 -62.37 6.93
N TYR F 273 28.62 -61.23 7.40
CA TYR F 273 27.72 -60.07 7.41
C TYR F 273 28.54 -58.79 7.39
N VAL F 274 27.88 -57.69 6.99
CA VAL F 274 28.34 -56.35 7.29
C VAL F 274 27.13 -55.62 7.87
N GLY F 275 27.42 -54.66 8.74
CA GLY F 275 26.25 -53.88 9.29
C GLY F 275 26.66 -52.49 9.70
N ASN F 276 25.69 -51.58 9.75
CA ASN F 276 26.06 -50.31 10.33
C ASN F 276 24.80 -49.75 11.01
N MET F 277 25.01 -49.07 12.14
CA MET F 277 23.87 -48.49 12.91
C MET F 277 24.31 -47.07 13.28
N ASN F 278 25.04 -46.41 12.39
CA ASN F 278 25.44 -44.97 12.50
C ASN F 278 26.80 -44.69 13.24
N ASP F 279 27.48 -45.70 13.80
CA ASP F 279 28.87 -45.45 14.24
C ASP F 279 29.73 -45.44 13.00
N SER F 280 31.02 -45.19 13.19
CA SER F 280 31.89 -45.03 12.02
C SER F 280 32.08 -46.39 11.31
N TYR F 281 32.80 -46.37 10.19
CA TYR F 281 33.12 -47.62 9.45
C TYR F 281 33.87 -48.73 10.24
N TRP F 282 34.46 -48.38 11.38
CA TRP F 282 35.30 -49.31 12.13
C TRP F 282 34.78 -50.72 12.23
N LEU F 283 33.53 -50.88 12.73
CA LEU F 283 33.04 -52.18 12.99
C LEU F 283 31.96 -52.56 11.96
N ALA F 284 32.18 -52.27 10.68
CA ALA F 284 31.32 -52.88 9.62
C ALA F 284 31.17 -54.42 9.86
N ASN F 285 32.22 -55.11 10.34
CA ASN F 285 32.04 -56.48 10.81
C ASN F 285 32.93 -56.61 12.05
N VAL F 286 32.36 -57.09 13.13
CA VAL F 286 33.13 -57.07 14.40
C VAL F 286 34.35 -57.99 14.37
N HIS F 287 34.29 -59.05 13.54
CA HIS F 287 35.42 -59.99 13.45
C HIS F 287 36.56 -59.44 12.61
N ALA F 288 36.29 -58.42 11.81
CA ALA F 288 37.35 -57.79 10.91
C ALA F 288 37.24 -56.24 10.95
N PRO F 289 37.57 -55.65 12.11
CA PRO F 289 37.59 -54.16 12.20
C PRO F 289 38.48 -53.49 11.11
N LEU F 290 37.99 -52.38 10.59
CA LEU F 290 38.66 -51.56 9.61
C LEU F 290 39.36 -50.44 10.31
N THR F 291 40.62 -50.15 9.96
CA THR F 291 41.33 -49.06 10.61
C THR F 291 42.20 -48.42 9.53
N GLY F 292 42.76 -47.25 9.86
CA GLY F 292 43.79 -46.63 9.09
C GLY F 292 43.28 -45.72 8.00
N TYR F 293 41.99 -45.38 8.02
CA TYR F 293 41.38 -44.46 7.02
C TYR F 293 41.45 -43.02 7.56
N PRO F 294 41.24 -42.03 6.69
CA PRO F 294 41.39 -40.67 7.16
C PRO F 294 40.57 -40.33 8.38
N ALA F 295 41.17 -39.53 9.27
CA ALA F 295 40.51 -39.08 10.50
C ALA F 295 39.12 -38.54 10.34
N ILE F 296 38.86 -37.87 9.19
CA ILE F 296 37.57 -37.27 8.98
C ILE F 296 36.39 -38.25 8.95
N PHE F 297 36.68 -39.51 8.68
CA PHE F 297 35.68 -40.59 8.68
C PHE F 297 35.19 -40.95 10.08
N GLY F 298 35.93 -40.53 11.07
CA GLY F 298 35.54 -40.81 12.49
C GLY F 298 36.49 -41.79 13.16
N PRO F 299 36.25 -42.07 14.46
CA PRO F 299 37.15 -42.86 15.27
C PRO F 299 37.16 -44.36 14.85
N ALA F 300 38.30 -45.01 14.99
CA ALA F 300 38.34 -46.46 14.64
C ALA F 300 39.03 -47.22 15.77
N GLY F 301 38.40 -47.31 16.93
CA GLY F 301 38.96 -48.13 17.98
C GLY F 301 39.21 -47.37 19.25
N THR F 302 38.94 -46.07 19.23
CA THR F 302 39.24 -45.24 20.40
C THR F 302 37.93 -44.71 21.05
N SER F 303 36.77 -44.85 20.42
CA SER F 303 35.46 -44.41 21.02
C SER F 303 34.57 -45.62 21.26
N ALA F 304 33.85 -45.62 22.40
CA ALA F 304 32.81 -46.63 22.61
C ALA F 304 31.76 -46.51 21.54
N GLN F 305 31.15 -47.65 21.23
CA GLN F 305 30.06 -47.66 20.23
C GLN F 305 28.76 -47.26 20.97
N THR F 306 27.77 -46.79 20.21
CA THR F 306 26.44 -46.53 20.86
C THR F 306 25.78 -47.83 21.34
N LEU F 307 24.79 -47.73 22.22
CA LEU F 307 24.05 -48.92 22.61
C LEU F 307 23.32 -49.55 21.44
N ARG F 308 22.87 -48.74 20.48
CA ARG F 308 22.19 -49.34 19.32
C ARG F 308 23.16 -50.13 18.42
N THR F 309 24.38 -49.62 18.28
CA THR F 309 25.39 -50.38 17.49
C THR F 309 25.72 -51.68 18.25
N ARG F 310 25.86 -51.63 19.57
CA ARG F 310 26.19 -52.80 20.36
C ARG F 310 25.07 -53.81 20.21
N MET F 311 23.84 -53.30 20.25
CA MET F 311 22.67 -54.18 20.09
C MET F 311 22.61 -54.81 18.64
N GLY F 312 22.87 -53.99 17.65
CA GLY F 312 22.72 -54.48 16.26
C GLY F 312 23.79 -55.51 15.92
N HIS F 313 25.04 -55.32 16.37
CA HIS F 313 26.02 -56.39 16.11
C HIS F 313 25.78 -57.61 16.96
N THR F 314 25.31 -57.41 18.20
CA THR F 314 24.96 -58.55 19.10
C THR F 314 23.90 -59.41 18.38
N MET F 315 22.89 -58.78 17.80
CA MET F 315 21.84 -59.50 17.10
C MET F 315 22.37 -60.32 15.92
N ALA F 316 23.25 -59.71 15.13
CA ALA F 316 23.88 -60.48 14.05
C ALA F 316 24.68 -61.65 14.54
N LEU F 317 25.55 -61.45 15.52
CA LEU F 317 26.32 -62.59 16.03
C LEU F 317 25.43 -63.70 16.64
N GLU F 318 24.41 -63.33 17.40
CA GLU F 318 23.60 -64.32 18.00
C GLU F 318 22.73 -65.07 16.97
N ARG F 319 22.34 -64.41 15.89
CA ARG F 319 21.66 -65.12 14.79
C ARG F 319 22.58 -66.19 14.23
N LEU F 320 23.83 -65.79 13.88
CA LEU F 320 24.73 -66.74 13.27
C LEU F 320 25.25 -67.84 14.23
N ALA F 321 25.25 -67.58 15.55
CA ALA F 321 25.55 -68.62 16.57
C ALA F 321 24.34 -69.48 16.92
N GLY F 322 23.18 -69.13 16.39
CA GLY F 322 21.92 -69.78 16.70
C GLY F 322 21.55 -69.67 18.17
N THR F 323 21.81 -68.53 18.80
CA THR F 323 21.57 -68.43 20.27
C THR F 323 20.54 -67.35 20.57
N ASP F 324 19.84 -66.85 19.56
CA ASP F 324 18.88 -65.74 19.82
C ASP F 324 17.41 -66.21 19.94
N GLY F 325 17.16 -67.53 19.93
CA GLY F 325 15.78 -67.99 20.02
C GLY F 325 15.05 -68.18 18.73
N TYR F 326 15.62 -67.76 17.62
CA TYR F 326 14.98 -68.06 16.34
C TYR F 326 15.46 -69.40 15.80
N ALA F 327 14.83 -69.88 14.73
CA ALA F 327 15.09 -71.21 14.17
C ALA F 327 16.50 -71.24 13.58
N GLY F 328 17.23 -72.34 13.79
CA GLY F 328 18.53 -72.59 13.15
C GLY F 328 19.55 -71.48 13.35
N ASN F 329 20.48 -71.33 12.42
CA ASN F 329 21.54 -70.33 12.59
C ASN F 329 21.84 -69.56 11.33
N LYS F 330 20.87 -69.47 10.41
CA LYS F 330 21.11 -68.78 9.13
C LYS F 330 20.26 -67.48 9.14
N ALA F 331 20.78 -66.46 8.47
CA ALA F 331 20.05 -65.21 8.37
C ALA F 331 19.21 -65.24 7.09
N THR F 332 18.19 -66.08 7.05
CA THR F 332 17.33 -66.15 5.86
C THR F 332 16.31 -64.98 5.93
N SER F 333 15.68 -64.71 4.79
CA SER F 333 14.68 -63.63 4.79
C SER F 333 13.61 -63.82 5.90
N ALA F 334 13.08 -65.04 6.05
CA ALA F 334 11.99 -65.24 6.97
C ALA F 334 12.42 -64.92 8.41
N VAL F 335 13.64 -65.32 8.80
CA VAL F 335 14.10 -65.11 10.20
C VAL F 335 14.47 -63.65 10.37
N VAL F 336 15.10 -63.06 9.35
CA VAL F 336 15.54 -61.63 9.47
C VAL F 336 14.27 -60.73 9.65
N ARG F 337 13.20 -61.01 8.89
CA ARG F 337 11.92 -60.30 9.08
C ARG F 337 11.45 -60.27 10.53
N GLU F 338 11.57 -61.41 11.25
CA GLU F 338 11.14 -61.39 12.67
C GLU F 338 12.19 -60.72 13.58
N MET F 339 13.47 -61.08 13.38
CA MET F 339 14.56 -60.59 14.22
C MET F 339 14.58 -59.03 14.32
N VAL F 340 14.40 -58.38 13.18
CA VAL F 340 14.63 -56.88 13.18
C VAL F 340 13.48 -56.12 13.84
N LEU F 341 12.32 -56.80 14.08
CA LEU F 341 11.21 -56.20 14.82
C LEU F 341 11.16 -56.58 16.29
N GLY F 342 12.16 -57.36 16.73
CA GLY F 342 12.06 -58.02 18.03
C GLY F 342 12.13 -57.12 19.27
N SER F 343 12.60 -55.86 19.09
CA SER F 343 12.47 -54.78 20.10
C SER F 343 13.19 -55.17 21.39
N ARG F 344 14.31 -55.85 21.27
CA ARG F 344 15.20 -56.06 22.44
C ARG F 344 15.71 -54.71 22.91
N VAL F 345 15.99 -54.58 24.17
CA VAL F 345 16.45 -53.30 24.77
C VAL F 345 17.82 -53.56 25.41
N PHE F 346 18.89 -53.12 24.76
CA PHE F 346 20.22 -53.50 25.25
C PHE F 346 20.49 -53.04 26.65
N SER F 347 20.13 -51.76 26.97
CA SER F 347 20.44 -51.25 28.30
C SER F 347 19.77 -52.15 29.36
N ALA F 348 18.58 -52.69 29.09
CA ALA F 348 17.88 -53.52 30.12
C ALA F 348 18.48 -54.95 30.16
N GLU F 349 18.73 -55.49 28.96
CA GLU F 349 19.35 -56.82 28.90
C GLU F 349 20.67 -56.84 29.67
N ARG F 350 21.45 -55.79 29.54
CA ARG F 350 22.78 -55.77 30.13
C ARG F 350 22.83 -55.25 31.52
N PHE F 351 21.93 -54.30 31.86
CA PHE F 351 22.16 -53.57 33.11
C PHE F 351 20.97 -53.57 34.08
N LYS F 352 19.80 -54.04 33.66
CA LYS F 352 18.60 -53.91 34.55
C LYS F 352 18.82 -54.73 35.84
N ASP F 353 19.25 -55.99 35.69
CA ASP F 353 19.45 -56.79 36.93
C ASP F 353 20.45 -56.13 37.88
N GLU F 354 21.58 -55.59 37.37
CA GLU F 354 22.60 -54.97 38.23
C GLU F 354 22.01 -53.76 38.89
N VAL F 355 21.22 -53.00 38.11
CA VAL F 355 20.59 -51.82 38.69
C VAL F 355 19.65 -52.20 39.83
N LEU F 356 18.76 -53.15 39.58
CA LEU F 356 17.73 -53.47 40.58
C LEU F 356 18.43 -54.09 41.80
N ASP F 357 19.47 -54.89 41.56
CA ASP F 357 20.16 -55.52 42.73
C ASP F 357 20.80 -54.39 43.60
N LEU F 358 21.30 -53.36 42.94
CA LEU F 358 21.95 -52.27 43.67
C LEU F 358 20.98 -51.40 44.45
N ILE F 359 19.81 -51.12 43.88
CA ILE F 359 18.91 -50.09 44.42
C ILE F 359 17.63 -50.56 45.08
N CYS F 360 17.22 -51.81 44.85
CA CYS F 360 15.89 -52.25 45.27
C CYS F 360 15.77 -52.96 46.60
N THR F 361 16.84 -53.09 47.37
CA THR F 361 16.77 -53.70 48.68
C THR F 361 17.50 -52.81 49.71
N PRO F 362 16.75 -51.99 50.47
CA PRO F 362 15.29 -51.88 50.55
C PRO F 362 14.70 -51.05 49.36
N ALA F 363 13.42 -51.21 49.09
CA ALA F 363 12.78 -50.44 48.04
C ALA F 363 12.10 -49.16 48.61
N GLN F 364 12.21 -48.96 49.93
CA GLN F 364 11.77 -47.69 50.56
C GLN F 364 13.02 -46.89 50.66
N TRP F 365 13.04 -45.73 49.99
CA TRP F 365 14.20 -44.89 49.91
C TRP F 365 14.03 -43.52 50.51
N THR F 366 15.18 -42.84 50.64
CA THR F 366 15.23 -41.39 50.91
C THR F 366 15.99 -40.78 49.73
N VAL F 367 15.30 -39.93 48.99
CA VAL F 367 15.87 -39.42 47.71
C VAL F 367 15.76 -37.90 47.83
N ASN F 368 16.90 -37.22 47.77
CA ASN F 368 16.91 -35.77 48.05
C ASN F 368 16.14 -35.36 49.30
N GLY F 369 16.26 -36.13 50.38
CA GLY F 369 15.58 -35.83 51.60
C GLY F 369 14.11 -36.18 51.68
N ALA F 370 13.58 -36.87 50.66
CA ALA F 370 12.16 -37.20 50.56
C ALA F 370 11.95 -38.72 50.61
N ALA F 371 10.94 -39.13 51.37
CA ALA F 371 10.56 -40.56 51.34
C ALA F 371 10.02 -40.96 49.98
N VAL F 372 10.56 -42.05 49.40
CA VAL F 372 10.16 -42.56 48.06
C VAL F 372 9.86 -44.06 48.20
N ASP F 373 8.65 -44.43 47.81
CA ASP F 373 8.31 -45.84 47.79
C ASP F 373 8.48 -46.40 46.38
N ALA F 374 9.57 -47.15 46.19
CA ALA F 374 9.93 -47.71 44.87
C ALA F 374 9.56 -49.19 44.71
N ALA F 375 8.83 -49.74 45.66
CA ALA F 375 8.55 -51.20 45.67
C ALA F 375 7.83 -51.64 44.39
N GLN F 376 6.84 -50.89 43.94
CA GLN F 376 6.11 -51.30 42.73
C GLN F 376 6.98 -51.12 41.50
N ALA F 377 7.73 -50.02 41.44
CA ALA F 377 8.69 -49.87 40.28
C ALA F 377 9.68 -51.00 40.21
N CYS F 378 10.26 -51.38 41.38
CA CYS F 378 11.22 -52.51 41.42
C CYS F 378 10.55 -53.81 40.99
N ALA F 379 9.35 -54.07 41.46
CA ALA F 379 8.69 -55.35 41.15
C ALA F 379 8.27 -55.40 39.67
N VAL F 380 7.74 -54.28 39.15
CA VAL F 380 7.37 -54.20 37.69
C VAL F 380 8.60 -54.42 36.80
N LEU F 381 9.69 -53.72 37.10
CA LEU F 381 10.88 -53.89 36.27
C LEU F 381 11.50 -55.28 36.37
N ALA F 382 11.45 -55.87 37.58
CA ALA F 382 11.95 -57.21 37.69
C ALA F 382 11.13 -58.22 36.81
N ALA F 383 9.83 -58.04 36.69
CA ALA F 383 8.96 -58.93 35.93
C ALA F 383 9.04 -58.69 34.45
N TRP F 384 9.46 -57.50 34.05
CA TRP F 384 9.46 -57.08 32.65
C TRP F 384 10.45 -57.89 31.83
N ASP F 385 10.01 -58.17 30.59
CA ASP F 385 10.76 -59.03 29.65
C ASP F 385 11.95 -58.36 28.95
N ASN F 386 12.33 -57.14 29.34
CA ASN F 386 13.48 -56.43 28.71
C ASN F 386 13.29 -56.12 27.18
N ARG F 387 12.03 -56.09 26.77
CA ARG F 387 11.66 -55.86 25.36
C ARG F 387 10.67 -54.73 25.26
N GLY F 388 10.58 -54.13 24.07
CA GLY F 388 9.55 -53.10 23.84
C GLY F 388 8.50 -53.65 22.88
N ARG F 389 8.04 -54.88 23.10
CA ARG F 389 6.94 -55.44 22.26
C ARG F 389 5.63 -54.79 22.70
N LYS F 390 4.59 -54.96 21.89
CA LYS F 390 3.32 -54.32 22.21
C LYS F 390 2.74 -54.73 23.56
N ASP F 391 2.96 -55.99 23.94
CA ASP F 391 2.43 -56.50 25.24
C ASP F 391 3.44 -56.37 26.38
N SER F 392 4.62 -55.82 26.13
CA SER F 392 5.63 -55.70 27.23
C SER F 392 5.17 -54.73 28.29
N ARG F 393 5.36 -55.11 29.54
CA ARG F 393 4.76 -54.33 30.66
C ARG F 393 5.84 -53.60 31.45
N GLY F 394 5.77 -52.26 31.56
CA GLY F 394 6.83 -51.55 32.33
C GLY F 394 7.98 -50.98 31.50
N SER F 395 7.95 -51.25 30.20
CA SER F 395 9.05 -50.83 29.29
C SER F 395 9.15 -49.30 29.24
N HIS F 396 8.02 -48.61 29.40
CA HIS F 396 8.07 -47.14 29.41
C HIS F 396 8.67 -46.63 30.70
N LEU F 397 8.48 -47.33 31.82
CA LEU F 397 9.14 -46.89 33.06
C LEU F 397 10.65 -46.99 32.83
N TRP F 398 11.09 -48.06 32.16
CA TRP F 398 12.54 -48.16 31.86
C TRP F 398 13.02 -47.03 30.99
N ASP F 399 12.22 -46.64 29.98
CA ASP F 399 12.64 -45.49 29.11
C ASP F 399 12.80 -44.19 29.94
N GLU F 400 11.84 -43.93 30.84
CA GLU F 400 11.84 -42.67 31.58
C GLU F 400 12.99 -42.68 32.61
N PHE F 401 13.38 -43.89 33.03
CA PHE F 401 14.50 -44.05 33.96
C PHE F 401 15.86 -43.96 33.22
N TRP F 402 16.12 -44.87 32.28
CA TRP F 402 17.44 -44.95 31.65
C TRP F 402 17.83 -43.68 30.95
N SER F 403 16.85 -42.99 30.34
CA SER F 403 17.16 -41.76 29.61
C SER F 403 17.63 -40.68 30.58
N ARG F 404 17.41 -40.90 31.88
CA ARG F 404 17.86 -39.94 32.88
C ARG F 404 19.09 -40.34 33.69
N VAL F 405 19.66 -41.52 33.43
CA VAL F 405 20.74 -42.01 34.28
C VAL F 405 22.01 -41.24 33.88
N PRO F 406 22.73 -40.64 34.83
CA PRO F 406 23.98 -39.94 34.51
C PRO F 406 25.06 -40.94 34.05
N THR F 407 25.52 -40.81 32.82
CA THR F 407 26.49 -41.78 32.32
C THR F 407 27.95 -41.48 32.75
N ALA F 408 28.27 -40.29 33.22
CA ALA F 408 29.59 -40.02 33.78
C ALA F 408 29.78 -40.93 34.99
N SER F 409 30.85 -41.70 35.07
CA SER F 409 30.97 -42.52 36.30
C SER F 409 29.85 -43.56 36.56
N LEU F 410 29.11 -43.92 35.52
CA LEU F 410 28.16 -45.00 35.62
C LEU F 410 28.77 -46.42 35.57
N PHE F 411 29.83 -46.58 34.78
CA PHE F 411 30.39 -47.92 34.52
C PHE F 411 31.76 -48.08 35.08
N THR F 412 32.06 -49.28 35.57
CA THR F 412 33.36 -49.49 36.19
C THR F 412 34.34 -50.17 35.26
N VAL F 413 33.83 -50.74 34.14
CA VAL F 413 34.68 -51.43 33.18
C VAL F 413 34.64 -50.53 31.94
N PRO F 414 35.74 -49.82 31.62
CA PRO F 414 35.64 -48.87 30.49
C PRO F 414 35.59 -49.59 29.13
N PHE F 415 35.29 -48.79 28.10
CA PHE F 415 35.43 -49.28 26.72
C PHE F 415 36.76 -49.93 26.47
N SER F 416 36.70 -51.10 25.82
CA SER F 416 37.88 -51.73 25.26
C SER F 416 37.67 -52.04 23.80
N ALA F 417 38.63 -51.64 22.93
CA ALA F 417 38.42 -51.93 21.49
C ALA F 417 38.50 -53.45 21.20
N ALA F 418 39.06 -54.23 22.14
CA ALA F 418 39.15 -55.69 21.95
C ALA F 418 37.80 -56.37 22.44
N ASP F 419 36.88 -55.61 23.03
CA ASP F 419 35.55 -56.13 23.46
C ASP F 419 34.48 -55.03 23.24
N PRO F 420 34.27 -54.64 21.95
CA PRO F 420 33.53 -53.39 21.73
C PRO F 420 32.04 -53.55 21.87
N LEU F 421 31.52 -54.79 21.84
CA LEU F 421 30.06 -54.95 22.06
C LEU F 421 29.69 -55.02 23.56
N ASN F 422 30.64 -55.33 24.45
CA ASN F 422 30.30 -55.66 25.84
C ASN F 422 30.91 -54.68 26.83
N THR F 423 31.50 -53.61 26.29
CA THR F 423 32.07 -52.55 27.15
C THR F 423 31.62 -51.17 26.59
N PRO F 424 31.59 -50.11 27.40
CA PRO F 424 31.71 -50.21 28.85
C PRO F 424 30.57 -51.04 29.50
N ARG F 425 30.82 -51.45 30.74
CA ARG F 425 29.83 -52.23 31.52
C ARG F 425 30.17 -52.13 32.98
N GLY F 426 29.41 -52.86 33.83
CA GLY F 426 29.66 -52.84 35.26
C GLY F 426 29.05 -51.61 35.90
N ILE F 427 27.79 -51.73 36.31
CA ILE F 427 27.13 -50.56 36.98
C ILE F 427 27.91 -50.23 38.26
N ASN F 428 28.28 -48.95 38.47
CA ASN F 428 29.13 -48.58 39.60
C ASN F 428 28.30 -48.44 40.89
N ALA F 429 28.67 -49.14 41.97
CA ALA F 429 27.88 -49.09 43.19
C ALA F 429 27.84 -47.65 43.74
N ALA F 430 28.82 -46.83 43.37
CA ALA F 430 28.82 -45.43 43.79
C ALA F 430 27.74 -44.63 43.11
N ALA F 431 27.14 -45.15 42.04
CA ALA F 431 26.10 -44.43 41.37
C ALA F 431 24.69 -44.67 42.00
N ALA F 432 24.63 -45.41 43.12
CA ALA F 432 23.33 -45.86 43.66
C ALA F 432 22.41 -44.66 43.92
N ASP F 433 22.95 -43.60 44.54
CA ASP F 433 22.11 -42.44 44.86
C ASP F 433 21.60 -41.82 43.60
N ALA F 434 22.49 -41.71 42.61
CA ALA F 434 22.10 -41.10 41.36
C ALA F 434 21.06 -41.97 40.62
N LEU F 435 21.20 -43.30 40.75
CA LEU F 435 20.23 -44.17 40.09
C LEU F 435 18.85 -44.06 40.79
N ARG F 436 18.84 -44.00 42.12
CA ARG F 436 17.56 -43.78 42.82
C ARG F 436 16.93 -42.45 42.45
N GLN F 437 17.72 -41.39 42.33
CA GLN F 437 17.16 -40.08 41.88
C GLN F 437 16.50 -40.22 40.49
N ALA F 438 17.19 -40.88 39.56
CA ALA F 438 16.62 -41.09 38.20
C ALA F 438 15.36 -41.95 38.25
N MET F 439 15.34 -42.97 39.09
CA MET F 439 14.19 -43.82 39.17
C MET F 439 13.01 -43.06 39.82
N ALA F 440 13.29 -42.30 40.88
CA ALA F 440 12.20 -41.51 41.50
C ALA F 440 11.56 -40.57 40.45
N THR F 441 12.38 -39.89 39.65
CA THR F 441 11.87 -39.02 38.56
C THR F 441 11.03 -39.83 37.58
N ALA F 442 11.53 -41.01 37.18
CA ALA F 442 10.80 -41.81 36.21
C ALA F 442 9.45 -42.23 36.74
N ILE F 443 9.41 -42.66 38.00
CA ILE F 443 8.15 -43.00 38.67
C ILE F 443 7.21 -41.76 38.60
N ALA F 444 7.77 -40.59 38.92
CA ALA F 444 6.94 -39.36 38.94
C ALA F 444 6.37 -39.04 37.53
N ARG F 445 7.23 -39.13 36.52
CA ARG F 445 6.79 -38.87 35.14
C ARG F 445 5.71 -39.89 34.68
N VAL F 446 5.88 -41.21 34.92
CA VAL F 446 4.84 -42.17 34.50
C VAL F 446 3.54 -41.86 35.27
N GLY F 447 3.69 -41.53 36.54
CA GLY F 447 2.56 -41.08 37.34
C GLY F 447 1.83 -39.90 36.73
N GLN F 448 2.53 -38.89 36.24
CA GLN F 448 1.86 -37.70 35.69
C GLN F 448 1.17 -38.07 34.37
N SER F 449 1.64 -39.13 33.70
CA SER F 449 1.17 -39.44 32.31
C SER F 449 -0.23 -40.05 32.31
N GLY F 450 -0.67 -40.54 33.47
CA GLY F 450 -1.88 -41.37 33.51
C GLY F 450 -1.76 -42.89 33.29
N TYR F 451 -0.63 -43.35 32.75
CA TYR F 451 -0.40 -44.78 32.55
C TYR F 451 0.05 -45.43 33.84
N ALA F 452 -0.34 -46.69 34.02
CA ALA F 452 0.18 -47.51 35.13
C ALA F 452 1.68 -47.80 34.93
N LEU F 453 2.42 -48.04 36.02
CA LEU F 453 3.84 -48.43 35.85
C LEU F 453 3.95 -49.69 34.95
N ASP F 454 2.94 -50.56 35.02
CA ASP F 454 3.01 -51.85 34.29
C ASP F 454 2.13 -51.85 33.03
N ALA F 455 1.74 -50.67 32.52
CA ALA F 455 0.96 -50.65 31.27
C ALA F 455 1.70 -51.37 30.11
N PRO F 456 0.94 -52.08 29.25
CA PRO F 456 1.52 -52.66 28.02
C PRO F 456 1.99 -51.54 27.07
N ARG F 457 3.12 -51.78 26.43
CA ARG F 457 3.80 -50.69 25.70
C ARG F 457 2.89 -50.20 24.58
N GLY F 458 2.14 -51.12 23.94
CA GLY F 458 1.19 -50.80 22.85
C GLY F 458 0.13 -49.72 23.21
N GLU F 459 -0.16 -49.53 24.48
CA GLU F 459 -1.09 -48.46 24.90
C GLU F 459 -0.35 -47.12 25.10
N VAL F 460 0.97 -47.19 25.29
CA VAL F 460 1.78 -45.97 25.52
C VAL F 460 2.35 -45.46 24.21
N LEU F 461 2.74 -46.38 23.32
CA LEU F 461 3.42 -46.04 22.06
C LEU F 461 2.43 -46.43 20.97
N TYR F 462 2.00 -45.48 20.14
CA TYR F 462 0.88 -45.78 19.17
C TYR F 462 0.90 -44.81 18.02
N ALA F 463 0.20 -45.17 16.92
CA ALA F 463 -0.05 -44.24 15.83
C ALA F 463 -1.53 -44.21 15.63
N THR F 464 -2.15 -43.02 15.56
CA THR F 464 -3.56 -43.01 15.38
C THR F 464 -3.87 -42.93 13.90
N ARG F 465 -4.80 -43.78 13.47
CA ARG F 465 -5.26 -43.76 12.07
C ARG F 465 -6.75 -44.04 12.09
N GLY F 466 -7.50 -43.17 11.42
CA GLY F 466 -8.95 -43.31 11.36
C GLY F 466 -9.54 -43.28 12.77
N GLY F 467 -8.96 -42.50 13.68
CA GLY F 467 -9.50 -42.47 15.01
C GLY F 467 -9.10 -43.57 15.98
N THR F 468 -8.37 -44.60 15.51
CA THR F 468 -7.97 -45.75 16.32
C THR F 468 -6.52 -45.66 16.69
N ARG F 469 -6.16 -45.83 17.97
CA ARG F 469 -4.69 -45.84 18.30
C ARG F 469 -4.10 -47.23 18.04
N LEU F 470 -3.37 -47.37 16.94
CA LEU F 470 -2.78 -48.66 16.53
C LEU F 470 -1.55 -48.92 17.43
N PRO F 471 -1.53 -50.02 18.16
CA PRO F 471 -0.43 -50.21 19.14
C PRO F 471 0.92 -50.43 18.40
N LEU F 472 1.98 -49.83 18.93
CA LEU F 472 3.30 -50.03 18.32
C LEU F 472 4.28 -50.68 19.26
N TYR F 473 5.46 -50.95 18.70
CA TYR F 473 6.53 -51.62 19.44
C TYR F 473 7.84 -50.90 18.99
N GLY F 474 8.91 -51.19 19.75
CA GLY F 474 10.21 -50.58 19.44
C GLY F 474 10.38 -49.37 20.30
N GLY F 475 11.42 -48.58 20.06
CA GLY F 475 11.68 -47.52 21.06
C GLY F 475 12.83 -46.64 20.57
N CYS F 476 13.57 -46.01 21.50
CA CYS F 476 14.57 -44.99 21.08
C CYS F 476 15.98 -45.59 21.21
N GLY F 477 16.87 -45.17 20.28
CA GLY F 477 18.27 -45.66 20.27
C GLY F 477 18.98 -45.45 21.60
N ALA F 478 18.62 -44.39 22.33
CA ALA F 478 19.31 -44.08 23.57
C ALA F 478 19.18 -45.22 24.60
N MET F 479 18.09 -45.99 24.54
CA MET F 479 17.97 -47.13 25.44
C MET F 479 18.58 -48.38 24.83
N GLY F 480 19.15 -48.30 23.63
CA GLY F 480 19.76 -49.53 23.05
C GLY F 480 18.71 -50.41 22.37
N TYR F 481 17.61 -49.82 21.97
CA TYR F 481 16.72 -50.45 20.91
C TYR F 481 17.45 -50.49 19.59
N PHE F 482 17.19 -51.59 18.88
CA PHE F 482 17.46 -51.67 17.45
C PHE F 482 16.22 -51.33 16.63
N THR F 483 15.06 -51.78 17.09
CA THR F 483 13.80 -51.56 16.38
C THR F 483 13.33 -50.17 16.84
N ILE F 484 13.42 -49.18 15.95
CA ILE F 484 13.23 -47.76 16.37
C ILE F 484 11.84 -47.24 16.06
N THR F 485 11.15 -46.89 17.12
CA THR F 485 9.86 -46.18 17.01
C THR F 485 9.98 -45.12 18.12
N CYS F 486 10.45 -43.91 17.79
CA CYS F 486 10.99 -43.01 18.80
C CYS F 486 10.20 -41.67 18.76
N SER F 487 9.21 -41.56 19.65
CA SER F 487 8.38 -40.39 19.70
C SER F 487 9.13 -39.18 20.23
N GLU F 488 8.81 -38.01 19.71
CA GLU F 488 9.30 -36.74 20.28
C GLU F 488 8.33 -36.22 21.36
N ASN F 489 7.23 -36.93 21.58
CA ASN F 489 6.18 -36.44 22.58
C ASN F 489 6.58 -36.84 24.00
N ASP F 490 6.46 -35.91 24.95
CA ASP F 490 6.74 -36.28 26.34
C ASP F 490 5.64 -37.24 26.83
N ILE F 491 6.02 -38.22 27.64
CA ILE F 491 5.02 -39.21 28.10
C ILE F 491 3.88 -38.52 28.81
N THR F 492 4.12 -37.38 29.45
CA THR F 492 3.07 -36.73 30.27
C THR F 492 2.04 -36.00 29.43
N GLN F 493 2.28 -35.88 28.11
CA GLN F 493 1.38 -35.26 27.10
C GLN F 493 0.66 -36.28 26.23
N GLY F 494 0.18 -37.37 26.80
CA GLY F 494 -0.57 -38.34 26.04
C GLY F 494 0.24 -39.52 25.58
N GLY F 495 1.38 -39.75 26.21
CA GLY F 495 2.14 -40.96 25.90
C GLY F 495 3.09 -40.74 24.77
N TYR F 496 3.61 -41.83 24.21
CA TYR F 496 4.59 -41.73 23.15
C TYR F 496 3.85 -41.79 21.81
N SER F 497 3.03 -40.78 21.56
CA SER F 497 2.29 -40.70 20.27
C SER F 497 3.28 -40.55 19.14
N MET F 498 3.02 -41.24 18.03
CA MET F 498 3.84 -41.09 16.84
C MET F 498 3.12 -40.14 15.84
N ASP F 499 2.11 -39.38 16.32
CA ASP F 499 1.23 -38.70 15.36
C ASP F 499 1.73 -37.30 14.95
N GLY F 500 2.79 -36.79 15.62
CA GLY F 500 3.26 -35.41 15.34
C GLY F 500 4.42 -35.49 14.33
N GLN F 501 5.62 -35.15 14.81
CA GLN F 501 6.80 -35.19 13.96
C GLN F 501 7.81 -35.94 14.82
N PRO F 502 7.72 -37.29 14.82
CA PRO F 502 8.59 -38.08 15.72
C PRO F 502 10.07 -37.93 15.34
N ASN F 503 10.91 -38.31 16.28
CA ASN F 503 12.35 -38.43 15.99
C ASN F 503 12.54 -39.51 14.92
N ALA F 504 13.75 -39.52 14.31
CA ALA F 504 14.06 -40.48 13.20
C ALA F 504 13.67 -41.86 13.64
N SER F 505 12.76 -42.49 12.88
CA SER F 505 12.23 -43.81 13.27
C SER F 505 12.12 -44.73 12.11
N ASN F 506 11.89 -46.01 12.40
CA ASN F 506 11.58 -47.00 11.33
C ASN F 506 10.58 -46.37 10.32
N SER F 507 10.86 -46.48 9.01
CA SER F 507 10.15 -45.64 7.97
C SER F 507 9.98 -46.55 6.75
N TYR F 508 10.88 -46.53 5.76
CA TYR F 508 10.87 -47.62 4.74
C TYR F 508 11.74 -48.77 5.28
N MET F 509 11.20 -49.98 5.33
CA MET F 509 11.98 -51.16 5.71
C MET F 509 11.94 -52.18 4.58
N GLN F 510 13.07 -52.81 4.28
CA GLN F 510 13.04 -53.87 3.26
C GLN F 510 13.90 -55.00 3.69
N VAL F 511 13.39 -56.19 3.43
CA VAL F 511 14.22 -57.41 3.59
C VAL F 511 14.21 -58.05 2.19
N VAL F 512 15.37 -58.16 1.57
CA VAL F 512 15.44 -58.52 0.13
C VAL F 512 16.36 -59.69 -0.02
N SER F 513 15.89 -60.70 -0.80
CA SER F 513 16.66 -61.93 -1.07
C SER F 513 16.54 -62.24 -2.55
N PHE F 514 17.38 -63.19 -3.00
CA PHE F 514 17.38 -63.55 -4.42
C PHE F 514 17.27 -65.07 -4.60
N PRO F 515 16.09 -65.65 -4.26
CA PRO F 515 15.88 -67.06 -4.64
C PRO F 515 15.92 -67.28 -6.16
N ALA F 516 15.96 -68.54 -6.57
CA ALA F 516 16.05 -68.90 -7.99
C ALA F 516 15.01 -68.24 -8.88
N SER F 517 13.77 -68.16 -8.39
CA SER F 517 12.67 -67.64 -9.23
C SER F 517 12.71 -66.11 -9.43
N GLY F 518 13.60 -65.42 -8.71
CA GLY F 518 13.76 -63.96 -8.86
C GLY F 518 13.80 -63.23 -7.51
N VAL F 519 14.25 -61.97 -7.53
CA VAL F 519 14.33 -61.15 -6.30
C VAL F 519 12.99 -61.15 -5.58
N GLN F 520 13.05 -61.22 -4.24
CA GLN F 520 11.83 -61.16 -3.39
C GLN F 520 12.06 -60.09 -2.35
N ALA F 521 11.07 -59.23 -2.11
CA ALA F 521 11.30 -58.12 -1.16
C ALA F 521 10.05 -58.03 -0.28
N HIS F 522 10.28 -57.95 1.00
CA HIS F 522 9.20 -57.72 1.97
C HIS F 522 9.46 -56.36 2.54
N THR F 523 8.39 -55.56 2.71
CA THR F 523 8.60 -54.12 3.00
C THR F 523 7.60 -53.61 3.98
N PHE F 524 7.96 -52.45 4.57
CA PHE F 524 7.00 -51.56 5.26
C PHE F 524 7.30 -50.14 4.81
N LEU F 525 6.24 -49.30 4.83
CA LEU F 525 6.40 -47.84 4.84
C LEU F 525 5.53 -47.44 6.02
N THR F 526 6.17 -47.30 7.18
CA THR F 526 5.45 -47.38 8.47
C THR F 526 4.35 -46.34 8.57
N PHE F 527 4.63 -45.10 8.12
CA PHE F 527 3.61 -44.04 8.21
C PHE F 527 2.55 -44.01 7.07
N SER F 528 2.68 -44.94 6.12
CA SER F 528 1.76 -45.13 4.95
C SER F 528 2.13 -44.16 3.83
N LEU F 529 1.65 -44.47 2.62
CA LEU F 529 2.14 -43.75 1.44
C LEU F 529 1.70 -42.29 1.31
N SER F 530 0.51 -41.97 1.82
CA SER F 530 -0.14 -40.68 1.51
C SER F 530 -0.28 -39.85 2.79
N ASP F 531 0.02 -38.59 2.68
CA ASP F 531 -0.21 -37.65 3.78
C ASP F 531 -1.59 -37.10 3.89
N ASP F 532 -2.57 -37.58 3.11
CA ASP F 532 -3.91 -37.02 3.14
C ASP F 532 -4.78 -37.96 3.98
N PRO F 533 -5.37 -37.46 5.06
CA PRO F 533 -6.18 -38.34 5.89
C PRO F 533 -7.38 -38.92 5.14
N ALA F 534 -7.82 -38.32 4.07
CA ALA F 534 -8.91 -38.87 3.30
C ALA F 534 -8.49 -40.13 2.55
N SER F 535 -7.18 -40.27 2.24
CA SER F 535 -6.75 -41.43 1.39
C SER F 535 -6.85 -42.73 2.10
N PRO F 536 -7.25 -43.81 1.36
CA PRO F 536 -7.18 -45.13 1.96
C PRO F 536 -5.70 -45.50 2.22
N HIS F 537 -4.74 -44.79 1.60
CA HIS F 537 -3.33 -45.14 1.85
C HIS F 537 -2.70 -44.18 2.86
N HIS F 538 -3.51 -43.52 3.72
CA HIS F 538 -2.94 -42.78 4.81
C HIS F 538 -2.66 -43.67 6.01
N GLY F 539 -3.34 -44.82 6.12
CA GLY F 539 -3.17 -45.55 7.39
C GLY F 539 -3.12 -47.07 7.20
N ASP F 540 -3.32 -47.55 5.99
CA ASP F 540 -3.34 -49.04 5.74
C ASP F 540 -1.97 -49.70 6.03
N TYR F 541 -0.88 -49.05 5.60
CA TYR F 541 0.44 -49.65 5.82
C TYR F 541 0.81 -49.58 7.31
N THR F 542 0.33 -48.53 7.97
CA THR F 542 0.57 -48.34 9.40
C THR F 542 -0.16 -49.43 10.22
N LYS F 543 -1.32 -49.85 9.77
CA LYS F 543 -2.04 -50.93 10.45
C LYS F 543 -1.20 -52.24 10.24
N ALA F 544 -0.65 -52.45 9.03
CA ALA F 544 0.19 -53.64 8.82
C ALA F 544 1.46 -53.61 9.70
N TYR F 545 2.07 -52.44 9.84
CA TYR F 545 3.26 -52.32 10.62
C TYR F 545 2.93 -52.61 12.08
N SER F 546 1.81 -52.08 12.60
CA SER F 546 1.41 -52.32 14.01
C SER F 546 1.25 -53.82 14.21
N ALA F 547 0.75 -54.50 13.17
CA ALA F 547 0.49 -55.94 13.26
C ALA F 547 1.76 -56.77 13.03
N GLY F 548 2.86 -56.15 12.56
CA GLY F 548 4.12 -56.86 12.21
C GLY F 548 4.02 -57.66 10.95
N GLN F 549 3.07 -57.28 10.08
CA GLN F 549 2.74 -58.12 8.92
C GLN F 549 3.44 -57.49 7.70
N TRP F 550 4.63 -58.00 7.40
CA TRP F 550 5.41 -57.40 6.29
C TRP F 550 4.66 -57.55 4.98
N LEU F 551 4.76 -56.52 4.14
CA LEU F 551 4.16 -56.60 2.74
C LEU F 551 5.08 -57.35 1.81
N ARG F 552 4.59 -58.40 1.15
CA ARG F 552 5.39 -58.93 0.01
C ARG F 552 5.10 -58.05 -1.18
N VAL F 553 6.05 -57.23 -1.62
CA VAL F 553 5.74 -56.24 -2.64
C VAL F 553 5.89 -56.87 -4.01
N PRO F 554 4.83 -56.79 -4.86
CA PRO F 554 5.01 -57.44 -6.14
C PRO F 554 6.05 -56.74 -7.00
N PHE F 555 6.78 -57.51 -7.79
CA PHE F 555 7.84 -56.90 -8.63
C PHE F 555 7.79 -57.34 -10.10
N THR F 556 7.60 -58.65 -10.38
CA THR F 556 7.48 -59.03 -11.78
C THR F 556 6.16 -58.57 -12.35
N GLU F 557 6.06 -58.53 -13.69
CA GLU F 557 4.79 -58.15 -14.30
C GLU F 557 3.65 -59.03 -13.82
N ALA F 558 3.87 -60.35 -13.77
CA ALA F 558 2.82 -61.34 -13.33
C ALA F 558 2.43 -61.07 -11.88
N GLU F 559 3.41 -60.77 -11.01
CA GLU F 559 3.12 -60.47 -9.62
C GLU F 559 2.23 -59.20 -9.48
N ILE F 560 2.56 -58.17 -10.24
CA ILE F 560 1.83 -56.87 -10.16
C ILE F 560 0.38 -57.11 -10.63
N THR F 561 0.26 -57.70 -11.82
CA THR F 561 -1.14 -57.86 -12.37
C THR F 561 -1.94 -58.94 -11.57
N GLY F 562 -1.27 -59.82 -10.87
CA GLY F 562 -1.90 -60.88 -10.11
C GLY F 562 -2.19 -60.45 -8.63
N ASN F 563 -1.78 -59.24 -8.28
CA ASN F 563 -1.97 -58.78 -6.90
C ASN F 563 -3.47 -58.54 -6.60
N ALA F 564 -3.90 -58.92 -5.39
CA ALA F 564 -5.33 -58.82 -5.04
C ALA F 564 -5.92 -57.41 -5.15
N ASP F 565 -5.13 -56.34 -5.19
CA ASP F 565 -5.62 -54.98 -5.18
C ASP F 565 -5.28 -54.22 -6.49
N TYR F 566 -4.93 -55.00 -7.49
CA TYR F 566 -4.43 -54.43 -8.70
C TYR F 566 -5.45 -53.51 -9.38
N ARG F 567 -4.97 -52.30 -9.68
CA ARG F 567 -5.69 -51.38 -10.54
C ARG F 567 -4.65 -50.72 -11.46
N THR F 568 -5.10 -50.36 -12.66
CA THR F 568 -4.22 -49.71 -13.57
C THR F 568 -4.91 -48.54 -14.27
N ALA F 569 -4.10 -47.57 -14.71
CA ALA F 569 -4.67 -46.50 -15.49
C ALA F 569 -3.52 -45.88 -16.30
N THR F 570 -3.88 -45.21 -17.38
CA THR F 570 -2.87 -44.56 -18.23
C THR F 570 -2.96 -43.04 -18.06
N VAL F 571 -1.81 -42.39 -17.90
CA VAL F 571 -1.80 -40.95 -17.95
C VAL F 571 -0.97 -40.54 -19.15
N LYS F 572 -1.54 -39.72 -20.01
CA LYS F 572 -0.77 -39.22 -21.13
C LYS F 572 -1.00 -37.75 -21.42
N GLU F 573 -0.01 -37.07 -22.02
CA GLU F 573 -0.21 -35.67 -22.52
C GLU F 573 0.90 -35.24 -23.45
N LEU F 574 0.61 -34.22 -24.26
CA LEU F 574 1.64 -33.60 -25.12
C LEU F 574 2.91 -33.11 -24.40
N GLU F 575 4.07 -33.62 -24.87
CA GLU F 575 5.43 -33.03 -24.73
C GLU F 575 6.55 -33.83 -24.10
N GLY G 4 -44.47 61.91 -3.47
CA GLY G 4 -43.00 61.90 -3.24
C GLY G 4 -42.69 62.67 -1.96
N ASP G 5 -41.99 62.01 -1.04
CA ASP G 5 -41.49 62.66 0.18
C ASP G 5 -40.18 63.45 -0.03
N GLY G 6 -39.69 63.51 -1.27
CA GLY G 6 -38.45 64.21 -1.60
C GLY G 6 -37.17 63.57 -1.04
N SER G 7 -37.25 62.34 -0.55
CA SER G 7 -36.09 61.61 -0.05
C SER G 7 -35.02 61.55 -1.13
N THR G 8 -33.78 61.87 -0.77
CA THR G 8 -32.71 61.76 -1.72
C THR G 8 -31.53 61.05 -1.12
N TYR G 9 -30.90 60.18 -1.89
CA TYR G 9 -29.63 59.65 -1.50
C TYR G 9 -28.58 60.73 -1.64
N SER G 10 -27.72 60.83 -0.65
CA SER G 10 -26.63 61.76 -0.77
C SER G 10 -25.43 61.15 -0.05
N ALA G 11 -24.32 60.98 -0.78
CA ALA G 11 -23.06 60.39 -0.24
C ALA G 11 -21.86 61.28 -0.59
N GLU G 12 -21.01 61.55 0.39
CA GLU G 12 -19.74 62.20 0.14
C GLU G 12 -18.68 61.08 -0.01
N ILE G 13 -18.00 61.11 -1.14
CA ILE G 13 -17.01 60.10 -1.44
C ILE G 13 -15.62 60.74 -1.30
N ARG G 14 -14.86 60.36 -0.28
CA ARG G 14 -13.50 60.88 -0.13
C ARG G 14 -12.57 59.78 -0.58
N ARG G 15 -11.66 60.07 -1.51
CA ARG G 15 -10.67 59.01 -1.89
C ARG G 15 -9.26 59.42 -1.43
N THR G 16 -8.49 58.45 -0.95
CA THR G 16 -7.14 58.74 -0.43
C THR G 16 -6.15 57.88 -1.23
N THR G 17 -4.88 57.81 -0.77
CA THR G 17 -3.84 57.06 -1.49
C THR G 17 -4.35 55.62 -1.88
N MET G 18 -3.99 55.17 -3.07
CA MET G 18 -4.41 53.91 -3.68
C MET G 18 -5.86 53.94 -4.09
N GLY G 19 -6.52 55.09 -3.97
CA GLY G 19 -7.90 55.21 -4.40
C GLY G 19 -8.90 54.78 -3.35
N VAL G 20 -8.44 54.38 -2.16
CA VAL G 20 -9.40 53.80 -1.16
C VAL G 20 -10.51 54.83 -0.91
N PRO G 21 -11.78 54.45 -1.12
CA PRO G 21 -12.87 55.39 -0.81
C PRO G 21 -13.36 55.33 0.63
N HIS G 22 -13.73 56.49 1.14
CA HIS G 22 -14.28 56.59 2.51
C HIS G 22 -15.60 57.30 2.30
N ILE G 23 -16.69 56.52 2.29
CA ILE G 23 -18.03 57.05 2.01
C ILE G 23 -18.51 57.67 3.30
N LYS G 24 -18.99 58.90 3.24
CA LYS G 24 -19.65 59.50 4.43
C LYS G 24 -21.12 59.83 4.08
N ALA G 25 -22.09 59.34 4.89
CA ALA G 25 -23.51 59.54 4.62
C ALA G 25 -24.30 59.69 5.92
N GLY G 26 -25.48 60.29 5.81
CA GLY G 26 -26.32 60.57 6.99
C GLY G 26 -27.20 59.41 7.39
N ASN G 27 -27.29 58.37 6.53
CA ASN G 27 -28.18 57.23 6.81
C ASN G 27 -27.71 56.01 6.04
N TRP G 28 -28.29 54.87 6.34
CA TRP G 28 -27.84 53.64 5.70
C TRP G 28 -28.09 53.57 4.20
N GLY G 29 -29.26 54.06 3.74
CA GLY G 29 -29.58 54.08 2.28
C GLY G 29 -28.52 54.85 1.50
N SER G 30 -28.14 56.02 2.03
CA SER G 30 -27.11 56.86 1.38
C SER G 30 -25.69 56.29 1.44
N ALA G 31 -25.36 55.59 2.54
CA ALA G 31 -24.07 54.88 2.58
C ALA G 31 -24.09 53.81 1.49
N GLY G 32 -25.20 53.08 1.34
CA GLY G 32 -25.32 52.03 0.27
C GLY G 32 -25.17 52.62 -1.12
N TYR G 33 -25.79 53.79 -1.29
CA TYR G 33 -25.66 54.57 -2.53
C TYR G 33 -24.23 54.90 -2.86
N GLY G 34 -23.49 55.48 -1.92
CA GLY G 34 -22.04 55.76 -2.18
C GLY G 34 -21.19 54.53 -2.44
N PHE G 35 -21.41 53.45 -1.68
CA PHE G 35 -20.60 52.25 -1.77
C PHE G 35 -20.87 51.52 -3.08
N GLY G 36 -22.12 51.43 -3.54
CA GLY G 36 -22.44 50.74 -4.85
C GLY G 36 -21.84 51.58 -5.99
N TYR G 37 -21.92 52.91 -5.85
CA TYR G 37 -21.29 53.79 -6.84
C TYR G 37 -19.77 53.56 -6.96
N VAL G 38 -19.03 53.56 -5.83
CA VAL G 38 -17.54 53.48 -6.01
C VAL G 38 -17.16 52.05 -6.47
N GLN G 39 -17.88 51.01 -6.00
CA GLN G 39 -17.56 49.62 -6.43
C GLN G 39 -17.69 49.55 -7.96
N ALA G 40 -18.81 50.03 -8.47
CA ALA G 40 -19.02 50.09 -9.96
C ALA G 40 -18.01 51.00 -10.62
N GLN G 41 -17.72 52.16 -10.05
CA GLN G 41 -16.76 53.05 -10.66
C GLN G 41 -15.41 52.39 -10.86
N ASP G 42 -15.07 51.50 -9.93
CA ASP G 42 -13.77 50.83 -9.98
C ASP G 42 -13.79 49.48 -10.70
N ASN G 43 -14.95 48.83 -10.69
CA ASN G 43 -14.96 47.38 -11.11
C ASN G 43 -16.17 47.02 -11.94
N LEU G 44 -16.65 47.96 -12.73
CA LEU G 44 -17.87 47.73 -13.50
C LEU G 44 -17.91 46.40 -14.30
N CYS G 45 -16.83 46.09 -15.03
CA CYS G 45 -16.93 44.94 -15.92
C CYS G 45 -17.09 43.65 -15.13
N THR G 46 -16.35 43.51 -14.01
CA THR G 46 -16.50 42.29 -13.16
C THR G 46 -17.88 42.27 -12.58
N MET G 47 -18.37 43.43 -12.11
CA MET G 47 -19.62 43.40 -11.38
C MET G 47 -20.80 43.13 -12.38
N ALA G 48 -20.77 43.76 -13.56
CA ALA G 48 -21.85 43.63 -14.50
C ALA G 48 -21.92 42.17 -14.97
N ASP G 49 -20.75 41.56 -15.22
CA ASP G 49 -20.69 40.16 -15.59
C ASP G 49 -21.35 39.32 -14.46
N SER G 50 -21.05 39.63 -13.20
CA SER G 50 -21.55 38.87 -12.07
C SER G 50 -23.07 38.96 -11.88
N PHE G 51 -23.67 40.10 -12.17
CA PHE G 51 -25.16 40.13 -12.07
C PHE G 51 -25.82 39.23 -13.09
N LEU G 52 -25.19 38.97 -14.24
CA LEU G 52 -25.72 37.90 -15.12
C LEU G 52 -25.70 36.56 -14.41
N THR G 53 -24.59 36.28 -13.73
CA THR G 53 -24.46 35.03 -13.01
C THR G 53 -25.61 34.87 -12.03
N TYR G 54 -25.83 35.85 -11.16
CA TYR G 54 -26.79 35.58 -10.05
C TYR G 54 -28.27 35.55 -10.50
N ARG G 55 -28.56 36.29 -11.60
CA ARG G 55 -29.89 36.35 -12.21
C ARG G 55 -30.16 35.12 -13.12
N GLY G 56 -29.12 34.36 -13.41
CA GLY G 56 -29.23 33.27 -14.36
C GLY G 56 -29.42 33.72 -15.81
N GLU G 57 -28.75 34.80 -16.21
CA GLU G 57 -28.87 35.38 -17.54
C GLU G 57 -27.57 35.38 -18.30
N ARG G 58 -26.59 34.54 -17.88
CA ARG G 58 -25.33 34.49 -18.63
C ARG G 58 -25.53 34.01 -20.08
N SER G 59 -26.27 32.91 -20.23
CA SER G 59 -26.41 32.23 -21.52
C SER G 59 -27.05 33.12 -22.60
N ARG G 60 -27.94 34.02 -22.24
CA ARG G 60 -28.67 34.87 -23.20
C ARG G 60 -27.66 35.80 -23.92
N HIS G 61 -26.70 36.28 -23.15
CA HIS G 61 -25.71 37.21 -23.64
C HIS G 61 -24.46 36.55 -24.14
N LEU G 62 -24.00 35.49 -23.46
CA LEU G 62 -22.63 34.96 -23.66
C LEU G 62 -22.60 33.53 -24.24
N GLY G 63 -23.77 32.96 -24.54
CA GLY G 63 -23.84 31.60 -25.05
C GLY G 63 -23.91 30.62 -23.89
N GLY G 64 -24.72 29.55 -24.02
CA GLY G 64 -24.81 28.62 -22.91
C GLY G 64 -23.62 27.66 -22.75
N SER G 65 -22.88 27.39 -23.82
CA SER G 65 -21.77 26.42 -23.64
C SER G 65 -20.44 27.07 -23.14
N ALA G 66 -20.33 28.40 -23.18
CA ALA G 66 -19.13 29.04 -22.60
C ALA G 66 -19.07 28.88 -21.07
N GLN G 67 -17.85 28.81 -20.49
CA GLN G 67 -17.70 28.77 -19.03
C GLN G 67 -17.91 30.17 -18.46
N LEU G 68 -18.20 30.23 -17.16
CA LEU G 68 -18.08 31.52 -16.44
C LEU G 68 -16.71 32.16 -16.78
N VAL G 69 -16.69 33.49 -16.86
CA VAL G 69 -15.48 34.21 -17.21
C VAL G 69 -14.51 34.12 -16.03
N TYR G 70 -15.03 34.38 -14.84
CA TYR G 70 -14.15 34.49 -13.69
C TYR G 70 -14.34 33.33 -12.75
N ASN G 71 -13.23 32.93 -12.13
CA ASN G 71 -13.36 31.99 -11.01
C ASN G 71 -13.96 32.67 -9.79
N SER G 72 -14.50 31.85 -8.86
CA SER G 72 -15.10 32.41 -7.64
C SER G 72 -15.56 31.19 -6.87
N THR G 73 -16.26 31.41 -5.76
CA THR G 73 -16.78 30.26 -5.00
C THR G 73 -17.71 29.32 -5.82
N LEU G 74 -18.19 29.80 -7.01
CA LEU G 74 -19.02 29.02 -7.87
C LEU G 74 -18.15 28.08 -8.77
N GLY G 75 -16.85 28.34 -8.85
CA GLY G 75 -15.96 27.69 -9.82
C GLY G 75 -16.37 28.14 -11.22
N ARG G 76 -16.10 27.30 -12.24
CA ARG G 76 -16.34 27.77 -13.62
C ARG G 76 -17.14 26.69 -14.41
N PRO G 77 -18.38 26.40 -13.96
CA PRO G 77 -19.31 25.57 -14.74
C PRO G 77 -19.65 26.26 -16.08
N ARG G 78 -20.36 25.55 -16.97
CA ARG G 78 -20.90 26.18 -18.18
C ARG G 78 -22.02 27.14 -17.77
N ASN G 79 -22.13 28.21 -18.57
CA ASN G 79 -23.17 29.22 -18.40
C ASN G 79 -24.54 28.62 -18.32
N ILE G 80 -24.84 27.61 -19.16
CA ILE G 80 -26.19 27.09 -19.13
C ILE G 80 -26.52 26.46 -17.77
N ASP G 81 -25.56 25.70 -17.21
CA ASP G 81 -25.77 25.02 -15.90
C ASP G 81 -25.80 26.04 -14.81
N SER G 82 -24.93 27.04 -14.90
CA SER G 82 -24.96 28.15 -13.89
C SER G 82 -26.35 28.83 -13.90
N ASP G 83 -26.89 29.11 -15.12
CA ASP G 83 -28.18 29.79 -15.18
C ASP G 83 -29.25 28.94 -14.52
N PHE G 84 -29.31 27.64 -14.84
CA PHE G 84 -30.30 26.81 -14.18
C PHE G 84 -30.09 26.76 -12.67
N PHE G 85 -28.83 26.65 -12.22
CA PHE G 85 -28.57 26.57 -10.79
C PHE G 85 -29.15 27.78 -10.09
N HIS G 86 -28.83 28.96 -10.60
CA HIS G 86 -29.22 30.19 -9.92
C HIS G 86 -30.71 30.42 -9.96
N ARG G 87 -31.35 30.13 -11.08
CA ARG G 87 -32.78 30.30 -11.15
C ARG G 87 -33.48 29.32 -10.23
N HIS G 88 -32.93 28.11 -10.11
CA HIS G 88 -33.57 27.01 -9.34
C HIS G 88 -33.40 27.22 -7.85
N VAL G 89 -32.17 27.47 -7.42
CA VAL G 89 -31.84 27.67 -5.99
C VAL G 89 -32.06 29.14 -5.51
N ILE G 90 -31.65 30.12 -6.32
CA ILE G 90 -31.88 31.51 -5.96
C ILE G 90 -33.19 31.98 -6.65
N SER G 91 -34.27 31.32 -6.27
CA SER G 91 -35.55 31.54 -6.93
C SER G 91 -36.13 32.85 -6.38
N ASP G 92 -37.16 33.39 -7.04
CA ASP G 92 -37.87 34.54 -6.46
C ASP G 92 -38.37 34.28 -5.04
N GLU G 93 -38.79 33.05 -4.76
CA GLU G 93 -39.22 32.70 -3.38
C GLU G 93 -38.07 32.82 -2.36
N ALA G 94 -36.87 32.35 -2.76
CA ALA G 94 -35.69 32.43 -1.86
C ALA G 94 -35.34 33.89 -1.58
N VAL G 95 -35.39 34.72 -2.63
CA VAL G 95 -35.09 36.14 -2.48
C VAL G 95 -36.16 36.73 -1.57
N ASP G 96 -37.41 36.37 -1.80
CA ASP G 96 -38.53 36.85 -0.92
C ASP G 96 -38.29 36.51 0.56
N ARG G 97 -37.99 35.25 0.84
CA ARG G 97 -37.73 34.86 2.22
C ARG G 97 -36.48 35.55 2.83
N THR G 98 -35.43 35.68 2.01
CA THR G 98 -34.22 36.41 2.42
C THR G 98 -34.59 37.85 2.86
N MET G 99 -35.32 38.56 2.00
CA MET G 99 -35.60 39.97 2.30
C MET G 99 -36.58 40.13 3.46
N ALA G 100 -37.49 39.18 3.62
CA ALA G 100 -38.51 39.26 4.67
C ALA G 100 -37.84 39.27 6.05
N ALA G 101 -36.66 38.67 6.14
CA ALA G 101 -35.89 38.55 7.40
C ALA G 101 -34.92 39.69 7.75
N GLN G 102 -34.83 40.75 6.94
CA GLN G 102 -33.82 41.80 7.14
C GLN G 102 -34.29 43.02 7.93
N PRO G 103 -33.41 43.63 8.74
CA PRO G 103 -33.76 44.92 9.36
C PRO G 103 -33.95 46.01 8.31
N ALA G 104 -34.84 46.99 8.61
CA ALA G 104 -35.22 48.00 7.62
C ALA G 104 -33.96 48.75 7.14
N LYS G 105 -33.00 48.96 8.02
CA LYS G 105 -31.79 49.72 7.62
C LYS G 105 -30.96 49.00 6.55
N LEU G 106 -30.98 47.66 6.58
CA LEU G 106 -30.20 46.89 5.59
C LEU G 106 -30.97 46.80 4.25
N LEU G 107 -32.30 46.69 4.32
CA LEU G 107 -33.10 46.83 3.10
C LEU G 107 -32.87 48.19 2.41
N GLN G 108 -32.86 49.27 3.19
CA GLN G 108 -32.56 50.60 2.66
C GLN G 108 -31.16 50.67 2.07
N MET G 109 -30.18 50.12 2.78
CA MET G 109 -28.82 50.13 2.27
C MET G 109 -28.73 49.42 0.95
N VAL G 110 -29.44 48.29 0.80
CA VAL G 110 -29.31 47.53 -0.48
C VAL G 110 -30.03 48.26 -1.62
N GLU G 111 -31.15 48.93 -1.30
CA GLU G 111 -31.84 49.80 -2.28
C GLU G 111 -30.95 50.93 -2.73
N GLY G 112 -30.28 51.55 -1.77
CA GLY G 112 -29.28 52.59 -2.07
C GLY G 112 -28.13 52.03 -2.95
N PHE G 113 -27.64 50.83 -2.61
CA PHE G 113 -26.51 50.22 -3.34
C PHE G 113 -26.84 50.00 -4.82
N ALA G 114 -28.01 49.41 -5.10
CA ALA G 114 -28.49 49.21 -6.47
C ALA G 114 -28.58 50.58 -7.19
N ALA G 115 -29.14 51.59 -6.50
CA ALA G 115 -29.29 52.92 -7.12
C ALA G 115 -27.91 53.55 -7.44
N GLY G 116 -26.94 53.36 -6.54
CA GLY G 116 -25.61 53.91 -6.76
C GLY G 116 -24.86 53.18 -7.88
N TYR G 117 -25.00 51.87 -7.91
CA TYR G 117 -24.46 51.04 -9.02
C TYR G 117 -25.11 51.55 -10.32
N ASN G 118 -26.44 51.76 -10.31
CA ASN G 118 -27.13 52.16 -11.55
C ASN G 118 -26.71 53.56 -11.99
N ARG G 119 -26.42 54.43 -11.01
CA ARG G 119 -25.97 55.77 -11.37
C ARG G 119 -24.65 55.67 -12.15
N TYR G 120 -23.71 54.87 -11.63
CA TYR G 120 -22.46 54.63 -12.37
C TYR G 120 -22.71 54.05 -13.79
N VAL G 121 -23.61 53.09 -13.90
CA VAL G 121 -23.90 52.49 -15.23
C VAL G 121 -24.35 53.65 -16.16
N ARG G 122 -25.20 54.57 -15.63
CA ARG G 122 -25.61 55.67 -16.51
C ARG G 122 -24.40 56.52 -16.97
N GLU G 123 -23.45 56.80 -16.08
CA GLU G 123 -22.24 57.62 -16.44
C GLU G 123 -21.43 56.84 -17.47
N ALA G 124 -21.23 55.53 -17.24
CA ALA G 124 -20.43 54.71 -18.17
C ALA G 124 -21.07 54.62 -19.54
N LYS G 125 -22.40 54.46 -19.60
CA LYS G 125 -23.06 54.47 -20.88
C LYS G 125 -22.92 55.81 -21.64
N ALA G 126 -23.00 56.93 -20.91
CA ALA G 126 -22.92 58.25 -21.50
C ALA G 126 -21.59 58.53 -22.20
N GLY G 127 -20.50 57.94 -21.73
CA GLY G 127 -19.23 58.33 -22.38
C GLY G 127 -18.01 57.92 -21.59
N GLY G 128 -16.82 58.37 -22.04
CA GLY G 128 -15.64 58.18 -21.19
C GLY G 128 -14.80 57.02 -21.63
N SER G 129 -13.62 56.96 -21.03
CA SER G 129 -12.60 55.99 -21.42
C SER G 129 -12.57 54.86 -20.38
N ALA G 130 -13.28 55.04 -19.25
CA ALA G 130 -13.26 54.03 -18.16
C ALA G 130 -14.05 52.82 -18.64
N HIS G 131 -13.56 51.62 -18.25
CA HIS G 131 -14.27 50.36 -18.53
C HIS G 131 -14.53 50.15 -20.03
N ALA G 132 -13.53 50.50 -20.80
CA ALA G 132 -13.60 50.32 -22.24
C ALA G 132 -13.89 48.84 -22.62
N ALA G 133 -13.50 47.90 -21.75
CA ALA G 133 -13.66 46.50 -22.11
C ALA G 133 -15.15 46.10 -22.19
N CYS G 134 -16.04 46.83 -21.47
CA CYS G 134 -17.43 46.38 -21.43
C CYS G 134 -18.52 47.48 -21.50
N ARG G 135 -18.13 48.75 -21.43
CA ARG G 135 -19.12 49.82 -21.20
C ARG G 135 -20.24 49.86 -22.25
N SER G 136 -19.96 49.37 -23.47
CA SER G 136 -20.96 49.39 -24.55
C SER G 136 -21.73 48.07 -24.72
N GLU G 137 -21.52 47.10 -23.81
CA GLU G 137 -22.18 45.79 -23.93
C GLU G 137 -23.57 45.83 -23.36
N ALA G 138 -24.45 44.94 -23.86
CA ALA G 138 -25.85 44.97 -23.41
C ALA G 138 -25.99 44.55 -21.98
N TRP G 139 -25.07 43.72 -21.52
CA TRP G 139 -25.07 43.23 -20.13
C TRP G 139 -24.53 44.20 -19.07
N VAL G 140 -24.05 45.36 -19.51
CA VAL G 140 -23.83 46.50 -18.60
C VAL G 140 -25.21 47.19 -18.59
N GLN G 141 -25.90 47.06 -17.45
CA GLN G 141 -27.32 47.49 -17.42
C GLN G 141 -27.77 47.65 -15.97
N PRO G 142 -28.79 48.48 -15.73
CA PRO G 142 -29.18 48.70 -14.33
C PRO G 142 -29.66 47.38 -13.66
N ILE G 143 -29.47 47.31 -12.34
CA ILE G 143 -29.92 46.18 -11.55
C ILE G 143 -30.98 46.63 -10.56
N THR G 144 -31.54 45.67 -9.84
CA THR G 144 -32.55 46.02 -8.81
C THR G 144 -32.01 45.65 -7.44
N ALA G 145 -32.67 46.12 -6.39
CA ALA G 145 -32.30 45.69 -5.02
C ALA G 145 -32.37 44.17 -4.93
N ARG G 146 -33.38 43.56 -5.54
CA ARG G 146 -33.52 42.12 -5.47
C ARG G 146 -32.30 41.41 -6.08
N ASP G 147 -31.76 41.98 -7.17
CA ASP G 147 -30.53 41.45 -7.72
C ASP G 147 -29.37 41.50 -6.74
N VAL G 148 -29.31 42.53 -5.94
CA VAL G 148 -28.23 42.60 -4.95
C VAL G 148 -28.48 41.50 -3.89
N TRP G 149 -29.74 41.31 -3.50
CA TRP G 149 -30.05 40.22 -2.57
C TRP G 149 -29.72 38.87 -3.16
N ARG G 150 -29.89 38.71 -4.49
CA ARG G 150 -29.45 37.43 -5.13
C ARG G 150 -27.97 37.23 -4.85
N ARG G 151 -27.19 38.29 -5.05
CA ARG G 151 -25.71 38.24 -4.88
C ARG G 151 -25.36 37.90 -3.42
N ILE G 152 -26.04 38.56 -2.49
CA ILE G 152 -25.82 38.32 -1.12
C ILE G 152 -26.13 36.88 -0.73
N TYR G 153 -27.26 36.36 -1.21
CA TYR G 153 -27.69 35.00 -0.86
C TYR G 153 -26.66 34.03 -1.51
N ALA G 154 -26.21 34.33 -2.72
CA ALA G 154 -25.21 33.49 -3.39
C ALA G 154 -23.91 33.24 -2.58
N ALA G 155 -23.44 34.29 -1.90
CA ALA G 155 -22.22 34.23 -1.08
C ALA G 155 -22.43 33.26 0.08
N ASN G 156 -23.66 33.14 0.61
CA ASN G 156 -23.93 32.21 1.75
C ASN G 156 -23.65 30.79 1.37
N LEU G 157 -23.79 30.49 0.07
CA LEU G 157 -23.89 29.07 -0.35
C LEU G 157 -22.54 28.48 -0.70
N ALA G 158 -21.46 29.20 -0.42
CA ALA G 158 -20.13 28.73 -0.82
C ALA G 158 -19.76 27.34 -0.28
N GLY G 159 -20.19 27.06 0.95
CA GLY G 159 -19.82 25.84 1.63
C GLY G 159 -20.65 24.65 1.24
N GLY G 160 -21.69 24.86 0.43
CA GLY G 160 -22.63 23.76 0.16
C GLY G 160 -23.11 23.79 -1.29
N TYR G 161 -24.24 24.47 -1.54
CA TYR G 161 -24.85 24.49 -2.88
C TYR G 161 -23.91 24.90 -4.02
N SER G 162 -23.07 25.92 -3.79
CA SER G 162 -22.24 26.44 -4.84
C SER G 162 -21.28 25.39 -5.38
N ASN G 163 -20.81 24.51 -4.51
CA ASN G 163 -19.89 23.44 -4.93
C ASN G 163 -20.55 22.37 -5.81
N PHE G 164 -21.90 22.42 -5.87
CA PHE G 164 -22.64 21.40 -6.63
C PHE G 164 -23.56 22.01 -7.63
N ALA G 165 -23.19 23.19 -8.13
CA ALA G 165 -24.09 23.94 -8.98
C ALA G 165 -24.48 23.16 -10.23
N GLU G 166 -23.49 22.66 -10.96
CA GLU G 166 -23.76 21.80 -12.16
C GLU G 166 -24.57 20.56 -11.85
N ALA G 167 -24.24 19.90 -10.74
CA ALA G 167 -24.96 18.69 -10.28
C ALA G 167 -26.42 19.00 -9.92
N ILE G 168 -26.66 20.14 -9.26
CA ILE G 168 -28.04 20.66 -8.96
C ILE G 168 -28.80 20.99 -10.28
N ALA G 169 -28.12 21.67 -11.22
CA ALA G 169 -28.71 22.00 -12.54
C ALA G 169 -29.09 20.79 -13.41
N ASN G 170 -28.53 19.61 -13.12
CA ASN G 170 -28.66 18.46 -14.00
C ASN G 170 -29.34 17.28 -13.34
N ALA G 171 -30.04 17.51 -12.25
CA ALA G 171 -30.68 16.39 -11.56
C ALA G 171 -32.05 16.15 -12.19
N GLN G 172 -32.18 15.01 -12.91
CA GLN G 172 -33.41 14.66 -13.65
C GLN G 172 -33.82 13.25 -13.32
N PRO G 173 -35.15 12.98 -13.23
CA PRO G 173 -35.63 11.60 -13.12
C PRO G 173 -35.34 10.75 -14.37
N PRO G 174 -35.34 9.40 -14.25
CA PRO G 174 -34.94 8.43 -15.27
C PRO G 174 -35.15 8.72 -16.76
N PHE H 8 -21.44 -1.31 -6.47
CA PHE H 8 -20.52 -0.17 -6.16
C PHE H 8 -19.03 -0.48 -6.37
N GLU H 9 -18.41 0.33 -7.24
CA GLU H 9 -16.99 0.22 -7.55
C GLU H 9 -16.19 1.42 -7.06
N PRO H 10 -15.37 1.23 -5.98
CA PRO H 10 -14.69 2.41 -5.44
C PRO H 10 -13.79 3.08 -6.53
N GLY H 11 -13.31 2.23 -7.45
CA GLY H 11 -12.44 2.66 -8.55
C GLY H 11 -13.10 3.73 -9.39
N ARG H 12 -14.44 3.78 -9.41
CA ARG H 12 -15.11 4.77 -10.24
C ARG H 12 -15.52 6.07 -9.56
N THR H 13 -15.26 6.18 -8.25
CA THR H 13 -15.66 7.41 -7.50
C THR H 13 -14.75 8.59 -7.95
N ARG H 14 -15.30 9.77 -8.14
CA ARG H 14 -14.48 10.91 -8.47
C ARG H 14 -14.81 11.95 -7.43
N ALA H 15 -13.85 12.27 -6.56
CA ALA H 15 -14.09 13.17 -5.43
C ALA H 15 -14.24 14.56 -5.93
N PRO H 16 -15.24 15.31 -5.42
CA PRO H 16 -15.29 16.73 -5.72
C PRO H 16 -14.27 17.52 -4.83
N SER H 17 -13.99 18.73 -5.24
CA SER H 17 -13.29 19.68 -4.36
C SER H 17 -14.33 20.30 -3.35
N LEU H 18 -14.04 20.23 -2.06
CA LEU H 18 -14.94 20.77 -1.04
C LEU H 18 -14.39 21.97 -0.28
N GLN H 19 -13.14 22.34 -0.54
CA GLN H 19 -12.55 23.46 0.15
C GLN H 19 -13.03 24.83 -0.50
N VAL H 20 -13.82 25.62 0.25
CA VAL H 20 -14.19 26.94 -0.27
C VAL H 20 -12.86 27.76 -0.63
N GLY H 21 -12.77 28.31 -1.85
CA GLY H 21 -11.63 29.16 -2.26
C GLY H 21 -10.48 28.40 -2.88
N GLY H 22 -10.53 27.07 -2.80
CA GLY H 22 -9.63 26.16 -3.49
C GLY H 22 -8.96 25.26 -2.48
N SER I 1 -6.09 30.77 3.84
CA SER I 1 -6.10 32.09 4.60
C SER I 1 -5.40 31.90 5.94
N ASN I 2 -4.77 32.97 6.42
CA ASN I 2 -4.21 32.97 7.78
C ASN I 2 -4.85 34.07 8.61
N MET I 3 -4.81 33.92 9.93
CA MET I 3 -5.11 35.05 10.83
C MET I 3 -4.47 34.81 12.20
N TYR I 4 -4.06 35.89 12.86
CA TYR I 4 -3.62 35.84 14.27
C TYR I 4 -4.41 36.92 15.00
N GLY I 5 -4.70 36.63 16.27
CA GLY I 5 -5.12 37.68 17.18
C GLY I 5 -4.13 37.62 18.34
N PHE I 6 -3.37 38.71 18.58
CA PHE I 6 -2.38 38.72 19.69
C PHE I 6 -2.96 39.50 20.86
N GLY I 7 -2.92 38.94 22.06
CA GLY I 7 -3.48 39.66 23.19
C GLY I 7 -2.41 40.52 23.83
N THR I 8 -2.79 41.22 24.91
CA THR I 8 -1.86 42.14 25.57
C THR I 8 -0.63 41.46 26.19
N ALA I 9 -0.71 40.17 26.56
CA ALA I 9 0.55 39.50 26.99
C ALA I 9 1.55 39.33 25.80
N ALA I 10 1.04 39.25 24.58
CA ALA I 10 1.89 39.12 23.37
C ALA I 10 2.37 40.49 22.89
N THR I 11 1.56 41.56 23.08
CA THR I 11 1.96 42.83 22.45
C THR I 11 2.74 43.66 23.45
N GLY I 12 2.60 43.37 24.75
CA GLY I 12 3.15 44.17 25.86
C GLY I 12 2.51 45.57 25.92
N GLU I 13 1.32 45.75 25.31
CA GLU I 13 0.61 47.08 25.24
C GLU I 13 -0.75 46.98 25.87
N GLY I 14 -1.47 48.10 25.89
CA GLY I 14 -2.82 48.17 26.48
C GLY I 14 -3.84 47.54 25.54
N SER I 15 -3.43 47.32 24.29
CA SER I 15 -4.22 46.55 23.32
C SER I 15 -3.49 45.44 22.56
N GLY I 16 -4.30 44.51 22.07
CA GLY I 16 -3.80 43.51 21.12
C GLY I 16 -3.51 43.97 19.72
N VAL I 17 -3.04 42.99 18.90
CA VAL I 17 -2.81 43.22 17.49
C VAL I 17 -3.53 42.15 16.68
N LEU I 18 -4.27 42.58 15.63
CA LEU I 18 -5.05 41.65 14.79
C LEU I 18 -4.35 41.56 13.44
N PHE I 19 -3.99 40.35 12.97
CA PHE I 19 -3.52 40.21 11.58
C PHE I 19 -4.57 39.46 10.76
N GLY I 20 -5.03 40.10 9.72
CA GLY I 20 -6.06 39.47 8.82
C GLY I 20 -5.43 39.22 7.46
N ASN I 21 -5.49 37.96 6.98
CA ASN I 21 -4.75 37.50 5.76
C ASN I 21 -5.58 36.46 5.02
N PRO I 22 -6.78 36.86 4.54
CA PRO I 22 -7.52 35.87 3.71
C PRO I 22 -6.78 35.54 2.38
N HIS I 23 -6.71 34.28 1.99
CA HIS I 23 -6.07 33.92 0.72
C HIS I 23 -7.25 33.73 -0.19
N TRP I 24 -7.32 34.52 -1.25
CA TRP I 24 -8.60 34.58 -1.99
C TRP I 24 -8.39 34.99 -3.42
N TYR I 25 -9.49 35.25 -4.12
CA TYR I 25 -9.44 35.43 -5.55
C TYR I 25 -8.80 36.78 -5.88
N TRP I 26 -8.00 36.82 -6.96
CA TRP I 26 -7.45 38.12 -7.45
C TRP I 26 -8.32 38.71 -8.53
N LYS I 27 -9.25 37.90 -9.07
CA LYS I 27 -10.21 38.40 -10.15
C LYS I 27 -11.56 37.87 -9.82
N GLY I 28 -12.60 38.51 -10.40
CA GLY I 28 -13.91 37.96 -10.30
C GLY I 28 -14.72 38.61 -9.16
N PRO I 29 -16.00 38.28 -9.07
CA PRO I 29 -16.93 39.08 -8.18
C PRO I 29 -16.82 38.73 -6.71
N ASP I 30 -16.10 37.64 -6.41
CA ASP I 30 -15.82 37.36 -4.97
C ASP I 30 -14.58 38.07 -4.49
N ARG I 31 -13.88 38.82 -5.38
CA ARG I 31 -12.64 39.43 -4.90
C ARG I 31 -12.99 40.61 -3.98
N PHE I 32 -12.04 40.98 -3.13
CA PHE I 32 -12.25 42.02 -2.15
C PHE I 32 -12.12 43.41 -2.72
N TYR I 33 -12.83 44.34 -2.03
CA TYR I 33 -12.78 45.74 -2.40
C TYR I 33 -12.65 46.52 -1.08
N GLN I 34 -11.69 47.44 -0.99
CA GLN I 34 -11.35 48.07 0.32
C GLN I 34 -12.01 49.43 0.42
N ALA I 35 -12.68 49.73 1.56
CA ALA I 35 -13.39 51.03 1.70
C ALA I 35 -13.68 51.25 3.16
N GLN I 36 -14.11 52.48 3.47
CA GLN I 36 -14.53 52.87 4.80
C GLN I 36 -15.96 53.37 4.69
N LEU I 37 -16.82 53.04 5.62
CA LEU I 37 -18.19 53.61 5.60
C LEU I 37 -18.44 54.33 6.92
N THR I 38 -18.77 55.61 6.82
CA THR I 38 -19.02 56.43 7.98
C THR I 38 -20.50 56.85 7.93
N ILE I 39 -21.29 56.36 8.87
CA ILE I 39 -22.69 56.62 8.84
C ILE I 39 -22.96 57.36 10.12
N ASP I 40 -23.20 58.67 9.96
CA ASP I 40 -23.23 59.61 11.08
C ASP I 40 -24.07 59.02 12.27
N GLY I 41 -23.42 58.82 13.41
CA GLY I 41 -24.10 58.35 14.60
C GLY I 41 -24.40 56.85 14.62
N GLU I 42 -23.94 56.08 13.63
CA GLU I 42 -24.32 54.66 13.52
C GLU I 42 -23.12 53.74 13.34
N ALA I 43 -22.18 54.15 12.48
CA ALA I 43 -21.02 53.28 12.19
C ALA I 43 -19.88 54.05 11.61
N ASN I 44 -18.66 53.56 11.86
CA ASN I 44 -17.49 54.09 11.21
C ASN I 44 -16.54 52.90 11.14
N VAL I 45 -16.53 52.29 9.96
CA VAL I 45 -15.95 50.91 9.80
C VAL I 45 -15.09 50.91 8.54
N SER I 46 -14.01 50.14 8.53
CA SER I 46 -13.11 50.12 7.37
C SER I 46 -12.68 48.70 7.13
N GLY I 47 -12.40 48.34 5.87
CA GLY I 47 -12.04 46.91 5.62
C GLY I 47 -12.44 46.54 4.21
N VAL I 48 -12.82 45.29 4.01
CA VAL I 48 -13.19 44.87 2.68
C VAL I 48 -14.55 44.18 2.61
N SER I 49 -15.18 44.28 1.44
CA SER I 49 -16.38 43.53 1.09
C SER I 49 -16.06 42.80 -0.21
N PHE I 50 -16.70 41.65 -0.41
CA PHE I 50 -16.73 41.12 -1.81
C PHE I 50 -17.40 42.19 -2.70
N LEU I 51 -17.02 42.25 -3.98
CA LEU I 51 -17.75 43.11 -4.91
C LEU I 51 -19.21 42.73 -4.89
N GLY I 52 -20.07 43.73 -4.71
CA GLY I 52 -21.53 43.52 -4.74
C GLY I 52 -22.13 43.35 -3.34
N LEU I 53 -21.29 43.30 -2.30
CA LEU I 53 -21.78 43.26 -0.94
C LEU I 53 -21.65 44.69 -0.34
N PRO I 54 -22.66 45.04 0.51
CA PRO I 54 -22.73 46.44 0.97
C PRO I 54 -22.21 46.70 2.39
N VAL I 55 -21.86 45.64 3.16
CA VAL I 55 -21.19 45.87 4.48
C VAL I 55 -19.81 45.26 4.48
N ILE I 56 -19.00 45.60 5.50
CA ILE I 56 -17.60 45.20 5.56
C ILE I 56 -17.55 43.77 6.16
N GLN I 57 -16.87 42.85 5.45
CA GLN I 57 -16.80 41.42 5.90
C GLN I 57 -15.56 41.17 6.72
N ILE I 58 -14.45 41.85 6.41
CA ILE I 58 -13.22 41.69 7.23
C ILE I 58 -12.70 43.13 7.40
N GLY I 59 -12.39 43.54 8.63
CA GLY I 59 -12.03 44.95 8.83
C GLY I 59 -11.86 45.33 10.29
N PHE I 60 -12.24 46.56 10.57
CA PHE I 60 -12.13 47.09 11.91
C PHE I 60 -12.94 48.38 12.03
N ASN I 61 -13.10 48.79 13.26
CA ASN I 61 -13.67 50.09 13.53
C ASN I 61 -12.88 50.71 14.70
N ASP I 62 -13.41 51.72 15.37
CA ASP I 62 -12.62 52.32 16.51
C ASP I 62 -12.47 51.41 17.75
N SER I 63 -13.17 50.28 17.78
CA SER I 63 -13.20 49.41 19.00
C SER I 63 -12.83 47.94 18.79
N VAL I 64 -13.08 47.41 17.61
CA VAL I 64 -12.75 45.98 17.38
C VAL I 64 -12.13 45.82 16.01
N ALA I 65 -11.36 44.74 15.84
CA ALA I 65 -10.86 44.39 14.54
C ALA I 65 -11.06 42.88 14.42
N TRP I 66 -11.34 42.38 13.22
CA TRP I 66 -11.50 40.91 13.04
C TRP I 66 -11.09 40.44 11.67
N SER I 67 -10.86 39.14 11.54
CA SER I 67 -10.75 38.56 10.21
C SER I 67 -11.37 37.14 10.17
N HIS I 68 -11.34 36.47 8.98
CA HIS I 68 -11.93 35.14 8.80
C HIS I 68 -10.98 34.24 8.06
N THR I 69 -11.12 32.92 8.29
CA THR I 69 -10.44 31.97 7.38
C THR I 69 -11.51 30.88 7.14
N VAL I 70 -11.44 30.25 5.99
CA VAL I 70 -12.39 29.14 5.71
C VAL I 70 -12.19 28.03 6.79
N SER I 71 -13.33 27.60 7.33
CA SER I 71 -13.40 26.57 8.39
C SER I 71 -13.48 25.14 7.82
N THR I 72 -12.93 24.21 8.57
CA THR I 72 -13.01 22.78 8.19
C THR I 72 -14.45 22.20 8.36
N ALA I 73 -15.32 22.91 9.08
CA ALA I 73 -16.63 22.35 9.40
C ALA I 73 -17.45 22.20 8.11
N ARG I 74 -17.99 21.02 7.87
CA ARG I 74 -18.85 20.89 6.68
C ARG I 74 -20.18 21.62 6.89
N ARG I 75 -20.72 22.22 5.84
CA ARG I 75 -21.94 23.06 6.02
C ARG I 75 -23.15 22.43 5.30
N PHE I 76 -22.96 21.22 4.74
CA PHE I 76 -24.02 20.61 3.95
C PHE I 76 -24.03 19.12 4.19
N GLY I 77 -25.08 18.43 3.73
CA GLY I 77 -25.07 16.98 3.73
C GLY I 77 -25.96 16.51 2.59
N PHE I 78 -25.96 15.20 2.35
CA PHE I 78 -26.92 14.59 1.40
C PHE I 78 -27.96 13.78 2.07
N PHE I 79 -29.11 13.65 1.41
CA PHE I 79 -30.19 12.76 1.85
C PHE I 79 -30.55 11.82 0.73
N GLN I 80 -30.33 10.54 0.99
CA GLN I 80 -30.73 9.49 0.08
C GLN I 80 -32.20 9.27 0.19
N LEU I 81 -32.89 9.33 -0.96
CA LEU I 81 -34.35 9.23 -1.00
C LEU I 81 -34.71 7.88 -1.57
N SER I 82 -35.65 7.18 -0.95
CA SER I 82 -36.14 5.92 -1.51
C SER I 82 -37.41 6.26 -2.26
N LEU I 83 -37.42 5.98 -3.56
CA LEU I 83 -38.51 6.44 -4.41
C LEU I 83 -39.74 5.57 -4.35
N VAL I 84 -40.89 6.16 -4.69
CA VAL I 84 -42.17 5.44 -4.76
C VAL I 84 -42.17 4.65 -6.03
N GLN I 85 -42.45 3.34 -5.99
CA GLN I 85 -42.46 2.53 -7.23
C GLN I 85 -43.47 3.14 -8.23
N GLY I 86 -43.07 3.20 -9.49
CA GLY I 86 -43.92 3.84 -10.52
C GLY I 86 -43.78 5.34 -10.64
N GLU I 87 -43.11 5.97 -9.67
CA GLU I 87 -43.28 7.41 -9.53
C GLU I 87 -41.93 8.04 -9.02
N PRO I 88 -40.94 8.13 -9.93
CA PRO I 88 -39.56 8.55 -9.52
C PRO I 88 -39.35 10.05 -9.15
N THR I 89 -40.45 10.82 -9.23
CA THR I 89 -40.51 12.16 -8.60
C THR I 89 -41.30 12.21 -7.25
N SER I 90 -41.56 11.05 -6.64
CA SER I 90 -42.01 10.99 -5.24
C SER I 90 -41.09 10.10 -4.40
N TYR I 91 -40.93 10.47 -3.14
CA TYR I 91 -40.05 9.73 -2.25
C TYR I 91 -40.77 9.35 -0.93
N LEU I 92 -40.35 8.27 -0.26
CA LEU I 92 -41.04 7.81 0.95
C LEU I 92 -40.50 8.51 2.22
N ARG I 93 -41.43 8.88 3.08
CA ARG I 93 -41.09 9.43 4.38
C ARG I 93 -41.86 8.62 5.42
N ASP I 94 -41.10 7.85 6.20
CA ASP I 94 -41.69 6.95 7.19
C ASP I 94 -42.86 6.19 6.59
N GLY I 95 -42.65 5.68 5.36
CA GLY I 95 -43.68 4.87 4.71
C GLY I 95 -44.76 5.59 3.90
N VAL I 96 -44.80 6.92 3.97
CA VAL I 96 -45.80 7.72 3.23
C VAL I 96 -45.13 8.45 2.03
N PRO I 97 -45.70 8.29 0.79
CA PRO I 97 -45.31 8.98 -0.47
C PRO I 97 -45.35 10.50 -0.30
N VAL I 98 -44.26 11.18 -0.65
CA VAL I 98 -44.14 12.65 -0.63
C VAL I 98 -43.73 13.14 -2.04
N LYS I 99 -44.47 14.08 -2.64
CA LYS I 99 -44.07 14.61 -3.97
C LYS I 99 -42.91 15.61 -3.90
N MET I 100 -41.89 15.39 -4.74
CA MET I 100 -40.88 16.43 -5.04
C MET I 100 -41.59 17.63 -5.68
N LYS I 101 -41.14 18.84 -5.37
CA LYS I 101 -41.75 20.05 -5.91
C LYS I 101 -41.06 20.38 -7.23
N PRO I 102 -41.80 20.40 -8.37
CA PRO I 102 -41.13 20.73 -9.66
C PRO I 102 -41.03 22.22 -9.92
N ALA I 103 -40.06 22.62 -10.74
CA ALA I 103 -39.90 23.98 -11.26
C ALA I 103 -39.51 23.77 -12.71
N THR I 104 -40.40 24.09 -13.66
CA THR I 104 -40.07 24.10 -15.08
C THR I 104 -39.44 25.43 -15.43
N ILE I 105 -38.15 25.37 -15.76
CA ILE I 105 -37.38 26.59 -15.94
C ILE I 105 -36.93 26.72 -17.40
N THR I 106 -37.15 27.90 -17.99
CA THR I 106 -36.68 28.16 -19.36
C THR I 106 -35.56 29.21 -19.36
N VAL I 107 -34.42 28.87 -19.93
CA VAL I 107 -33.27 29.80 -19.96
C VAL I 107 -32.99 30.20 -21.42
N PRO I 108 -33.15 31.48 -21.76
CA PRO I 108 -32.78 31.76 -23.15
C PRO I 108 -31.26 31.72 -23.33
N SER I 109 -30.82 31.12 -24.44
CA SER I 109 -29.38 30.88 -24.65
C SER I 109 -28.97 31.34 -26.06
N ARG I 110 -27.91 32.14 -26.16
CA ARG I 110 -27.40 32.61 -27.45
C ARG I 110 -26.63 31.50 -28.16
N ASN I 111 -26.89 31.35 -29.45
CA ASN I 111 -26.26 30.31 -30.26
C ASN I 111 -25.05 30.78 -31.03
N ALA I 112 -24.32 29.83 -31.60
CA ALA I 112 -23.24 30.11 -32.58
C ALA I 112 -23.63 31.23 -33.58
N ASP I 113 -24.72 31.07 -34.31
CA ASP I 113 -25.14 32.03 -35.37
C ASP I 113 -25.78 33.32 -34.81
N GLY I 114 -25.75 33.43 -33.49
CA GLY I 114 -26.19 34.62 -32.77
C GLY I 114 -27.69 34.73 -32.51
N SER I 115 -28.49 33.79 -33.04
CA SER I 115 -29.88 33.69 -32.64
C SER I 115 -29.93 33.21 -31.17
N VAL I 116 -31.07 33.44 -30.51
CA VAL I 116 -31.27 33.12 -29.08
C VAL I 116 -32.38 32.09 -29.01
N SER I 117 -32.13 30.93 -28.40
CA SER I 117 -33.24 30.01 -28.24
C SER I 117 -33.40 29.50 -26.82
N ASP I 118 -34.62 29.10 -26.51
CA ASP I 118 -35.01 28.80 -25.16
C ASP I 118 -34.56 27.40 -24.83
N VAL I 119 -33.91 27.22 -23.69
CA VAL I 119 -33.70 25.87 -23.18
C VAL I 119 -34.47 25.58 -21.86
N THR I 120 -35.18 24.44 -21.84
CA THR I 120 -36.05 24.17 -20.70
C THR I 120 -35.69 22.86 -19.96
N ARG I 121 -35.67 22.94 -18.64
CA ARG I 121 -35.50 21.76 -17.81
C ARG I 121 -36.55 21.85 -16.72
N THR I 122 -37.09 20.72 -16.30
CA THR I 122 -37.87 20.74 -15.07
C THR I 122 -36.96 20.21 -13.96
N LEU I 123 -36.72 21.02 -12.95
CA LEU I 123 -35.85 20.62 -11.85
C LEU I 123 -36.67 20.47 -10.58
N TYR I 124 -36.09 19.87 -9.54
CA TYR I 124 -36.90 19.49 -8.38
C TYR I 124 -36.31 19.88 -7.03
N HIS I 125 -37.20 20.08 -6.05
CA HIS I 125 -36.80 20.24 -4.66
C HIS I 125 -37.44 19.13 -3.87
N SER I 126 -36.75 18.69 -2.83
CA SER I 126 -37.35 17.85 -1.78
C SER I 126 -37.45 18.70 -0.49
N GLU I 127 -38.05 18.15 0.56
CA GLU I 127 -38.08 18.86 1.85
C GLU I 127 -36.70 19.16 2.42
N PHE I 128 -35.63 18.53 1.92
CA PHE I 128 -34.27 18.75 2.42
C PHE I 128 -33.55 19.88 1.70
N GLY I 129 -33.98 20.17 0.47
CA GLY I 129 -33.23 21.04 -0.46
C GLY I 129 -33.32 20.44 -1.84
N PRO I 130 -32.57 20.99 -2.80
CA PRO I 130 -32.73 20.60 -4.18
C PRO I 130 -32.20 19.21 -4.46
N LEU I 131 -32.78 18.59 -5.45
CA LEU I 131 -32.19 17.33 -5.94
C LEU I 131 -30.81 17.57 -6.54
N VAL I 132 -29.95 16.53 -6.48
CA VAL I 132 -28.61 16.69 -6.95
C VAL I 132 -28.15 15.44 -7.69
N ASN I 133 -27.48 15.61 -8.81
CA ASN I 133 -27.04 14.48 -9.66
C ASN I 133 -25.70 14.01 -9.16
N LEU I 134 -25.70 12.85 -8.51
CA LEU I 134 -24.48 12.33 -7.90
C LEU I 134 -23.79 11.28 -8.81
N ALA I 135 -24.23 11.12 -10.06
CA ALA I 135 -23.65 10.12 -10.97
C ALA I 135 -22.17 10.42 -11.30
N GLY I 136 -21.80 11.70 -11.34
CA GLY I 136 -20.40 12.17 -11.49
C GLY I 136 -19.51 11.75 -10.33
N LEU I 137 -20.08 11.74 -9.12
CA LEU I 137 -19.38 11.29 -7.90
C LEU I 137 -19.09 9.80 -8.01
N ASN I 138 -20.12 9.01 -8.30
CA ASN I 138 -19.94 7.61 -8.65
C ASN I 138 -21.16 7.21 -9.46
N PRO I 139 -20.95 6.49 -10.60
CA PRO I 139 -22.11 6.13 -11.46
C PRO I 139 -23.19 5.29 -10.77
N ALA I 140 -22.84 4.58 -9.70
CA ALA I 140 -23.82 3.79 -8.95
C ALA I 140 -24.87 4.68 -8.24
N LEU I 141 -24.54 5.99 -8.10
CA LEU I 141 -25.37 6.99 -7.43
C LEU I 141 -26.29 7.76 -8.38
N ALA I 142 -26.56 7.22 -9.56
CA ALA I 142 -27.48 7.92 -10.49
C ALA I 142 -28.95 7.94 -9.95
N TRP I 143 -29.76 8.86 -10.43
CA TRP I 143 -31.17 8.94 -10.02
C TRP I 143 -31.90 7.86 -10.77
N SER I 144 -32.29 6.79 -10.06
CA SER I 144 -32.80 5.57 -10.69
C SER I 144 -34.31 5.48 -10.41
N GLN I 145 -34.94 4.33 -10.71
CA GLN I 145 -36.32 4.08 -10.29
C GLN I 145 -36.50 3.97 -8.77
N GLY I 146 -35.44 3.59 -8.08
CA GLY I 146 -35.48 3.34 -6.65
C GLY I 146 -34.89 4.38 -5.75
N THR I 147 -33.94 5.18 -6.25
CA THR I 147 -33.16 6.04 -5.37
C THR I 147 -32.91 7.39 -6.04
N ALA I 148 -32.99 8.46 -5.26
CA ALA I 148 -32.43 9.73 -5.71
C ALA I 148 -31.71 10.38 -4.53
N PHE I 149 -31.10 11.54 -4.79
CA PHE I 149 -30.31 12.21 -3.76
C PHE I 149 -30.64 13.68 -3.74
N ALA I 150 -30.78 14.25 -2.54
CA ALA I 150 -30.94 15.71 -2.40
C ALA I 150 -29.77 16.22 -1.56
N ILE I 151 -29.46 17.49 -1.72
CA ILE I 151 -28.42 18.13 -0.93
C ILE I 151 -29.10 19.19 -0.06
N ARG I 152 -28.73 19.26 1.22
CA ARG I 152 -29.17 20.37 2.07
C ARG I 152 -27.92 21.17 2.50
N ASP I 153 -27.98 22.50 2.34
CA ASP I 153 -26.91 23.39 2.80
C ASP I 153 -27.53 24.15 3.97
N ILE I 154 -26.96 24.10 5.19
CA ILE I 154 -27.75 24.75 6.29
C ILE I 154 -27.77 26.25 5.98
N ASN I 155 -26.86 26.76 5.13
CA ASN I 155 -26.96 28.21 4.85
C ASN I 155 -28.09 28.63 3.89
N GLY I 156 -28.76 27.64 3.29
CA GLY I 156 -29.90 27.84 2.44
C GLY I 156 -31.06 28.48 3.18
N GLU I 157 -31.10 28.29 4.49
CA GLU I 157 -32.15 28.83 5.34
C GLU I 157 -31.60 29.82 6.36
N ASN I 158 -30.37 30.27 6.15
CA ASN I 158 -29.71 31.18 7.09
C ASN I 158 -29.83 32.59 6.50
N PHE I 159 -30.77 33.39 7.01
CA PHE I 159 -30.99 34.78 6.54
C PHE I 159 -30.35 35.85 7.49
N ARG I 160 -29.35 35.43 8.26
CA ARG I 160 -28.77 36.23 9.36
C ARG I 160 -27.36 36.70 9.07
N THR I 161 -26.76 36.22 7.98
CA THR I 161 -25.36 36.54 7.76
C THR I 161 -25.11 38.06 7.55
N LEU I 162 -25.80 38.68 6.60
CA LEU I 162 -25.45 40.07 6.28
C LEU I 162 -25.69 40.93 7.51
N ARG I 163 -26.79 40.73 8.23
CA ARG I 163 -27.01 41.58 9.43
C ARG I 163 -26.01 41.34 10.56
N THR I 164 -25.38 40.15 10.58
CA THR I 164 -24.33 39.85 11.58
C THR I 164 -23.15 40.75 11.27
N TRP I 165 -22.68 40.75 10.00
CA TRP I 165 -21.59 41.69 9.68
C TRP I 165 -21.97 43.12 9.95
N MET I 166 -23.20 43.51 9.61
CA MET I 166 -23.64 44.89 9.88
C MET I 166 -23.49 45.23 11.40
N ARG I 167 -24.00 44.36 12.26
CA ARG I 167 -23.87 44.55 13.73
C ARG I 167 -22.37 44.62 14.15
N TRP I 168 -21.54 43.72 13.61
CA TRP I 168 -20.09 43.81 13.86
C TRP I 168 -19.49 45.09 13.42
N ASN I 169 -19.93 45.58 12.26
CA ASN I 169 -19.43 46.89 11.81
C ASN I 169 -19.71 48.02 12.82
N GLN I 170 -20.83 47.94 13.52
CA GLN I 170 -21.23 48.92 14.50
C GLN I 170 -20.66 48.68 15.93
N ALA I 171 -20.07 47.51 16.18
CA ALA I 171 -19.80 47.06 17.59
C ALA I 171 -18.81 47.99 18.30
N LYS I 172 -19.02 48.20 19.60
CA LYS I 172 -18.25 49.15 20.41
C LYS I 172 -17.27 48.46 21.40
N SER I 173 -17.15 47.13 21.31
CA SER I 173 -16.23 46.32 22.18
C SER I 173 -16.12 44.85 21.70
N LEU I 174 -15.08 44.18 22.19
CA LEU I 174 -14.92 42.79 21.83
C LEU I 174 -16.06 41.99 22.48
N ASP I 175 -16.45 42.33 23.72
CA ASP I 175 -17.57 41.63 24.35
C ASP I 175 -18.84 41.71 23.53
N GLU I 176 -19.11 42.91 22.96
CA GLU I 176 -20.26 43.06 22.09
C GLU I 176 -20.09 42.19 20.83
N PHE I 177 -18.88 42.20 20.24
CA PHE I 177 -18.61 41.40 19.03
C PHE I 177 -18.94 39.92 19.32
N ILE I 178 -18.48 39.45 20.49
CA ILE I 178 -18.66 38.03 20.89
C ILE I 178 -20.14 37.74 21.08
N ALA I 179 -20.86 38.65 21.77
CA ALA I 179 -22.29 38.47 22.03
C ALA I 179 -23.04 38.41 20.71
N ILE I 180 -22.63 39.24 19.74
CA ILE I 180 -23.35 39.25 18.48
C ILE I 180 -23.15 37.92 17.76
N GLN I 181 -21.90 37.45 17.76
CA GLN I 181 -21.56 36.19 17.09
C GLN I 181 -22.42 35.09 17.64
N LYS I 182 -22.58 35.06 18.99
CA LYS I 182 -23.35 33.98 19.66
C LYS I 182 -24.85 34.11 19.47
N GLU I 183 -25.35 35.36 19.48
CA GLU I 183 -26.77 35.57 19.33
C GLU I 183 -27.21 35.14 17.92
N GLU I 184 -26.38 35.50 16.92
CA GLU I 184 -26.71 35.26 15.50
C GLU I 184 -26.41 33.82 15.04
N ALA I 185 -25.27 33.25 15.50
CA ALA I 185 -24.84 31.84 15.11
C ALA I 185 -25.07 31.63 13.61
N SER I 186 -24.51 32.56 12.83
CA SER I 186 -24.89 32.73 11.44
C SER I 186 -23.70 32.61 10.53
N ILE I 187 -22.48 32.68 11.07
CA ILE I 187 -21.30 32.77 10.21
C ILE I 187 -21.27 31.50 9.33
N PRO I 188 -21.24 31.67 8.00
CA PRO I 188 -21.71 30.54 7.21
C PRO I 188 -20.63 29.50 6.87
N TRP I 189 -19.35 29.90 6.74
CA TRP I 189 -18.35 28.87 6.29
C TRP I 189 -16.94 29.27 6.70
N VAL I 190 -16.86 30.17 7.67
CA VAL I 190 -15.54 30.61 8.13
C VAL I 190 -15.38 30.58 9.65
N ASN I 191 -14.12 30.42 10.07
CA ASN I 191 -13.68 30.85 11.43
C ASN I 191 -13.67 32.35 11.59
N THR I 192 -13.55 32.78 12.83
CA THR I 192 -13.41 34.23 13.16
C THR I 192 -12.34 34.41 14.24
N VAL I 193 -11.49 35.43 14.09
CA VAL I 193 -10.57 35.92 15.17
C VAL I 193 -10.77 37.42 15.30
N ALA I 194 -10.82 37.90 16.53
CA ALA I 194 -11.07 39.32 16.77
C ALA I 194 -10.27 39.83 17.94
N VAL I 195 -9.91 41.12 17.88
CA VAL I 195 -9.20 41.76 19.00
C VAL I 195 -9.96 43.05 19.27
N GLY I 196 -10.06 43.41 20.54
CA GLY I 196 -10.86 44.62 20.90
C GLY I 196 -10.03 45.61 21.69
N ARG I 197 -10.34 46.90 21.53
CA ARG I 197 -9.64 47.96 22.24
C ARG I 197 -9.82 47.72 23.76
N GLY I 198 -8.70 47.76 24.49
CA GLY I 198 -8.73 47.54 25.94
C GLY I 198 -8.88 46.12 26.46
N SER I 199 -9.08 45.10 25.59
CA SER I 199 -9.23 43.68 26.01
C SER I 199 -7.88 43.03 26.08
N ALA I 200 -7.66 42.35 27.19
CA ALA I 200 -6.43 41.61 27.39
C ALA I 200 -6.34 40.46 26.40
N LYS I 201 -7.49 39.80 26.18
CA LYS I 201 -7.50 38.56 25.40
C LYS I 201 -8.08 38.72 24.01
N ALA I 202 -7.48 37.97 23.11
CA ALA I 202 -7.90 37.86 21.71
C ALA I 202 -8.93 36.75 21.68
N TRP I 203 -9.78 36.78 20.65
CA TRP I 203 -10.90 35.82 20.47
C TRP I 203 -10.77 34.96 19.22
N TYR I 204 -10.98 33.66 19.36
CA TYR I 204 -11.08 32.72 18.22
C TYR I 204 -12.43 32.01 18.33
N ALA I 205 -13.14 31.83 17.19
CA ALA I 205 -14.31 30.95 17.21
C ALA I 205 -14.65 30.37 15.86
N ASP I 206 -15.19 29.16 15.90
CA ASP I 206 -15.91 28.59 14.75
C ASP I 206 -17.37 28.50 15.19
N ILE I 207 -17.97 29.68 15.44
CA ILE I 207 -19.37 29.77 15.90
C ILE I 207 -20.12 30.34 14.71
N GLY I 208 -21.01 29.51 14.18
CA GLY I 208 -21.77 29.89 13.01
C GLY I 208 -22.82 28.83 12.72
N ALA I 209 -23.23 28.73 11.45
CA ALA I 209 -24.32 27.84 11.08
C ALA I 209 -23.71 26.51 10.63
N VAL I 210 -24.00 25.42 11.36
CA VAL I 210 -23.39 24.13 11.07
C VAL I 210 -24.47 23.06 11.19
N PRO I 211 -24.54 22.11 10.22
CA PRO I 211 -25.53 21.05 10.42
C PRO I 211 -25.33 20.27 11.73
N ASN I 212 -26.44 19.91 12.37
CA ASN I 212 -26.43 19.19 13.68
C ASN I 212 -26.86 17.72 13.51
N VAL I 213 -25.91 16.79 13.64
CA VAL I 213 -26.20 15.34 13.61
C VAL I 213 -25.42 14.75 14.81
N SER I 214 -25.91 13.64 15.39
CA SER I 214 -25.24 13.02 16.53
C SER I 214 -24.47 11.79 16.04
N PRO I 215 -23.48 11.32 16.84
CA PRO I 215 -22.72 10.15 16.34
C PRO I 215 -23.64 8.93 16.16
N ALA I 216 -24.67 8.82 17.00
CA ALA I 216 -25.61 7.69 16.92
C ALA I 216 -26.38 7.77 15.58
N GLN I 217 -26.82 8.99 15.20
CA GLN I 217 -27.46 9.17 13.89
C GLN I 217 -26.47 8.83 12.79
N THR I 218 -25.23 9.34 12.89
CA THR I 218 -24.27 9.04 11.83
C THR I 218 -24.07 7.52 11.60
N ALA I 219 -23.99 6.75 12.69
CA ALA I 219 -23.91 5.29 12.60
C ALA I 219 -25.17 4.65 12.04
N ALA I 220 -26.35 5.14 12.48
CA ALA I 220 -27.60 4.44 12.17
C ALA I 220 -28.10 4.86 10.81
N CYS I 221 -27.81 6.12 10.44
CA CYS I 221 -28.44 6.81 9.28
C CYS I 221 -27.64 6.79 7.99
N THR I 222 -26.32 6.58 8.08
CA THR I 222 -25.47 6.61 6.88
C THR I 222 -25.81 5.35 6.14
N THR I 223 -26.25 5.49 4.90
CA THR I 223 -26.70 4.33 4.11
C THR I 223 -25.51 3.55 3.52
N PRO I 224 -25.74 2.33 2.93
CA PRO I 224 -24.64 1.60 2.24
C PRO I 224 -23.89 2.48 1.21
N PHE I 225 -24.62 3.21 0.36
CA PHE I 225 -23.97 4.15 -0.56
C PHE I 225 -23.18 5.21 0.21
N GLY I 226 -23.78 5.75 1.27
CA GLY I 226 -23.09 6.82 2.03
C GLY I 226 -21.77 6.36 2.68
N MET I 227 -21.74 5.11 3.16
CA MET I 227 -20.45 4.54 3.68
C MET I 227 -19.42 4.35 2.59
N ALA I 228 -19.89 3.89 1.45
CA ALA I 228 -19.01 3.52 0.34
C ALA I 228 -18.36 4.73 -0.31
N VAL I 229 -19.06 5.85 -0.39
CA VAL I 229 -18.55 7.07 -1.01
C VAL I 229 -18.10 8.10 0.03
N GLY I 230 -18.19 7.77 1.31
CA GLY I 230 -17.92 8.76 2.33
C GLY I 230 -16.53 9.36 2.38
N GLN I 231 -15.51 8.58 2.01
CA GLN I 231 -14.13 9.08 2.08
C GLN I 231 -13.91 10.16 1.00
N ALA I 232 -14.76 10.15 -0.03
CA ALA I 232 -14.81 11.22 -1.06
C ALA I 232 -15.49 12.50 -0.51
N LEU I 233 -16.13 12.41 0.67
CA LEU I 233 -16.95 13.51 1.22
C LEU I 233 -16.73 13.57 2.73
N PRO I 234 -15.50 13.91 3.17
CA PRO I 234 -15.12 13.56 4.56
C PRO I 234 -15.94 14.39 5.57
N ASN I 235 -16.55 13.66 6.50
CA ASN I 235 -17.39 14.24 7.55
C ASN I 235 -18.67 14.87 7.04
N VAL I 236 -19.00 14.65 5.77
CA VAL I 236 -20.32 15.04 5.25
C VAL I 236 -21.41 14.03 5.63
N PRO I 237 -22.50 14.45 6.36
CA PRO I 237 -23.55 13.50 6.63
C PRO I 237 -24.31 13.05 5.36
N PHE I 238 -24.33 11.73 5.12
CA PHE I 238 -24.95 11.19 3.92
C PHE I 238 -26.00 10.19 4.39
N PHE I 239 -27.21 10.69 4.60
CA PHE I 239 -28.17 10.02 5.46
C PHE I 239 -29.35 9.48 4.67
N ASP I 240 -30.02 8.51 5.27
CA ASP I 240 -31.28 7.97 4.77
C ASP I 240 -32.44 8.98 4.96
N GLY I 241 -32.79 9.70 3.89
CA GLY I 241 -33.91 10.63 3.90
C GLY I 241 -35.32 10.03 4.03
N SER I 242 -35.44 8.68 4.10
CA SER I 242 -36.69 7.93 4.30
C SER I 242 -37.17 7.97 5.74
N ARG I 243 -36.25 8.26 6.65
CA ARG I 243 -36.46 8.02 8.08
C ARG I 243 -36.42 9.36 8.74
N SER I 244 -37.53 9.78 9.33
CA SER I 244 -37.54 11.11 9.88
C SER I 244 -36.53 11.22 11.04
N GLU I 245 -36.14 10.09 11.65
CA GLU I 245 -35.24 10.13 12.80
C GLU I 245 -33.81 10.52 12.34
N CYS I 246 -33.59 10.49 11.03
CA CYS I 246 -32.34 10.91 10.41
C CYS I 246 -32.28 12.42 10.02
N ASP I 247 -33.35 13.18 10.27
CA ASP I 247 -33.32 14.64 10.02
C ASP I 247 -32.33 15.30 10.95
N TRP I 248 -31.67 16.38 10.51
CA TRP I 248 -30.72 17.13 11.40
C TRP I 248 -31.45 17.59 12.65
N LEU I 249 -30.72 17.69 13.75
CA LEU I 249 -31.28 17.85 15.08
C LEU I 249 -31.31 19.34 15.43
N THR I 250 -32.06 19.67 16.47
CA THR I 250 -32.06 21.03 16.99
C THR I 250 -31.77 20.99 18.49
N ASP I 251 -30.80 21.78 18.92
CA ASP I 251 -30.44 21.89 20.34
C ASP I 251 -31.30 22.99 21.03
N ALA I 252 -31.42 22.91 22.36
CA ALA I 252 -32.17 23.95 23.13
C ALA I 252 -31.66 25.34 22.86
N ASP I 253 -30.34 25.44 22.64
CA ASP I 253 -29.61 26.68 22.29
C ASP I 253 -29.26 26.86 20.82
N SER I 254 -29.95 26.13 19.93
CA SER I 254 -29.79 26.35 18.49
C SER I 254 -30.57 27.58 18.13
N VAL I 255 -29.99 28.47 17.33
CA VAL I 255 -30.66 29.69 16.86
C VAL I 255 -31.47 29.31 15.61
N GLN I 256 -31.04 28.27 14.92
CA GLN I 256 -31.73 27.84 13.68
C GLN I 256 -32.03 26.35 13.78
N LYS I 257 -33.20 25.91 13.30
CA LYS I 257 -33.50 24.46 13.20
C LYS I 257 -32.50 23.68 12.38
N GLY I 258 -32.12 22.49 12.87
CA GLY I 258 -31.17 21.69 12.15
C GLY I 258 -29.74 22.02 12.40
N ALA I 259 -29.50 23.09 13.18
CA ALA I 259 -28.12 23.62 13.32
C ALA I 259 -27.59 23.34 14.72
N VAL I 260 -26.26 23.32 14.85
CA VAL I 260 -25.64 23.00 16.15
C VAL I 260 -25.83 24.18 17.13
N GLY I 261 -26.12 23.89 18.39
CA GLY I 261 -26.42 24.91 19.38
C GLY I 261 -25.15 25.64 19.73
N VAL I 262 -25.28 26.86 20.21
CA VAL I 262 -24.13 27.72 20.43
C VAL I 262 -23.10 27.13 21.41
N SER I 263 -23.54 26.46 22.50
CA SER I 263 -22.58 25.96 23.49
C SER I 263 -21.77 24.77 22.99
N ARG I 264 -22.10 24.26 21.80
CA ARG I 264 -21.39 23.10 21.28
C ARG I 264 -20.56 23.49 20.06
N MET I 265 -20.24 24.78 19.92
CA MET I 265 -19.33 25.23 18.82
C MET I 265 -18.05 25.80 19.43
N PRO I 266 -16.90 25.59 18.78
CA PRO I 266 -15.66 25.89 19.57
C PRO I 266 -15.28 27.39 19.63
N SER I 267 -14.73 27.84 20.77
CA SER I 267 -14.15 29.18 20.82
C SER I 267 -13.08 29.16 21.89
N LEU I 268 -12.24 30.18 21.87
CA LEU I 268 -11.17 30.28 22.85
C LEU I 268 -10.77 31.74 22.98
N GLN I 269 -10.43 32.18 24.20
CA GLN I 269 -9.85 33.46 24.45
C GLN I 269 -8.47 33.29 25.05
N ARG I 270 -7.50 34.06 24.55
CA ARG I 270 -6.11 33.94 25.07
C ARG I 270 -5.46 35.31 25.22
N ASP I 271 -4.61 35.48 26.23
CA ASP I 271 -3.91 36.77 26.27
C ASP I 271 -2.58 36.74 25.54
N ASP I 272 -2.14 35.55 25.06
CA ASP I 272 -0.97 35.44 24.21
C ASP I 272 -1.38 35.53 22.71
N TYR I 273 -1.90 34.45 22.14
CA TYR I 273 -2.36 34.52 20.76
C TYR I 273 -3.44 33.47 20.49
N VAL I 274 -4.20 33.71 19.44
CA VAL I 274 -4.96 32.62 18.75
C VAL I 274 -4.63 32.75 17.31
N GLY I 275 -4.77 31.66 16.55
CA GLY I 275 -4.43 31.73 15.14
C GLY I 275 -5.07 30.58 14.43
N ASN I 276 -5.30 30.76 13.12
CA ASN I 276 -5.83 29.66 12.32
C ASN I 276 -5.30 29.82 10.90
N MET I 277 -4.97 28.70 10.26
CA MET I 277 -4.41 28.68 8.90
C MET I 277 -5.15 27.57 8.09
N ASN I 278 -6.47 27.42 8.36
CA ASN I 278 -7.40 26.50 7.66
C ASN I 278 -7.45 25.03 8.17
N ASP I 279 -6.60 24.67 9.15
CA ASP I 279 -6.89 23.42 9.84
C ASP I 279 -8.06 23.60 10.80
N SER I 280 -8.45 22.51 11.50
CA SER I 280 -9.62 22.63 12.39
C SER I 280 -9.33 23.59 13.59
N TYR I 281 -10.39 23.85 14.36
CA TYR I 281 -10.31 24.56 15.66
C TYR I 281 -9.25 24.05 16.64
N TRP I 282 -8.78 22.79 16.45
CA TRP I 282 -7.94 22.14 17.49
C TRP I 282 -6.84 23.05 18.04
N LEU I 283 -6.01 23.59 17.13
CA LEU I 283 -4.87 24.35 17.60
C LEU I 283 -5.06 25.86 17.49
N ALA I 284 -6.24 26.37 17.85
CA ALA I 284 -6.34 27.86 17.93
C ALA I 284 -5.19 28.44 18.74
N ASN I 285 -4.81 27.76 19.83
CA ASN I 285 -3.56 28.09 20.54
C ASN I 285 -2.87 26.80 20.86
N VAL I 286 -1.63 26.63 20.42
CA VAL I 286 -1.00 25.29 20.55
C VAL I 286 -0.78 24.90 22.00
N HIS I 287 -0.71 25.92 22.88
CA HIS I 287 -0.54 25.64 24.31
C HIS I 287 -1.80 25.13 25.00
N ALA I 288 -2.95 25.32 24.37
CA ALA I 288 -4.24 25.00 24.96
C ALA I 288 -5.14 24.41 23.91
N PRO I 289 -4.82 23.18 23.45
CA PRO I 289 -5.65 22.63 22.36
C PRO I 289 -7.13 22.50 22.74
N LEU I 290 -7.99 22.62 21.74
CA LEU I 290 -9.45 22.53 21.88
C LEU I 290 -9.87 21.17 21.36
N THR I 291 -10.70 20.46 22.15
CA THR I 291 -11.12 19.10 21.75
C THR I 291 -12.59 18.80 22.04
N GLY I 292 -13.10 17.78 21.38
CA GLY I 292 -14.41 17.23 21.76
C GLY I 292 -15.67 17.93 21.27
N TYR I 293 -15.52 18.77 20.24
CA TYR I 293 -16.65 19.39 19.59
C TYR I 293 -17.19 18.44 18.55
N PRO I 294 -18.38 18.75 17.98
CA PRO I 294 -18.99 17.75 17.08
C PRO I 294 -18.14 17.34 15.91
N ALA I 295 -18.30 16.11 15.47
CA ALA I 295 -17.41 15.54 14.42
C ALA I 295 -17.38 16.35 13.13
N ILE I 296 -18.52 16.95 12.79
CA ILE I 296 -18.64 17.75 11.55
C ILE I 296 -17.66 18.94 11.49
N PHE I 297 -17.11 19.34 12.64
CA PHE I 297 -16.11 20.43 12.68
C PHE I 297 -14.74 20.00 12.14
N GLY I 298 -14.57 18.70 11.96
CA GLY I 298 -13.31 18.14 11.43
C GLY I 298 -12.51 17.50 12.58
N PRO I 299 -11.51 16.71 12.22
CA PRO I 299 -10.74 16.02 13.25
C PRO I 299 -9.98 17.02 14.12
N ALA I 300 -9.76 16.68 15.41
CA ALA I 300 -9.01 17.56 16.28
C ALA I 300 -7.84 16.78 16.85
N GLY I 301 -6.76 16.74 16.10
CA GLY I 301 -5.55 16.08 16.55
C GLY I 301 -5.51 14.62 16.23
N THR I 302 -6.27 14.16 15.24
CA THR I 302 -6.12 12.77 14.84
C THR I 302 -5.13 12.59 13.72
N SER I 303 -4.89 13.62 12.89
CA SER I 303 -3.92 13.53 11.80
C SER I 303 -3.10 14.80 11.68
N ALA I 304 -2.05 14.68 10.87
CA ALA I 304 -1.01 15.70 10.68
C ALA I 304 -1.69 17.02 10.27
N GLN I 305 -1.22 18.12 10.86
CA GLN I 305 -1.61 19.50 10.44
C GLN I 305 -0.95 19.80 9.08
N THR I 306 -1.47 20.78 8.33
CA THR I 306 -0.79 21.12 7.08
C THR I 306 0.54 21.75 7.37
N LEU I 307 1.42 21.77 6.37
CA LEU I 307 2.70 22.48 6.56
C LEU I 307 2.48 23.98 6.83
N ARG I 308 1.44 24.55 6.23
CA ARG I 308 1.18 26.01 6.45
C ARG I 308 0.73 26.23 7.91
N THR I 309 -0.12 25.36 8.44
CA THR I 309 -0.45 25.44 9.87
C THR I 309 0.79 25.31 10.78
N ARG I 310 1.69 24.35 10.45
CA ARG I 310 2.86 24.12 11.30
C ARG I 310 3.72 25.39 11.18
N MET I 311 3.79 25.96 9.98
CA MET I 311 4.61 27.17 9.77
C MET I 311 3.99 28.33 10.56
N GLY I 312 2.68 28.46 10.47
CA GLY I 312 2.00 29.61 11.14
C GLY I 312 2.11 29.64 12.65
N HIS I 313 1.97 28.49 13.30
CA HIS I 313 2.10 28.46 14.75
C HIS I 313 3.54 28.57 15.15
N THR I 314 4.42 27.94 14.35
CA THR I 314 5.87 28.08 14.56
C THR I 314 6.23 29.57 14.59
N MET I 315 5.68 30.32 13.66
CA MET I 315 6.07 31.76 13.63
C MET I 315 5.57 32.47 14.88
N ALA I 316 4.34 32.17 15.35
CA ALA I 316 3.84 32.88 16.55
C ALA I 316 4.72 32.53 17.74
N LEU I 317 5.14 31.28 17.87
CA LEU I 317 5.89 30.86 19.04
C LEU I 317 7.27 31.50 19.03
N GLU I 318 7.88 31.55 17.84
CA GLU I 318 9.27 32.06 17.77
C GLU I 318 9.27 33.59 17.96
N ARG I 319 8.17 34.23 17.57
CA ARG I 319 8.06 35.69 17.81
C ARG I 319 8.06 35.89 19.32
N LEU I 320 7.14 35.19 19.99
CA LEU I 320 6.99 35.40 21.45
C LEU I 320 8.20 34.94 22.26
N ALA I 321 8.98 33.99 21.70
CA ALA I 321 10.25 33.62 22.34
C ALA I 321 11.41 34.53 21.95
N GLY I 322 11.22 35.38 20.96
CA GLY I 322 12.24 36.32 20.49
C GLY I 322 13.36 35.60 19.77
N THR I 323 12.99 34.53 19.08
CA THR I 323 13.98 33.69 18.36
C THR I 323 13.75 33.66 16.83
N ASP I 324 13.03 34.61 16.26
CA ASP I 324 12.71 34.59 14.82
C ASP I 324 13.59 35.56 14.07
N GLY I 325 14.46 36.29 14.77
CA GLY I 325 15.31 37.24 14.08
C GLY I 325 14.79 38.66 14.06
N TYR I 326 13.52 38.84 14.45
CA TYR I 326 13.00 40.21 14.59
C TYR I 326 13.25 40.85 15.95
N ALA I 327 13.00 42.16 16.00
CA ALA I 327 13.24 42.98 17.17
C ALA I 327 12.41 42.46 18.38
N GLY I 328 13.10 42.28 19.50
CA GLY I 328 12.43 41.99 20.76
C GLY I 328 11.68 40.68 20.75
N ASN I 329 10.65 40.62 21.60
CA ASN I 329 9.84 39.41 21.73
C ASN I 329 8.32 39.68 21.85
N LYS I 330 7.92 40.84 21.35
CA LYS I 330 6.51 41.17 21.39
C LYS I 330 5.94 41.17 20.00
N ALA I 331 4.68 40.83 19.90
CA ALA I 331 3.99 40.93 18.63
C ALA I 331 3.48 42.37 18.36
N THR I 332 4.41 43.33 18.21
CA THR I 332 4.05 44.77 17.96
C THR I 332 3.51 44.88 16.50
N SER I 333 2.74 45.93 16.23
CA SER I 333 2.28 46.17 14.83
C SER I 333 3.43 46.18 13.84
N ALA I 334 4.51 46.89 14.19
CA ALA I 334 5.67 46.97 13.29
C ALA I 334 6.27 45.62 12.98
N VAL I 335 6.46 44.80 14.00
CA VAL I 335 7.12 43.53 13.74
C VAL I 335 6.19 42.52 13.01
N VAL I 336 4.93 42.50 13.39
CA VAL I 336 3.95 41.65 12.73
C VAL I 336 3.88 42.00 11.21
N ARG I 337 3.82 43.30 10.88
CA ARG I 337 3.94 43.69 9.46
C ARG I 337 5.15 43.02 8.71
N GLU I 338 6.33 42.95 9.36
CA GLU I 338 7.48 42.30 8.69
C GLU I 338 7.30 40.81 8.68
N MET I 339 7.00 40.23 9.86
CA MET I 339 7.03 38.75 9.98
C MET I 339 6.08 38.11 9.00
N VAL I 340 4.94 38.71 8.78
CA VAL I 340 3.92 37.98 7.95
C VAL I 340 4.30 37.97 6.47
N LEU I 341 5.23 38.81 6.05
CA LEU I 341 5.75 38.80 4.67
C LEU I 341 7.04 37.99 4.49
N GLY I 342 7.55 37.44 5.59
CA GLY I 342 8.91 36.89 5.67
C GLY I 342 9.16 35.70 4.70
N SER I 343 8.10 35.05 4.24
CA SER I 343 8.27 34.03 3.14
C SER I 343 9.16 32.85 3.52
N ARG I 344 9.16 32.46 4.82
CA ARG I 344 9.82 31.20 5.20
C ARG I 344 9.11 30.01 4.58
N VAL I 345 9.89 29.00 4.23
CA VAL I 345 9.33 27.79 3.56
C VAL I 345 9.44 26.59 4.47
N PHE I 346 8.34 26.15 5.11
CA PHE I 346 8.47 25.15 6.17
C PHE I 346 9.10 23.84 5.65
N SER I 347 8.70 23.40 4.43
CA SER I 347 9.22 22.10 3.94
C SER I 347 10.76 22.18 3.82
N ALA I 348 11.29 23.31 3.34
CA ALA I 348 12.74 23.42 3.18
C ALA I 348 13.43 23.58 4.55
N GLU I 349 12.88 24.46 5.42
CA GLU I 349 13.43 24.56 6.76
C GLU I 349 13.59 23.23 7.47
N ARG I 350 12.61 22.35 7.38
CA ARG I 350 12.69 21.17 8.17
C ARG I 350 13.34 20.00 7.40
N PHE I 351 13.24 19.97 6.09
CA PHE I 351 13.61 18.72 5.36
C PHE I 351 14.65 18.93 4.28
N LYS I 352 14.97 20.15 3.91
CA LYS I 352 15.93 20.29 2.78
C LYS I 352 17.28 19.71 3.13
N ASP I 353 17.81 20.02 4.34
CA ASP I 353 19.16 19.50 4.59
C ASP I 353 19.21 17.96 4.57
N GLU I 354 18.21 17.30 5.16
CA GLU I 354 18.15 15.86 5.09
C GLU I 354 18.12 15.30 3.67
N VAL I 355 17.32 15.96 2.80
CA VAL I 355 17.20 15.54 1.44
C VAL I 355 18.57 15.66 0.79
N LEU I 356 19.20 16.84 0.96
CA LEU I 356 20.50 17.02 0.26
C LEU I 356 21.58 16.04 0.79
N ASP I 357 21.57 15.81 2.09
CA ASP I 357 22.51 14.86 2.69
C ASP I 357 22.32 13.49 2.08
N LEU I 358 21.04 13.16 1.83
CA LEU I 358 20.66 11.85 1.33
C LEU I 358 21.02 11.70 -0.14
N ILE I 359 20.85 12.75 -0.95
CA ILE I 359 20.94 12.52 -2.41
C ILE I 359 22.12 13.21 -3.12
N CYS I 360 22.81 14.14 -2.47
CA CYS I 360 23.81 14.94 -3.21
C CYS I 360 25.26 14.47 -3.13
N THR I 361 25.54 13.36 -2.47
CA THR I 361 26.90 12.78 -2.49
C THR I 361 26.90 11.32 -2.98
N PRO I 362 27.24 11.06 -4.27
CA PRO I 362 27.66 12.02 -5.30
C PRO I 362 26.45 12.80 -5.90
N ALA I 363 26.76 13.88 -6.64
CA ALA I 363 25.79 14.72 -7.32
C ALA I 363 25.72 14.30 -8.81
N GLN I 364 26.53 13.34 -9.24
CA GLN I 364 26.32 12.70 -10.54
C GLN I 364 25.55 11.43 -10.32
N TRP I 365 24.37 11.30 -10.99
CA TRP I 365 23.44 10.25 -10.68
C TRP I 365 23.11 9.41 -11.86
N THR I 366 22.54 8.24 -11.63
CA THR I 366 21.79 7.48 -12.68
C THR I 366 20.33 7.47 -12.27
N VAL I 367 19.44 8.01 -13.10
CA VAL I 367 18.03 8.14 -12.74
C VAL I 367 17.26 7.61 -13.92
N ASN I 368 16.39 6.56 -13.74
CA ASN I 368 15.67 5.95 -14.85
C ASN I 368 16.65 5.51 -15.94
N GLY I 369 17.86 5.11 -15.56
CA GLY I 369 18.80 4.58 -16.51
C GLY I 369 19.55 5.67 -17.25
N ALA I 370 19.33 6.92 -16.87
CA ALA I 370 19.95 8.12 -17.49
C ALA I 370 20.95 8.83 -16.61
N ALA I 371 22.08 9.26 -17.19
CA ALA I 371 23.07 10.12 -16.48
C ALA I 371 22.46 11.48 -16.16
N VAL I 372 22.44 11.83 -14.90
CA VAL I 372 21.91 13.16 -14.46
C VAL I 372 22.98 13.89 -13.70
N ASP I 373 23.37 15.06 -14.18
CA ASP I 373 24.32 15.92 -13.45
C ASP I 373 23.59 16.92 -12.54
N ALA I 374 23.51 16.59 -11.27
CA ALA I 374 22.72 17.38 -10.28
C ALA I 374 23.66 18.29 -9.45
N ALA I 375 24.90 18.45 -9.91
CA ALA I 375 25.86 19.27 -9.11
C ALA I 375 25.36 20.70 -8.88
N GLN I 376 24.92 21.34 -9.95
CA GLN I 376 24.41 22.71 -9.81
C GLN I 376 23.14 22.75 -8.96
N ALA I 377 22.19 21.85 -9.23
CA ALA I 377 20.99 21.75 -8.38
C ALA I 377 21.35 21.64 -6.88
N CYS I 378 22.27 20.76 -6.57
CA CYS I 378 22.65 20.47 -5.18
C CYS I 378 23.27 21.72 -4.63
N ALA I 379 24.15 22.36 -5.42
CA ALA I 379 24.85 23.56 -4.93
C ALA I 379 23.89 24.74 -4.68
N VAL I 380 22.94 24.94 -5.62
CA VAL I 380 21.99 26.06 -5.53
C VAL I 380 21.11 25.85 -4.30
N LEU I 381 20.61 24.65 -4.10
CA LEU I 381 19.72 24.41 -2.96
C LEU I 381 20.51 24.50 -1.63
N ALA I 382 21.80 24.09 -1.61
CA ALA I 382 22.56 24.20 -0.35
C ALA I 382 22.74 25.72 -0.03
N ALA I 383 22.93 26.54 -1.05
CA ALA I 383 23.20 27.99 -0.85
C ALA I 383 21.93 28.78 -0.56
N TRP I 384 20.76 28.23 -0.90
CA TRP I 384 19.48 28.86 -0.64
C TRP I 384 19.13 28.79 0.84
N ASP I 385 18.64 29.87 1.43
CA ASP I 385 18.35 29.86 2.86
C ASP I 385 16.89 29.62 3.22
N ASN I 386 16.13 28.93 2.34
CA ASN I 386 14.79 28.42 2.70
C ASN I 386 13.73 29.50 2.82
N ARG I 387 13.88 30.60 2.06
CA ARG I 387 12.88 31.70 2.05
C ARG I 387 12.52 31.97 0.63
N GLY I 388 11.28 32.39 0.35
CA GLY I 388 10.91 32.77 -1.01
C GLY I 388 10.85 34.30 -1.08
N ARG I 389 11.96 34.98 -0.79
CA ARG I 389 11.96 36.45 -0.95
C ARG I 389 12.20 36.83 -2.39
N LYS I 390 12.05 38.08 -2.74
CA LYS I 390 12.26 38.47 -4.15
C LYS I 390 13.66 38.14 -4.65
N ASP I 391 14.65 38.29 -3.75
CA ASP I 391 16.06 38.08 -4.18
C ASP I 391 16.50 36.61 -3.97
N SER I 392 15.65 35.76 -3.39
CA SER I 392 16.03 34.34 -3.10
C SER I 392 16.33 33.51 -4.34
N ARG I 393 17.52 32.89 -4.39
CA ARG I 393 17.93 32.16 -5.57
C ARG I 393 17.72 30.69 -5.45
N GLY I 394 17.03 30.09 -6.43
CA GLY I 394 16.73 28.65 -6.36
C GLY I 394 15.46 28.18 -5.71
N SER I 395 14.68 29.12 -5.13
CA SER I 395 13.49 28.70 -4.36
C SER I 395 12.46 28.03 -5.28
N HIS I 396 12.49 28.42 -6.57
CA HIS I 396 11.58 27.79 -7.53
C HIS I 396 11.96 26.37 -7.89
N LEU I 397 13.26 26.06 -7.81
CA LEU I 397 13.69 24.67 -7.99
C LEU I 397 13.08 23.85 -6.84
N TRP I 398 13.10 24.40 -5.63
CA TRP I 398 12.50 23.68 -4.46
C TRP I 398 10.98 23.45 -4.69
N ASP I 399 10.26 24.48 -5.17
CA ASP I 399 8.83 24.30 -5.45
C ASP I 399 8.59 23.14 -6.45
N GLU I 400 9.38 23.12 -7.54
CA GLU I 400 9.18 22.07 -8.55
C GLU I 400 9.61 20.69 -8.06
N PHE I 401 10.48 20.65 -7.06
CA PHE I 401 10.91 19.37 -6.50
C PHE I 401 9.93 18.87 -5.46
N TRP I 402 9.71 19.70 -4.42
CA TRP I 402 8.94 19.26 -3.25
C TRP I 402 7.53 18.87 -3.66
N SER I 403 6.91 19.64 -4.58
CA SER I 403 5.54 19.35 -5.01
C SER I 403 5.46 17.97 -5.71
N ARG I 404 6.60 17.40 -6.12
CA ARG I 404 6.63 16.06 -6.80
C ARG I 404 7.12 14.85 -5.95
N VAL I 405 7.49 15.08 -4.70
CA VAL I 405 8.03 13.99 -3.88
C VAL I 405 6.84 13.07 -3.48
N PRO I 406 6.94 11.76 -3.74
CA PRO I 406 5.79 10.90 -3.34
C PRO I 406 5.69 10.86 -1.80
N THR I 407 4.46 10.94 -1.29
CA THR I 407 4.29 11.11 0.16
C THR I 407 4.32 9.77 0.91
N ALA I 408 4.05 8.63 0.25
CA ALA I 408 3.91 7.40 1.06
C ALA I 408 5.24 7.02 1.71
N SER I 409 5.22 6.79 3.02
CA SER I 409 6.45 6.39 3.73
C SER I 409 7.64 7.36 3.67
N LEU I 410 7.34 8.63 3.44
CA LEU I 410 8.39 9.60 3.28
C LEU I 410 9.00 9.91 4.67
N PHE I 411 8.20 9.85 5.74
CA PHE I 411 8.64 10.32 7.06
C PHE I 411 8.81 9.13 7.97
N THR I 412 9.91 9.09 8.71
CA THR I 412 10.12 7.97 9.64
C THR I 412 9.44 8.18 11.00
N VAL I 413 9.19 9.43 11.35
CA VAL I 413 8.53 9.79 12.62
C VAL I 413 7.10 10.22 12.29
N PRO I 414 6.10 9.44 12.73
CA PRO I 414 4.75 9.82 12.29
C PRO I 414 4.19 10.96 13.11
N PHE I 415 3.05 11.51 12.66
CA PHE I 415 2.28 12.48 13.46
C PHE I 415 2.12 12.03 14.87
N SER I 416 2.41 12.93 15.82
CA SER I 416 2.09 12.74 17.26
C SER I 416 1.26 13.92 17.74
N ALA I 417 0.07 13.66 18.33
CA ALA I 417 -0.73 14.78 18.79
C ALA I 417 -0.06 15.55 19.93
N ALA I 418 0.93 14.92 20.56
CA ALA I 418 1.72 15.57 21.63
C ALA I 418 2.74 16.57 21.03
N ASP I 419 2.99 16.52 19.71
CA ASP I 419 4.01 17.41 19.06
C ASP I 419 3.58 17.69 17.62
N PRO I 420 2.45 18.42 17.48
CA PRO I 420 1.85 18.59 16.16
C PRO I 420 2.60 19.60 15.27
N LEU I 421 3.46 20.46 15.83
CA LEU I 421 4.21 21.34 14.94
C LEU I 421 5.45 20.65 14.35
N ASN I 422 5.96 19.64 15.00
CA ASN I 422 7.29 19.06 14.65
C ASN I 422 7.19 17.61 14.11
N THR I 423 5.96 17.12 13.95
CA THR I 423 5.77 15.76 13.38
C THR I 423 4.71 15.92 12.31
N PRO I 424 4.69 15.02 11.31
CA PRO I 424 5.68 13.97 11.02
C PRO I 424 7.07 14.62 10.67
N ARG I 425 8.13 13.86 10.85
CA ARG I 425 9.44 14.31 10.40
C ARG I 425 10.34 13.13 10.10
N GLY I 426 11.60 13.44 9.75
CA GLY I 426 12.58 12.40 9.43
C GLY I 426 12.40 11.82 8.02
N ILE I 427 13.22 12.32 7.11
CA ILE I 427 13.19 11.83 5.73
C ILE I 427 13.72 10.39 5.70
N ASN I 428 12.87 9.48 5.22
CA ASN I 428 13.18 8.04 5.13
C ASN I 428 14.34 7.81 4.14
N ALA I 429 15.44 7.25 4.59
CA ALA I 429 16.58 6.96 3.64
C ALA I 429 16.19 6.09 2.41
N ALA I 430 15.19 5.25 2.58
CA ALA I 430 14.73 4.38 1.50
C ALA I 430 14.06 5.20 0.38
N ALA I 431 13.73 6.46 0.65
CA ALA I 431 13.11 7.31 -0.38
C ALA I 431 14.19 7.94 -1.31
N ALA I 432 15.47 7.58 -1.14
CA ALA I 432 16.55 8.29 -1.91
C ALA I 432 16.36 8.24 -3.45
N ASP I 433 16.05 7.06 -3.99
CA ASP I 433 15.82 6.95 -5.45
C ASP I 433 14.63 7.79 -5.91
N ALA I 434 13.55 7.77 -5.13
CA ALA I 434 12.34 8.54 -5.45
C ALA I 434 12.66 10.02 -5.37
N LEU I 435 13.50 10.40 -4.41
CA LEU I 435 13.86 11.80 -4.26
C LEU I 435 14.70 12.24 -5.46
N ARG I 436 15.62 11.38 -5.94
CA ARG I 436 16.42 11.74 -7.11
C ARG I 436 15.55 11.83 -8.35
N GLN I 437 14.55 10.98 -8.47
CA GLN I 437 13.57 11.09 -9.60
C GLN I 437 12.85 12.40 -9.58
N ALA I 438 12.29 12.78 -8.43
CA ALA I 438 11.62 14.09 -8.30
C ALA I 438 12.54 15.26 -8.62
N MET I 439 13.80 15.20 -8.14
CA MET I 439 14.72 16.27 -8.39
C MET I 439 15.11 16.32 -9.84
N ALA I 440 15.31 15.18 -10.48
CA ALA I 440 15.66 15.22 -11.91
C ALA I 440 14.51 15.88 -12.71
N THR I 441 13.26 15.56 -12.38
CA THR I 441 12.10 16.14 -13.03
C THR I 441 12.08 17.61 -12.78
N ALA I 442 12.38 18.02 -11.54
CA ALA I 442 12.33 19.44 -11.19
C ALA I 442 13.37 20.26 -12.00
N ILE I 443 14.57 19.67 -12.10
CA ILE I 443 15.64 20.26 -12.90
C ILE I 443 15.16 20.45 -14.34
N ALA I 444 14.55 19.39 -14.88
CA ALA I 444 14.11 19.38 -16.26
C ALA I 444 13.03 20.45 -16.48
N ARG I 445 12.07 20.54 -15.54
CA ARG I 445 11.03 21.58 -15.62
C ARG I 445 11.55 23.01 -15.55
N VAL I 446 12.45 23.29 -14.61
CA VAL I 446 13.07 24.57 -14.59
C VAL I 446 13.84 24.88 -15.90
N GLY I 447 14.57 23.90 -16.41
CA GLY I 447 15.24 24.04 -17.72
C GLY I 447 14.28 24.42 -18.86
N GLN I 448 13.13 23.74 -18.89
CA GLN I 448 12.17 23.92 -19.97
C GLN I 448 11.58 25.33 -19.88
N SER I 449 11.48 25.87 -18.67
CA SER I 449 10.96 27.20 -18.43
C SER I 449 11.85 28.35 -18.93
N GLY I 450 13.12 28.08 -19.20
CA GLY I 450 14.05 29.15 -19.58
C GLY I 450 14.66 29.88 -18.37
N TYR I 451 14.12 29.70 -17.17
CA TYR I 451 14.80 30.21 -15.98
C TYR I 451 16.05 29.37 -15.58
N ALA I 452 17.09 30.04 -15.04
CA ALA I 452 18.28 29.39 -14.46
C ALA I 452 17.81 28.72 -13.18
N LEU I 453 18.54 27.68 -12.76
CA LEU I 453 18.24 27.05 -11.47
C LEU I 453 18.40 28.06 -10.34
N ASP I 454 19.33 29.02 -10.48
CA ASP I 454 19.55 29.94 -9.39
C ASP I 454 18.93 31.36 -9.63
N ALA I 455 17.91 31.39 -10.51
CA ALA I 455 17.16 32.64 -10.74
C ALA I 455 16.59 33.20 -9.40
N PRO I 456 16.59 34.54 -9.25
CA PRO I 456 15.99 35.20 -8.07
C PRO I 456 14.49 35.04 -8.18
N ARG I 457 13.82 34.82 -7.05
CA ARG I 457 12.37 34.45 -7.11
C ARG I 457 11.52 35.53 -7.78
N GLY I 458 11.88 36.82 -7.59
CA GLY I 458 11.11 37.93 -8.13
C GLY I 458 11.07 38.00 -9.66
N GLU I 459 12.01 37.33 -10.32
CA GLU I 459 11.97 37.23 -11.81
C GLU I 459 11.02 36.07 -12.25
N VAL I 460 10.85 35.10 -11.36
CA VAL I 460 9.97 33.94 -11.67
C VAL I 460 8.55 34.19 -11.27
N LEU I 461 8.36 34.92 -10.17
CA LEU I 461 7.08 35.10 -9.51
C LEU I 461 6.79 36.60 -9.56
N TYR I 462 5.76 37.01 -10.32
CA TYR I 462 5.57 38.44 -10.59
C TYR I 462 4.13 38.78 -10.92
N ALA I 463 3.83 40.10 -10.87
CA ALA I 463 2.54 40.62 -11.31
C ALA I 463 2.87 41.70 -12.30
N THR I 464 2.23 41.65 -13.46
CA THR I 464 2.53 42.64 -14.47
C THR I 464 1.55 43.83 -14.35
N ARG I 465 2.08 45.06 -14.27
CA ARG I 465 1.21 46.24 -14.26
C ARG I 465 1.94 47.34 -15.08
N GLY I 466 1.19 48.00 -15.95
CA GLY I 466 1.75 48.97 -16.88
C GLY I 466 2.85 48.44 -17.76
N GLY I 467 2.75 47.17 -18.17
CA GLY I 467 3.85 46.52 -18.92
C GLY I 467 5.14 46.22 -18.14
N THR I 468 5.17 46.45 -16.82
CA THR I 468 6.32 46.09 -15.97
C THR I 468 6.03 44.88 -15.09
N ARG I 469 6.93 43.89 -15.07
CA ARG I 469 6.73 42.74 -14.16
C ARG I 469 7.24 43.09 -12.76
N LEU I 470 6.33 43.44 -11.87
CA LEU I 470 6.66 43.70 -10.46
C LEU I 470 7.09 42.41 -9.76
N PRO I 471 8.31 42.38 -9.17
CA PRO I 471 8.75 41.12 -8.59
C PRO I 471 7.96 40.82 -7.32
N LEU I 472 7.66 39.53 -7.08
CA LEU I 472 6.87 39.20 -5.87
C LEU I 472 7.63 38.19 -5.05
N TYR I 473 7.06 37.85 -3.88
CA TYR I 473 7.70 36.97 -2.89
C TYR I 473 6.53 36.15 -2.34
N GLY I 474 6.87 35.07 -1.63
CA GLY I 474 5.81 34.23 -1.08
C GLY I 474 5.63 33.03 -2.01
N GLY I 475 4.65 32.19 -1.71
CA GLY I 475 4.52 30.96 -2.46
C GLY I 475 3.26 30.20 -2.13
N CYS I 476 3.32 28.90 -2.37
CA CYS I 476 2.11 28.05 -2.22
C CYS I 476 2.16 27.34 -0.90
N GLY I 477 0.97 27.18 -0.33
CA GLY I 477 0.85 26.49 0.94
C GLY I 477 1.36 25.08 0.95
N ALA I 478 1.30 24.38 -0.19
CA ALA I 478 1.79 22.98 -0.22
C ALA I 478 3.29 22.87 0.12
N MET I 479 4.06 23.96 -0.10
CA MET I 479 5.47 23.95 0.28
C MET I 479 5.67 24.37 1.74
N GLY I 480 4.58 24.75 2.44
CA GLY I 480 4.72 25.27 3.81
C GLY I 480 5.05 26.75 3.86
N TYR I 481 4.76 27.49 2.79
CA TYR I 481 4.75 29.00 2.93
C TYR I 481 3.59 29.40 3.81
N PHE I 482 3.82 30.46 4.59
CA PHE I 482 2.75 31.22 5.25
C PHE I 482 2.40 32.43 4.38
N THR I 483 3.39 33.06 3.75
CA THR I 483 3.14 34.26 2.94
C THR I 483 2.76 33.68 1.59
N ILE I 484 1.51 33.86 1.19
CA ILE I 484 0.98 33.07 0.04
C ILE I 484 0.85 33.93 -1.22
N THR I 485 1.63 33.53 -2.24
CA THR I 485 1.47 34.12 -3.59
C THR I 485 1.55 32.91 -4.48
N CYS I 486 0.39 32.37 -4.86
CA CYS I 486 0.38 30.99 -5.36
C CYS I 486 -0.21 31.01 -6.78
N SER I 487 0.68 31.01 -7.78
CA SER I 487 0.26 31.08 -9.22
C SER I 487 -0.40 29.78 -9.65
N GLU I 488 -1.41 29.88 -10.51
CA GLU I 488 -1.94 28.69 -11.18
C GLU I 488 -1.16 28.31 -12.44
N ASN I 489 -0.20 29.15 -12.82
CA ASN I 489 0.51 28.98 -14.10
C ASN I 489 1.65 28.00 -13.93
N ASP I 490 1.77 27.08 -14.86
CA ASP I 490 2.91 26.17 -14.80
C ASP I 490 4.19 26.94 -15.12
N ILE I 491 5.28 26.66 -14.40
CA ILE I 491 6.56 27.38 -14.62
C ILE I 491 7.01 27.41 -16.07
N THR I 492 6.68 26.36 -16.84
CA THR I 492 7.22 26.28 -18.20
C THR I 492 6.47 27.23 -19.16
N GLN I 493 5.39 27.84 -18.66
CA GLN I 493 4.56 28.79 -19.42
C GLN I 493 4.73 30.25 -19.01
N GLY I 494 5.98 30.70 -18.90
CA GLY I 494 6.23 32.07 -18.52
C GLY I 494 6.47 32.31 -17.05
N GLY I 495 6.75 31.24 -16.28
CA GLY I 495 7.02 31.38 -14.86
C GLY I 495 5.77 31.41 -13.99
N TYR I 496 5.87 31.86 -12.74
CA TYR I 496 4.75 31.91 -11.81
C TYR I 496 4.06 33.27 -11.92
N SER I 497 3.49 33.53 -13.11
CA SER I 497 2.80 34.83 -13.31
C SER I 497 1.58 34.88 -12.39
N MET I 498 1.28 36.07 -11.81
CA MET I 498 0.04 36.22 -11.02
C MET I 498 -1.01 36.98 -11.82
N ASP I 499 -0.81 37.04 -13.13
CA ASP I 499 -1.63 37.95 -13.97
C ASP I 499 -2.98 37.34 -14.44
N GLY I 500 -3.14 36.01 -14.26
CA GLY I 500 -4.28 35.27 -14.78
C GLY I 500 -5.35 35.19 -13.68
N GLN I 501 -5.65 33.95 -13.26
CA GLN I 501 -6.57 33.77 -12.12
C GLN I 501 -5.85 32.86 -11.15
N PRO I 502 -4.96 33.43 -10.37
CA PRO I 502 -4.14 32.60 -9.50
C PRO I 502 -4.90 31.84 -8.40
N ASN I 503 -4.24 30.84 -7.84
CA ASN I 503 -4.81 30.15 -6.70
C ASN I 503 -4.99 31.14 -5.52
N ALA I 504 -5.90 30.80 -4.60
CA ALA I 504 -6.14 31.63 -3.41
C ALA I 504 -4.79 32.16 -2.87
N SER I 505 -4.67 33.51 -2.79
CA SER I 505 -3.39 34.16 -2.51
C SER I 505 -3.65 35.39 -1.61
N ASN I 506 -2.63 35.87 -0.91
CA ASN I 506 -2.66 37.16 -0.19
C ASN I 506 -3.43 38.18 -1.03
N SER I 507 -4.40 38.87 -0.39
CA SER I 507 -5.40 39.67 -1.15
C SER I 507 -5.62 40.96 -0.35
N TYR I 508 -6.64 40.99 0.51
CA TYR I 508 -6.65 42.09 1.52
C TYR I 508 -5.81 41.60 2.73
N MET I 509 -4.85 42.40 3.20
CA MET I 509 -4.07 42.12 4.44
C MET I 509 -4.30 43.31 5.33
N GLN I 510 -4.49 43.02 6.63
CA GLN I 510 -4.49 44.13 7.60
C GLN I 510 -3.76 43.77 8.89
N VAL I 511 -2.99 44.75 9.38
CA VAL I 511 -2.37 44.70 10.73
C VAL I 511 -3.03 45.82 11.47
N VAL I 512 -3.83 45.46 12.47
CA VAL I 512 -4.67 46.47 13.18
C VAL I 512 -4.32 46.47 14.65
N SER I 513 -4.13 47.66 15.25
CA SER I 513 -3.81 47.77 16.69
C SER I 513 -4.57 48.98 17.23
N PHE I 514 -4.57 49.12 18.57
CA PHE I 514 -5.36 50.18 19.19
C PHE I 514 -4.47 51.02 20.12
N PRO I 515 -3.52 51.79 19.54
CA PRO I 515 -2.65 52.53 20.47
C PRO I 515 -3.35 53.71 21.03
N ALA I 516 -2.63 54.50 21.84
CA ALA I 516 -3.20 55.68 22.51
C ALA I 516 -3.88 56.60 21.54
N SER I 517 -3.27 56.82 20.38
CA SER I 517 -3.83 57.78 19.41
C SER I 517 -5.15 57.34 18.71
N GLY I 518 -5.65 56.12 18.94
CA GLY I 518 -6.82 55.58 18.25
C GLY I 518 -6.45 54.36 17.40
N VAL I 519 -7.46 53.65 16.94
CA VAL I 519 -7.19 52.49 15.99
C VAL I 519 -6.21 52.88 14.85
N GLN I 520 -5.30 51.99 14.50
CA GLN I 520 -4.31 52.19 13.46
C GLN I 520 -4.33 50.93 12.62
N ALA I 521 -4.42 51.05 11.30
CA ALA I 521 -4.41 49.88 10.45
C ALA I 521 -3.46 50.05 9.30
N HIS I 522 -2.64 49.01 9.04
CA HIS I 522 -1.78 48.97 7.85
C HIS I 522 -2.33 47.93 6.96
N THR I 523 -2.42 48.23 5.66
CA THR I 523 -3.14 47.31 4.75
C THR I 523 -2.45 47.12 3.41
N PHE I 524 -2.82 46.02 2.75
CA PHE I 524 -2.63 45.89 1.30
C PHE I 524 -3.92 45.39 0.71
N LEU I 525 -4.13 45.79 -0.55
CA LEU I 525 -5.07 45.04 -1.45
C LEU I 525 -4.18 44.67 -2.64
N THR I 526 -3.62 43.44 -2.59
CA THR I 526 -2.49 43.09 -3.47
C THR I 526 -2.68 43.33 -4.94
N PHE I 527 -3.87 42.98 -5.46
CA PHE I 527 -4.18 43.13 -6.91
C PHE I 527 -4.71 44.53 -7.30
N SER I 528 -4.73 45.47 -6.30
CA SER I 528 -5.21 46.88 -6.46
C SER I 528 -6.74 47.01 -6.56
N LEU I 529 -7.23 48.23 -6.34
CA LEU I 529 -8.64 48.40 -6.18
C LEU I 529 -9.49 48.12 -7.44
N SER I 530 -8.97 48.47 -8.63
CA SER I 530 -9.83 48.53 -9.83
C SER I 530 -9.39 47.44 -10.86
N ASP I 531 -10.37 46.84 -11.53
CA ASP I 531 -10.07 45.82 -12.54
C ASP I 531 -9.84 46.45 -13.90
N ASP I 532 -9.88 47.79 -13.99
CA ASP I 532 -9.86 48.42 -15.31
C ASP I 532 -8.41 48.79 -15.60
N PRO I 533 -7.80 48.24 -16.67
CA PRO I 533 -6.38 48.63 -16.93
C PRO I 533 -6.14 50.10 -17.21
N ALA I 534 -7.16 50.87 -17.51
CA ALA I 534 -6.98 52.31 -17.68
C ALA I 534 -6.96 53.07 -16.34
N SER I 535 -7.40 52.42 -15.24
CA SER I 535 -7.55 53.16 -13.97
C SER I 535 -6.17 53.41 -13.35
N PRO I 536 -5.98 54.59 -12.71
CA PRO I 536 -4.79 54.81 -11.90
C PRO I 536 -4.73 53.86 -10.67
N HIS I 537 -5.86 53.22 -10.32
CA HIS I 537 -5.89 52.21 -9.22
C HIS I 537 -5.96 50.76 -9.67
N HIS I 538 -5.46 50.47 -10.87
CA HIS I 538 -5.30 49.07 -11.28
C HIS I 538 -4.00 48.44 -10.82
N GLY I 539 -2.97 49.25 -10.60
CA GLY I 539 -1.65 48.70 -10.30
C GLY I 539 -0.86 49.39 -9.22
N ASP I 540 -1.40 50.49 -8.71
CA ASP I 540 -0.63 51.25 -7.66
C ASP I 540 -0.40 50.46 -6.35
N TYR I 541 -1.46 49.80 -5.87
CA TYR I 541 -1.37 49.05 -4.63
C TYR I 541 -0.47 47.83 -4.84
N THR I 542 -0.48 47.27 -6.07
CA THR I 542 0.32 46.06 -6.39
C THR I 542 1.81 46.45 -6.39
N LYS I 543 2.09 47.64 -6.89
CA LYS I 543 3.48 48.16 -6.76
C LYS I 543 3.92 48.25 -5.28
N ALA I 544 3.05 48.80 -4.43
CA ALA I 544 3.36 48.89 -2.97
C ALA I 544 3.56 47.47 -2.38
N TYR I 545 2.68 46.54 -2.75
CA TYR I 545 2.80 45.14 -2.25
C TYR I 545 4.18 44.56 -2.67
N SER I 546 4.55 44.73 -3.94
CA SER I 546 5.85 44.22 -4.47
C SER I 546 6.99 44.77 -3.66
N ALA I 547 6.87 46.06 -3.31
CA ALA I 547 7.94 46.74 -2.55
C ALA I 547 7.86 46.39 -1.04
N GLY I 548 6.82 45.68 -0.58
CA GLY I 548 6.59 45.41 0.88
C GLY I 548 6.18 46.65 1.67
N GLN I 549 5.65 47.67 1.00
CA GLN I 549 5.39 48.94 1.68
C GLN I 549 3.92 49.02 2.08
N TRP I 550 3.66 48.66 3.33
CA TRP I 550 2.26 48.61 3.83
C TRP I 550 1.66 50.00 3.75
N LEU I 551 0.36 50.08 3.38
CA LEU I 551 -0.37 51.37 3.37
C LEU I 551 -0.93 51.68 4.76
N ARG I 552 -0.53 52.82 5.34
CA ARG I 552 -1.21 53.25 6.54
C ARG I 552 -2.53 53.86 6.06
N VAL I 553 -3.67 53.21 6.34
CA VAL I 553 -4.95 53.65 5.74
C VAL I 553 -5.55 54.73 6.64
N PRO I 554 -5.90 55.89 6.08
CA PRO I 554 -6.45 56.87 7.05
C PRO I 554 -7.83 56.51 7.52
N PHE I 555 -8.17 56.90 8.74
CA PHE I 555 -9.41 56.42 9.36
C PHE I 555 -10.17 57.54 9.99
N THR I 556 -9.49 58.38 10.76
CA THR I 556 -10.19 59.53 11.33
C THR I 556 -10.46 60.57 10.25
N GLU I 557 -11.35 61.53 10.57
CA GLU I 557 -11.71 62.57 9.61
C GLU I 557 -10.46 63.38 9.28
N ALA I 558 -9.66 63.67 10.32
CA ALA I 558 -8.44 64.43 10.14
C ALA I 558 -7.42 63.70 9.26
N GLU I 559 -7.33 62.38 9.43
CA GLU I 559 -6.40 61.59 8.67
C GLU I 559 -6.84 61.56 7.21
N ILE I 560 -8.15 61.43 7.01
CA ILE I 560 -8.72 61.34 5.64
C ILE I 560 -8.48 62.68 4.90
N THR I 561 -8.94 63.78 5.49
CA THR I 561 -8.77 65.10 4.81
C THR I 561 -7.30 65.56 4.73
N GLY I 562 -6.43 64.97 5.56
CA GLY I 562 -5.03 65.30 5.60
C GLY I 562 -4.16 64.46 4.70
N ASN I 563 -4.73 63.42 4.08
CA ASN I 563 -3.95 62.50 3.27
C ASN I 563 -3.42 63.26 2.01
N ALA I 564 -2.17 62.99 1.58
CA ALA I 564 -1.53 63.65 0.43
C ALA I 564 -2.34 63.56 -0.87
N ASP I 565 -3.07 62.48 -1.05
CA ASP I 565 -3.94 62.25 -2.25
C ASP I 565 -5.45 62.50 -2.07
N TYR I 566 -5.83 63.19 -0.98
CA TYR I 566 -7.23 63.43 -0.67
C TYR I 566 -8.00 64.15 -1.80
N ARG I 567 -9.14 63.59 -2.21
CA ARG I 567 -10.13 64.24 -3.11
C ARG I 567 -11.51 63.91 -2.55
N THR I 568 -12.44 64.86 -2.65
CA THR I 568 -13.80 64.64 -2.27
C THR I 568 -14.76 65.06 -3.38
N ALA I 569 -15.84 64.32 -3.51
CA ALA I 569 -16.95 64.73 -4.41
C ALA I 569 -18.20 64.15 -3.77
N THR I 570 -19.36 64.73 -4.08
CA THR I 570 -20.62 64.25 -3.52
C THR I 570 -21.52 63.72 -4.66
N VAL I 571 -22.19 62.62 -4.43
CA VAL I 571 -23.16 62.14 -5.39
C VAL I 571 -24.52 62.17 -4.72
N LYS I 572 -25.51 62.65 -5.46
CA LYS I 572 -26.88 62.61 -4.97
C LYS I 572 -27.93 62.32 -6.04
N GLU I 573 -29.06 61.81 -5.63
CA GLU I 573 -30.20 61.65 -6.56
C GLU I 573 -31.49 61.38 -5.76
N LEU I 574 -32.64 61.75 -6.32
CA LEU I 574 -33.93 61.39 -5.69
C LEU I 574 -34.10 59.85 -5.47
N GLU I 575 -34.57 59.42 -4.28
CA GLU I 575 -34.86 57.98 -4.04
C GLU I 575 -35.94 57.41 -4.96
N THR J 8 23.30 -6.16 -40.85
CA THR J 8 23.20 -5.15 -39.76
C THR J 8 22.79 -3.78 -40.31
N TYR J 9 22.25 -2.91 -39.47
CA TYR J 9 21.72 -1.66 -40.04
C TYR J 9 22.83 -0.67 -40.23
N SER J 10 22.76 0.05 -41.35
CA SER J 10 23.74 1.10 -41.66
C SER J 10 23.00 2.15 -42.44
N ALA J 11 22.97 3.39 -41.97
CA ALA J 11 22.34 4.49 -42.74
C ALA J 11 23.25 5.72 -42.75
N GLU J 12 23.38 6.35 -43.92
CA GLU J 12 24.14 7.59 -43.99
C GLU J 12 23.11 8.72 -43.81
N ILE J 13 23.37 9.61 -42.84
CA ILE J 13 22.42 10.73 -42.54
C ILE J 13 23.08 11.98 -43.09
N ARG J 14 22.57 12.55 -44.18
CA ARG J 14 23.07 13.84 -44.69
C ARG J 14 22.08 14.96 -44.32
N ARG J 15 22.53 15.93 -43.55
CA ARG J 15 21.63 17.03 -43.18
C ARG J 15 22.04 18.29 -44.01
N THR J 16 21.02 19.05 -44.41
CA THR J 16 21.21 20.25 -45.22
C THR J 16 20.51 21.38 -44.49
N THR J 17 20.38 22.52 -45.17
CA THR J 17 19.84 23.74 -44.54
C THR J 17 18.52 23.42 -43.82
N MET J 18 18.35 24.08 -42.68
CA MET J 18 17.17 23.85 -41.77
C MET J 18 17.23 22.48 -41.07
N GLY J 19 18.33 21.75 -41.25
CA GLY J 19 18.47 20.44 -40.61
C GLY J 19 17.81 19.29 -41.35
N VAL J 20 17.24 19.53 -42.53
CA VAL J 20 16.48 18.50 -43.27
C VAL J 20 17.40 17.29 -43.50
N PRO J 21 16.99 16.11 -42.98
CA PRO J 21 17.85 14.92 -43.17
C PRO J 21 17.50 14.18 -44.45
N HIS J 22 18.54 13.69 -45.11
CA HIS J 22 18.38 12.88 -46.32
C HIS J 22 19.06 11.57 -45.97
N ILE J 23 18.27 10.56 -45.70
CA ILE J 23 18.72 9.27 -45.19
C ILE J 23 19.08 8.46 -46.45
N LYS J 24 20.29 7.91 -46.49
CA LYS J 24 20.68 7.02 -47.60
C LYS J 24 21.04 5.63 -47.05
N ALA J 25 20.42 4.57 -47.60
CA ALA J 25 20.61 3.25 -47.05
C ALA J 25 20.53 2.25 -48.19
N GLY J 26 21.04 1.03 -47.96
CA GLY J 26 21.08 0.01 -49.04
C GLY J 26 19.84 -0.90 -49.05
N ASN J 27 18.97 -0.75 -48.07
CA ASN J 27 17.77 -1.60 -47.95
C ASN J 27 16.71 -0.90 -47.06
N TRP J 28 15.53 -1.51 -46.99
CA TRP J 28 14.44 -0.83 -46.28
C TRP J 28 14.65 -0.80 -44.77
N GLY J 29 15.17 -1.89 -44.23
CA GLY J 29 15.46 -1.96 -42.76
C GLY J 29 16.40 -0.81 -42.37
N SER J 30 17.47 -0.64 -43.12
CA SER J 30 18.43 0.45 -42.80
C SER J 30 17.86 1.82 -43.08
N ALA J 31 16.93 1.97 -44.04
CA ALA J 31 16.34 3.31 -44.25
C ALA J 31 15.47 3.62 -43.02
N GLY J 32 14.76 2.59 -42.53
CA GLY J 32 13.92 2.72 -41.31
C GLY J 32 14.79 3.12 -40.11
N TYR J 33 15.92 2.44 -39.95
CA TYR J 33 16.88 2.74 -38.86
C TYR J 33 17.32 4.23 -38.90
N GLY J 34 17.77 4.70 -40.03
CA GLY J 34 18.16 6.12 -40.16
C GLY J 34 17.02 7.09 -39.85
N PHE J 35 15.80 6.79 -40.31
CA PHE J 35 14.66 7.70 -40.19
C PHE J 35 14.20 7.76 -38.74
N GLY J 36 14.07 6.59 -38.08
CA GLY J 36 13.72 6.56 -36.65
C GLY J 36 14.76 7.30 -35.82
N TYR J 37 16.03 7.09 -36.14
CA TYR J 37 17.12 7.86 -35.45
C TYR J 37 16.91 9.40 -35.57
N VAL J 38 16.78 9.93 -36.78
CA VAL J 38 16.71 11.34 -36.91
C VAL J 38 15.41 11.91 -36.34
N GLN J 39 14.30 11.18 -36.44
CA GLN J 39 13.03 11.72 -35.88
C GLN J 39 13.23 11.86 -34.34
N ALA J 40 13.76 10.81 -33.70
CA ALA J 40 14.07 10.89 -32.27
C ALA J 40 15.08 11.95 -31.94
N GLN J 41 16.15 12.08 -32.75
CA GLN J 41 17.21 13.00 -32.44
C GLN J 41 16.63 14.43 -32.38
N ASP J 42 15.64 14.68 -33.23
CA ASP J 42 15.01 16.01 -33.29
C ASP J 42 13.78 16.15 -32.43
N ASN J 43 13.10 15.05 -32.15
CA ASN J 43 11.79 15.18 -31.44
C ASN J 43 11.50 14.19 -30.33
N LEU J 44 12.55 13.78 -29.63
CA LEU J 44 12.42 12.73 -28.62
C LEU J 44 11.28 12.97 -27.62
N CYS J 45 11.18 14.18 -27.05
CA CYS J 45 10.18 14.38 -25.99
C CYS J 45 8.74 14.16 -26.54
N THR J 46 8.42 14.70 -27.72
CA THR J 46 7.06 14.45 -28.30
C THR J 46 6.89 13.01 -28.62
N MET J 47 7.91 12.36 -29.18
CA MET J 47 7.75 10.96 -29.57
C MET J 47 7.62 10.00 -28.37
N ALA J 48 8.44 10.21 -27.35
CA ALA J 48 8.39 9.31 -26.17
C ALA J 48 7.06 9.49 -25.48
N ASP J 49 6.60 10.74 -25.38
CA ASP J 49 5.24 10.90 -24.76
C ASP J 49 4.20 10.14 -25.61
N SER J 50 4.35 10.20 -26.93
CA SER J 50 3.35 9.59 -27.82
C SER J 50 3.36 8.05 -27.71
N PHE J 51 4.51 7.42 -27.44
CA PHE J 51 4.45 5.92 -27.33
C PHE J 51 3.76 5.49 -26.04
N LEU J 52 3.77 6.32 -24.99
CA LEU J 52 2.80 6.08 -23.90
C LEU J 52 1.36 6.03 -24.42
N THR J 53 1.00 7.00 -25.24
CA THR J 53 -0.36 7.07 -25.72
C THR J 53 -0.80 5.79 -26.42
N TYR J 54 -0.03 5.36 -27.42
CA TYR J 54 -0.52 4.25 -28.29
C TYR J 54 -0.45 2.93 -27.52
N ARG J 55 0.51 2.82 -26.58
CA ARG J 55 0.54 1.66 -25.64
C ARG J 55 -0.51 1.65 -24.55
N GLY J 56 -1.15 2.78 -24.24
CA GLY J 56 -2.14 2.84 -23.15
C GLY J 56 -1.40 2.84 -21.82
N GLU J 57 -0.22 3.47 -21.81
CA GLU J 57 0.65 3.59 -20.59
C GLU J 57 0.80 5.05 -20.12
N ARG J 58 -0.07 5.96 -20.55
CA ARG J 58 0.04 7.33 -20.03
C ARG J 58 -0.18 7.43 -18.52
N SER J 59 -1.23 6.78 -18.03
CA SER J 59 -1.69 7.00 -16.68
C SER J 59 -0.61 6.54 -15.65
N ARG J 60 0.09 5.45 -15.98
CA ARG J 60 1.11 4.89 -15.07
C ARG J 60 2.16 5.97 -14.75
N HIS J 61 2.50 6.77 -15.77
CA HIS J 61 3.59 7.75 -15.64
C HIS J 61 3.10 9.12 -15.24
N LEU J 62 1.95 9.49 -15.82
CA LEU J 62 1.52 10.90 -15.72
C LEU J 62 0.23 11.13 -14.94
N GLY J 63 -0.40 10.07 -14.44
CA GLY J 63 -1.59 10.20 -13.65
C GLY J 63 -2.77 9.98 -14.60
N GLY J 64 -3.76 9.22 -14.15
CA GLY J 64 -4.95 9.00 -14.98
C GLY J 64 -5.84 10.22 -15.27
N SER J 65 -5.78 11.23 -14.35
CA SER J 65 -6.64 12.43 -14.38
C SER J 65 -6.14 13.50 -15.28
N ALA J 66 -4.85 13.56 -15.57
CA ALA J 66 -4.28 14.57 -16.44
C ALA J 66 -4.78 14.35 -17.89
N GLN J 67 -4.91 15.41 -18.69
CA GLN J 67 -5.25 15.20 -20.10
C GLN J 67 -3.97 14.87 -20.86
N LEU J 68 -4.12 14.33 -22.06
CA LEU J 68 -3.02 14.29 -23.01
C LEU J 68 -2.31 15.64 -23.05
N VAL J 69 -1.00 15.58 -23.19
CA VAL J 69 -0.18 16.80 -23.19
C VAL J 69 -0.41 17.52 -24.54
N TYR J 70 -0.37 16.77 -25.64
CA TYR J 70 -0.42 17.45 -26.93
C TYR J 70 -1.76 17.17 -27.63
N ASN J 71 -2.26 18.19 -28.35
CA ASN J 71 -3.38 17.96 -29.30
C ASN J 71 -2.88 17.06 -30.45
N SER J 72 -3.86 16.35 -31.05
CA SER J 72 -3.56 15.49 -32.20
C SER J 72 -4.97 15.05 -32.71
N THR J 73 -4.98 14.09 -33.64
CA THR J 73 -6.26 13.51 -34.15
C THR J 73 -7.02 12.79 -33.00
N LEU J 74 -6.38 12.49 -31.87
CA LEU J 74 -7.07 11.90 -30.68
C LEU J 74 -7.82 12.97 -29.88
N GLY J 75 -7.46 14.24 -30.03
CA GLY J 75 -8.02 15.28 -29.12
C GLY J 75 -7.30 15.12 -27.78
N ARG J 76 -7.85 15.69 -26.73
CA ARG J 76 -7.17 15.63 -25.36
C ARG J 76 -8.08 15.09 -24.27
N PRO J 77 -8.44 13.80 -24.37
CA PRO J 77 -9.22 13.15 -23.33
C PRO J 77 -8.28 12.93 -22.10
N ARG J 78 -8.85 12.47 -20.98
CA ARG J 78 -8.08 12.20 -19.79
C ARG J 78 -7.23 11.02 -20.14
N ASN J 79 -6.02 10.97 -19.58
CA ASN J 79 -5.15 9.80 -19.73
C ASN J 79 -5.81 8.44 -19.48
N ILE J 80 -6.64 8.33 -18.44
CA ILE J 80 -7.16 7.05 -18.10
C ILE J 80 -8.08 6.54 -19.24
N ASP J 81 -8.84 7.46 -19.85
CA ASP J 81 -9.74 7.06 -20.97
C ASP J 81 -8.95 6.79 -22.21
N SER J 82 -7.92 7.59 -22.47
CA SER J 82 -7.06 7.33 -23.63
C SER J 82 -6.44 5.96 -23.47
N ASP J 83 -6.00 5.59 -22.27
CA ASP J 83 -5.32 4.29 -22.11
C ASP J 83 -6.29 3.12 -22.36
N PHE J 84 -7.54 3.25 -21.88
CA PHE J 84 -8.53 2.19 -22.14
C PHE J 84 -8.84 2.11 -23.61
N PHE J 85 -8.96 3.26 -24.27
CA PHE J 85 -9.29 3.21 -25.68
C PHE J 85 -8.19 2.48 -26.46
N HIS J 86 -6.94 2.85 -26.23
CA HIS J 86 -5.84 2.25 -27.01
C HIS J 86 -5.69 0.76 -26.71
N ARG J 87 -5.86 0.37 -25.45
CA ARG J 87 -5.79 -1.02 -25.07
C ARG J 87 -6.90 -1.83 -25.67
N HIS J 88 -8.07 -1.22 -25.77
CA HIS J 88 -9.28 -1.95 -26.23
C HIS J 88 -9.32 -2.05 -27.75
N VAL J 89 -9.10 -0.91 -28.41
CA VAL J 89 -9.11 -0.85 -29.87
C VAL J 89 -7.78 -1.26 -30.55
N ILE J 90 -6.67 -0.78 -30.02
CA ILE J 90 -5.35 -1.22 -30.54
C ILE J 90 -4.75 -2.38 -29.71
N SER J 91 -5.55 -3.45 -29.62
CA SER J 91 -5.21 -4.66 -28.88
C SER J 91 -4.04 -5.39 -29.55
N ASP J 92 -3.48 -6.37 -28.85
CA ASP J 92 -2.43 -7.18 -29.49
C ASP J 92 -2.98 -7.91 -30.74
N GLU J 93 -4.24 -8.30 -30.69
CA GLU J 93 -4.88 -8.92 -31.84
C GLU J 93 -4.96 -7.99 -33.09
N ALA J 94 -5.33 -6.73 -32.87
CA ALA J 94 -5.34 -5.71 -33.94
C ALA J 94 -3.95 -5.50 -34.48
N VAL J 95 -2.95 -5.45 -33.61
CA VAL J 95 -1.55 -5.36 -34.05
C VAL J 95 -1.16 -6.58 -34.88
N ASP J 96 -1.46 -7.76 -34.36
CA ASP J 96 -1.21 -9.03 -35.12
C ASP J 96 -1.81 -9.00 -36.50
N ARG J 97 -3.08 -8.59 -36.62
CA ARG J 97 -3.75 -8.59 -37.89
C ARG J 97 -3.14 -7.57 -38.83
N THR J 98 -2.85 -6.38 -38.31
CA THR J 98 -2.13 -5.34 -39.07
C THR J 98 -0.81 -5.87 -39.63
N MET J 99 0.02 -6.47 -38.77
CA MET J 99 1.38 -6.88 -39.19
C MET J 99 1.28 -8.03 -40.19
N ALA J 100 0.28 -8.91 -40.02
CA ALA J 100 0.16 -10.09 -40.89
C ALA J 100 -0.04 -9.67 -42.34
N ALA J 101 -0.64 -8.49 -42.55
CA ALA J 101 -1.04 -8.01 -43.88
C ALA J 101 0.10 -7.27 -44.59
N GLN J 102 1.25 -7.10 -43.93
CA GLN J 102 2.30 -6.19 -44.51
C GLN J 102 3.31 -6.85 -45.40
N PRO J 103 3.78 -6.15 -46.44
CA PRO J 103 4.96 -6.73 -47.14
C PRO J 103 6.18 -6.81 -46.25
N ALA J 104 7.02 -7.79 -46.53
CA ALA J 104 8.27 -8.00 -45.77
C ALA J 104 9.10 -6.75 -45.66
N LYS J 105 9.24 -6.00 -46.76
CA LYS J 105 10.15 -4.86 -46.72
C LYS J 105 9.64 -3.79 -45.72
N LEU J 106 8.31 -3.68 -45.59
CA LEU J 106 7.78 -2.68 -44.65
C LEU J 106 7.92 -3.16 -43.21
N LEU J 107 7.73 -4.45 -42.99
CA LEU J 107 8.00 -5.10 -41.65
C LEU J 107 9.48 -4.81 -41.29
N GLN J 108 10.39 -4.99 -42.27
CA GLN J 108 11.80 -4.72 -42.03
C GLN J 108 12.03 -3.25 -41.71
N MET J 109 11.37 -2.36 -42.48
CA MET J 109 11.57 -0.92 -42.28
C MET J 109 11.14 -0.53 -40.86
N VAL J 110 10.02 -1.06 -40.42
CA VAL J 110 9.50 -0.69 -39.09
C VAL J 110 10.37 -1.29 -37.99
N GLU J 111 10.85 -2.52 -38.18
CA GLU J 111 11.88 -3.04 -37.20
C GLU J 111 13.10 -2.09 -37.12
N GLY J 112 13.58 -1.67 -38.28
CA GLY J 112 14.73 -0.76 -38.36
C GLY J 112 14.36 0.56 -37.62
N PHE J 113 13.13 1.03 -37.84
CA PHE J 113 12.72 2.35 -37.27
C PHE J 113 12.72 2.27 -35.73
N ALA J 114 12.17 1.19 -35.17
CA ALA J 114 12.26 1.02 -33.72
C ALA J 114 13.72 0.95 -33.25
N ALA J 115 14.56 0.19 -33.94
CA ALA J 115 15.97 0.13 -33.57
C ALA J 115 16.69 1.49 -33.62
N GLY J 116 16.37 2.31 -34.62
CA GLY J 116 17.03 3.62 -34.76
C GLY J 116 16.54 4.57 -33.67
N TYR J 117 15.24 4.56 -33.38
CA TYR J 117 14.68 5.33 -32.29
C TYR J 117 15.35 4.87 -30.96
N ASN J 118 15.48 3.54 -30.76
CA ASN J 118 16.11 3.03 -29.50
C ASN J 118 17.57 3.41 -29.40
N ARG J 119 18.27 3.48 -30.54
CA ARG J 119 19.67 3.95 -30.58
C ARG J 119 19.74 5.38 -30.04
N TYR J 120 18.82 6.19 -30.48
CA TYR J 120 18.87 7.61 -30.01
C TYR J 120 18.51 7.65 -28.53
N VAL J 121 17.50 6.88 -28.10
CA VAL J 121 17.21 6.82 -26.66
C VAL J 121 18.47 6.44 -25.85
N ARG J 122 19.26 5.45 -26.30
CA ARG J 122 20.47 5.13 -25.54
C ARG J 122 21.37 6.38 -25.48
N GLU J 123 21.51 7.10 -26.60
CA GLU J 123 22.41 8.25 -26.56
C GLU J 123 21.89 9.38 -25.64
N ALA J 124 20.59 9.60 -25.65
CA ALA J 124 19.98 10.67 -24.80
C ALA J 124 20.16 10.23 -23.33
N LYS J 125 19.95 8.94 -22.99
CA LYS J 125 20.18 8.51 -21.63
C LYS J 125 21.65 8.68 -21.19
N ALA J 126 22.61 8.43 -22.11
CA ALA J 126 24.06 8.48 -21.82
C ALA J 126 24.51 9.84 -21.34
N GLY J 127 23.93 10.90 -21.90
CA GLY J 127 24.37 12.22 -21.47
C GLY J 127 23.91 13.26 -22.42
N GLY J 128 24.55 14.43 -22.31
CA GLY J 128 24.28 15.54 -23.22
C GLY J 128 23.14 16.44 -22.72
N SER J 129 22.92 17.53 -23.44
CA SER J 129 21.94 18.52 -22.98
C SER J 129 20.77 18.60 -23.97
N ALA J 130 20.80 17.81 -25.04
CA ALA J 130 19.65 17.78 -25.97
C ALA J 130 18.50 17.14 -25.22
N HIS J 131 17.28 17.67 -25.46
CA HIS J 131 16.01 17.07 -24.92
C HIS J 131 16.06 17.10 -23.40
N ALA J 132 16.62 18.17 -22.82
CA ALA J 132 16.73 18.32 -21.37
C ALA J 132 15.36 18.22 -20.69
N ALA J 133 14.29 18.56 -21.38
CA ALA J 133 12.97 18.53 -20.76
C ALA J 133 12.53 17.09 -20.45
N CYS J 134 13.10 16.08 -21.10
CA CYS J 134 12.61 14.72 -20.82
C CYS J 134 13.63 13.60 -20.75
N ARG J 135 14.88 13.88 -21.07
CA ARG J 135 15.83 12.76 -21.28
C ARG J 135 16.06 11.87 -20.09
N SER J 136 15.76 12.34 -18.87
CA SER J 136 16.03 11.56 -17.71
C SER J 136 14.70 11.00 -17.12
N GLU J 137 13.58 11.17 -17.85
CA GLU J 137 12.27 10.61 -17.39
C GLU J 137 12.10 9.14 -17.67
N ALA J 138 11.32 8.43 -16.82
CA ALA J 138 11.14 6.95 -17.00
C ALA J 138 10.48 6.63 -18.32
N TRP J 139 9.65 7.57 -18.83
CA TRP J 139 8.93 7.31 -20.09
C TRP J 139 9.71 7.54 -21.35
N VAL J 140 10.98 7.98 -21.21
CA VAL J 140 11.92 7.93 -22.30
C VAL J 140 12.56 6.53 -22.23
N GLN J 141 12.16 5.65 -23.17
CA GLN J 141 12.55 4.24 -23.03
C GLN J 141 12.51 3.57 -24.43
N PRO J 142 13.19 2.41 -24.56
CA PRO J 142 13.15 1.79 -25.89
C PRO J 142 11.71 1.30 -26.22
N ILE J 143 11.43 1.24 -27.50
CA ILE J 143 10.11 0.73 -27.98
C ILE J 143 10.33 -0.55 -28.82
N THR J 144 9.26 -1.20 -29.23
CA THR J 144 9.39 -2.39 -30.11
C THR J 144 8.79 -2.07 -31.49
N ALA J 145 9.07 -2.93 -32.46
CA ALA J 145 8.42 -2.78 -33.77
C ALA J 145 6.87 -2.77 -33.57
N ARG J 146 6.36 -3.65 -32.68
CA ARG J 146 4.92 -3.67 -32.44
C ARG J 146 4.39 -2.32 -32.00
N ASP J 147 5.17 -1.62 -31.19
CA ASP J 147 4.78 -0.26 -30.80
C ASP J 147 4.66 0.72 -31.95
N VAL J 148 5.56 0.63 -32.94
CA VAL J 148 5.48 1.50 -34.10
C VAL J 148 4.21 1.10 -34.90
N TRP J 149 3.92 -0.22 -34.99
CA TRP J 149 2.66 -0.61 -35.68
C TRP J 149 1.41 -0.08 -34.94
N ARG J 150 1.46 -0.01 -33.57
CA ARG J 150 0.37 0.62 -32.75
C ARG J 150 0.20 2.05 -33.27
N ARG J 151 1.32 2.80 -33.41
CA ARG J 151 1.25 4.19 -33.83
C ARG J 151 0.66 4.32 -35.25
N ILE J 152 1.06 3.41 -36.11
CA ILE J 152 0.63 3.42 -37.56
C ILE J 152 -0.87 3.14 -37.62
N TYR J 153 -1.30 2.16 -36.83
CA TYR J 153 -2.68 1.79 -36.89
C TYR J 153 -3.49 2.97 -36.29
N ALA J 154 -2.98 3.60 -35.22
CA ALA J 154 -3.68 4.75 -34.60
C ALA J 154 -4.00 5.82 -35.65
N ALA J 155 -3.02 6.09 -36.52
CA ALA J 155 -3.20 7.17 -37.53
C ALA J 155 -4.39 6.85 -38.48
N ASN J 156 -4.67 5.55 -38.71
CA ASN J 156 -5.76 5.13 -39.62
C ASN J 156 -7.12 5.54 -39.08
N LEU J 157 -7.21 5.65 -37.76
CA LEU J 157 -8.49 5.73 -37.04
C LEU J 157 -9.01 7.14 -36.90
N ALA J 158 -8.32 8.12 -37.47
CA ALA J 158 -8.66 9.52 -37.22
C ALA J 158 -10.08 9.91 -37.62
N GLY J 159 -10.62 9.31 -38.68
CA GLY J 159 -11.96 9.72 -39.19
C GLY J 159 -13.06 9.01 -38.43
N GLY J 160 -12.72 8.08 -37.57
CA GLY J 160 -13.80 7.31 -36.92
C GLY J 160 -13.53 7.07 -35.42
N TYR J 161 -12.86 5.97 -35.13
CA TYR J 161 -12.67 5.56 -33.71
C TYR J 161 -12.00 6.65 -32.87
N SER J 162 -11.04 7.39 -33.44
CA SER J 162 -10.34 8.38 -32.65
C SER J 162 -11.28 9.48 -32.13
N ASN J 163 -12.26 9.85 -32.93
CA ASN J 163 -13.16 10.94 -32.59
C ASN J 163 -14.09 10.51 -31.43
N PHE J 164 -14.12 9.21 -31.17
CA PHE J 164 -15.00 8.67 -30.12
C PHE J 164 -14.20 7.93 -29.03
N ALA J 165 -12.93 8.32 -28.86
CA ALA J 165 -12.04 7.63 -27.90
C ALA J 165 -12.64 7.51 -26.52
N GLU J 166 -13.05 8.64 -25.93
CA GLU J 166 -13.54 8.67 -24.56
C GLU J 166 -14.82 7.85 -24.51
N ALA J 167 -15.65 7.98 -25.56
CA ALA J 167 -16.96 7.28 -25.58
C ALA J 167 -16.84 5.75 -25.70
N ILE J 168 -15.85 5.30 -26.46
CA ILE J 168 -15.50 3.87 -26.55
C ILE J 168 -14.93 3.36 -25.20
N ALA J 169 -14.06 4.17 -24.55
CA ALA J 169 -13.46 3.82 -23.24
C ALA J 169 -14.51 3.69 -22.10
N ASN J 170 -15.68 4.30 -22.29
CA ASN J 170 -16.76 4.34 -21.24
C ASN J 170 -18.08 3.69 -21.60
N ALA J 171 -18.06 2.83 -22.61
CA ALA J 171 -19.27 2.12 -23.01
C ALA J 171 -19.38 0.97 -22.04
N GLN J 172 -20.44 1.04 -21.20
CA GLN J 172 -20.69 0.10 -20.11
C GLN J 172 -22.16 -0.33 -20.09
N PRO J 173 -22.44 -1.64 -19.87
CA PRO J 173 -23.90 -1.93 -19.78
C PRO J 173 -24.56 -1.36 -18.47
N PRO J 174 -25.91 -1.34 -18.40
CA PRO J 174 -26.52 -0.61 -17.27
C PRO J 174 -26.15 -1.18 -15.93
N PHE K 8 -37.20 11.04 -27.01
CA PHE K 8 -36.00 11.75 -27.57
C PHE K 8 -36.16 13.27 -27.65
N GLU K 9 -35.13 14.03 -27.28
CA GLU K 9 -35.27 15.49 -27.23
C GLU K 9 -34.20 16.23 -28.06
N PRO K 10 -34.54 16.64 -29.31
CA PRO K 10 -33.55 17.30 -30.20
C PRO K 10 -32.69 18.38 -29.51
N GLY K 11 -33.30 19.13 -28.59
CA GLY K 11 -32.62 20.20 -27.88
C GLY K 11 -31.50 19.72 -26.97
N ARG K 12 -31.49 18.44 -26.62
CA ARG K 12 -30.48 17.89 -25.75
C ARG K 12 -29.33 17.20 -26.52
N THR K 13 -29.41 17.21 -27.86
CA THR K 13 -28.35 16.67 -28.71
C THR K 13 -27.12 17.59 -28.69
N ARG K 14 -25.92 17.04 -28.47
CA ARG K 14 -24.66 17.78 -28.59
C ARG K 14 -23.83 17.17 -29.71
N ALA K 15 -23.81 17.83 -30.86
CA ALA K 15 -23.07 17.25 -31.99
C ALA K 15 -21.60 17.10 -31.63
N PRO K 16 -20.99 15.97 -32.02
CA PRO K 16 -19.53 15.90 -31.87
C PRO K 16 -18.85 16.66 -33.05
N SER K 17 -17.58 16.99 -32.90
CA SER K 17 -16.83 17.54 -34.06
C SER K 17 -16.14 16.46 -34.93
N LEU K 18 -16.62 16.34 -36.14
CA LEU K 18 -16.29 15.20 -36.96
C LEU K 18 -15.11 15.46 -37.91
N GLN K 19 -14.66 16.72 -38.01
CA GLN K 19 -13.67 17.10 -39.01
C GLN K 19 -12.26 16.78 -38.50
N VAL K 20 -11.60 15.81 -39.11
CA VAL K 20 -10.24 15.48 -38.64
C VAL K 20 -9.32 16.75 -38.65
N GLY K 21 -8.60 16.98 -37.56
CA GLY K 21 -7.68 18.11 -37.47
C GLY K 21 -8.39 19.42 -37.10
N GLY K 22 -9.75 19.41 -37.11
CA GLY K 22 -10.59 20.63 -36.93
C GLY K 22 -10.63 21.01 -35.44
N GLU K 23 -11.55 21.93 -35.08
CA GLU K 23 -11.76 22.57 -33.72
C GLU K 23 -11.18 23.99 -33.60
N SER L 1 -6.94 22.44 -44.62
CA SER L 1 -5.82 22.20 -45.59
C SER L 1 -6.26 22.60 -46.98
N ASN L 2 -5.26 23.04 -47.79
CA ASN L 2 -5.54 23.41 -49.18
C ASN L 2 -4.64 22.58 -50.06
N MET L 3 -5.05 22.37 -51.30
CA MET L 3 -4.03 21.90 -52.27
C MET L 3 -4.50 22.27 -53.69
N TYR L 4 -3.54 22.46 -54.59
CA TYR L 4 -3.84 22.64 -55.98
C TYR L 4 -2.94 21.72 -56.79
N GLY L 5 -3.47 21.27 -57.92
CA GLY L 5 -2.65 20.58 -58.93
C GLY L 5 -2.91 21.38 -60.20
N PHE L 6 -1.86 22.01 -60.78
CA PHE L 6 -1.99 22.75 -62.03
C PHE L 6 -1.43 21.88 -63.18
N GLY L 7 -2.23 21.75 -64.26
CA GLY L 7 -1.81 20.99 -65.45
C GLY L 7 -0.96 21.87 -66.34
N THR L 8 -0.36 21.28 -67.35
CA THR L 8 0.52 22.05 -68.27
C THR L 8 -0.16 23.20 -69.01
N ALA L 9 -1.50 23.14 -69.21
CA ALA L 9 -2.21 24.32 -69.80
C ALA L 9 -2.15 25.53 -68.85
N ALA L 10 -2.13 25.26 -67.55
CA ALA L 10 -2.10 26.34 -66.54
C ALA L 10 -0.69 26.78 -66.31
N THR L 11 0.33 25.89 -66.48
CA THR L 11 1.67 26.35 -66.17
C THR L 11 2.32 26.95 -67.40
N GLY L 12 1.92 26.49 -68.59
CA GLY L 12 2.53 26.90 -69.88
C GLY L 12 3.93 26.34 -70.04
N GLU L 13 4.21 25.29 -69.26
CA GLU L 13 5.50 24.61 -69.28
C GLU L 13 5.34 23.12 -69.52
N GLY L 14 6.47 22.44 -69.46
CA GLY L 14 6.53 21.05 -69.80
C GLY L 14 5.98 20.20 -68.69
N SER L 15 5.77 20.79 -67.54
CA SER L 15 5.12 20.00 -66.47
C SER L 15 4.10 20.78 -65.71
N GLY L 16 3.27 20.08 -64.97
CA GLY L 16 2.35 20.86 -64.01
C GLY L 16 3.05 21.24 -62.74
N VAL L 17 2.27 21.79 -61.81
CA VAL L 17 2.83 22.33 -60.55
C VAL L 17 1.88 21.85 -59.46
N LEU L 18 2.45 21.27 -58.42
CA LEU L 18 1.66 20.73 -57.26
C LEU L 18 1.89 21.64 -56.07
N PHE L 19 0.80 22.14 -55.47
CA PHE L 19 0.90 22.86 -54.23
C PHE L 19 0.25 22.07 -53.12
N GLY L 20 1.07 21.72 -52.14
CA GLY L 20 0.62 20.96 -50.96
C GLY L 20 0.59 21.85 -49.74
N ASN L 21 -0.57 21.93 -49.03
CA ASN L 21 -0.72 22.90 -47.87
C ASN L 21 -1.65 22.30 -46.83
N PRO L 22 -1.22 21.22 -46.19
CA PRO L 22 -2.04 20.65 -45.05
C PRO L 22 -2.06 21.65 -43.85
N HIS L 23 -3.25 21.95 -43.32
CA HIS L 23 -3.34 22.83 -42.15
C HIS L 23 -3.40 21.86 -41.01
N TRP L 24 -2.42 21.87 -40.12
CA TRP L 24 -2.31 20.73 -39.23
C TRP L 24 -1.53 21.17 -37.97
N TYR L 25 -1.18 20.19 -37.13
CA TYR L 25 -0.75 20.51 -35.76
C TYR L 25 0.67 21.08 -35.76
N TRP L 26 0.89 22.06 -34.90
CA TRP L 26 2.24 22.64 -34.74
C TRP L 26 3.03 21.92 -33.64
N LYS L 27 2.36 21.15 -32.77
CA LYS L 27 3.02 20.35 -31.73
C LYS L 27 2.33 19.00 -31.68
N GLY L 28 2.99 18.04 -31.04
CA GLY L 28 2.37 16.75 -30.84
C GLY L 28 2.81 15.74 -31.91
N PRO L 29 2.43 14.48 -31.72
CA PRO L 29 3.02 13.40 -32.54
C PRO L 29 2.39 13.26 -33.92
N ASP L 30 1.25 13.93 -34.15
CA ASP L 30 0.78 13.99 -35.52
C ASP L 30 1.43 15.10 -36.32
N ARG L 31 2.33 15.86 -35.72
CA ARG L 31 2.94 16.93 -36.54
C ARG L 31 3.93 16.37 -37.52
N PHE L 32 4.10 17.11 -38.59
CA PHE L 32 4.97 16.64 -39.66
C PHE L 32 6.44 16.77 -39.40
N TYR L 33 7.19 15.88 -40.08
CA TYR L 33 8.66 15.93 -39.97
C TYR L 33 9.17 15.77 -41.41
N GLN L 34 10.04 16.67 -41.86
CA GLN L 34 10.43 16.68 -43.27
C GLN L 34 11.75 15.90 -43.45
N ALA L 35 11.80 15.03 -44.45
CA ALA L 35 13.00 14.18 -44.70
C ALA L 35 12.97 13.62 -46.13
N GLN L 36 14.15 13.19 -46.59
CA GLN L 36 14.27 12.42 -47.81
C GLN L 36 14.75 11.01 -47.44
N LEU L 37 14.21 10.02 -48.16
CA LEU L 37 14.70 8.63 -48.08
C LEU L 37 15.22 8.16 -49.43
N THR L 38 16.44 7.70 -49.45
CA THR L 38 17.14 7.28 -50.68
C THR L 38 17.48 5.85 -50.38
N ILE L 39 16.79 4.89 -51.02
CA ILE L 39 16.98 3.45 -50.70
C ILE L 39 17.45 2.81 -52.01
N ASP L 40 18.70 2.35 -52.03
CA ASP L 40 19.44 1.93 -53.23
C ASP L 40 18.60 1.05 -54.14
N GLY L 41 18.33 1.49 -55.37
CA GLY L 41 17.50 0.76 -56.34
C GLY L 41 16.02 0.60 -56.06
N GLU L 42 15.52 1.24 -55.02
CA GLU L 42 14.16 1.04 -54.58
C GLU L 42 13.33 2.35 -54.54
N ALA L 43 13.87 3.45 -53.98
CA ALA L 43 13.05 4.62 -53.69
C ALA L 43 13.94 5.83 -53.57
N ASN L 44 13.44 6.97 -54.01
CA ASN L 44 14.12 8.21 -53.69
C ASN L 44 13.00 9.25 -53.52
N VAL L 45 12.60 9.52 -52.26
CA VAL L 45 11.40 10.24 -52.02
C VAL L 45 11.69 11.32 -50.96
N SER L 46 10.99 12.43 -51.05
CA SER L 46 11.11 13.49 -50.07
C SER L 46 9.77 14.05 -49.67
N GLY L 47 9.65 14.54 -48.46
CA GLY L 47 8.40 15.20 -48.07
C GLY L 47 8.23 15.06 -46.57
N VAL L 48 7.00 14.80 -46.08
CA VAL L 48 6.85 14.67 -44.64
C VAL L 48 6.14 13.42 -44.23
N SER L 49 6.42 13.05 -42.98
CA SER L 49 5.72 11.98 -42.29
C SER L 49 5.19 12.58 -41.00
N PHE L 50 4.10 12.02 -40.42
CA PHE L 50 3.84 12.33 -39.03
C PHE L 50 5.01 11.73 -38.21
N LEU L 51 5.32 12.32 -37.06
CA LEU L 51 6.31 11.72 -36.16
C LEU L 51 5.87 10.28 -35.81
N GLY L 52 6.79 9.35 -36.00
CA GLY L 52 6.57 7.94 -35.66
C GLY L 52 6.15 7.11 -36.90
N LEU L 53 5.92 7.76 -38.04
CA LEU L 53 5.61 7.02 -39.29
C LEU L 53 6.88 6.91 -40.12
N PRO L 54 7.09 5.75 -40.78
CA PRO L 54 8.36 5.55 -41.48
C PRO L 54 8.41 5.89 -43.00
N VAL L 55 7.26 6.11 -43.63
CA VAL L 55 7.21 6.43 -45.06
C VAL L 55 6.61 7.81 -45.24
N ILE L 56 6.86 8.38 -46.42
CA ILE L 56 6.46 9.75 -46.67
C ILE L 56 4.99 9.79 -47.03
N GLN L 57 4.21 10.66 -46.33
CA GLN L 57 2.78 10.77 -46.55
C GLN L 57 2.39 11.87 -47.51
N ILE L 58 3.11 13.00 -47.50
CA ILE L 58 2.88 14.07 -48.49
C ILE L 58 4.28 14.42 -48.98
N GLY L 59 4.46 14.42 -50.30
CA GLY L 59 5.83 14.60 -50.82
C GLY L 59 5.93 14.49 -52.28
N PHE L 60 7.10 14.03 -52.71
CA PHE L 60 7.36 13.88 -54.12
C PHE L 60 8.56 12.99 -54.34
N ASN L 61 8.67 12.52 -55.58
CA ASN L 61 9.90 11.79 -55.94
C ASN L 61 10.36 12.31 -57.31
N ASP L 62 11.20 11.57 -58.06
CA ASP L 62 11.62 12.09 -59.37
C ASP L 62 10.49 12.17 -60.46
N SER L 63 9.32 11.59 -60.18
CA SER L 63 8.29 11.40 -61.20
C SER L 63 6.89 11.93 -60.82
N VAL L 64 6.58 12.01 -59.52
CA VAL L 64 5.20 12.40 -59.10
C VAL L 64 5.27 13.22 -57.79
N ALA L 65 4.35 14.17 -57.62
CA ALA L 65 4.28 14.92 -56.39
C ALA L 65 2.80 14.90 -55.98
N TRP L 66 2.52 14.87 -54.69
CA TRP L 66 1.11 14.73 -54.27
C TRP L 66 0.91 15.39 -52.94
N SER L 67 -0.33 15.66 -52.61
CA SER L 67 -0.67 16.11 -51.23
C SER L 67 -2.11 15.62 -50.89
N HIS L 68 -2.57 15.94 -49.67
CA HIS L 68 -3.83 15.49 -49.19
C HIS L 68 -4.51 16.63 -48.40
N THR L 69 -5.85 16.57 -48.37
CA THR L 69 -6.63 17.40 -47.43
C THR L 69 -7.67 16.47 -46.83
N VAL L 70 -8.10 16.77 -45.62
CA VAL L 70 -9.16 15.97 -45.02
C VAL L 70 -10.44 16.03 -45.88
N SER L 71 -10.99 14.85 -46.11
CA SER L 71 -12.14 14.71 -46.97
C SER L 71 -13.46 14.79 -46.18
N THR L 72 -14.53 15.27 -46.82
CA THR L 72 -15.89 15.32 -46.19
C THR L 72 -16.56 13.93 -46.08
N ALA L 73 -15.94 12.93 -46.70
CA ALA L 73 -16.64 11.56 -46.75
C ALA L 73 -16.61 10.93 -45.37
N ARG L 74 -17.76 10.49 -44.86
CA ARG L 74 -17.69 9.82 -43.53
C ARG L 74 -17.00 8.46 -43.65
N ARG L 75 -16.29 8.05 -42.61
CA ARG L 75 -15.47 6.84 -42.65
C ARG L 75 -15.97 5.89 -41.57
N PHE L 76 -17.12 6.20 -40.94
CA PHE L 76 -17.60 5.37 -39.85
C PHE L 76 -19.14 5.39 -39.85
N GLY L 77 -19.76 4.50 -39.09
CA GLY L 77 -21.23 4.55 -38.99
C GLY L 77 -21.52 3.97 -37.61
N PHE L 78 -22.78 4.03 -37.19
CA PHE L 78 -23.19 3.41 -35.93
C PHE L 78 -24.15 2.28 -36.23
N PHE L 79 -24.10 1.26 -35.40
CA PHE L 79 -25.06 0.16 -35.40
C PHE L 79 -25.79 0.11 -34.07
N GLN L 80 -27.08 0.33 -34.16
CA GLN L 80 -27.98 0.26 -33.01
C GLN L 80 -28.34 -1.18 -32.80
N LEU L 81 -28.14 -1.64 -31.54
CA LEU L 81 -28.21 -3.03 -31.24
C LEU L 81 -29.46 -3.25 -30.40
N SER L 82 -30.24 -4.28 -30.72
CA SER L 82 -31.46 -4.60 -29.95
C SER L 82 -31.03 -5.68 -28.99
N LEU L 83 -31.14 -5.39 -27.72
CA LEU L 83 -30.53 -6.28 -26.70
C LEU L 83 -31.40 -7.49 -26.34
N VAL L 84 -30.75 -8.61 -26.00
CA VAL L 84 -31.45 -9.84 -25.57
C VAL L 84 -32.07 -9.58 -24.22
N GLN L 85 -33.28 -10.11 -24.00
CA GLN L 85 -33.97 -9.96 -22.73
C GLN L 85 -33.17 -10.46 -21.52
N GLY L 86 -33.08 -9.63 -20.47
CA GLY L 86 -32.27 -9.90 -19.29
C GLY L 86 -30.75 -9.94 -19.46
N GLU L 87 -30.23 -9.58 -20.64
CA GLU L 87 -28.82 -9.83 -20.93
C GLU L 87 -28.24 -8.69 -21.80
N PRO L 88 -27.95 -7.53 -21.17
CA PRO L 88 -27.57 -6.31 -21.95
C PRO L 88 -26.18 -6.34 -22.67
N THR L 89 -25.44 -7.45 -22.54
CA THR L 89 -24.15 -7.69 -23.23
C THR L 89 -24.35 -8.74 -24.35
N SER L 90 -25.61 -8.98 -24.72
CA SER L 90 -25.96 -9.79 -25.88
C SER L 90 -26.94 -9.03 -26.76
N TYR L 91 -26.80 -9.17 -28.06
CA TYR L 91 -27.69 -8.46 -29.02
C TYR L 91 -28.28 -9.44 -30.05
N LEU L 92 -29.41 -9.07 -30.64
CA LEU L 92 -30.16 -9.91 -31.60
C LEU L 92 -29.65 -9.72 -33.05
N ARG L 93 -29.36 -10.83 -33.76
CA ARG L 93 -29.09 -10.78 -35.22
C ARG L 93 -30.09 -11.68 -35.97
N ASP L 94 -31.02 -11.06 -36.72
CA ASP L 94 -32.13 -11.75 -37.39
C ASP L 94 -32.80 -12.69 -36.39
N GLY L 95 -33.02 -12.19 -35.17
CA GLY L 95 -33.74 -12.95 -34.13
C GLY L 95 -32.89 -13.98 -33.39
N VAL L 96 -31.60 -14.12 -33.70
CA VAL L 96 -30.72 -15.01 -32.91
C VAL L 96 -29.77 -14.22 -32.00
N PRO L 97 -29.71 -14.60 -30.69
CA PRO L 97 -28.79 -14.00 -29.69
C PRO L 97 -27.33 -14.10 -30.10
N VAL L 98 -26.60 -12.97 -29.97
CA VAL L 98 -25.18 -12.94 -30.22
C VAL L 98 -24.50 -12.25 -29.00
N LYS L 99 -23.55 -12.92 -28.39
CA LYS L 99 -22.83 -12.40 -27.21
C LYS L 99 -21.82 -11.32 -27.68
N MET L 100 -21.84 -10.17 -27.01
CA MET L 100 -20.73 -9.17 -27.16
C MET L 100 -19.46 -9.81 -26.62
N LYS L 101 -18.31 -9.52 -27.23
CA LYS L 101 -17.04 -10.10 -26.77
C LYS L 101 -16.42 -9.16 -25.70
N PRO L 102 -16.26 -9.63 -24.43
CA PRO L 102 -15.66 -8.77 -23.37
C PRO L 102 -14.13 -8.76 -23.36
N ALA L 103 -13.54 -7.67 -22.87
CA ALA L 103 -12.08 -7.59 -22.62
C ALA L 103 -12.02 -6.94 -21.26
N THR L 104 -11.44 -7.61 -20.27
CA THR L 104 -11.33 -7.04 -18.93
C THR L 104 -9.90 -6.47 -18.97
N ILE L 105 -9.77 -5.14 -18.90
CA ILE L 105 -8.49 -4.47 -19.07
C ILE L 105 -8.12 -3.80 -17.77
N THR L 106 -6.85 -3.92 -17.40
CA THR L 106 -6.42 -3.26 -16.15
C THR L 106 -5.34 -2.27 -16.51
N VAL L 107 -5.52 -1.00 -16.15
CA VAL L 107 -4.55 0.06 -16.50
C VAL L 107 -3.93 0.60 -15.19
N PRO L 108 -2.59 0.52 -15.04
CA PRO L 108 -2.00 1.06 -13.82
C PRO L 108 -2.01 2.58 -13.96
N SER L 109 -2.37 3.27 -12.87
CA SER L 109 -2.53 4.72 -12.88
C SER L 109 -1.82 5.36 -11.69
N ARG L 110 -0.95 6.34 -11.95
CA ARG L 110 -0.30 7.09 -10.86
C ARG L 110 -1.27 8.06 -10.15
N ASN L 111 -1.21 8.09 -8.84
CA ASN L 111 -2.11 8.93 -8.01
C ASN L 111 -1.48 10.29 -7.72
N ALA L 112 -2.31 11.29 -7.41
CA ALA L 112 -1.79 12.62 -7.02
C ALA L 112 -0.72 12.55 -5.92
N ASP L 113 -0.73 11.50 -5.09
CA ASP L 113 0.28 11.41 -4.06
C ASP L 113 1.49 10.60 -4.45
N GLY L 114 1.61 10.28 -5.74
CA GLY L 114 2.78 9.55 -6.21
C GLY L 114 2.69 8.02 -6.27
N SER L 115 1.77 7.40 -5.54
CA SER L 115 1.62 5.91 -5.60
C SER L 115 0.95 5.50 -6.93
N VAL L 116 0.88 4.21 -7.25
CA VAL L 116 0.26 3.76 -8.52
C VAL L 116 -0.84 2.74 -8.11
N SER L 117 -2.03 2.83 -8.68
CA SER L 117 -3.04 1.79 -8.39
C SER L 117 -3.75 1.33 -9.66
N ASP L 118 -4.25 0.10 -9.62
CA ASP L 118 -4.80 -0.51 -10.84
C ASP L 118 -6.22 -0.03 -11.05
N VAL L 119 -6.57 0.32 -12.29
CA VAL L 119 -7.92 0.69 -12.67
C VAL L 119 -8.39 -0.38 -13.67
N THR L 120 -9.54 -0.96 -13.37
CA THR L 120 -10.06 -2.01 -14.21
C THR L 120 -11.43 -1.70 -14.79
N ARG L 121 -11.57 -1.90 -16.08
CA ARG L 121 -12.86 -1.89 -16.72
C ARG L 121 -13.02 -3.09 -17.63
N THR L 122 -14.24 -3.63 -17.73
CA THR L 122 -14.59 -4.61 -18.74
C THR L 122 -15.34 -3.89 -19.90
N LEU L 123 -14.72 -3.93 -21.06
CA LEU L 123 -15.23 -3.22 -22.25
C LEU L 123 -15.57 -4.26 -23.31
N TYR L 124 -16.33 -3.85 -24.34
CA TYR L 124 -16.97 -4.81 -25.22
C TYR L 124 -16.79 -4.50 -26.72
N HIS L 125 -16.70 -5.58 -27.53
CA HIS L 125 -16.86 -5.48 -29.01
C HIS L 125 -18.13 -6.16 -29.47
N SER L 126 -18.64 -5.70 -30.62
CA SER L 126 -19.70 -6.39 -31.36
C SER L 126 -19.07 -6.80 -32.69
N GLU L 127 -19.77 -7.59 -33.52
CA GLU L 127 -19.23 -7.93 -34.82
C GLU L 127 -18.99 -6.69 -35.69
N PHE L 128 -19.55 -5.53 -35.32
CA PHE L 128 -19.36 -4.29 -36.19
C PHE L 128 -18.15 -3.45 -35.77
N GLY L 129 -17.71 -3.67 -34.54
CA GLY L 129 -16.62 -2.89 -33.94
C GLY L 129 -16.95 -2.67 -32.45
N PRO L 130 -16.19 -1.78 -31.77
CA PRO L 130 -16.39 -1.63 -30.33
C PRO L 130 -17.73 -0.95 -29.92
N LEU L 131 -18.23 -1.26 -28.71
CA LEU L 131 -19.38 -0.56 -28.16
C LEU L 131 -18.98 0.89 -27.89
N VAL L 132 -19.97 1.80 -27.95
CA VAL L 132 -19.68 3.24 -27.81
C VAL L 132 -20.78 3.89 -26.97
N ASN L 133 -20.36 4.75 -26.06
CA ASN L 133 -21.30 5.44 -25.21
C ASN L 133 -21.80 6.68 -25.94
N LEU L 134 -23.09 6.66 -26.35
CA LEU L 134 -23.66 7.82 -27.07
C LEU L 134 -24.54 8.73 -26.20
N ALA L 135 -24.50 8.52 -24.88
CA ALA L 135 -25.28 9.36 -23.94
C ALA L 135 -24.87 10.82 -24.03
N GLY L 136 -23.59 11.04 -24.34
CA GLY L 136 -23.02 12.39 -24.60
C GLY L 136 -23.58 13.07 -25.86
N LEU L 137 -23.80 12.31 -26.94
CA LEU L 137 -24.46 12.81 -28.14
C LEU L 137 -25.91 13.23 -27.82
N ASN L 138 -26.63 12.36 -27.13
CA ASN L 138 -27.98 12.62 -26.63
C ASN L 138 -28.29 11.61 -25.51
N PRO L 139 -28.74 12.09 -24.33
CA PRO L 139 -29.05 11.26 -23.16
C PRO L 139 -29.98 10.05 -23.45
N ALA L 140 -30.85 10.19 -24.46
CA ALA L 140 -31.78 9.12 -24.82
C ALA L 140 -31.03 7.94 -25.43
N LEU L 141 -29.78 8.16 -25.87
CA LEU L 141 -28.99 7.12 -26.52
C LEU L 141 -28.06 6.39 -25.55
N ALA L 142 -28.40 6.41 -24.26
CA ALA L 142 -27.71 5.59 -23.27
C ALA L 142 -27.84 4.09 -23.61
N TRP L 143 -26.87 3.32 -23.14
CA TRP L 143 -26.97 1.86 -23.16
C TRP L 143 -27.98 1.47 -22.12
N SER L 144 -29.13 1.00 -22.57
CA SER L 144 -30.18 0.60 -21.61
C SER L 144 -30.36 -0.91 -21.56
N GLN L 145 -31.45 -1.35 -20.95
CA GLN L 145 -31.90 -2.72 -21.04
C GLN L 145 -32.25 -3.16 -22.46
N GLY L 146 -32.71 -2.24 -23.30
CA GLY L 146 -33.22 -2.65 -24.62
C GLY L 146 -32.29 -2.40 -25.80
N THR L 147 -31.45 -1.37 -25.68
CA THR L 147 -30.67 -0.84 -26.80
C THR L 147 -29.22 -0.54 -26.37
N ALA L 148 -28.25 -0.84 -27.24
CA ALA L 148 -26.86 -0.35 -27.12
C ALA L 148 -26.42 0.13 -28.50
N PHE L 149 -25.24 0.75 -28.57
CA PHE L 149 -24.72 1.29 -29.84
C PHE L 149 -23.27 0.85 -30.05
N ALA L 150 -22.91 0.43 -31.26
CA ALA L 150 -21.49 0.15 -31.57
C ALA L 150 -21.11 1.04 -32.69
N ILE L 151 -19.79 1.24 -32.83
CA ILE L 151 -19.29 2.07 -33.93
C ILE L 151 -18.44 1.18 -34.81
N ARG L 152 -18.61 1.34 -36.13
CA ARG L 152 -17.72 0.70 -37.09
C ARG L 152 -16.93 1.77 -37.87
N ASP L 153 -15.60 1.70 -37.83
CA ASP L 153 -14.75 2.58 -38.66
C ASP L 153 -14.20 1.70 -39.82
N ILE L 154 -14.45 1.98 -41.11
N ILE L 154 -14.44 2.09 -41.07
CA ILE L 154 -13.95 0.96 -42.10
CA ILE L 154 -14.01 1.24 -42.22
C ILE L 154 -12.42 0.88 -42.01
C ILE L 154 -12.48 1.03 -42.18
N ASN L 155 -11.76 1.92 -41.52
CA ASN L 155 -10.30 1.81 -41.41
C ASN L 155 -9.83 0.89 -40.32
N GLY L 156 -10.77 0.47 -39.47
CA GLY L 156 -10.42 -0.55 -38.45
C GLY L 156 -9.93 -1.82 -39.11
N GLU L 157 -10.45 -2.14 -40.31
CA GLU L 157 -10.00 -3.35 -41.02
C GLU L 157 -9.21 -3.08 -42.32
N ASN L 158 -8.68 -1.86 -42.42
CA ASN L 158 -7.95 -1.46 -43.60
C ASN L 158 -6.47 -1.55 -43.23
N PHE L 159 -5.77 -2.63 -43.67
CA PHE L 159 -4.36 -2.78 -43.32
C PHE L 159 -3.48 -2.39 -44.53
N ARG L 160 -4.00 -1.52 -45.40
CA ARG L 160 -3.32 -1.27 -46.70
C ARG L 160 -2.73 0.13 -46.77
N THR L 161 -2.92 0.94 -45.73
CA THR L 161 -2.63 2.35 -45.88
C THR L 161 -1.13 2.60 -46.01
N LEU L 162 -0.38 2.07 -45.06
CA LEU L 162 1.05 2.28 -45.04
C LEU L 162 1.71 1.78 -46.34
N ARG L 163 1.28 0.62 -46.84
CA ARG L 163 1.90 0.08 -48.06
C ARG L 163 1.53 0.91 -49.27
N THR L 164 0.36 1.55 -49.21
CA THR L 164 -0.07 2.48 -50.31
C THR L 164 0.87 3.66 -50.39
N TRP L 165 1.11 4.33 -49.26
CA TRP L 165 2.10 5.40 -49.32
C TRP L 165 3.47 4.87 -49.72
N MET L 166 3.87 3.71 -49.21
CA MET L 166 5.19 3.10 -49.63
C MET L 166 5.24 2.98 -51.19
N ARG L 167 4.15 2.48 -51.77
CA ARG L 167 4.14 2.26 -53.26
C ARG L 167 4.15 3.61 -53.99
N TRP L 168 3.44 4.62 -53.46
CA TRP L 168 3.49 5.92 -54.07
C TRP L 168 4.87 6.51 -53.93
N ASN L 169 5.54 6.25 -52.81
CA ASN L 169 6.92 6.77 -52.64
C ASN L 169 7.87 6.22 -53.73
N GLN L 170 7.58 5.04 -54.24
CA GLN L 170 8.34 4.39 -55.29
C GLN L 170 7.84 4.62 -56.70
N ALA L 171 6.68 5.27 -56.85
CA ALA L 171 5.99 5.35 -58.18
C ALA L 171 6.77 6.16 -59.20
N LYS L 172 6.75 5.68 -60.43
CA LYS L 172 7.58 6.22 -61.50
C LYS L 172 6.80 7.04 -62.50
N SER L 173 5.54 7.27 -62.24
CA SER L 173 4.66 8.05 -63.16
C SER L 173 3.35 8.40 -62.44
N LEU L 174 2.65 9.42 -62.93
CA LEU L 174 1.31 9.73 -62.39
C LEU L 174 0.38 8.56 -62.74
N ASP L 175 0.49 8.02 -63.95
CA ASP L 175 -0.34 6.83 -64.28
C ASP L 175 -0.19 5.70 -63.23
N GLU L 176 1.05 5.44 -62.81
CA GLU L 176 1.30 4.43 -61.81
C GLU L 176 0.73 4.84 -60.46
N PHE L 177 0.95 6.11 -60.08
CA PHE L 177 0.33 6.67 -58.86
C PHE L 177 -1.20 6.43 -58.85
N ILE L 178 -1.89 6.69 -59.96
CA ILE L 178 -3.35 6.50 -60.03
C ILE L 178 -3.73 5.02 -59.94
N ALA L 179 -2.93 4.17 -60.60
CA ALA L 179 -3.22 2.73 -60.62
C ALA L 179 -3.10 2.20 -59.18
N ILE L 180 -2.08 2.72 -58.46
CA ILE L 180 -1.85 2.28 -57.06
C ILE L 180 -3.07 2.69 -56.22
N GLN L 181 -3.46 3.94 -56.36
CA GLN L 181 -4.59 4.50 -55.58
C GLN L 181 -5.86 3.62 -55.81
N LYS L 182 -6.14 3.23 -57.07
CA LYS L 182 -7.31 2.39 -57.35
C LYS L 182 -7.16 0.96 -56.88
N GLU L 183 -5.95 0.42 -57.02
CA GLU L 183 -5.72 -0.97 -56.62
C GLU L 183 -5.90 -1.18 -55.12
N GLU L 184 -5.40 -0.18 -54.35
CA GLU L 184 -5.34 -0.28 -52.90
C GLU L 184 -6.67 0.25 -52.28
N ALA L 185 -7.27 1.29 -52.88
CA ALA L 185 -8.57 1.87 -52.37
C ALA L 185 -8.51 1.94 -50.81
N SER L 186 -7.43 2.57 -50.33
CA SER L 186 -7.05 2.40 -48.91
C SER L 186 -6.97 3.74 -48.22
N ILE L 187 -6.91 4.84 -49.00
CA ILE L 187 -6.58 6.20 -48.37
C ILE L 187 -7.70 6.48 -47.35
N PRO L 188 -7.34 6.77 -46.06
CA PRO L 188 -8.37 6.48 -45.00
C PRO L 188 -9.31 7.62 -44.70
N TRP L 189 -8.87 8.87 -44.92
CA TRP L 189 -9.73 10.00 -44.52
C TRP L 189 -9.37 11.30 -45.22
N VAL L 190 -8.62 11.17 -46.34
CA VAL L 190 -8.21 12.36 -47.08
C VAL L 190 -8.49 12.22 -48.59
N ASN L 191 -8.66 13.41 -49.20
CA ASN L 191 -8.56 13.63 -50.67
C ASN L 191 -7.12 13.57 -51.10
N THR L 192 -6.87 13.37 -52.40
CA THR L 192 -5.50 13.38 -52.90
C THR L 192 -5.49 14.21 -54.16
N VAL L 193 -4.43 14.97 -54.35
CA VAL L 193 -4.19 15.61 -55.64
C VAL L 193 -2.74 15.28 -56.00
N ALA L 194 -2.48 15.07 -57.28
CA ALA L 194 -1.13 14.72 -57.70
C ALA L 194 -0.83 15.29 -59.11
N VAL L 195 0.47 15.53 -59.35
CA VAL L 195 1.00 15.98 -60.64
C VAL L 195 2.17 15.07 -61.01
N GLY L 196 2.29 14.69 -62.28
CA GLY L 196 3.35 13.76 -62.65
C GLY L 196 4.27 14.32 -63.75
N ARG L 197 5.55 13.96 -63.73
CA ARG L 197 6.48 14.40 -64.77
C ARG L 197 5.93 13.96 -66.14
N GLY L 198 5.90 14.90 -67.07
CA GLY L 198 5.49 14.61 -68.43
C GLY L 198 3.99 14.44 -68.63
N SER L 199 3.15 14.59 -67.58
CA SER L 199 1.68 14.37 -67.68
C SER L 199 1.02 15.69 -67.88
N ALA L 200 0.16 15.80 -68.88
CA ALA L 200 -0.52 17.11 -69.11
C ALA L 200 -1.49 17.45 -67.98
N LYS L 201 -2.16 16.44 -67.42
CA LYS L 201 -3.34 16.72 -66.55
C LYS L 201 -2.98 16.47 -65.11
N ALA L 202 -3.49 17.32 -64.20
CA ALA L 202 -3.35 17.08 -62.78
C ALA L 202 -4.50 16.15 -62.33
N TRP L 203 -4.26 15.42 -61.26
CA TRP L 203 -5.23 14.42 -60.73
C TRP L 203 -5.84 14.84 -59.45
N TYR L 204 -7.16 14.69 -59.34
CA TYR L 204 -7.89 14.84 -58.03
C TYR L 204 -8.67 13.51 -57.74
N ALA L 205 -8.64 12.99 -56.48
CA ALA L 205 -9.57 11.85 -56.18
C ALA L 205 -9.92 11.87 -54.73
N ASP L 206 -11.14 11.43 -54.44
CA ASP L 206 -11.43 10.95 -53.11
C ASP L 206 -11.64 9.43 -53.26
N ILE L 207 -10.57 8.76 -53.65
CA ILE L 207 -10.59 7.30 -53.81
C ILE L 207 -9.85 6.72 -52.60
N GLY L 208 -10.56 5.95 -51.81
CA GLY L 208 -9.99 5.55 -50.53
C GLY L 208 -11.00 4.60 -49.87
N ALA L 209 -10.83 4.34 -48.57
CA ALA L 209 -11.71 3.36 -47.86
C ALA L 209 -12.93 4.11 -47.35
N VAL L 210 -14.14 3.68 -47.77
CA VAL L 210 -15.36 4.48 -47.43
C VAL L 210 -16.50 3.47 -47.23
N PRO L 211 -17.27 3.63 -46.13
CA PRO L 211 -18.41 2.69 -45.92
C PRO L 211 -19.38 2.69 -47.11
N ASN L 212 -19.84 1.49 -47.48
CA ASN L 212 -20.73 1.33 -48.60
C ASN L 212 -22.14 1.02 -48.07
N VAL L 213 -23.04 1.99 -48.29
CA VAL L 213 -24.47 1.79 -48.01
C VAL L 213 -25.22 2.26 -49.24
N SER L 214 -26.26 1.55 -49.62
CA SER L 214 -27.07 2.04 -50.76
C SER L 214 -28.20 3.02 -50.31
N PRO L 215 -28.75 3.80 -51.28
CA PRO L 215 -29.91 4.62 -50.89
C PRO L 215 -31.08 3.81 -50.31
N ALA L 216 -31.34 2.65 -50.88
CA ALA L 216 -32.48 1.82 -50.48
C ALA L 216 -32.25 1.34 -49.05
N GLN L 217 -31.01 0.98 -48.75
CA GLN L 217 -30.60 0.49 -47.43
C GLN L 217 -30.75 1.62 -46.41
N THR L 218 -30.32 2.82 -46.78
CA THR L 218 -30.37 3.96 -45.86
C THR L 218 -31.84 4.21 -45.45
N ALA L 219 -32.72 4.15 -46.44
CA ALA L 219 -34.13 4.35 -46.14
C ALA L 219 -34.64 3.25 -45.28
N ALA L 220 -34.24 2.00 -45.58
CA ALA L 220 -34.84 0.86 -44.87
C ALA L 220 -34.25 0.61 -43.50
N CYS L 221 -33.02 1.08 -43.28
CA CYS L 221 -32.21 0.66 -42.14
C CYS L 221 -31.97 1.75 -41.09
N THR L 222 -32.23 3.03 -41.42
CA THR L 222 -31.93 4.10 -40.42
C THR L 222 -33.00 3.96 -39.33
N THR L 223 -32.60 3.86 -38.06
CA THR L 223 -33.59 3.62 -36.98
C THR L 223 -34.22 4.96 -36.59
N PRO L 224 -35.32 4.91 -35.82
CA PRO L 224 -35.92 6.18 -35.32
C PRO L 224 -34.90 7.09 -34.58
N PHE L 225 -34.10 6.54 -33.67
CA PHE L 225 -32.95 7.32 -33.13
C PHE L 225 -32.00 7.84 -34.21
N GLY L 226 -31.65 7.00 -35.18
CA GLY L 226 -30.86 7.41 -36.36
C GLY L 226 -31.39 8.66 -37.06
N MET L 227 -32.71 8.72 -37.23
CA MET L 227 -33.35 9.85 -37.95
C MET L 227 -33.24 11.08 -37.09
N ALA L 228 -33.45 10.87 -35.80
CA ALA L 228 -33.50 11.96 -34.81
C ALA L 228 -32.18 12.62 -34.57
N VAL L 229 -31.06 11.89 -34.75
CA VAL L 229 -29.71 12.44 -34.65
C VAL L 229 -29.03 12.67 -35.99
N GLY L 230 -29.76 12.37 -37.08
CA GLY L 230 -29.19 12.44 -38.39
C GLY L 230 -28.52 13.77 -38.66
N GLN L 231 -29.15 14.89 -38.29
CA GLN L 231 -28.49 16.19 -38.64
C GLN L 231 -27.24 16.54 -37.86
N ALA L 232 -27.11 15.95 -36.68
CA ALA L 232 -25.88 16.12 -35.84
C ALA L 232 -24.74 15.22 -36.36
N LEU L 233 -25.08 14.25 -37.25
CA LEU L 233 -24.12 13.30 -37.81
C LEU L 233 -24.34 13.21 -39.33
N PRO L 234 -24.16 14.31 -40.06
CA PRO L 234 -24.64 14.34 -41.45
C PRO L 234 -23.98 13.23 -42.31
N ASN L 235 -24.80 12.42 -42.97
CA ASN L 235 -24.29 11.35 -43.88
C ASN L 235 -23.63 10.13 -43.19
N VAL L 236 -23.74 10.09 -41.86
CA VAL L 236 -23.20 8.93 -41.12
C VAL L 236 -24.28 7.84 -41.06
N PRO L 237 -24.02 6.65 -41.59
CA PRO L 237 -25.12 5.65 -41.54
C PRO L 237 -25.37 5.20 -40.11
N PHE L 238 -26.60 5.35 -39.63
CA PHE L 238 -26.96 5.00 -38.25
C PHE L 238 -28.02 3.91 -38.36
N PHE L 239 -27.59 2.66 -38.34
CA PHE L 239 -28.44 1.58 -38.92
C PHE L 239 -28.85 0.54 -37.87
N ASP L 240 -29.95 -0.13 -38.17
CA ASP L 240 -30.42 -1.24 -37.36
C ASP L 240 -29.48 -2.44 -37.44
N GLY L 241 -28.68 -2.61 -36.38
CA GLY L 241 -27.70 -3.71 -36.29
C GLY L 241 -28.30 -5.09 -36.03
N SER L 242 -29.61 -5.14 -35.82
CA SER L 242 -30.32 -6.40 -35.64
C SER L 242 -30.71 -7.13 -36.96
N ARG L 243 -30.50 -6.49 -38.12
CA ARG L 243 -30.90 -7.05 -39.41
C ARG L 243 -29.64 -7.17 -40.26
N SER L 244 -29.32 -8.39 -40.72
CA SER L 244 -28.12 -8.56 -41.55
C SER L 244 -28.21 -7.83 -42.85
N GLU L 245 -29.44 -7.57 -43.35
CA GLU L 245 -29.57 -6.79 -44.57
C GLU L 245 -29.10 -5.34 -44.42
N CYS L 246 -28.78 -4.89 -43.21
CA CYS L 246 -28.35 -3.52 -42.97
C CYS L 246 -26.83 -3.47 -42.82
N ASP L 247 -26.17 -4.63 -42.95
CA ASP L 247 -24.71 -4.65 -42.94
C ASP L 247 -24.22 -3.90 -44.16
N TRP L 248 -23.06 -3.26 -44.04
CA TRP L 248 -22.51 -2.51 -45.19
C TRP L 248 -22.29 -3.46 -46.36
N LEU L 249 -22.45 -2.93 -47.58
CA LEU L 249 -22.44 -3.68 -48.82
C LEU L 249 -21.02 -3.81 -49.40
N THR L 250 -20.87 -4.81 -50.27
CA THR L 250 -19.63 -5.01 -51.01
C THR L 250 -19.93 -5.02 -52.50
N ASP L 251 -19.27 -4.16 -53.26
CA ASP L 251 -19.50 -4.07 -54.72
C ASP L 251 -18.55 -5.06 -55.38
N ALA L 252 -18.84 -5.36 -56.66
CA ALA L 252 -18.00 -6.26 -57.46
C ALA L 252 -16.54 -5.73 -57.52
N ASP L 253 -16.36 -4.42 -57.48
CA ASP L 253 -15.02 -3.81 -57.58
C ASP L 253 -14.58 -3.17 -56.26
N SER L 254 -15.13 -3.66 -55.15
CA SER L 254 -14.64 -3.31 -53.80
C SER L 254 -13.34 -4.06 -53.53
N VAL L 255 -12.35 -3.34 -52.98
CA VAL L 255 -11.10 -3.97 -52.56
C VAL L 255 -11.32 -4.54 -51.17
N GLN L 256 -12.23 -3.94 -50.37
CA GLN L 256 -12.41 -4.32 -48.96
C GLN L 256 -13.93 -4.56 -48.76
N LYS L 257 -14.28 -5.60 -48.00
CA LYS L 257 -15.71 -5.87 -47.67
C LYS L 257 -16.30 -4.69 -46.90
N GLY L 258 -17.51 -4.30 -47.27
CA GLY L 258 -18.14 -3.16 -46.56
C GLY L 258 -17.82 -1.82 -47.19
N ALA L 259 -16.95 -1.77 -48.20
CA ALA L 259 -16.40 -0.49 -48.67
C ALA L 259 -16.86 -0.21 -50.11
N VAL L 260 -16.91 1.06 -50.47
CA VAL L 260 -17.42 1.48 -51.79
C VAL L 260 -16.45 1.01 -52.88
N GLY L 261 -17.01 0.50 -53.97
CA GLY L 261 -16.21 -0.06 -55.07
C GLY L 261 -15.50 1.11 -55.80
N VAL L 262 -14.37 0.80 -56.42
CA VAL L 262 -13.44 1.82 -56.97
C VAL L 262 -14.12 2.74 -57.99
N SER L 263 -14.97 2.18 -58.86
CA SER L 263 -15.56 2.97 -59.99
C SER L 263 -16.64 3.89 -59.44
N ARG L 264 -17.00 3.81 -58.15
CA ARG L 264 -18.04 4.69 -57.64
C ARG L 264 -17.53 5.79 -56.68
N MET L 265 -16.23 6.06 -56.73
CA MET L 265 -15.65 7.10 -55.87
C MET L 265 -15.15 8.21 -56.80
N PRO L 266 -15.23 9.47 -56.33
CA PRO L 266 -14.98 10.58 -57.28
C PRO L 266 -13.52 10.79 -57.65
N SER L 267 -13.27 11.12 -58.92
CA SER L 267 -11.95 11.59 -59.32
C SER L 267 -12.09 12.48 -60.56
N LEU L 268 -11.04 13.22 -60.90
CA LEU L 268 -11.10 14.13 -62.03
C LEU L 268 -9.69 14.40 -62.48
N GLN L 269 -9.46 14.48 -63.80
CA GLN L 269 -8.21 14.94 -64.35
C GLN L 269 -8.45 16.22 -65.14
N ARG L 270 -7.58 17.22 -64.97
CA ARG L 270 -7.73 18.47 -65.74
C ARG L 270 -6.42 18.99 -66.26
N ASP L 271 -6.40 19.63 -67.44
CA ASP L 271 -5.11 20.24 -67.76
C ASP L 271 -5.00 21.66 -67.30
N ASP L 272 -6.09 22.21 -66.70
CA ASP L 272 -5.96 23.56 -66.10
C ASP L 272 -5.65 23.41 -64.59
N TYR L 273 -6.62 23.05 -63.76
CA TYR L 273 -6.30 22.84 -62.33
C TYR L 273 -7.35 21.93 -61.67
N VAL L 274 -6.96 21.38 -60.53
CA VAL L 274 -7.93 20.78 -59.58
C VAL L 274 -7.52 21.34 -58.24
N GLY L 275 -8.50 21.45 -57.33
CA GLY L 275 -8.16 22.06 -56.01
C GLY L 275 -9.13 21.55 -55.00
N ASN L 276 -8.69 21.51 -53.74
CA ASN L 276 -9.61 21.22 -52.67
C ASN L 276 -9.12 21.98 -51.39
N MET L 277 -10.10 22.53 -50.67
CA MET L 277 -9.92 23.31 -49.40
C MET L 277 -10.87 22.77 -48.30
N ASN L 278 -11.16 21.46 -48.36
CA ASN L 278 -11.94 20.66 -47.35
C ASN L 278 -13.42 20.64 -47.57
N ASP L 279 -13.95 21.29 -48.61
CA ASP L 279 -15.34 20.95 -48.97
C ASP L 279 -15.35 19.63 -49.75
N SER L 280 -16.54 19.16 -50.17
CA SER L 280 -16.56 17.87 -50.81
C SER L 280 -15.92 17.93 -52.19
N TYR L 281 -15.85 16.74 -52.81
CA TYR L 281 -15.34 16.59 -54.15
C TYR L 281 -16.03 17.46 -55.22
N TRP L 282 -17.23 17.99 -54.95
CA TRP L 282 -18.09 18.65 -55.96
C TRP L 282 -17.29 19.61 -56.87
N LEU L 283 -16.56 20.55 -56.24
CA LEU L 283 -15.87 21.59 -57.01
C LEU L 283 -14.39 21.36 -57.10
N ALA L 284 -13.95 20.09 -57.29
CA ALA L 284 -12.50 19.90 -57.61
C ALA L 284 -12.09 20.86 -58.72
N ASN L 285 -12.94 21.11 -59.71
CA ASN L 285 -12.66 22.20 -60.67
C ASN L 285 -14.00 22.91 -60.88
N VAL L 286 -14.02 24.25 -60.73
CA VAL L 286 -15.35 24.97 -60.74
C VAL L 286 -16.03 24.92 -62.08
N HIS L 287 -15.21 24.78 -63.14
CA HIS L 287 -15.71 24.68 -64.49
C HIS L 287 -16.31 23.36 -64.83
N ALA L 288 -16.00 22.30 -64.07
CA ALA L 288 -16.44 20.95 -64.36
C ALA L 288 -16.83 20.22 -63.05
N PRO L 289 -17.94 20.68 -62.42
CA PRO L 289 -18.33 20.06 -61.13
C PRO L 289 -18.66 18.58 -61.25
N LEU L 290 -18.33 17.81 -60.20
CA LEU L 290 -18.61 16.37 -60.14
C LEU L 290 -19.87 16.12 -59.38
N THR L 291 -20.73 15.24 -59.89
CA THR L 291 -22.02 15.00 -59.20
C THR L 291 -22.39 13.51 -59.24
N GLY L 292 -23.34 13.12 -58.37
CA GLY L 292 -23.99 11.79 -58.50
C GLY L 292 -23.30 10.69 -57.72
N TYR L 293 -22.20 11.03 -57.04
CA TYR L 293 -21.47 10.01 -56.26
C TYR L 293 -22.20 9.73 -54.96
N PRO L 294 -21.83 8.64 -54.24
CA PRO L 294 -22.62 8.26 -53.06
C PRO L 294 -22.71 9.42 -52.02
N ALA L 295 -23.86 9.53 -51.38
CA ALA L 295 -24.14 10.62 -50.42
C ALA L 295 -23.10 10.70 -49.32
N ILE L 296 -22.55 9.52 -48.93
CA ILE L 296 -21.55 9.49 -47.83
C ILE L 296 -20.36 10.42 -48.12
N PHE L 297 -20.11 10.69 -49.40
CA PHE L 297 -18.97 11.54 -49.78
C PHE L 297 -19.14 13.01 -49.41
N GLY L 298 -20.38 13.42 -49.15
CA GLY L 298 -20.68 14.82 -48.77
C GLY L 298 -21.61 15.47 -49.79
N PRO L 299 -22.11 16.67 -49.46
CA PRO L 299 -23.09 17.37 -50.36
C PRO L 299 -22.41 17.80 -51.64
N ALA L 300 -23.14 17.86 -52.75
CA ALA L 300 -22.55 18.35 -53.99
C ALA L 300 -23.50 19.27 -54.67
N GLY L 301 -23.52 20.52 -54.25
CA GLY L 301 -24.50 21.44 -54.76
C GLY L 301 -25.59 21.85 -53.82
N THR L 302 -25.79 21.14 -52.72
CA THR L 302 -26.85 21.50 -51.76
C THR L 302 -26.44 22.39 -50.59
N SER L 303 -25.10 22.55 -50.38
CA SER L 303 -24.58 23.32 -49.27
C SER L 303 -23.65 24.38 -49.86
N ALA L 304 -23.79 25.57 -49.32
CA ALA L 304 -22.80 26.64 -49.55
C ALA L 304 -21.38 26.14 -49.23
N GLN L 305 -20.41 26.63 -50.00
CA GLN L 305 -19.04 26.34 -49.75
C GLN L 305 -18.53 27.24 -48.65
N THR L 306 -17.49 26.80 -47.96
CA THR L 306 -16.91 27.63 -46.92
C THR L 306 -16.28 28.91 -47.55
N LEU L 307 -16.02 29.92 -46.72
CA LEU L 307 -15.35 31.10 -47.29
C LEU L 307 -13.93 30.74 -47.82
N ARG L 308 -13.23 29.85 -47.14
CA ARG L 308 -11.87 29.48 -47.64
C ARG L 308 -11.96 28.72 -48.99
N THR L 309 -12.95 27.81 -49.18
CA THR L 309 -13.13 27.18 -50.52
C THR L 309 -13.48 28.24 -51.59
N ARG L 310 -14.30 29.23 -51.22
CA ARG L 310 -14.63 30.30 -52.18
C ARG L 310 -13.33 31.11 -52.47
N MET L 311 -12.48 31.39 -51.45
CA MET L 311 -11.24 32.14 -51.65
C MET L 311 -10.31 31.29 -52.54
N GLY L 312 -10.22 29.98 -52.22
CA GLY L 312 -9.19 29.17 -52.92
C GLY L 312 -9.50 28.98 -54.43
N HIS L 313 -10.76 28.77 -54.81
CA HIS L 313 -11.07 28.73 -56.22
C HIS L 313 -10.98 30.07 -56.88
N THR L 314 -11.44 31.10 -56.17
CA THR L 314 -11.26 32.45 -56.70
C THR L 314 -9.78 32.70 -57.04
N MET L 315 -8.89 32.31 -56.15
CA MET L 315 -7.46 32.52 -56.40
C MET L 315 -6.97 31.81 -57.66
N ALA L 316 -7.38 30.55 -57.84
CA ALA L 316 -6.99 29.80 -59.03
C ALA L 316 -7.50 30.45 -60.31
N LEU L 317 -8.77 30.84 -60.34
CA LEU L 317 -9.37 31.49 -61.53
C LEU L 317 -8.63 32.80 -61.84
N GLU L 318 -8.37 33.59 -60.78
CA GLU L 318 -7.77 34.90 -61.05
C GLU L 318 -6.31 34.80 -61.49
N ARG L 319 -5.59 33.78 -60.99
CA ARG L 319 -4.26 33.47 -61.56
C ARG L 319 -4.30 33.20 -63.09
N LEU L 320 -5.21 32.30 -63.49
CA LEU L 320 -5.20 31.86 -64.89
C LEU L 320 -5.83 32.96 -65.78
N ALA L 321 -6.62 33.87 -65.17
CA ALA L 321 -7.14 35.06 -65.88
C ALA L 321 -6.10 36.22 -65.95
N GLY L 322 -5.01 36.11 -65.21
CA GLY L 322 -4.06 37.21 -65.08
C GLY L 322 -4.69 38.42 -64.39
N THR L 323 -5.58 38.22 -63.41
CA THR L 323 -6.26 39.36 -62.78
C THR L 323 -5.94 39.48 -61.29
N ASP L 324 -4.98 38.72 -60.79
CA ASP L 324 -4.70 38.69 -59.37
C ASP L 324 -3.51 39.58 -59.01
N GLY L 325 -2.92 40.30 -59.97
CA GLY L 325 -1.80 41.19 -59.61
C GLY L 325 -0.42 40.58 -59.79
N TYR L 326 -0.31 39.24 -59.90
CA TYR L 326 1.00 38.63 -60.07
C TYR L 326 1.41 38.58 -61.52
N ALA L 327 2.65 38.12 -61.76
CA ALA L 327 3.23 38.12 -63.11
C ALA L 327 2.45 37.18 -64.06
N GLY L 328 2.14 37.67 -65.26
CA GLY L 328 1.64 36.76 -66.33
C GLY L 328 0.27 36.18 -65.98
N ASN L 329 -0.01 35.05 -66.63
CA ASN L 329 -1.28 34.38 -66.34
C ASN L 329 -1.10 32.89 -66.22
N LYS L 330 0.12 32.46 -65.87
CA LYS L 330 0.41 31.06 -65.71
C LYS L 330 0.71 30.75 -64.24
N ALA L 331 0.37 29.51 -63.83
CA ALA L 331 0.58 29.06 -62.46
C ALA L 331 2.02 28.45 -62.45
N THR L 332 3.05 29.29 -62.68
CA THR L 332 4.46 28.77 -62.65
C THR L 332 4.78 28.48 -61.16
N SER L 333 5.78 27.67 -60.93
CA SER L 333 6.30 27.47 -59.55
C SER L 333 6.53 28.84 -58.82
N ALA L 334 7.20 29.78 -59.52
CA ALA L 334 7.55 31.06 -58.85
C ALA L 334 6.29 31.83 -58.43
N VAL L 335 5.30 31.90 -59.30
CA VAL L 335 4.11 32.72 -58.98
C VAL L 335 3.23 31.99 -57.97
N VAL L 336 3.17 30.67 -58.06
CA VAL L 336 2.42 29.93 -57.05
C VAL L 336 3.02 30.11 -55.67
N ARG L 337 4.36 30.13 -55.57
CA ARG L 337 5.04 30.41 -54.26
C ARG L 337 4.56 31.73 -53.67
N GLU L 338 4.31 32.74 -54.50
CA GLU L 338 3.84 34.05 -53.98
C GLU L 338 2.35 34.04 -53.66
N MET L 339 1.58 33.55 -54.61
CA MET L 339 0.13 33.60 -54.47
C MET L 339 -0.36 32.88 -53.22
N VAL L 340 0.22 31.75 -52.88
CA VAL L 340 -0.32 30.99 -51.76
C VAL L 340 -0.07 31.63 -50.37
N LEU L 341 0.84 32.60 -50.34
CA LEU L 341 1.13 33.35 -49.11
C LEU L 341 0.44 34.71 -49.04
N GLY L 342 -0.37 34.99 -50.06
CA GLY L 342 -0.85 36.37 -50.32
C GLY L 342 -1.80 36.88 -49.25
N SER L 343 -2.44 35.96 -48.47
CA SER L 343 -3.14 36.42 -47.21
C SER L 343 -4.36 37.33 -47.51
N ARG L 344 -5.01 37.10 -48.66
CA ARG L 344 -6.29 37.81 -48.93
C ARG L 344 -7.35 37.31 -47.97
N VAL L 345 -8.33 38.14 -47.67
CA VAL L 345 -9.31 37.79 -46.64
C VAL L 345 -10.68 37.84 -47.35
N PHE L 346 -11.29 36.70 -47.61
CA PHE L 346 -12.46 36.70 -48.47
C PHE L 346 -13.59 37.55 -47.82
N SER L 347 -13.83 37.33 -46.49
CA SER L 347 -14.98 37.98 -45.85
C SER L 347 -14.84 39.52 -46.04
N ALA L 348 -13.62 40.04 -45.90
CA ALA L 348 -13.42 41.50 -46.07
C ALA L 348 -13.51 41.96 -47.55
N GLU L 349 -12.90 41.20 -48.48
CA GLU L 349 -12.98 41.50 -49.91
C GLU L 349 -14.43 41.59 -50.38
N ARG L 350 -15.28 40.69 -49.88
CA ARG L 350 -16.64 40.64 -50.39
C ARG L 350 -17.64 41.43 -49.58
N PHE L 351 -17.41 41.62 -48.27
CA PHE L 351 -18.45 42.23 -47.39
C PHE L 351 -18.04 43.47 -46.63
N LYS L 352 -16.73 43.78 -46.58
CA LYS L 352 -16.39 44.95 -45.74
C LYS L 352 -17.04 46.25 -46.23
N ASP L 353 -16.94 46.56 -47.54
CA ASP L 353 -17.47 47.85 -48.00
C ASP L 353 -18.94 47.96 -47.67
N GLU L 354 -19.72 46.90 -47.90
CA GLU L 354 -21.13 46.92 -47.58
C GLU L 354 -21.35 47.17 -46.09
N VAL L 355 -20.56 46.49 -45.24
CA VAL L 355 -20.67 46.76 -43.81
C VAL L 355 -20.42 48.25 -43.49
N LEU L 356 -19.28 48.77 -43.92
CA LEU L 356 -18.95 50.17 -43.53
C LEU L 356 -19.93 51.15 -44.13
N ASP L 357 -20.39 50.87 -45.36
CA ASP L 357 -21.45 51.75 -45.92
C ASP L 357 -22.69 51.74 -45.05
N LEU L 358 -23.05 50.61 -44.49
CA LEU L 358 -24.21 50.51 -43.65
C LEU L 358 -24.03 51.15 -42.30
N ILE L 359 -22.82 51.09 -41.72
CA ILE L 359 -22.73 51.44 -40.31
C ILE L 359 -21.86 52.66 -39.96
N CYS L 360 -21.07 53.17 -40.90
CA CYS L 360 -20.09 54.19 -40.60
C CYS L 360 -20.52 55.62 -40.83
N THR L 361 -21.75 55.83 -41.33
CA THR L 361 -22.22 57.23 -41.50
C THR L 361 -23.53 57.47 -40.78
N PRO L 362 -23.47 58.11 -39.58
CA PRO L 362 -22.32 58.67 -38.85
C PRO L 362 -21.55 57.55 -38.13
N ALA L 363 -20.35 57.86 -37.67
CA ALA L 363 -19.52 56.93 -36.98
C ALA L 363 -19.62 57.15 -35.47
N GLN L 364 -20.44 58.10 -35.05
CA GLN L 364 -20.78 58.23 -33.63
C GLN L 364 -22.09 57.49 -33.42
N TRP L 365 -22.08 56.50 -32.53
CA TRP L 365 -23.24 55.59 -32.38
C TRP L 365 -23.87 55.55 -31.01
N THR L 366 -25.08 54.96 -30.93
CA THR L 366 -25.64 54.53 -29.62
C THR L 366 -25.81 53.03 -29.77
N VAL L 367 -25.10 52.28 -28.91
CA VAL L 367 -25.10 50.81 -28.98
C VAL L 367 -25.47 50.31 -27.60
N ASN L 368 -26.56 49.56 -27.48
CA ASN L 368 -27.05 49.11 -26.19
C ASN L 368 -27.22 50.27 -25.23
N GLY L 369 -27.61 51.43 -25.76
CA GLY L 369 -27.89 52.63 -24.91
C GLY L 369 -26.63 53.38 -24.52
N ALA L 370 -25.50 53.02 -25.12
CA ALA L 370 -24.13 53.57 -24.77
C ALA L 370 -23.59 54.34 -25.97
N ALA L 371 -22.96 55.49 -25.70
CA ALA L 371 -22.29 56.29 -26.78
C ALA L 371 -21.02 55.55 -27.18
N VAL L 372 -20.89 55.24 -28.46
CA VAL L 372 -19.71 54.58 -29.02
C VAL L 372 -19.11 55.45 -30.11
N ASP L 373 -17.83 55.75 -29.97
CA ASP L 373 -17.11 56.50 -31.01
C ASP L 373 -16.34 55.54 -31.90
N ALA L 374 -16.93 55.25 -33.08
CA ALA L 374 -16.37 54.27 -33.98
C ALA L 374 -15.61 55.01 -35.08
N ALA L 375 -15.31 56.30 -34.91
CA ALA L 375 -14.64 57.02 -36.06
C ALA L 375 -13.29 56.35 -36.42
N GLN L 376 -12.46 56.03 -35.43
CA GLN L 376 -11.16 55.40 -35.74
C GLN L 376 -11.35 54.01 -36.34
N ALA L 377 -12.27 53.23 -35.76
CA ALA L 377 -12.52 51.89 -36.32
C ALA L 377 -12.92 51.96 -37.77
N CYS L 378 -13.87 52.86 -38.07
CA CYS L 378 -14.35 53.01 -39.46
C CYS L 378 -13.21 53.45 -40.38
N ALA L 379 -12.39 54.38 -39.89
CA ALA L 379 -11.30 54.91 -40.74
C ALA L 379 -10.23 53.86 -41.01
N VAL L 380 -9.85 53.15 -39.97
CA VAL L 380 -8.90 52.04 -40.09
C VAL L 380 -9.34 50.95 -41.04
N LEU L 381 -10.61 50.52 -40.89
CA LEU L 381 -11.07 49.44 -41.74
C LEU L 381 -11.17 49.97 -43.22
N ALA L 382 -11.56 51.21 -43.41
CA ALA L 382 -11.65 51.78 -44.79
C ALA L 382 -10.21 51.81 -45.45
N ALA L 383 -9.21 52.14 -44.65
CA ALA L 383 -7.81 52.22 -45.15
C ALA L 383 -7.15 50.87 -45.30
N TRP L 384 -7.69 49.83 -44.65
CA TRP L 384 -7.16 48.49 -44.77
C TRP L 384 -7.53 47.87 -46.14
N ASP L 385 -6.60 47.14 -46.78
CA ASP L 385 -6.89 46.62 -48.11
C ASP L 385 -7.31 45.16 -48.17
N ASN L 386 -7.78 44.65 -47.02
CA ASN L 386 -8.40 43.30 -46.92
C ASN L 386 -7.39 42.16 -47.05
N ARG L 387 -6.11 42.42 -46.67
CA ARG L 387 -5.12 41.39 -46.67
C ARG L 387 -4.58 41.31 -45.26
N GLY L 388 -4.14 40.09 -44.89
CA GLY L 388 -3.49 39.88 -43.57
C GLY L 388 -1.97 39.72 -43.71
N ARG L 389 -1.32 40.71 -44.30
CA ARG L 389 0.16 40.68 -44.45
C ARG L 389 0.81 41.24 -43.19
N LYS L 390 2.15 41.14 -43.09
CA LYS L 390 2.81 41.54 -41.81
C LYS L 390 2.60 43.06 -41.57
N ASP L 391 2.50 43.89 -42.61
CA ASP L 391 2.35 45.33 -42.42
C ASP L 391 0.90 45.80 -42.39
N SER L 392 -0.05 44.88 -42.52
CA SER L 392 -1.41 45.28 -42.68
C SER L 392 -2.02 45.88 -41.44
N ARG L 393 -2.61 47.05 -41.55
CA ARG L 393 -3.07 47.76 -40.35
C ARG L 393 -4.54 47.53 -40.13
N GLY L 394 -4.87 47.04 -38.95
CA GLY L 394 -6.32 46.88 -38.63
C GLY L 394 -6.93 45.55 -38.97
N SER L 395 -6.15 44.65 -39.55
CA SER L 395 -6.70 43.32 -39.97
C SER L 395 -7.25 42.51 -38.74
N HIS L 396 -6.65 42.71 -37.57
CA HIS L 396 -7.10 42.00 -36.34
C HIS L 396 -8.41 42.59 -35.85
N LEU L 397 -8.65 43.89 -36.08
CA LEU L 397 -10.01 44.48 -35.76
C LEU L 397 -11.06 43.74 -36.61
N TRP L 398 -10.75 43.50 -37.88
CA TRP L 398 -11.65 42.71 -38.71
C TRP L 398 -11.89 41.28 -38.19
N ASP L 399 -10.82 40.57 -37.81
CA ASP L 399 -10.96 39.23 -37.20
C ASP L 399 -11.90 39.30 -36.01
N GLU L 400 -11.73 40.28 -35.12
CA GLU L 400 -12.56 40.31 -33.90
C GLU L 400 -14.02 40.68 -34.18
N PHE L 401 -14.21 41.45 -35.29
CA PHE L 401 -15.56 41.84 -35.73
C PHE L 401 -16.27 40.68 -36.43
N TRP L 402 -15.65 40.18 -37.51
CA TRP L 402 -16.31 39.23 -38.42
C TRP L 402 -16.65 37.98 -37.66
N SER L 403 -15.76 37.56 -36.73
CA SER L 403 -15.97 36.31 -35.97
C SER L 403 -17.23 36.45 -35.07
N ARG L 404 -17.69 37.69 -34.79
CA ARG L 404 -18.86 37.96 -33.94
C ARG L 404 -20.13 38.33 -34.68
N VAL L 405 -20.11 38.32 -36.02
CA VAL L 405 -21.29 38.76 -36.76
C VAL L 405 -22.32 37.63 -36.73
N PRO L 406 -23.54 37.91 -36.28
CA PRO L 406 -24.54 36.84 -36.25
C PRO L 406 -24.87 36.50 -37.71
N THR L 407 -24.75 35.25 -38.02
CA THR L 407 -24.89 34.89 -39.42
C THR L 407 -26.34 34.54 -39.76
N ALA L 408 -27.25 34.37 -38.81
CA ALA L 408 -28.62 34.01 -39.20
C ALA L 408 -29.20 35.22 -39.94
N SER L 409 -29.80 35.04 -41.12
CA SER L 409 -30.38 36.25 -41.77
C SER L 409 -29.41 37.38 -42.17
N LEU L 410 -28.11 37.13 -42.12
CA LEU L 410 -27.15 38.16 -42.55
C LEU L 410 -27.20 38.44 -44.07
N PHE L 411 -27.40 37.38 -44.86
CA PHE L 411 -27.22 37.57 -46.30
C PHE L 411 -28.56 37.62 -47.00
N THR L 412 -28.66 38.48 -47.98
CA THR L 412 -29.90 38.59 -48.71
C THR L 412 -29.91 37.77 -50.03
N VAL L 413 -28.74 37.38 -50.55
CA VAL L 413 -28.64 36.59 -51.79
C VAL L 413 -28.29 35.18 -51.35
N PRO L 414 -29.26 34.24 -51.40
CA PRO L 414 -28.95 32.87 -50.94
C PRO L 414 -27.95 32.15 -51.80
N PHE L 415 -27.43 31.05 -51.24
CA PHE L 415 -26.59 30.12 -51.97
C PHE L 415 -27.23 29.66 -53.26
N SER L 416 -26.50 29.74 -54.34
CA SER L 416 -26.96 29.15 -55.60
C SER L 416 -25.88 28.24 -56.12
N ALA L 417 -26.21 26.97 -56.41
CA ALA L 417 -25.21 26.05 -56.94
C ALA L 417 -24.65 26.50 -58.31
N ALA L 418 -25.39 27.35 -59.03
CA ALA L 418 -24.94 27.93 -60.31
C ALA L 418 -23.87 28.99 -60.11
N ASP L 419 -23.72 29.48 -58.90
CA ASP L 419 -22.73 30.55 -58.68
C ASP L 419 -22.13 30.34 -57.29
N PRO L 420 -21.41 29.24 -57.11
CA PRO L 420 -21.03 28.87 -55.76
C PRO L 420 -19.86 29.66 -55.19
N LEU L 421 -19.17 30.47 -55.99
CA LEU L 421 -18.07 31.29 -55.40
C LEU L 421 -18.61 32.64 -54.92
N ASN L 422 -19.74 33.06 -55.46
CA ASN L 422 -20.23 34.44 -55.21
C ASN L 422 -21.55 34.45 -54.40
N THR L 423 -21.98 33.28 -53.87
CA THR L 423 -23.19 33.23 -53.00
C THR L 423 -22.88 32.31 -51.82
N PRO L 424 -23.52 32.51 -50.67
CA PRO L 424 -24.45 33.61 -50.37
C PRO L 424 -23.67 34.95 -50.36
N ARG L 425 -24.38 36.06 -50.45
CA ARG L 425 -23.73 37.37 -50.33
C ARG L 425 -24.84 38.37 -49.99
N GLY L 426 -24.51 39.66 -49.95
CA GLY L 426 -25.51 40.70 -49.76
C GLY L 426 -25.87 40.94 -48.30
N ILE L 427 -25.20 41.91 -47.70
CA ILE L 427 -25.40 42.22 -46.28
C ILE L 427 -26.75 42.86 -46.12
N ASN L 428 -27.58 42.28 -45.28
CA ASN L 428 -28.94 42.76 -45.04
C ASN L 428 -28.94 44.12 -44.30
N ALA L 429 -29.52 45.19 -44.88
CA ALA L 429 -29.59 46.51 -44.19
C ALA L 429 -30.17 46.39 -42.79
N ALA L 430 -31.03 45.41 -42.56
CA ALA L 430 -31.68 45.26 -41.27
C ALA L 430 -30.66 44.83 -40.18
N ALA L 431 -29.51 44.27 -40.59
CA ALA L 431 -28.47 43.83 -39.67
C ALA L 431 -27.70 45.02 -39.10
N ALA L 432 -28.00 46.25 -39.50
CA ALA L 432 -27.16 47.39 -39.08
C ALA L 432 -26.91 47.48 -37.57
N ASP L 433 -27.98 47.44 -36.77
CA ASP L 433 -27.79 47.43 -35.31
C ASP L 433 -26.92 46.29 -34.79
N ALA L 434 -27.16 45.07 -35.32
CA ALA L 434 -26.37 43.92 -34.90
C ALA L 434 -24.88 44.07 -35.27
N LEU L 435 -24.62 44.61 -36.45
CA LEU L 435 -23.23 44.85 -36.90
C LEU L 435 -22.57 45.92 -36.05
N ARG L 436 -23.34 46.93 -35.64
CA ARG L 436 -22.71 47.93 -34.76
C ARG L 436 -22.39 47.27 -33.38
N GLN L 437 -23.28 46.40 -32.86
CA GLN L 437 -22.99 45.67 -31.59
C GLN L 437 -21.70 44.87 -31.76
N ALA L 438 -21.60 44.15 -32.87
CA ALA L 438 -20.43 43.28 -33.09
C ALA L 438 -19.18 44.17 -33.19
N MET L 439 -19.27 45.28 -33.92
CA MET L 439 -18.06 46.15 -34.10
C MET L 439 -17.67 46.80 -32.74
N ALA L 440 -18.70 47.22 -31.96
CA ALA L 440 -18.39 47.81 -30.64
C ALA L 440 -17.63 46.77 -29.75
N THR L 441 -18.08 45.51 -29.81
CA THR L 441 -17.42 44.45 -29.03
C THR L 441 -15.99 44.25 -29.55
N ALA L 442 -15.84 44.25 -30.86
CA ALA L 442 -14.53 44.09 -31.47
C ALA L 442 -13.60 45.23 -31.05
N ILE L 443 -14.11 46.46 -31.01
CA ILE L 443 -13.27 47.61 -30.66
C ILE L 443 -12.86 47.40 -29.16
N ALA L 444 -13.80 46.92 -28.33
CA ALA L 444 -13.51 46.72 -26.87
C ALA L 444 -12.42 45.63 -26.70
N ARG L 445 -12.58 44.53 -27.42
CA ARG L 445 -11.61 43.44 -27.25
C ARG L 445 -10.22 43.88 -27.69
N VAL L 446 -10.15 44.61 -28.82
CA VAL L 446 -8.79 45.03 -29.26
C VAL L 446 -8.21 46.00 -28.23
N GLY L 447 -9.06 46.85 -27.69
CA GLY L 447 -8.65 47.75 -26.61
C GLY L 447 -8.04 47.02 -25.41
N GLN L 448 -8.73 45.98 -24.99
CA GLN L 448 -8.33 45.15 -23.83
C GLN L 448 -6.99 44.47 -24.10
N SER L 449 -6.70 44.15 -25.35
CA SER L 449 -5.50 43.45 -25.72
C SER L 449 -4.26 44.35 -25.57
N GLY L 450 -4.45 45.64 -25.53
CA GLY L 450 -3.29 46.58 -25.53
C GLY L 450 -2.79 46.95 -26.93
N TYR L 451 -3.31 46.32 -28.00
CA TYR L 451 -2.93 46.62 -29.40
C TYR L 451 -3.78 47.81 -29.83
N ALA L 452 -3.20 48.71 -30.63
CA ALA L 452 -3.96 49.77 -31.30
C ALA L 452 -4.91 49.17 -32.35
N LEU L 453 -5.98 49.91 -32.67
CA LEU L 453 -6.88 49.42 -33.75
C LEU L 453 -6.11 49.36 -35.05
N ASP L 454 -5.09 50.20 -35.22
CA ASP L 454 -4.37 50.15 -36.50
C ASP L 454 -2.97 49.50 -36.38
N ALA L 455 -2.81 48.62 -35.38
CA ALA L 455 -1.55 47.87 -35.30
C ALA L 455 -1.30 47.01 -36.56
N PRO L 456 0.00 46.89 -36.97
CA PRO L 456 0.35 46.05 -38.11
C PRO L 456 0.23 44.61 -37.70
N ARG L 457 -0.32 43.81 -38.60
CA ARG L 457 -0.69 42.40 -38.22
C ARG L 457 0.54 41.61 -37.67
N GLY L 458 1.74 41.86 -38.21
CA GLY L 458 2.96 41.15 -37.74
C GLY L 458 3.28 41.35 -36.28
N GLU L 459 2.72 42.41 -35.67
CA GLU L 459 2.93 42.61 -34.23
C GLU L 459 1.89 41.85 -33.41
N VAL L 460 0.77 41.53 -34.06
CA VAL L 460 -0.31 40.90 -33.30
C VAL L 460 -0.18 39.38 -33.47
N LEU L 461 0.34 38.97 -34.62
CA LEU L 461 0.37 37.57 -34.98
C LEU L 461 1.81 37.14 -35.16
N TYR L 462 2.30 36.19 -34.37
CA TYR L 462 3.78 36.02 -34.34
C TYR L 462 4.12 34.65 -33.78
N ALA L 463 5.34 34.22 -34.02
CA ALA L 463 5.87 33.01 -33.42
C ALA L 463 7.13 33.40 -32.68
N THR L 464 7.29 33.04 -31.42
CA THR L 464 8.53 33.41 -30.67
C THR L 464 9.58 32.31 -30.85
N ARG L 465 10.80 32.72 -31.22
CA ARG L 465 11.92 31.75 -31.30
C ARG L 465 13.16 32.49 -30.79
N GLY L 466 13.89 31.85 -29.86
CA GLY L 466 15.14 32.44 -29.28
C GLY L 466 14.81 33.79 -28.66
N GLY L 467 13.61 33.91 -28.09
CA GLY L 467 13.18 35.11 -27.37
C GLY L 467 12.75 36.27 -28.23
N THR L 468 12.78 36.12 -29.55
CA THR L 468 12.29 37.12 -30.49
C THR L 468 10.93 36.77 -31.11
N ARG L 469 10.03 37.76 -31.23
CA ARG L 469 8.70 37.50 -31.80
C ARG L 469 8.76 37.61 -33.29
N LEU L 470 8.83 36.51 -34.02
CA LEU L 470 8.87 36.65 -35.45
C LEU L 470 7.49 37.02 -36.05
N PRO L 471 7.43 38.15 -36.82
CA PRO L 471 6.12 38.60 -37.37
C PRO L 471 5.54 37.62 -38.38
N LEU L 472 4.24 37.33 -38.26
CA LEU L 472 3.65 36.38 -39.22
C LEU L 472 2.49 37.09 -39.98
N TYR L 473 1.88 36.32 -40.91
CA TYR L 473 0.95 36.78 -41.89
C TYR L 473 -0.04 35.60 -42.00
N GLY L 474 -1.19 35.87 -42.60
CA GLY L 474 -2.23 34.85 -42.74
C GLY L 474 -3.21 34.87 -41.58
N GLY L 475 -4.13 33.88 -41.57
CA GLY L 475 -5.22 34.00 -40.60
C GLY L 475 -6.06 32.76 -40.47
N CYS L 476 -7.32 32.93 -40.05
CA CYS L 476 -8.18 31.79 -39.78
C CYS L 476 -9.13 31.60 -40.96
N GLY L 477 -9.41 30.34 -41.30
CA GLY L 477 -10.36 30.04 -42.39
C GLY L 477 -11.75 30.63 -42.13
N ALA L 478 -12.18 30.82 -40.87
CA ALA L 478 -13.48 31.42 -40.60
C ALA L 478 -13.64 32.78 -41.23
N MET L 479 -12.53 33.52 -41.37
CA MET L 479 -12.55 34.85 -42.00
C MET L 479 -12.43 34.76 -43.50
N GLY L 480 -12.23 33.54 -44.03
CA GLY L 480 -12.01 33.44 -45.51
C GLY L 480 -10.55 33.69 -45.92
N TYR L 481 -9.60 33.53 -44.97
CA TYR L 481 -8.20 33.40 -45.37
C TYR L 481 -8.03 32.06 -46.11
N PHE L 482 -7.09 32.07 -47.09
CA PHE L 482 -6.51 30.84 -47.67
C PHE L 482 -5.15 30.51 -47.00
N THR L 483 -4.36 31.55 -46.75
CA THR L 483 -3.06 31.44 -46.07
C THR L 483 -3.34 31.32 -44.59
N ILE L 484 -3.11 30.14 -43.99
CA ILE L 484 -3.68 29.89 -42.64
C ILE L 484 -2.63 29.95 -41.56
N THR L 485 -2.85 30.91 -40.67
CA THR L 485 -2.00 31.05 -39.49
C THR L 485 -3.01 31.35 -38.42
N CYS L 486 -3.50 30.31 -37.72
CA CYS L 486 -4.70 30.49 -36.92
C CYS L 486 -4.43 30.14 -35.48
N SER L 487 -4.20 31.23 -34.70
CA SER L 487 -3.92 31.05 -33.29
C SER L 487 -5.18 30.60 -32.51
N GLU L 488 -4.96 29.78 -31.49
CA GLU L 488 -6.03 29.45 -30.53
C GLU L 488 -6.10 30.48 -29.37
N ASN L 489 -5.15 31.39 -29.31
CA ASN L 489 -5.01 32.36 -28.18
C ASN L 489 -5.95 33.54 -28.39
N ASP L 490 -6.78 33.84 -27.38
CA ASP L 490 -7.59 35.06 -27.47
C ASP L 490 -6.70 36.33 -27.55
N ILE L 491 -7.13 37.30 -28.37
CA ILE L 491 -6.29 38.48 -28.57
C ILE L 491 -5.94 39.20 -27.27
N THR L 492 -6.84 39.10 -26.26
CA THR L 492 -6.67 39.83 -24.99
C THR L 492 -5.57 39.18 -24.13
N GLN L 493 -5.04 38.03 -24.56
CA GLN L 493 -4.08 37.26 -23.78
C GLN L 493 -2.74 37.30 -24.49
N GLY L 494 -2.35 38.47 -25.00
CA GLY L 494 -0.99 38.65 -25.59
C GLY L 494 -1.03 38.53 -27.11
N GLY L 495 -2.24 38.67 -27.70
CA GLY L 495 -2.36 38.70 -29.18
C GLY L 495 -2.49 37.31 -29.78
N TYR L 496 -2.29 37.18 -31.09
CA TYR L 496 -2.45 35.85 -31.76
C TYR L 496 -1.13 35.07 -31.78
N SER L 497 -0.62 34.74 -30.58
CA SER L 497 0.59 34.00 -30.42
C SER L 497 0.44 32.62 -31.09
N MET L 498 1.48 32.18 -31.80
CA MET L 498 1.43 30.82 -32.37
C MET L 498 2.28 29.88 -31.54
N ASP L 499 2.59 30.31 -30.30
CA ASP L 499 3.56 29.55 -29.48
C ASP L 499 2.98 28.34 -28.68
N GLY L 500 1.68 28.20 -28.62
CA GLY L 500 1.01 27.21 -27.75
C GLY L 500 0.65 25.99 -28.60
N GLN L 501 -0.65 25.78 -28.80
CA GLN L 501 -1.10 24.66 -29.65
C GLN L 501 -2.11 25.28 -30.58
N PRO L 502 -1.62 25.97 -31.60
CA PRO L 502 -2.58 26.70 -32.46
C PRO L 502 -3.56 25.79 -33.19
N ASN L 503 -4.63 26.41 -33.68
CA ASN L 503 -5.54 25.64 -34.52
C ASN L 503 -4.80 25.22 -35.79
N ALA L 504 -5.37 24.25 -36.48
CA ALA L 504 -4.73 23.72 -37.73
C ALA L 504 -4.27 24.91 -38.62
N SER L 505 -2.98 24.90 -38.97
CA SER L 505 -2.34 26.02 -39.67
C SER L 505 -1.33 25.53 -40.68
N ASN L 506 -0.93 26.41 -41.60
CA ASN L 506 0.17 26.13 -42.49
C ASN L 506 1.31 25.41 -41.71
N SER L 507 1.85 24.29 -42.28
CA SER L 507 2.69 23.35 -41.48
C SER L 507 3.78 22.92 -42.43
N TYR L 508 3.61 21.77 -43.09
CA TYR L 508 4.50 21.51 -44.25
C TYR L 508 3.88 22.13 -45.48
N MET L 509 4.64 22.90 -46.24
CA MET L 509 4.10 23.47 -47.54
C MET L 509 5.08 23.02 -48.62
N GLN L 510 4.55 22.63 -49.78
CA GLN L 510 5.44 22.37 -50.89
C GLN L 510 4.87 22.90 -52.20
N VAL L 511 5.79 23.42 -53.03
CA VAL L 511 5.47 23.79 -54.42
C VAL L 511 6.51 22.97 -55.23
N VAL L 512 5.99 22.05 -56.01
CA VAL L 512 6.79 21.02 -56.73
C VAL L 512 6.44 21.07 -58.20
N SER L 513 7.47 20.97 -59.02
CA SER L 513 7.31 20.93 -60.47
C SER L 513 8.38 20.03 -61.05
N PHE L 514 8.27 19.78 -62.37
CA PHE L 514 9.13 18.79 -63.01
C PHE L 514 9.78 19.41 -64.28
N PRO L 515 10.59 20.46 -64.10
CA PRO L 515 11.31 21.02 -65.24
C PRO L 515 12.39 20.06 -65.81
N ALA L 516 13.07 20.51 -66.88
CA ALA L 516 13.97 19.62 -67.61
C ALA L 516 15.07 19.06 -66.76
N SER L 517 15.53 19.81 -65.76
CA SER L 517 16.63 19.33 -64.91
C SER L 517 16.24 18.27 -63.90
N GLY L 518 14.96 18.04 -63.71
CA GLY L 518 14.55 17.06 -62.68
C GLY L 518 13.54 17.75 -61.76
N VAL L 519 12.92 16.94 -60.93
CA VAL L 519 11.95 17.52 -59.92
C VAL L 519 12.57 18.64 -59.08
N GLN L 520 11.78 19.68 -58.84
CA GLN L 520 12.24 20.83 -58.07
C GLN L 520 11.22 21.14 -57.02
N ALA L 521 11.62 21.25 -55.76
CA ALA L 521 10.62 21.49 -54.67
C ALA L 521 11.06 22.63 -53.81
N HIS L 522 10.12 23.54 -53.54
CA HIS L 522 10.33 24.59 -52.52
C HIS L 522 9.42 24.34 -51.36
N THR L 523 9.96 24.44 -50.14
CA THR L 523 9.19 23.92 -49.02
C THR L 523 9.25 24.87 -47.83
N PHE L 524 8.22 24.79 -46.97
CA PHE L 524 8.37 25.23 -45.59
C PHE L 524 8.03 24.14 -44.60
N LEU L 525 8.63 24.15 -43.40
CA LEU L 525 8.05 23.43 -42.23
C LEU L 525 7.92 24.53 -41.20
N THR L 526 6.71 25.10 -41.09
CA THR L 526 6.58 26.46 -40.47
C THR L 526 7.11 26.51 -39.04
N PHE L 527 6.83 25.46 -38.24
CA PHE L 527 7.25 25.41 -36.78
C PHE L 527 8.65 24.93 -36.55
N SER L 528 9.35 24.58 -37.67
CA SER L 528 10.74 24.03 -37.68
C SER L 528 10.82 22.53 -37.30
N LEU L 529 11.95 21.91 -37.59
CA LEU L 529 12.02 20.45 -37.57
C LEU L 529 11.98 19.87 -36.14
N SER L 530 12.60 20.58 -35.16
CA SER L 530 12.81 19.99 -33.81
C SER L 530 11.92 20.68 -32.77
N ASP L 531 11.42 19.86 -31.85
CA ASP L 531 10.60 20.42 -30.75
C ASP L 531 11.50 20.82 -29.54
N ASP L 532 12.83 20.70 -29.65
CA ASP L 532 13.75 20.96 -28.53
C ASP L 532 14.26 22.41 -28.61
N PRO L 533 13.92 23.26 -27.64
CA PRO L 533 14.36 24.68 -27.66
C PRO L 533 15.87 24.84 -27.73
N ALA L 534 16.64 23.82 -27.36
CA ALA L 534 18.13 23.91 -27.46
C ALA L 534 18.64 23.60 -28.86
N SER L 535 17.80 23.05 -29.74
CA SER L 535 18.23 22.66 -31.08
C SER L 535 18.36 23.87 -32.01
N PRO L 536 19.37 23.85 -32.88
CA PRO L 536 19.51 24.96 -33.84
C PRO L 536 18.40 24.78 -34.89
N HIS L 537 17.69 23.65 -34.84
CA HIS L 537 16.54 23.49 -35.75
C HIS L 537 15.18 23.59 -35.09
N HIS L 538 15.14 24.29 -33.96
CA HIS L 538 13.86 24.67 -33.34
C HIS L 538 13.23 25.88 -33.96
N GLY L 539 14.04 26.79 -34.54
CA GLY L 539 13.42 28.04 -35.04
C GLY L 539 13.94 28.63 -36.33
N ASP L 540 14.87 27.90 -36.95
CA ASP L 540 15.49 28.41 -38.18
C ASP L 540 14.46 28.44 -39.33
N TYR L 541 13.67 27.39 -39.48
CA TYR L 541 12.69 27.33 -40.54
C TYR L 541 11.57 28.32 -40.29
N THR L 542 11.27 28.57 -39.02
CA THR L 542 10.21 29.51 -38.67
C THR L 542 10.65 30.92 -39.08
N LYS L 543 11.93 31.23 -38.81
CA LYS L 543 12.49 32.51 -39.21
C LYS L 543 12.38 32.71 -40.76
N ALA L 544 12.65 31.64 -41.54
CA ALA L 544 12.43 31.68 -43.01
C ALA L 544 10.95 31.91 -43.41
N TYR L 545 10.04 31.20 -42.73
CA TYR L 545 8.60 31.33 -42.98
C TYR L 545 8.15 32.78 -42.66
N SER L 546 8.59 33.32 -41.55
CA SER L 546 8.27 34.74 -41.22
C SER L 546 8.74 35.71 -42.34
N ALA L 547 9.92 35.46 -42.93
CA ALA L 547 10.43 36.29 -43.99
C ALA L 547 9.82 35.94 -45.36
N GLY L 548 8.98 34.91 -45.47
CA GLY L 548 8.41 34.48 -46.73
C GLY L 548 9.44 33.82 -47.67
N GLN L 549 10.50 33.27 -47.11
CA GLN L 549 11.63 32.77 -47.96
C GLN L 549 11.57 31.26 -48.06
N TRP L 550 10.94 30.78 -49.14
CA TRP L 550 10.77 29.34 -49.36
C TRP L 550 12.14 28.70 -49.45
N LEU L 551 12.25 27.53 -48.86
CA LEU L 551 13.52 26.79 -48.95
C LEU L 551 13.53 25.94 -50.22
N ARG L 552 14.55 26.08 -51.06
CA ARG L 552 14.71 25.12 -52.18
C ARG L 552 15.42 23.90 -51.54
N VAL L 553 14.66 22.80 -51.39
CA VAL L 553 15.21 21.64 -50.68
C VAL L 553 16.02 20.79 -51.69
N PRO L 554 17.34 20.55 -51.40
CA PRO L 554 18.10 19.72 -52.37
C PRO L 554 17.55 18.30 -52.49
N PHE L 555 17.67 17.72 -53.69
CA PHE L 555 17.06 16.40 -53.86
C PHE L 555 18.08 15.45 -54.49
N THR L 556 18.73 15.85 -55.59
CA THR L 556 19.70 14.95 -56.22
C THR L 556 20.91 14.81 -55.31
N GLU L 557 21.71 13.75 -55.53
CA GLU L 557 22.92 13.61 -54.71
C GLU L 557 23.86 14.83 -54.81
N ALA L 558 24.04 15.39 -56.03
CA ALA L 558 24.92 16.54 -56.17
C ALA L 558 24.32 17.75 -55.47
N GLU L 559 23.01 17.92 -55.54
CA GLU L 559 22.34 19.00 -54.79
C GLU L 559 22.55 18.87 -53.28
N ILE L 560 22.44 17.65 -52.79
CA ILE L 560 22.55 17.41 -51.35
C ILE L 560 24.00 17.69 -50.91
N THR L 561 24.97 17.11 -51.63
CA THR L 561 26.36 17.27 -51.18
C THR L 561 26.88 18.68 -51.44
N GLY L 562 26.28 19.36 -52.45
CA GLY L 562 26.61 20.75 -52.77
C GLY L 562 25.97 21.80 -51.86
N ASN L 563 25.07 21.35 -50.97
CA ASN L 563 24.35 22.32 -50.15
C ASN L 563 25.27 23.04 -49.15
N ALA L 564 25.00 24.34 -48.88
CA ALA L 564 25.88 25.19 -48.08
C ALA L 564 26.06 24.66 -46.69
N ASP L 565 25.08 23.91 -46.16
CA ASP L 565 25.08 23.45 -44.76
C ASP L 565 25.23 21.92 -44.70
N TYR L 566 25.60 21.29 -45.82
CA TYR L 566 25.76 19.84 -45.87
C TYR L 566 26.67 19.28 -44.77
N ARG L 567 26.16 18.29 -44.03
CA ARG L 567 27.00 17.48 -43.09
C ARG L 567 26.52 16.03 -43.21
N THR L 568 27.45 15.10 -43.15
CA THR L 568 27.12 13.67 -43.21
C THR L 568 27.72 12.90 -42.03
N ALA L 569 26.99 11.90 -41.56
CA ALA L 569 27.46 11.05 -40.47
C ALA L 569 26.83 9.70 -40.78
N THR L 570 27.45 8.61 -40.37
CA THR L 570 26.80 7.34 -40.64
C THR L 570 26.46 6.67 -39.30
N VAL L 571 25.27 6.07 -39.17
CA VAL L 571 24.93 5.32 -37.92
C VAL L 571 24.79 3.87 -38.28
N LYS L 572 25.45 3.00 -37.52
CA LYS L 572 25.34 1.57 -37.76
C LYS L 572 25.22 0.76 -36.47
N GLU L 573 24.54 -0.38 -36.56
CA GLU L 573 24.54 -1.35 -35.47
C GLU L 573 24.08 -2.73 -35.88
N LEU L 574 24.49 -3.68 -35.03
CA LEU L 574 23.97 -5.08 -35.03
C LEU L 574 22.60 -5.17 -34.34
#